data_9I33
#
_entry.id   9I33
#
_cell.length_a   276.507
_cell.length_b   276.507
_cell.length_c   389.677
_cell.angle_alpha   90.000
_cell.angle_beta   90.000
_cell.angle_gamma   90.000
#
_symmetry.space_group_name_H-M   'I 4 2 2'
#
loop_
_entity.id
_entity.type
_entity.pdbx_description
1 polymer 'Alpha-methylacyl-CoA racemase'
2 non-polymer 'Butyryl Coenzyme A'
3 water water
#
_entity_poly.entity_id   1
_entity_poly.type   'polypeptide(L)'
_entity_poly.pdbx_seq_one_letter_code
;MAGPLSGLRVVELAGIGPGPHAAMILGDLGADVVRIDRPSSVDGISRDAMLRNRRIVTADLKSDQGLELALKLIAKADVL
IEGYRPGVTERLGLGPEECAKVNDRLIYARMTGWGQTGPRSQQAGHDINYISLNGILHAIGRGDERPVPPLNLVGDFGGG
SMFLLVGILAALWERQSSGKGQVVDAAMVDGSSVLIQMMWAMRATGMWTDTRGANMLDGGAPYYDTYECADGRYVAVGAI
EPQFYAAMLAGLGLDAAELPPQNDRARWPELRALLTEAFASHDRDHWGAVFANSDACVTPVLAFGEVHNEPHIIERNTFY
EANGGWQPMPAPRFSRTASSQPRPPAATIDIEAVLTDWDGGSGC
;
_entity_poly.pdbx_strand_id   A,B,C,D,E,F,G,H,I,J,K,L
#
# COMPACT_ATOMS: atom_id res chain seq x y z
N MET A 1 -45.44 7.78 52.91
CA MET A 1 -44.51 8.95 52.77
C MET A 1 -45.31 10.23 52.50
N ALA A 2 -45.06 11.30 53.27
CA ALA A 2 -45.86 12.51 53.19
C ALA A 2 -45.40 13.39 52.04
N GLY A 3 -46.33 14.02 51.33
CA GLY A 3 -46.04 15.08 50.39
C GLY A 3 -46.63 14.79 49.03
N PRO A 4 -46.67 15.77 48.10
CA PRO A 4 -47.38 15.60 46.84
C PRO A 4 -46.74 14.62 45.89
N LEU A 5 -45.45 14.32 46.10
CA LEU A 5 -44.71 13.43 45.22
C LEU A 5 -44.67 12.02 45.81
N SER A 6 -45.46 11.77 46.86
CA SER A 6 -45.66 10.40 47.34
C SER A 6 -45.91 9.44 46.18
N GLY A 7 -45.20 8.30 46.20
CA GLY A 7 -45.30 7.31 45.13
C GLY A 7 -44.20 7.43 44.08
N LEU A 8 -43.64 8.64 43.89
CA LEU A 8 -42.65 8.82 42.84
C LEU A 8 -41.35 8.13 43.24
N ARG A 9 -40.76 7.38 42.29
CA ARG A 9 -39.57 6.59 42.56
C ARG A 9 -38.42 7.16 41.77
N VAL A 10 -37.28 7.37 42.46
CA VAL A 10 -36.20 8.12 41.85
C VAL A 10 -34.88 7.39 42.08
N VAL A 11 -34.09 7.27 41.00
CA VAL A 11 -32.74 6.74 41.13
C VAL A 11 -31.76 7.85 40.79
N GLU A 12 -30.81 8.05 41.71
CA GLU A 12 -29.82 9.11 41.62
C GLU A 12 -28.45 8.46 41.55
N LEU A 13 -27.77 8.64 40.42
CA LEU A 13 -26.35 8.33 40.32
C LEU A 13 -25.55 9.45 40.99
N ALA A 14 -24.98 9.12 42.18
CA ALA A 14 -24.31 10.05 43.08
C ALA A 14 -23.30 10.93 42.36
N GLY A 15 -23.44 12.24 42.60
CA GLY A 15 -22.52 13.24 42.12
C GLY A 15 -22.41 14.39 43.11
N ILE A 16 -22.15 15.58 42.58
CA ILE A 16 -21.98 16.74 43.43
C ILE A 16 -22.79 17.91 42.86
N GLY A 17 -23.24 18.77 43.79
CA GLY A 17 -23.82 20.05 43.45
C GLY A 17 -25.29 19.92 43.11
N PRO A 18 -25.69 20.22 41.86
CA PRO A 18 -27.09 20.31 41.49
C PRO A 18 -27.84 18.98 41.57
N GLY A 19 -27.22 17.88 41.12
CA GLY A 19 -27.94 16.61 41.08
C GLY A 19 -28.41 16.19 42.45
N PRO A 20 -27.56 16.23 43.48
CA PRO A 20 -28.03 15.92 44.82
C PRO A 20 -29.05 16.91 45.38
N HIS A 21 -29.00 18.18 44.92
CA HIS A 21 -29.92 19.19 45.44
C HIS A 21 -31.32 18.92 44.87
N ALA A 22 -31.41 18.65 43.58
CA ALA A 22 -32.64 18.18 42.97
C ALA A 22 -33.17 16.91 43.66
N ALA A 23 -32.33 15.92 43.89
CA ALA A 23 -32.79 14.67 44.47
C ALA A 23 -33.34 14.92 45.87
N MET A 24 -32.65 15.81 46.61
CA MET A 24 -33.09 16.17 47.96
C MET A 24 -34.51 16.74 47.91
N ILE A 25 -34.79 17.61 46.95
CA ILE A 25 -36.08 18.27 46.94
C ILE A 25 -37.19 17.26 46.62
N LEU A 26 -36.98 16.37 45.63
CA LEU A 26 -37.96 15.32 45.35
C LEU A 26 -38.24 14.48 46.60
N GLY A 27 -37.18 14.04 47.28
CA GLY A 27 -37.32 13.42 48.59
C GLY A 27 -38.11 14.29 49.57
N ASP A 28 -37.77 15.59 49.61
CA ASP A 28 -38.38 16.54 50.53
C ASP A 28 -39.90 16.51 50.35
N LEU A 29 -40.37 16.40 49.09
CA LEU A 29 -41.77 16.45 48.73
C LEU A 29 -42.44 15.06 48.71
N GLY A 30 -41.80 14.02 49.28
CA GLY A 30 -42.40 12.69 49.40
C GLY A 30 -41.93 11.63 48.38
N ALA A 31 -41.11 11.97 47.39
CA ALA A 31 -40.56 10.99 46.46
C ALA A 31 -39.68 10.01 47.20
N ASP A 32 -39.65 8.78 46.67
CA ASP A 32 -38.85 7.67 47.20
C ASP A 32 -37.53 7.64 46.43
N VAL A 33 -36.47 8.07 47.12
CA VAL A 33 -35.25 8.39 46.41
C VAL A 33 -34.18 7.41 46.83
N VAL A 34 -33.59 6.75 45.82
CA VAL A 34 -32.55 5.78 46.02
C VAL A 34 -31.27 6.27 45.33
N ARG A 35 -30.25 6.39 46.17
CA ARG A 35 -29.00 6.96 45.74
C ARG A 35 -27.95 5.86 45.60
N ILE A 36 -27.39 5.72 44.40
CA ILE A 36 -26.35 4.76 44.14
C ILE A 36 -25.01 5.47 44.19
N ASP A 37 -24.21 5.19 45.22
CA ASP A 37 -22.83 5.67 45.30
C ASP A 37 -21.85 4.53 44.96
N ARG A 38 -20.58 4.86 44.74
CA ARG A 38 -19.53 3.85 44.61
C ARG A 38 -19.15 3.37 46.00
N PRO A 39 -18.71 2.10 46.20
CA PRO A 39 -18.27 1.64 47.52
C PRO A 39 -17.03 2.34 48.08
N SER A 40 -16.05 2.73 47.23
CA SER A 40 -14.97 3.59 47.68
C SER A 40 -15.53 4.95 48.09
N SER A 41 -16.17 4.98 49.27
CA SER A 41 -17.05 6.04 49.74
C SER A 41 -17.83 5.50 50.94
N VAL A 42 -18.88 6.24 51.36
CA VAL A 42 -19.70 5.93 52.52
C VAL A 42 -18.89 5.19 53.59
N ASP A 43 -18.34 5.97 54.54
CA ASP A 43 -17.78 5.44 55.79
C ASP A 43 -18.83 5.59 56.88
N GLY A 44 -19.92 4.82 56.77
CA GLY A 44 -21.01 4.85 57.74
C GLY A 44 -22.08 5.87 57.37
N ILE A 45 -22.60 6.58 58.37
CA ILE A 45 -23.72 7.52 58.19
C ILE A 45 -23.17 8.91 57.82
N SER A 46 -23.70 9.47 56.71
CA SER A 46 -23.27 10.75 56.18
C SER A 46 -23.53 11.88 57.17
N ARG A 47 -22.64 12.87 57.20
CA ARG A 47 -22.84 14.07 58.00
C ARG A 47 -23.43 15.20 57.12
N ASP A 48 -23.59 14.91 55.82
CA ASP A 48 -24.01 15.89 54.82
C ASP A 48 -25.53 15.90 54.71
N ALA A 49 -26.16 16.93 55.30
CA ALA A 49 -27.60 17.01 55.39
C ALA A 49 -28.28 17.23 54.02
N MET A 50 -27.50 17.50 52.95
CA MET A 50 -28.09 17.51 51.61
C MET A 50 -28.52 16.11 51.16
N LEU A 51 -28.08 15.07 51.89
CA LEU A 51 -28.39 13.69 51.55
C LEU A 51 -29.53 13.19 52.44
N ARG A 52 -30.38 14.11 52.91
CA ARG A 52 -31.58 13.75 53.64
C ARG A 52 -32.60 13.16 52.66
N ASN A 53 -33.60 12.46 53.21
CA ASN A 53 -34.71 11.87 52.45
C ASN A 53 -34.20 10.96 51.32
N ARG A 54 -33.28 10.07 51.68
CA ARG A 54 -32.60 9.17 50.77
C ARG A 54 -32.52 7.77 51.36
N ARG A 55 -32.57 6.75 50.50
CA ARG A 55 -31.87 5.51 50.79
C ARG A 55 -30.56 5.45 49.98
N ILE A 56 -29.44 5.14 50.66
CA ILE A 56 -28.14 5.02 50.02
C ILE A 56 -27.81 3.54 49.75
N VAL A 57 -27.40 3.21 48.53
CA VAL A 57 -26.83 1.90 48.25
C VAL A 57 -25.51 2.09 47.50
N THR A 58 -24.62 1.10 47.57
CA THR A 58 -23.36 1.11 46.83
C THR A 58 -23.31 0.03 45.76
N ALA A 59 -22.51 0.28 44.71
CA ALA A 59 -22.48 -0.55 43.51
C ALA A 59 -21.39 -0.07 42.55
N ASP A 60 -20.42 -0.94 42.26
CA ASP A 60 -19.44 -0.66 41.23
C ASP A 60 -20.12 -0.79 39.88
N LEU A 61 -20.41 0.34 39.24
CA LEU A 61 -21.09 0.34 37.95
C LEU A 61 -20.16 -0.15 36.85
N LYS A 62 -18.86 -0.25 37.15
CA LYS A 62 -17.89 -0.72 36.16
C LYS A 62 -17.96 -2.24 36.02
N SER A 63 -18.39 -2.94 37.08
CA SER A 63 -18.54 -4.39 37.12
C SER A 63 -19.82 -4.81 36.41
N ASP A 64 -19.94 -6.10 36.09
CA ASP A 64 -21.14 -6.62 35.44
C ASP A 64 -22.31 -6.70 36.42
N GLN A 65 -22.01 -7.13 37.66
CA GLN A 65 -23.02 -7.30 38.69
C GLN A 65 -23.62 -5.94 39.06
N GLY A 66 -22.74 -4.98 39.39
CA GLY A 66 -23.13 -3.59 39.63
C GLY A 66 -24.09 -3.07 38.55
N LEU A 67 -23.66 -3.13 37.29
CA LEU A 67 -24.45 -2.63 36.16
C LEU A 67 -25.83 -3.27 36.14
N GLU A 68 -25.89 -4.58 36.37
CA GLU A 68 -27.13 -5.32 36.22
C GLU A 68 -28.09 -4.91 37.34
N LEU A 69 -27.57 -4.76 38.57
CA LEU A 69 -28.38 -4.36 39.71
C LEU A 69 -28.90 -2.92 39.55
N ALA A 70 -28.04 -2.02 39.04
CA ALA A 70 -28.46 -0.67 38.72
C ALA A 70 -29.61 -0.69 37.71
N LEU A 71 -29.51 -1.55 36.68
CA LEU A 71 -30.51 -1.54 35.59
C LEU A 71 -31.84 -2.14 36.06
N LYS A 72 -31.78 -3.05 37.03
CA LYS A 72 -32.97 -3.54 37.68
C LYS A 72 -33.67 -2.43 38.47
N LEU A 73 -32.93 -1.59 39.22
CA LEU A 73 -33.54 -0.44 39.90
C LEU A 73 -34.16 0.50 38.87
N ILE A 74 -33.41 0.89 37.86
CA ILE A 74 -33.92 1.85 36.89
C ILE A 74 -35.19 1.31 36.25
N ALA A 75 -35.30 -0.03 36.15
CA ALA A 75 -36.40 -0.68 35.47
C ALA A 75 -37.70 -0.45 36.23
N LYS A 76 -37.58 -0.27 37.55
CA LYS A 76 -38.72 -0.17 38.44
C LYS A 76 -38.93 1.27 38.95
N ALA A 77 -38.34 2.28 38.29
CA ALA A 77 -38.33 3.63 38.82
C ALA A 77 -38.92 4.57 37.81
N ASP A 78 -39.31 5.76 38.29
CA ASP A 78 -39.91 6.78 37.44
C ASP A 78 -38.87 7.72 36.87
N VAL A 79 -37.80 7.97 37.65
CA VAL A 79 -36.82 8.97 37.25
C VAL A 79 -35.41 8.49 37.52
N LEU A 80 -34.52 8.82 36.56
CA LEU A 80 -33.08 8.74 36.78
C LEU A 80 -32.43 10.13 36.72
N ILE A 81 -31.60 10.42 37.72
CA ILE A 81 -30.79 11.63 37.78
C ILE A 81 -29.31 11.26 37.67
N GLU A 82 -28.60 11.81 36.68
CA GLU A 82 -27.16 11.67 36.61
C GLU A 82 -26.56 13.02 36.31
N GLY A 83 -25.38 13.31 36.87
CA GLY A 83 -24.70 14.58 36.64
C GLY A 83 -23.19 14.42 36.40
N TYR A 84 -22.82 13.51 35.49
CA TYR A 84 -21.45 13.27 35.09
C TYR A 84 -21.28 13.94 33.75
N ARG A 85 -20.05 13.99 33.26
CA ARG A 85 -19.80 14.54 31.94
C ARG A 85 -20.60 13.76 30.92
N PRO A 86 -20.96 14.41 29.80
CA PRO A 86 -21.60 13.70 28.70
C PRO A 86 -20.72 12.51 28.30
N GLY A 87 -21.37 11.36 28.14
CA GLY A 87 -20.69 10.17 27.67
C GLY A 87 -20.42 9.19 28.79
N VAL A 88 -20.40 9.65 30.03
CA VAL A 88 -20.09 8.75 31.11
C VAL A 88 -21.13 7.65 31.19
N THR A 89 -22.42 7.98 31.27
CA THR A 89 -23.41 6.91 31.44
C THR A 89 -23.41 5.98 30.21
N GLU A 90 -23.36 6.51 28.99
CA GLU A 90 -23.25 5.66 27.81
C GLU A 90 -22.19 4.58 28.04
N ARG A 91 -20.92 5.00 28.23
CA ARG A 91 -19.79 4.08 28.38
C ARG A 91 -19.98 3.11 29.53
N LEU A 92 -20.77 3.44 30.56
CA LEU A 92 -21.02 2.52 31.67
C LEU A 92 -22.15 1.53 31.36
N GLY A 93 -22.87 1.74 30.24
CA GLY A 93 -24.04 0.95 29.87
C GLY A 93 -25.34 1.37 30.55
N LEU A 94 -25.42 2.63 31.02
CA LEU A 94 -26.58 3.18 31.69
C LEU A 94 -27.06 4.42 30.95
N GLY A 95 -26.67 4.57 29.69
CA GLY A 95 -27.07 5.70 28.88
C GLY A 95 -28.57 5.68 28.62
N PRO A 96 -29.14 6.76 28.05
CA PRO A 96 -30.58 6.81 27.78
C PRO A 96 -31.07 5.63 26.94
N GLU A 97 -30.34 5.24 25.89
CA GLU A 97 -30.78 4.17 25.00
C GLU A 97 -30.88 2.82 25.72
N GLU A 98 -29.91 2.53 26.58
CA GLU A 98 -29.91 1.29 27.33
C GLU A 98 -31.02 1.28 28.39
N CYS A 99 -31.32 2.43 28.98
CA CYS A 99 -32.39 2.51 29.96
C CYS A 99 -33.75 2.40 29.29
N ALA A 100 -33.88 3.01 28.08
CA ALA A 100 -35.11 2.97 27.28
C ALA A 100 -35.51 1.53 26.99
N LYS A 101 -34.52 0.65 26.77
CA LYS A 101 -34.78 -0.75 26.52
C LYS A 101 -35.31 -1.48 27.74
N VAL A 102 -35.05 -1.04 28.97
CA VAL A 102 -35.59 -1.76 30.11
C VAL A 102 -36.73 -1.01 30.80
N ASN A 103 -37.21 0.12 30.24
CA ASN A 103 -38.20 0.94 30.95
C ASN A 103 -38.47 2.21 30.18
N ASP A 104 -39.41 2.19 29.24
CA ASP A 104 -39.58 3.32 28.34
C ASP A 104 -40.50 4.40 28.94
N ARG A 105 -40.83 4.24 30.22
CA ARG A 105 -41.56 5.23 30.98
C ARG A 105 -40.60 6.17 31.74
N LEU A 106 -39.28 5.82 31.74
CA LEU A 106 -38.27 6.48 32.56
C LEU A 106 -38.07 7.95 32.16
N ILE A 107 -38.02 8.82 33.16
CA ILE A 107 -37.53 10.18 32.91
C ILE A 107 -36.02 10.17 33.15
N TYR A 108 -35.29 10.47 32.07
CA TYR A 108 -33.84 10.36 32.08
C TYR A 108 -33.27 11.77 32.20
N ALA A 109 -32.80 12.13 33.41
CA ALA A 109 -32.51 13.53 33.73
C ALA A 109 -31.02 13.77 33.82
N ARG A 110 -30.53 14.60 32.90
CA ARG A 110 -29.10 14.82 32.75
C ARG A 110 -28.70 16.23 33.20
N MET A 111 -27.97 16.29 34.31
CA MET A 111 -27.59 17.54 34.95
C MET A 111 -26.14 17.86 34.62
N THR A 112 -25.91 18.83 33.73
CA THR A 112 -24.54 19.26 33.50
C THR A 112 -24.42 20.78 33.60
N GLY A 113 -23.20 21.26 33.46
CA GLY A 113 -22.94 22.68 33.35
C GLY A 113 -23.03 23.17 31.92
N TRP A 114 -22.28 22.55 31.02
CA TRP A 114 -22.09 23.11 29.69
C TRP A 114 -23.08 22.50 28.69
N GLY A 115 -23.75 21.42 29.10
CA GLY A 115 -24.66 20.74 28.19
C GLY A 115 -24.05 19.45 27.64
N GLN A 116 -24.77 18.82 26.70
CA GLN A 116 -24.44 17.49 26.25
C GLN A 116 -23.54 17.58 25.02
N THR A 117 -23.45 18.73 24.36
CA THR A 117 -22.62 18.91 23.19
C THR A 117 -21.95 20.29 23.20
N GLY A 118 -21.11 20.54 22.17
CA GLY A 118 -20.46 21.83 21.95
C GLY A 118 -19.04 21.79 22.48
N PRO A 119 -18.22 22.78 22.12
CA PRO A 119 -16.79 22.78 22.47
C PRO A 119 -16.38 22.70 23.94
N ARG A 120 -17.24 23.11 24.89
CA ARG A 120 -16.85 23.08 26.29
C ARG A 120 -17.46 21.88 27.00
N SER A 121 -18.14 21.01 26.26
CA SER A 121 -18.95 19.96 26.84
C SER A 121 -18.14 18.96 27.64
N GLN A 122 -16.83 18.91 27.43
CA GLN A 122 -16.03 18.00 28.22
C GLN A 122 -15.15 18.71 29.25
N GLN A 123 -15.13 20.04 29.30
CA GLN A 123 -14.33 20.72 30.32
C GLN A 123 -14.96 20.58 31.70
N ALA A 124 -14.16 20.31 32.72
CA ALA A 124 -14.57 20.44 34.10
C ALA A 124 -14.91 21.91 34.39
N GLY A 125 -15.75 22.10 35.39
CA GLY A 125 -16.24 23.41 35.73
C GLY A 125 -16.95 23.35 37.06
N HIS A 126 -17.17 24.54 37.63
CA HIS A 126 -18.06 24.71 38.76
C HIS A 126 -18.93 25.92 38.48
N ASP A 127 -19.84 26.21 39.43
CA ASP A 127 -20.84 27.27 39.28
C ASP A 127 -20.22 28.53 38.67
N ILE A 128 -19.12 29.00 39.28
CA ILE A 128 -18.49 30.24 38.88
C ILE A 128 -18.11 30.23 37.40
N ASN A 129 -17.69 29.06 36.86
CA ASN A 129 -17.35 28.93 35.45
C ASN A 129 -18.58 29.10 34.55
N TYR A 130 -19.69 28.43 34.92
CA TYR A 130 -20.87 28.42 34.05
C TYR A 130 -21.51 29.83 33.97
N ILE A 131 -21.53 30.58 35.08
CA ILE A 131 -22.11 31.92 35.07
C ILE A 131 -21.14 32.94 34.50
N SER A 132 -19.86 32.60 34.35
CA SER A 132 -18.90 33.54 33.77
C SER A 132 -19.10 33.69 32.26
N LEU A 133 -19.66 32.68 31.60
CA LEU A 133 -19.73 32.68 30.15
C LEU A 133 -21.01 33.31 29.61
N ASN A 134 -22.06 33.41 30.44
CA ASN A 134 -23.35 33.88 29.96
C ASN A 134 -23.66 35.29 30.46
N GLY A 135 -22.63 35.97 30.98
CA GLY A 135 -22.77 37.37 31.30
C GLY A 135 -23.17 37.65 32.75
N ILE A 136 -23.55 36.62 33.52
CA ILE A 136 -24.12 36.82 34.83
C ILE A 136 -23.04 37.27 35.83
N LEU A 137 -21.91 36.56 35.90
CA LEU A 137 -20.90 36.86 36.91
C LEU A 137 -20.40 38.29 36.72
N HIS A 138 -20.20 38.73 35.48
CA HIS A 138 -19.70 40.06 35.23
C HIS A 138 -20.62 41.13 35.85
N ALA A 139 -21.91 40.83 36.01
CA ALA A 139 -22.87 41.82 36.46
C ALA A 139 -22.98 41.89 37.99
N ILE A 140 -22.30 41.01 38.73
CA ILE A 140 -22.45 40.94 40.17
C ILE A 140 -21.25 41.58 40.84
N GLY A 141 -21.50 42.57 41.70
CA GLY A 141 -20.49 43.16 42.58
C GLY A 141 -20.41 44.67 42.35
N ARG A 142 -19.54 45.32 43.11
CA ARG A 142 -19.39 46.77 43.03
C ARG A 142 -18.66 47.14 41.75
N GLY A 143 -18.89 48.37 41.27
CA GLY A 143 -18.31 48.91 40.05
C GLY A 143 -16.80 49.09 40.09
N ASP A 144 -16.25 49.37 41.27
CA ASP A 144 -14.83 49.66 41.38
C ASP A 144 -14.02 48.40 41.69
N GLU A 145 -14.62 47.21 41.59
CA GLU A 145 -13.94 45.99 41.99
C GLU A 145 -14.24 44.88 41.01
N ARG A 146 -13.51 43.77 41.14
CA ARG A 146 -13.74 42.66 40.23
C ARG A 146 -15.02 41.94 40.62
N PRO A 147 -15.66 41.20 39.70
CA PRO A 147 -16.89 40.48 40.03
C PRO A 147 -16.73 39.59 41.24
N VAL A 148 -17.84 39.41 41.94
CA VAL A 148 -17.83 38.56 43.12
C VAL A 148 -18.87 37.47 42.93
N PRO A 149 -18.52 36.21 43.20
CA PRO A 149 -19.44 35.12 43.04
C PRO A 149 -20.52 35.19 44.08
N PRO A 150 -21.79 35.04 43.63
CA PRO A 150 -22.96 34.92 44.50
C PRO A 150 -23.12 33.51 45.07
N LEU A 151 -22.14 33.14 45.89
CA LEU A 151 -21.88 31.78 46.28
C LEU A 151 -22.03 30.90 45.03
N ASN A 152 -22.61 29.72 45.22
CA ASN A 152 -22.95 28.82 44.14
C ASN A 152 -24.46 28.77 44.00
N LEU A 153 -25.15 29.90 44.24
CA LEU A 153 -26.61 29.88 44.26
C LEU A 153 -27.21 29.96 42.87
N VAL A 154 -26.55 30.62 41.92
CA VAL A 154 -27.19 31.00 40.67
C VAL A 154 -27.00 29.94 39.59
N GLY A 155 -25.84 29.29 39.58
CA GLY A 155 -25.52 28.27 38.59
C GLY A 155 -25.91 26.87 39.05
N ASP A 156 -25.44 26.46 40.22
CA ASP A 156 -25.73 25.12 40.72
C ASP A 156 -27.21 24.96 40.96
N PHE A 157 -27.80 25.86 41.75
CA PHE A 157 -29.10 25.57 42.33
C PHE A 157 -30.17 26.27 41.51
N GLY A 158 -30.16 27.62 41.49
CA GLY A 158 -31.22 28.37 40.84
C GLY A 158 -31.33 28.09 39.34
N GLY A 159 -30.17 28.02 38.67
CA GLY A 159 -30.09 27.78 37.24
C GLY A 159 -29.76 26.32 36.90
N GLY A 160 -29.66 25.46 37.91
CA GLY A 160 -29.25 24.08 37.71
C GLY A 160 -30.28 23.10 38.24
N SER A 161 -30.16 22.72 39.50
CA SER A 161 -31.07 21.80 40.12
C SER A 161 -32.54 22.18 39.86
N MET A 162 -32.89 23.47 39.98
CA MET A 162 -34.30 23.84 39.91
C MET A 162 -34.83 23.63 38.49
N PHE A 163 -34.03 23.93 37.48
CA PHE A 163 -34.47 23.59 36.13
C PHE A 163 -34.48 22.08 35.90
N LEU A 164 -33.60 21.33 36.58
CA LEU A 164 -33.67 19.89 36.47
C LEU A 164 -35.03 19.44 36.97
N LEU A 165 -35.47 19.99 38.11
CA LEU A 165 -36.71 19.60 38.73
C LEU A 165 -37.91 19.91 37.84
N VAL A 166 -37.92 21.10 37.27
CA VAL A 166 -39.02 21.52 36.43
C VAL A 166 -39.09 20.62 35.19
N GLY A 167 -37.93 20.20 34.68
CA GLY A 167 -37.88 19.26 33.56
C GLY A 167 -38.44 17.90 33.94
N ILE A 168 -38.00 17.38 35.08
CA ILE A 168 -38.48 16.10 35.55
C ILE A 168 -40.01 16.17 35.66
N LEU A 169 -40.52 17.25 36.27
CA LEU A 169 -41.92 17.28 36.63
C LEU A 169 -42.74 17.61 35.39
N ALA A 170 -42.21 18.42 34.47
CA ALA A 170 -42.90 18.68 33.23
C ALA A 170 -43.00 17.42 32.36
N ALA A 171 -41.89 16.67 32.30
CA ALA A 171 -41.83 15.40 31.60
C ALA A 171 -42.81 14.38 32.19
N LEU A 172 -42.98 14.36 33.53
CA LEU A 172 -43.92 13.45 34.18
C LEU A 172 -45.38 13.80 33.85
N TRP A 173 -45.67 15.08 33.68
CA TRP A 173 -46.97 15.51 33.23
C TRP A 173 -47.18 15.04 31.78
N GLU A 174 -46.13 15.11 30.98
CA GLU A 174 -46.29 14.76 29.58
C GLU A 174 -46.54 13.26 29.49
N ARG A 175 -45.89 12.47 30.36
CA ARG A 175 -45.99 11.04 30.33
C ARG A 175 -47.41 10.58 30.65
N GLN A 176 -48.24 11.50 31.16
CA GLN A 176 -49.61 11.16 31.51
C GLN A 176 -50.40 11.00 30.22
N SER A 177 -50.17 11.86 29.23
CA SER A 177 -50.71 11.68 27.88
C SER A 177 -50.09 10.46 27.20
N SER A 178 -48.77 10.49 26.95
CA SER A 178 -48.11 9.70 25.93
C SER A 178 -47.80 8.26 26.40
N GLY A 179 -47.80 8.03 27.71
CA GLY A 179 -47.38 6.78 28.32
C GLY A 179 -45.85 6.57 28.21
N LYS A 180 -45.11 7.62 27.79
CA LYS A 180 -43.69 7.53 27.48
C LYS A 180 -42.84 8.51 28.29
N GLY A 181 -41.71 8.00 28.80
CA GLY A 181 -40.63 8.82 29.33
C GLY A 181 -39.88 9.59 28.23
N GLN A 182 -38.78 10.27 28.62
CA GLN A 182 -37.90 10.95 27.68
C GLN A 182 -36.64 11.47 28.44
N VAL A 183 -35.77 12.15 27.70
CA VAL A 183 -34.52 12.67 28.23
C VAL A 183 -34.73 14.14 28.58
N VAL A 184 -34.33 14.50 29.81
CA VAL A 184 -34.26 15.89 30.21
C VAL A 184 -32.80 16.31 30.27
N ASP A 185 -32.48 17.32 29.46
CA ASP A 185 -31.13 17.85 29.30
C ASP A 185 -31.07 19.23 29.95
N ALA A 186 -30.66 19.27 31.22
CA ALA A 186 -30.58 20.51 31.97
C ALA A 186 -29.13 20.96 32.10
N ALA A 187 -28.78 22.06 31.43
CA ALA A 187 -27.45 22.65 31.55
C ALA A 187 -27.47 23.97 32.34
N MET A 188 -26.55 24.13 33.32
CA MET A 188 -26.50 25.31 34.18
C MET A 188 -26.30 26.57 33.34
N VAL A 189 -25.65 26.44 32.19
CA VAL A 189 -25.41 27.65 31.40
C VAL A 189 -26.72 28.14 30.78
N ASP A 190 -27.66 27.21 30.55
CA ASP A 190 -28.94 27.59 29.95
C ASP A 190 -29.92 28.03 31.04
N GLY A 191 -30.08 27.18 32.05
CA GLY A 191 -30.97 27.44 33.17
C GLY A 191 -30.71 28.83 33.76
N SER A 192 -29.43 29.14 34.07
CA SER A 192 -29.07 30.42 34.68
C SER A 192 -29.36 31.57 33.73
N SER A 193 -29.28 31.34 32.41
CA SER A 193 -29.62 32.39 31.45
C SER A 193 -31.12 32.73 31.51
N VAL A 194 -31.96 31.71 31.74
CA VAL A 194 -33.41 31.90 31.85
C VAL A 194 -33.74 32.52 33.21
N LEU A 195 -32.95 32.18 34.22
CA LEU A 195 -33.09 32.78 35.53
C LEU A 195 -32.90 34.30 35.42
N ILE A 196 -32.00 34.75 34.54
CA ILE A 196 -31.75 36.18 34.40
C ILE A 196 -32.43 36.74 33.16
N GLN A 197 -33.52 36.14 32.70
CA GLN A 197 -34.21 36.66 31.54
C GLN A 197 -34.63 38.13 31.68
N MET A 198 -35.02 38.54 32.89
CA MET A 198 -35.39 39.92 33.14
C MET A 198 -34.33 40.89 32.63
N MET A 199 -33.05 40.59 32.87
CA MET A 199 -31.98 41.54 32.57
C MET A 199 -31.77 41.56 31.07
N TRP A 200 -31.95 40.41 30.42
CA TRP A 200 -31.90 40.38 28.96
C TRP A 200 -33.04 41.19 28.36
N ALA A 201 -34.20 41.23 29.02
CA ALA A 201 -35.35 41.99 28.53
C ALA A 201 -35.11 43.49 28.69
N MET A 202 -34.62 43.88 29.88
CA MET A 202 -34.39 45.27 30.21
C MET A 202 -33.22 45.78 29.37
N ARG A 203 -32.31 44.89 29.04
CA ARG A 203 -31.17 45.30 28.25
C ARG A 203 -31.62 45.68 26.85
N ALA A 204 -32.62 44.95 26.33
CA ALA A 204 -33.15 45.20 25.00
C ALA A 204 -33.85 46.57 24.95
N THR A 205 -34.49 46.99 26.05
CA THR A 205 -35.22 48.25 26.09
C THR A 205 -34.39 49.36 26.73
N GLY A 206 -33.05 49.25 26.76
CA GLY A 206 -32.17 50.28 27.29
C GLY A 206 -32.27 50.52 28.81
N MET A 207 -32.90 49.63 29.57
CA MET A 207 -33.06 49.83 31.01
C MET A 207 -32.06 49.00 31.82
N TRP A 208 -31.05 48.43 31.16
CA TRP A 208 -29.98 47.75 31.88
C TRP A 208 -28.67 47.93 31.11
N THR A 209 -27.59 48.40 31.73
CA THR A 209 -26.31 48.44 31.04
C THR A 209 -25.42 47.29 31.49
N ASP A 210 -24.34 47.10 30.73
CA ASP A 210 -23.32 46.12 31.03
C ASP A 210 -22.35 46.63 32.09
N THR A 211 -22.44 47.92 32.43
CA THR A 211 -21.57 48.50 33.46
C THR A 211 -21.99 47.96 34.82
N ARG A 212 -21.07 47.27 35.49
CA ARG A 212 -21.31 46.66 36.79
C ARG A 212 -21.53 47.75 37.83
N GLY A 213 -22.54 47.60 38.67
CA GLY A 213 -22.77 48.49 39.81
C GLY A 213 -23.40 49.82 39.43
N ALA A 214 -24.02 49.90 38.24
CA ALA A 214 -24.64 51.12 37.74
C ALA A 214 -26.06 50.86 37.23
N ASN A 215 -26.80 49.91 37.79
CA ASN A 215 -28.18 49.65 37.45
C ASN A 215 -29.07 49.67 38.70
N MET A 216 -30.38 49.45 38.50
CA MET A 216 -31.36 49.63 39.55
C MET A 216 -31.28 48.50 40.58
N LEU A 217 -30.89 47.30 40.14
CA LEU A 217 -30.95 46.11 40.97
C LEU A 217 -29.59 45.48 41.28
N ASP A 218 -28.48 46.17 41.01
CA ASP A 218 -27.17 45.57 41.23
C ASP A 218 -26.40 46.25 42.35
N GLY A 219 -27.03 47.23 43.03
CA GLY A 219 -26.37 48.01 44.05
C GLY A 219 -26.10 49.45 43.61
N GLY A 220 -26.28 49.75 42.34
CA GLY A 220 -26.13 51.10 41.83
C GLY A 220 -27.16 52.10 42.34
N ALA A 221 -28.39 51.68 42.61
CA ALA A 221 -29.42 52.58 43.08
C ALA A 221 -29.32 52.77 44.58
N PRO A 222 -29.27 54.01 45.11
CA PRO A 222 -29.23 54.23 46.57
C PRO A 222 -30.42 53.66 47.34
N TYR A 223 -31.55 53.38 46.66
CA TYR A 223 -32.73 52.84 47.30
C TYR A 223 -32.85 51.33 47.10
N TYR A 224 -31.86 50.69 46.47
CA TYR A 224 -31.79 49.24 46.44
C TYR A 224 -30.37 48.81 46.74
N ASP A 225 -30.05 48.70 48.01
CA ASP A 225 -28.68 48.41 48.41
C ASP A 225 -28.63 48.12 49.90
N THR A 226 -27.46 47.73 50.41
CA THR A 226 -27.28 47.63 51.85
C THR A 226 -26.60 48.90 52.37
N TYR A 227 -26.79 49.17 53.67
CA TYR A 227 -26.20 50.33 54.34
C TYR A 227 -25.62 49.88 55.67
N GLU A 228 -24.46 50.45 56.01
CA GLU A 228 -23.82 50.16 57.28
C GLU A 228 -24.42 51.06 58.36
N CYS A 229 -24.69 50.46 59.52
CA CYS A 229 -25.31 51.13 60.65
C CYS A 229 -24.25 51.50 61.66
N ALA A 230 -24.69 52.13 62.78
CA ALA A 230 -23.80 52.67 63.79
C ALA A 230 -22.96 51.57 64.42
N ASP A 231 -23.51 50.36 64.51
CA ASP A 231 -22.85 49.26 65.19
C ASP A 231 -21.98 48.45 64.22
N GLY A 232 -21.84 48.88 62.95
CA GLY A 232 -21.07 48.07 62.00
C GLY A 232 -21.86 46.93 61.36
N ARG A 233 -23.15 46.79 61.69
CA ARG A 233 -24.01 45.78 61.05
C ARG A 233 -24.79 46.47 59.93
N TYR A 234 -25.63 45.72 59.22
CA TYR A 234 -26.22 46.25 57.99
C TYR A 234 -27.73 46.07 57.96
N VAL A 235 -28.36 47.01 57.26
CA VAL A 235 -29.74 46.88 56.77
C VAL A 235 -29.71 46.82 55.26
N ALA A 236 -30.80 46.26 54.74
CA ALA A 236 -31.10 46.24 53.32
C ALA A 236 -32.27 47.16 53.04
N VAL A 237 -32.14 47.89 51.93
CA VAL A 237 -33.15 48.79 51.42
C VAL A 237 -33.54 48.32 50.04
N GLY A 238 -34.85 48.19 49.80
CA GLY A 238 -35.39 47.74 48.54
C GLY A 238 -36.59 48.58 48.11
N ALA A 239 -36.53 49.88 48.34
CA ALA A 239 -37.70 50.76 48.26
C ALA A 239 -37.82 51.31 46.86
N ILE A 240 -38.15 50.43 45.92
CA ILE A 240 -38.18 50.81 44.53
C ILE A 240 -39.35 51.76 44.24
N GLU A 241 -40.55 51.37 44.70
CA GLU A 241 -41.78 52.09 44.37
C GLU A 241 -41.83 53.41 45.15
N PRO A 242 -42.25 54.53 44.53
CA PRO A 242 -42.09 55.83 45.17
C PRO A 242 -42.79 55.94 46.51
N GLN A 243 -43.89 55.21 46.72
CA GLN A 243 -44.63 55.33 47.98
C GLN A 243 -43.89 54.63 49.12
N PHE A 244 -43.17 53.53 48.81
CA PHE A 244 -42.34 52.82 49.80
C PHE A 244 -41.09 53.66 50.10
N TYR A 245 -40.51 54.27 49.07
CA TYR A 245 -39.35 55.13 49.25
C TYR A 245 -39.72 56.31 50.17
N ALA A 246 -40.92 56.87 49.99
CA ALA A 246 -41.31 58.02 50.80
C ALA A 246 -41.44 57.60 52.24
N ALA A 247 -41.93 56.39 52.46
CA ALA A 247 -42.09 55.86 53.81
C ALA A 247 -40.73 55.64 54.47
N MET A 248 -39.73 55.24 53.69
CA MET A 248 -38.37 55.00 54.21
C MET A 248 -37.77 56.36 54.64
N LEU A 249 -37.87 57.37 53.76
CA LEU A 249 -37.35 58.71 54.06
C LEU A 249 -37.96 59.30 55.35
N ALA A 250 -39.26 59.15 55.50
CA ALA A 250 -39.93 59.65 56.70
C ALA A 250 -39.41 58.96 57.94
N GLY A 251 -39.18 57.64 57.82
CA GLY A 251 -38.63 56.86 58.93
C GLY A 251 -37.19 57.21 59.26
N LEU A 252 -36.44 57.68 58.25
CA LEU A 252 -35.03 58.01 58.42
C LEU A 252 -34.89 59.42 58.99
N GLY A 253 -35.91 60.26 58.84
CA GLY A 253 -35.88 61.63 59.35
C GLY A 253 -35.39 62.63 58.30
N LEU A 254 -35.45 62.30 57.01
CA LEU A 254 -34.98 63.18 55.97
C LEU A 254 -36.21 63.75 55.27
N ASP A 255 -36.21 65.06 55.03
CA ASP A 255 -37.28 65.67 54.25
C ASP A 255 -36.97 65.48 52.79
N ALA A 256 -37.96 64.99 52.03
CA ALA A 256 -37.88 64.87 50.58
C ALA A 256 -37.42 66.17 49.95
N ALA A 257 -37.85 67.33 50.48
CA ALA A 257 -37.48 68.61 49.88
C ALA A 257 -35.98 68.87 49.92
N GLU A 258 -35.25 68.25 50.86
CA GLU A 258 -33.82 68.48 50.97
C GLU A 258 -33.02 67.47 50.13
N LEU A 259 -33.65 66.45 49.52
CA LEU A 259 -32.88 65.43 48.82
C LEU A 259 -33.06 65.60 47.33
N PRO A 260 -32.14 65.08 46.51
CA PRO A 260 -32.38 65.00 45.07
C PRO A 260 -33.49 64.01 44.73
N PRO A 261 -34.09 64.09 43.53
CA PRO A 261 -35.13 63.13 43.17
C PRO A 261 -34.63 61.68 43.25
N GLN A 262 -35.55 60.76 43.58
CA GLN A 262 -35.23 59.35 43.80
C GLN A 262 -34.54 58.74 42.58
N ASN A 263 -35.01 59.08 41.36
CA ASN A 263 -34.46 58.51 40.14
C ASN A 263 -33.73 59.52 39.27
N ASP A 264 -33.21 60.61 39.84
CA ASP A 264 -32.25 61.43 39.11
C ASP A 264 -30.84 60.85 39.28
N ARG A 265 -30.44 59.98 38.34
CA ARG A 265 -29.28 59.13 38.49
C ARG A 265 -28.00 59.96 38.53
N ALA A 266 -28.03 61.15 37.93
CA ALA A 266 -26.86 62.01 37.96
C ALA A 266 -26.60 62.56 39.37
N ARG A 267 -27.62 62.53 40.25
CA ARG A 267 -27.44 62.98 41.61
C ARG A 267 -27.47 61.83 42.62
N TRP A 268 -27.37 60.59 42.13
CA TRP A 268 -27.26 59.42 43.00
C TRP A 268 -26.09 59.52 43.99
N PRO A 269 -24.90 60.06 43.62
CA PRO A 269 -23.83 60.25 44.60
C PRO A 269 -24.24 61.04 45.84
N GLU A 270 -24.93 62.17 45.61
CA GLU A 270 -25.43 62.98 46.71
C GLU A 270 -26.45 62.20 47.52
N LEU A 271 -27.38 61.54 46.83
CA LEU A 271 -28.46 60.86 47.52
C LEU A 271 -27.88 59.76 48.40
N ARG A 272 -26.93 58.97 47.84
CA ARG A 272 -26.28 57.93 48.60
C ARG A 272 -25.58 58.50 49.83
N ALA A 273 -24.86 59.62 49.66
CA ALA A 273 -24.21 60.27 50.79
C ALA A 273 -25.22 60.59 51.88
N LEU A 274 -26.41 61.09 51.49
CA LEU A 274 -27.40 61.49 52.48
C LEU A 274 -27.95 60.26 53.22
N LEU A 275 -28.27 59.20 52.47
CA LEU A 275 -28.86 58.00 53.07
C LEU A 275 -27.81 57.33 53.94
N THR A 276 -26.56 57.31 53.47
CA THR A 276 -25.45 56.70 54.19
C THR A 276 -25.26 57.31 55.57
N GLU A 277 -25.29 58.66 55.64
CA GLU A 277 -25.10 59.37 56.89
C GLU A 277 -26.29 59.09 57.80
N ALA A 278 -27.50 59.04 57.25
CA ALA A 278 -28.66 58.81 58.09
C ALA A 278 -28.69 57.38 58.63
N PHE A 279 -28.45 56.37 57.79
CA PHE A 279 -28.45 55.01 58.32
C PHE A 279 -27.32 54.81 59.32
N ALA A 280 -26.18 55.52 59.17
CA ALA A 280 -25.04 55.33 60.06
C ALA A 280 -25.28 55.90 61.46
N SER A 281 -26.39 56.61 61.69
CA SER A 281 -26.57 57.32 62.95
C SER A 281 -27.27 56.45 64.00
N HIS A 282 -27.77 55.27 63.67
CA HIS A 282 -28.32 54.37 64.67
C HIS A 282 -27.98 52.93 64.29
N ASP A 283 -28.24 52.01 65.20
CA ASP A 283 -27.74 50.65 65.03
C ASP A 283 -28.79 49.86 64.25
N ARG A 284 -28.43 48.66 63.77
CA ARG A 284 -29.32 47.89 62.90
C ARG A 284 -30.65 47.62 63.62
N ASP A 285 -30.59 47.23 64.89
CA ASP A 285 -31.77 46.82 65.61
C ASP A 285 -32.70 48.02 65.81
N HIS A 286 -32.18 49.24 65.98
CA HIS A 286 -33.00 50.43 65.89
C HIS A 286 -33.82 50.49 64.58
N TRP A 287 -33.14 50.40 63.43
CA TRP A 287 -33.84 50.53 62.17
C TRP A 287 -34.86 49.41 62.04
N GLY A 288 -34.57 48.22 62.59
CA GLY A 288 -35.46 47.07 62.46
C GLY A 288 -36.79 47.31 63.15
N ALA A 289 -36.74 48.00 64.31
CA ALA A 289 -37.91 48.34 65.10
C ALA A 289 -38.71 49.47 64.44
N VAL A 290 -38.09 50.62 64.22
CA VAL A 290 -38.67 51.68 63.41
C VAL A 290 -39.44 51.12 62.20
N PHE A 291 -38.86 50.20 61.42
CA PHE A 291 -39.46 49.88 60.14
C PHE A 291 -40.30 48.60 60.15
N ALA A 292 -40.38 47.91 61.28
CA ALA A 292 -41.26 46.75 61.35
C ALA A 292 -42.70 47.21 61.10
N ASN A 293 -43.41 46.38 60.32
CA ASN A 293 -44.80 46.61 59.95
C ASN A 293 -44.93 47.76 58.96
N SER A 294 -43.84 48.22 58.33
CA SER A 294 -43.96 49.30 57.37
C SER A 294 -43.72 48.80 55.94
N ASP A 295 -44.09 49.64 54.99
CA ASP A 295 -43.88 49.34 53.59
C ASP A 295 -42.58 50.00 53.13
N ALA A 296 -41.72 50.40 54.06
CA ALA A 296 -40.50 51.13 53.72
C ALA A 296 -39.44 50.21 53.04
N CYS A 297 -39.61 48.88 53.09
CA CYS A 297 -38.70 47.93 52.46
C CYS A 297 -37.28 48.08 53.01
N VAL A 298 -37.18 48.09 54.34
CA VAL A 298 -35.94 48.17 55.08
C VAL A 298 -35.93 46.97 56.03
N THR A 299 -34.95 46.08 55.95
CA THR A 299 -34.94 44.94 56.83
C THR A 299 -33.52 44.76 57.32
N PRO A 300 -33.35 44.14 58.50
CA PRO A 300 -32.01 43.87 59.00
C PRO A 300 -31.36 42.76 58.19
N VAL A 301 -30.04 42.89 58.00
CA VAL A 301 -29.25 41.89 57.32
C VAL A 301 -28.71 40.94 58.37
N LEU A 302 -29.41 39.80 58.53
CA LEU A 302 -29.06 38.84 59.57
C LEU A 302 -27.97 37.88 59.07
N ALA A 303 -27.05 37.55 59.97
CA ALA A 303 -26.13 36.44 59.77
C ALA A 303 -26.84 35.11 60.01
N PHE A 304 -26.33 34.03 59.38
CA PHE A 304 -26.96 32.72 59.54
C PHE A 304 -27.26 32.43 61.01
N GLY A 305 -26.28 32.75 61.87
CA GLY A 305 -26.30 32.43 63.27
C GLY A 305 -27.43 33.12 64.04
N GLU A 306 -28.01 34.19 63.49
CA GLU A 306 -29.00 35.01 64.16
C GLU A 306 -30.37 34.69 63.63
N VAL A 307 -30.45 33.92 62.53
CA VAL A 307 -31.72 33.74 61.86
C VAL A 307 -32.74 33.10 62.78
N HIS A 308 -32.27 32.19 63.64
CA HIS A 308 -33.15 31.39 64.48
C HIS A 308 -33.84 32.27 65.53
N ASN A 309 -33.44 33.54 65.72
CA ASN A 309 -34.11 34.40 66.69
C ASN A 309 -35.09 35.36 66.04
N GLU A 310 -35.31 35.27 64.72
CA GLU A 310 -36.18 36.25 64.09
C GLU A 310 -37.63 35.75 64.15
N PRO A 311 -38.55 36.50 64.80
CA PRO A 311 -39.91 36.02 65.01
C PRO A 311 -40.58 35.45 63.77
N HIS A 312 -40.51 36.15 62.62
CA HIS A 312 -41.20 35.68 61.43
C HIS A 312 -40.67 34.33 60.93
N ILE A 313 -39.38 34.07 61.14
CA ILE A 313 -38.76 32.82 60.73
C ILE A 313 -39.25 31.71 61.63
N ILE A 314 -39.22 31.95 62.96
CA ILE A 314 -39.67 31.02 63.99
C ILE A 314 -41.13 30.63 63.74
N GLU A 315 -41.99 31.63 63.56
CA GLU A 315 -43.40 31.34 63.57
C GLU A 315 -43.83 30.55 62.37
N ARG A 316 -43.19 30.72 61.20
CA ARG A 316 -43.64 30.01 60.03
C ARG A 316 -42.93 28.66 59.91
N ASN A 317 -42.09 28.33 60.90
CA ASN A 317 -41.28 27.13 60.91
C ASN A 317 -40.53 26.96 59.60
N THR A 318 -39.71 27.97 59.25
CA THR A 318 -38.93 27.90 58.03
C THR A 318 -37.79 26.89 58.21
N PHE A 319 -37.37 26.69 59.47
CA PHE A 319 -36.23 25.84 59.82
C PHE A 319 -36.65 24.75 60.82
N TYR A 320 -35.90 23.65 60.88
CA TYR A 320 -36.09 22.62 61.91
C TYR A 320 -34.70 22.33 62.45
N GLU A 321 -34.60 21.73 63.65
CA GLU A 321 -33.30 21.49 64.26
C GLU A 321 -32.89 20.05 63.92
N ALA A 322 -31.59 19.82 63.73
CA ALA A 322 -31.09 18.50 63.36
C ALA A 322 -29.57 18.49 63.45
N ASN A 323 -29.02 17.65 64.34
CA ASN A 323 -27.58 17.48 64.42
C ASN A 323 -26.90 18.83 64.66
N GLY A 324 -27.03 19.36 65.89
CA GLY A 324 -26.47 20.67 66.21
C GLY A 324 -26.38 21.55 64.97
N GLY A 325 -27.57 21.91 64.44
CA GLY A 325 -27.66 22.81 63.32
C GLY A 325 -29.09 22.88 62.79
N TRP A 326 -29.54 24.09 62.51
CA TRP A 326 -30.81 24.29 61.86
C TRP A 326 -30.67 23.92 60.38
N GLN A 327 -31.79 23.51 59.80
CA GLN A 327 -31.87 23.22 58.40
C GLN A 327 -33.21 23.72 57.87
N PRO A 328 -33.27 24.11 56.60
CA PRO A 328 -34.53 24.54 56.03
C PRO A 328 -35.53 23.42 55.82
N MET A 329 -36.79 23.73 56.15
CA MET A 329 -37.90 22.85 55.88
C MET A 329 -38.18 22.85 54.40
N PRO A 330 -38.88 21.83 53.90
CA PRO A 330 -39.18 21.75 52.48
C PRO A 330 -39.93 22.97 52.00
N ALA A 331 -39.71 23.27 50.73
CA ALA A 331 -40.43 24.33 50.07
C ALA A 331 -40.83 23.82 48.70
N PRO A 332 -41.90 24.32 48.06
CA PRO A 332 -42.88 25.20 48.70
C PRO A 332 -43.83 24.38 49.58
N ARG A 333 -44.93 25.01 50.03
CA ARG A 333 -45.86 24.34 50.96
C ARG A 333 -47.17 24.02 50.25
N PHE A 334 -47.83 22.97 50.75
CA PHE A 334 -49.00 22.38 50.11
C PHE A 334 -50.15 22.31 51.14
N SER A 335 -51.34 22.80 50.79
CA SER A 335 -52.51 22.82 51.69
C SER A 335 -52.96 21.41 52.10
N ARG A 336 -53.18 20.50 51.13
CA ARG A 336 -53.74 19.19 51.45
C ARG A 336 -52.68 18.12 51.70
N THR A 337 -51.68 17.97 50.82
CA THR A 337 -50.68 16.91 50.97
C THR A 337 -49.35 17.52 51.40
N ALA A 338 -49.28 17.87 52.68
CA ALA A 338 -48.14 18.58 53.23
C ALA A 338 -46.95 17.64 53.28
N SER A 339 -45.77 18.22 53.09
CA SER A 339 -44.50 17.55 53.33
C SER A 339 -44.35 17.36 54.81
N SER A 340 -43.50 16.43 55.19
CA SER A 340 -43.17 16.28 56.58
C SER A 340 -41.73 16.70 56.76
N GLN A 341 -41.35 16.77 58.03
CA GLN A 341 -39.97 16.99 58.40
C GLN A 341 -39.10 16.00 57.64
N PRO A 342 -37.91 16.40 57.13
CA PRO A 342 -36.99 15.46 56.49
C PRO A 342 -36.45 14.38 57.43
N ARG A 343 -36.17 13.21 56.86
CA ARG A 343 -35.51 12.14 57.58
C ARG A 343 -34.00 12.31 57.44
N PRO A 344 -33.22 12.10 58.50
CA PRO A 344 -31.80 12.37 58.44
C PRO A 344 -31.14 11.39 57.48
N PRO A 345 -29.88 11.62 57.06
CA PRO A 345 -29.12 10.58 56.35
C PRO A 345 -29.11 9.29 57.18
N ALA A 346 -29.46 8.16 56.54
CA ALA A 346 -29.51 6.86 57.21
C ALA A 346 -28.27 6.04 56.88
N ALA A 347 -28.01 4.98 57.64
CA ALA A 347 -26.96 4.04 57.28
C ALA A 347 -27.29 3.40 55.93
N THR A 348 -26.26 3.00 55.18
CA THR A 348 -26.41 2.38 53.87
C THR A 348 -27.36 1.19 53.97
N ILE A 349 -28.00 0.90 52.84
CA ILE A 349 -28.95 -0.20 52.74
C ILE A 349 -28.45 -1.12 51.64
N ASP A 350 -28.90 -2.37 51.68
CA ASP A 350 -28.52 -3.37 50.71
C ASP A 350 -29.39 -3.24 49.46
N ILE A 351 -28.80 -3.40 48.26
CA ILE A 351 -29.47 -3.03 47.03
C ILE A 351 -30.53 -4.06 46.60
N GLU A 352 -30.38 -5.32 47.02
CA GLU A 352 -31.40 -6.35 46.84
C GLU A 352 -32.61 -6.03 47.71
N ALA A 353 -32.36 -5.64 48.96
CA ALA A 353 -33.42 -5.20 49.88
C ALA A 353 -34.32 -4.14 49.25
N VAL A 354 -33.76 -3.25 48.40
CA VAL A 354 -34.55 -2.21 47.76
C VAL A 354 -35.41 -2.84 46.66
N LEU A 355 -34.80 -3.72 45.85
CA LEU A 355 -35.47 -4.36 44.72
C LEU A 355 -36.68 -5.17 45.21
N THR A 356 -36.49 -5.81 46.37
CA THR A 356 -37.52 -6.57 47.07
C THR A 356 -38.62 -5.65 47.58
N ASP A 357 -38.23 -4.60 48.31
CA ASP A 357 -39.18 -3.58 48.74
C ASP A 357 -39.94 -3.00 47.55
N TRP A 358 -39.27 -2.65 46.45
CA TRP A 358 -39.98 -2.07 45.31
C TRP A 358 -40.90 -3.09 44.61
N ASP A 359 -41.02 -4.30 45.18
CA ASP A 359 -42.00 -5.31 44.83
C ASP A 359 -41.31 -6.45 44.07
N GLY A 360 -40.23 -6.13 43.35
CA GLY A 360 -39.40 -7.12 42.68
C GLY A 360 -40.18 -8.37 42.30
N MET B 1 -48.90 24.02 20.00
CA MET B 1 -47.93 24.47 21.03
C MET B 1 -46.96 23.34 21.37
N ALA B 2 -45.66 23.53 21.09
CA ALA B 2 -44.65 22.50 21.35
C ALA B 2 -44.27 22.50 22.81
N GLY B 3 -43.87 21.33 23.33
CA GLY B 3 -43.22 21.25 24.63
C GLY B 3 -43.94 20.27 25.53
N PRO B 4 -43.32 19.84 26.65
CA PRO B 4 -43.95 18.82 27.49
C PRO B 4 -45.24 19.26 28.17
N LEU B 5 -45.51 20.56 28.21
CA LEU B 5 -46.65 21.05 28.97
C LEU B 5 -47.79 21.45 28.03
N SER B 6 -47.74 20.95 26.80
CA SER B 6 -48.82 21.15 25.85
C SER B 6 -50.13 20.76 26.51
N GLY B 7 -51.13 21.63 26.40
CA GLY B 7 -52.47 21.34 26.92
C GLY B 7 -52.65 21.69 28.40
N LEU B 8 -51.59 22.13 29.09
CA LEU B 8 -51.77 22.68 30.42
C LEU B 8 -52.31 24.10 30.27
N ARG B 9 -53.29 24.42 31.11
CA ARG B 9 -53.94 25.72 31.09
C ARG B 9 -53.71 26.46 32.39
N VAL B 10 -53.28 27.72 32.23
CA VAL B 10 -52.72 28.52 33.30
C VAL B 10 -53.34 29.89 33.20
N VAL B 11 -53.91 30.35 34.32
CA VAL B 11 -54.37 31.73 34.42
C VAL B 11 -53.43 32.49 35.37
N GLU B 12 -52.91 33.60 34.87
CA GLU B 12 -51.97 34.41 35.61
C GLU B 12 -52.62 35.78 35.92
N LEU B 13 -52.76 36.09 37.21
CA LEU B 13 -53.15 37.43 37.64
C LEU B 13 -51.90 38.32 37.65
N ALA B 14 -51.89 39.41 36.88
CA ALA B 14 -50.65 40.12 36.62
C ALA B 14 -50.05 40.76 37.87
N GLY B 15 -48.75 40.55 38.06
CA GLY B 15 -47.99 41.05 39.20
C GLY B 15 -46.54 41.30 38.77
N ILE B 16 -45.60 41.32 39.71
CA ILE B 16 -44.22 41.61 39.32
C ILE B 16 -43.29 40.56 39.92
N GLY B 17 -42.18 40.36 39.20
CA GLY B 17 -41.07 39.54 39.65
C GLY B 17 -41.38 38.05 39.46
N PRO B 18 -41.53 37.29 40.54
CA PRO B 18 -41.55 35.84 40.44
C PRO B 18 -42.75 35.27 39.69
N GLY B 19 -44.00 35.73 39.98
CA GLY B 19 -45.17 35.18 39.32
C GLY B 19 -45.03 35.21 37.80
N PRO B 20 -44.70 36.37 37.21
CA PRO B 20 -44.50 36.44 35.76
C PRO B 20 -43.40 35.55 35.20
N HIS B 21 -42.36 35.32 36.00
CA HIS B 21 -41.24 34.49 35.57
C HIS B 21 -41.69 33.04 35.49
N ALA B 22 -42.42 32.56 36.50
CA ALA B 22 -42.98 31.22 36.51
C ALA B 22 -43.93 31.03 35.33
N ALA B 23 -44.78 32.04 35.12
CA ALA B 23 -45.77 31.96 34.06
C ALA B 23 -45.03 31.81 32.74
N MET B 24 -43.95 32.59 32.59
CA MET B 24 -43.13 32.58 31.39
C MET B 24 -42.58 31.18 31.18
N ILE B 25 -42.04 30.57 32.22
CA ILE B 25 -41.41 29.28 32.00
C ILE B 25 -42.47 28.24 31.62
N LEU B 26 -43.68 28.38 32.17
CA LEU B 26 -44.75 27.46 31.83
C LEU B 26 -45.09 27.61 30.36
N GLY B 27 -45.26 28.84 29.92
CA GLY B 27 -45.44 29.17 28.51
C GLY B 27 -44.33 28.60 27.63
N ASP B 28 -43.09 28.80 28.09
CA ASP B 28 -41.92 28.45 27.31
C ASP B 28 -41.98 26.99 26.91
N LEU B 29 -42.41 26.16 27.87
CA LEU B 29 -42.53 24.72 27.78
C LEU B 29 -43.90 24.26 27.23
N GLY B 30 -44.69 25.21 26.70
CA GLY B 30 -45.85 24.93 25.86
C GLY B 30 -47.21 24.98 26.58
N ALA B 31 -47.25 25.44 27.83
CA ALA B 31 -48.51 25.68 28.48
C ALA B 31 -49.24 26.82 27.78
N ASP B 32 -50.58 26.75 27.93
CA ASP B 32 -51.52 27.77 27.47
C ASP B 32 -51.72 28.74 28.62
N VAL B 33 -51.15 29.94 28.47
CA VAL B 33 -51.04 30.85 29.59
C VAL B 33 -51.84 32.11 29.27
N VAL B 34 -52.80 32.40 30.17
CA VAL B 34 -53.62 33.60 29.96
C VAL B 34 -53.41 34.57 31.12
N ARG B 35 -52.93 35.75 30.77
CA ARG B 35 -52.55 36.74 31.75
C ARG B 35 -53.62 37.83 31.82
N ILE B 36 -54.23 37.97 33.01
CA ILE B 36 -55.21 39.00 33.27
C ILE B 36 -54.51 40.22 33.89
N ASP B 37 -54.47 41.32 33.12
CA ASP B 37 -53.95 42.59 33.61
C ASP B 37 -55.12 43.54 33.85
N ARG B 38 -54.84 44.74 34.38
CA ARG B 38 -55.89 45.72 34.54
C ARG B 38 -55.83 46.68 33.35
N PRO B 39 -56.98 47.22 32.90
CA PRO B 39 -57.04 47.98 31.65
C PRO B 39 -56.18 49.23 31.63
N SER B 40 -55.92 49.79 32.82
CA SER B 40 -55.23 51.06 32.97
C SER B 40 -53.75 50.97 32.62
N SER B 41 -53.13 49.77 32.76
CA SER B 41 -51.69 49.65 32.58
C SER B 41 -51.33 49.24 31.13
N VAL B 42 -52.28 48.66 30.37
CA VAL B 42 -51.99 48.18 29.01
C VAL B 42 -52.12 49.32 27.99
N ASP B 43 -51.07 49.54 27.17
CA ASP B 43 -50.94 50.64 26.21
C ASP B 43 -50.92 50.11 24.77
N GLY B 44 -49.71 49.87 24.22
CA GLY B 44 -49.53 49.24 22.92
C GLY B 44 -49.24 47.76 23.08
N ILE B 45 -48.43 47.18 22.19
CA ILE B 45 -47.94 45.81 22.38
C ILE B 45 -46.83 45.88 23.43
N SER B 46 -46.89 45.00 24.45
CA SER B 46 -45.97 45.10 25.59
C SER B 46 -44.52 44.88 25.14
N ARG B 47 -43.58 45.62 25.72
CA ARG B 47 -42.18 45.57 25.30
C ARG B 47 -41.33 44.91 26.37
N ASP B 48 -41.97 44.25 27.36
CA ASP B 48 -41.29 43.40 28.33
C ASP B 48 -41.32 41.96 27.86
N ALA B 49 -40.15 41.47 27.40
CA ALA B 49 -40.03 40.16 26.78
C ALA B 49 -40.24 39.03 27.81
N MET B 50 -40.37 39.38 29.12
CA MET B 50 -40.75 38.39 30.14
C MET B 50 -42.23 38.01 29.97
N LEU B 51 -42.94 38.75 29.11
CA LEU B 51 -44.35 38.50 28.85
C LEU B 51 -44.52 37.72 27.55
N ARG B 52 -43.50 36.95 27.17
CA ARG B 52 -43.52 36.10 26.00
C ARG B 52 -44.36 34.87 26.31
N ASN B 53 -44.85 34.20 25.25
CA ASN B 53 -45.65 32.98 25.37
C ASN B 53 -46.88 33.15 26.27
N ARG B 54 -47.59 34.26 26.09
CA ARG B 54 -48.82 34.56 26.82
C ARG B 54 -49.92 35.02 25.87
N ARG B 55 -51.17 34.86 26.28
CA ARG B 55 -52.23 35.74 25.78
C ARG B 55 -52.56 36.74 26.88
N ILE B 56 -52.60 38.03 26.50
CA ILE B 56 -52.95 39.10 27.43
C ILE B 56 -54.43 39.46 27.28
N VAL B 57 -55.19 39.46 28.39
CA VAL B 57 -56.51 40.05 28.44
C VAL B 57 -56.58 41.04 29.59
N THR B 58 -57.31 42.16 29.40
CA THR B 58 -57.58 43.10 30.47
C THR B 58 -58.96 42.83 31.07
N ALA B 59 -59.12 43.24 32.33
CA ALA B 59 -60.35 43.00 33.08
C ALA B 59 -60.23 43.66 34.45
N ASP B 60 -61.04 44.70 34.70
CA ASP B 60 -61.28 45.26 36.03
C ASP B 60 -61.87 44.17 36.95
N LEU B 61 -61.03 43.53 37.76
CA LEU B 61 -61.46 42.50 38.68
C LEU B 61 -62.25 43.07 39.86
N LYS B 62 -62.27 44.40 40.00
CA LYS B 62 -63.12 45.00 41.01
C LYS B 62 -64.58 45.11 40.52
N SER B 63 -64.81 45.05 39.20
CA SER B 63 -66.17 45.09 38.66
C SER B 63 -66.82 43.72 38.79
N ASP B 64 -68.15 43.66 38.70
CA ASP B 64 -68.91 42.42 38.86
C ASP B 64 -68.64 41.51 37.67
N GLN B 65 -68.53 42.14 36.50
CA GLN B 65 -68.37 41.46 35.23
C GLN B 65 -66.95 40.90 35.09
N GLY B 66 -65.95 41.77 35.25
CA GLY B 66 -64.56 41.36 35.35
C GLY B 66 -64.40 40.12 36.23
N LEU B 67 -64.96 40.13 37.46
CA LEU B 67 -64.87 38.97 38.32
C LEU B 67 -65.51 37.75 37.65
N GLU B 68 -66.70 37.92 37.08
CA GLU B 68 -67.46 36.78 36.57
C GLU B 68 -66.66 36.11 35.46
N LEU B 69 -66.16 36.94 34.51
CA LEU B 69 -65.37 36.52 33.36
C LEU B 69 -64.11 35.76 33.80
N ALA B 70 -63.50 36.18 34.91
CA ALA B 70 -62.27 35.58 35.43
C ALA B 70 -62.57 34.22 36.06
N LEU B 71 -63.68 34.12 36.79
CA LEU B 71 -64.06 32.84 37.36
C LEU B 71 -64.41 31.85 36.24
N LYS B 72 -64.89 32.36 35.09
CA LYS B 72 -65.13 31.51 33.93
C LYS B 72 -63.81 30.98 33.34
N LEU B 73 -62.77 31.82 33.25
CA LEU B 73 -61.43 31.33 32.90
C LEU B 73 -60.97 30.27 33.90
N ILE B 74 -61.04 30.57 35.18
CA ILE B 74 -60.43 29.70 36.18
C ILE B 74 -61.09 28.34 36.18
N ALA B 75 -62.41 28.37 35.87
CA ALA B 75 -63.23 27.18 35.73
C ALA B 75 -62.64 26.24 34.68
N LYS B 76 -62.13 26.81 33.59
CA LYS B 76 -61.64 26.07 32.45
C LYS B 76 -60.13 25.77 32.54
N ALA B 77 -59.45 26.09 33.65
CA ALA B 77 -57.98 26.06 33.70
C ALA B 77 -57.46 25.01 34.66
N ASP B 78 -56.16 24.68 34.56
CA ASP B 78 -55.53 23.75 35.49
C ASP B 78 -54.84 24.46 36.65
N VAL B 79 -54.31 25.67 36.36
CA VAL B 79 -53.46 26.34 37.34
C VAL B 79 -53.82 27.83 37.40
N LEU B 80 -53.87 28.36 38.63
CA LEU B 80 -53.92 29.80 38.81
C LEU B 80 -52.69 30.26 39.60
N ILE B 81 -52.09 31.33 39.06
CA ILE B 81 -50.97 31.99 39.69
C ILE B 81 -51.37 33.39 40.16
N GLU B 82 -51.14 33.67 41.44
CA GLU B 82 -51.29 35.03 41.94
C GLU B 82 -50.10 35.45 42.81
N GLY B 83 -49.66 36.69 42.65
CA GLY B 83 -48.52 37.19 43.40
C GLY B 83 -48.79 38.47 44.17
N TYR B 84 -49.98 38.57 44.80
CA TYR B 84 -50.37 39.75 45.56
C TYR B 84 -50.11 39.42 47.02
N ARG B 85 -50.19 40.43 47.88
CA ARG B 85 -50.12 40.18 49.31
C ARG B 85 -51.27 39.29 49.70
N PRO B 86 -51.12 38.52 50.79
CA PRO B 86 -52.21 37.70 51.29
C PRO B 86 -53.48 38.53 51.53
N GLY B 87 -54.64 37.95 51.24
CA GLY B 87 -55.94 38.59 51.45
C GLY B 87 -56.46 39.22 50.16
N VAL B 88 -55.54 39.57 49.28
CA VAL B 88 -55.93 40.36 48.13
C VAL B 88 -56.88 39.57 47.23
N THR B 89 -56.56 38.32 46.87
CA THR B 89 -57.43 37.61 45.93
C THR B 89 -58.79 37.31 46.59
N GLU B 90 -58.79 37.03 47.91
CA GLU B 90 -59.99 36.74 48.68
C GLU B 90 -61.01 37.87 48.53
N ARG B 91 -60.55 39.11 48.77
CA ARG B 91 -61.40 40.29 48.69
C ARG B 91 -61.84 40.54 47.26
N LEU B 92 -61.10 40.05 46.27
CA LEU B 92 -61.62 40.17 44.92
C LEU B 92 -62.74 39.13 44.72
N GLY B 93 -62.90 38.20 45.65
CA GLY B 93 -63.70 36.99 45.43
C GLY B 93 -63.05 36.01 44.44
N LEU B 94 -61.71 35.96 44.45
CA LEU B 94 -60.93 35.03 43.64
C LEU B 94 -60.05 34.18 44.54
N GLY B 95 -60.40 34.09 45.82
CA GLY B 95 -59.63 33.35 46.80
C GLY B 95 -59.70 31.85 46.55
N PRO B 96 -58.91 31.04 47.28
CA PRO B 96 -58.85 29.61 46.99
C PRO B 96 -60.22 28.93 47.13
N GLU B 97 -61.09 29.43 48.00
CA GLU B 97 -62.38 28.78 48.18
C GLU B 97 -63.36 29.20 47.09
N GLU B 98 -63.38 30.46 46.68
CA GLU B 98 -64.25 30.84 45.58
C GLU B 98 -63.90 30.02 44.33
N CYS B 99 -62.62 29.68 44.21
CA CYS B 99 -62.12 29.03 43.01
C CYS B 99 -62.45 27.53 43.04
N ALA B 100 -62.42 26.93 44.23
CA ALA B 100 -62.71 25.52 44.48
C ALA B 100 -64.20 25.21 44.26
N LYS B 101 -65.03 26.25 44.33
CA LYS B 101 -66.44 26.10 44.06
C LYS B 101 -66.64 25.93 42.56
N VAL B 102 -65.86 26.61 41.70
CA VAL B 102 -66.03 26.48 40.25
C VAL B 102 -65.09 25.42 39.67
N ASN B 103 -64.20 24.80 40.48
CA ASN B 103 -63.16 23.95 39.91
C ASN B 103 -62.30 23.35 41.03
N ASP B 104 -62.71 22.19 41.52
CA ASP B 104 -62.04 21.56 42.65
C ASP B 104 -60.75 20.87 42.19
N ARG B 105 -60.42 21.00 40.90
CA ARG B 105 -59.22 20.37 40.33
C ARG B 105 -58.06 21.37 40.25
N LEU B 106 -58.37 22.67 40.37
CA LEU B 106 -57.42 23.77 40.18
C LEU B 106 -56.20 23.67 41.10
N ILE B 107 -55.01 23.92 40.53
CA ILE B 107 -53.82 24.13 41.35
C ILE B 107 -53.72 25.63 41.62
N TYR B 108 -53.86 25.97 42.91
CA TYR B 108 -53.96 27.37 43.31
C TYR B 108 -52.60 27.83 43.86
N ALA B 109 -51.92 28.67 43.05
CA ALA B 109 -50.50 28.95 43.26
C ALA B 109 -50.28 30.40 43.73
N ARG B 110 -49.80 30.50 44.96
CA ARG B 110 -49.64 31.78 45.66
C ARG B 110 -48.15 32.11 45.86
N MET B 111 -47.69 33.16 45.18
CA MET B 111 -46.29 33.55 45.15
C MET B 111 -46.12 34.80 46.01
N THR B 112 -45.55 34.65 47.19
CA THR B 112 -45.23 35.80 48.02
C THR B 112 -43.76 35.79 48.42
N GLY B 113 -43.33 36.90 49.03
CA GLY B 113 -42.03 36.97 49.67
C GLY B 113 -42.01 36.36 51.06
N TRP B 114 -42.93 36.77 51.93
CA TRP B 114 -42.85 36.47 53.34
C TRP B 114 -43.72 35.28 53.75
N GLY B 115 -44.64 34.87 52.87
CA GLY B 115 -45.56 33.79 53.19
C GLY B 115 -47.02 34.27 53.36
N GLN B 116 -47.89 33.33 53.76
CA GLN B 116 -49.33 33.61 53.80
C GLN B 116 -49.73 34.21 55.14
N THR B 117 -48.98 33.92 56.19
CA THR B 117 -49.28 34.43 57.51
C THR B 117 -47.97 34.82 58.18
N GLY B 118 -48.09 35.32 59.40
CA GLY B 118 -46.94 35.69 60.21
C GLY B 118 -46.72 37.20 60.19
N PRO B 119 -45.88 37.69 61.14
CA PRO B 119 -45.76 39.13 61.42
C PRO B 119 -45.31 40.01 60.26
N ARG B 120 -44.63 39.43 59.26
CA ARG B 120 -44.17 40.24 58.15
C ARG B 120 -45.05 40.04 56.94
N SER B 121 -46.15 39.30 57.09
CA SER B 121 -46.90 38.87 55.91
C SER B 121 -47.57 40.02 55.17
N GLN B 122 -47.75 41.22 55.78
CA GLN B 122 -48.37 42.30 55.01
C GLN B 122 -47.36 43.39 54.65
N GLN B 123 -46.09 43.13 54.92
CA GLN B 123 -45.04 44.10 54.67
C GLN B 123 -44.68 44.08 53.17
N ALA B 124 -44.65 45.25 52.52
CA ALA B 124 -44.05 45.32 51.20
C ALA B 124 -42.62 44.83 51.26
N GLY B 125 -42.10 44.40 50.11
CA GLY B 125 -40.72 43.94 50.06
C GLY B 125 -40.24 43.69 48.62
N HIS B 126 -38.94 43.58 48.47
CA HIS B 126 -38.35 43.10 47.22
C HIS B 126 -37.31 42.03 47.57
N ASP B 127 -36.75 41.44 46.52
CA ASP B 127 -35.77 40.37 46.62
C ASP B 127 -34.79 40.65 47.76
N ILE B 128 -34.13 41.81 47.73
CA ILE B 128 -33.09 42.13 48.70
C ILE B 128 -33.60 41.99 50.12
N ASN B 129 -34.89 42.28 50.36
CA ASN B 129 -35.42 42.18 51.72
C ASN B 129 -35.58 40.72 52.15
N TYR B 130 -36.16 39.88 51.27
CA TYR B 130 -36.41 38.47 51.61
C TYR B 130 -35.11 37.76 51.92
N ILE B 131 -34.02 38.05 51.18
CA ILE B 131 -32.74 37.39 51.39
C ILE B 131 -31.98 38.02 52.56
N SER B 132 -32.41 39.20 53.04
CA SER B 132 -31.69 39.77 54.17
C SER B 132 -32.09 39.05 55.46
N LEU B 133 -33.28 38.49 55.52
CA LEU B 133 -33.76 37.97 56.79
C LEU B 133 -33.30 36.53 57.08
N ASN B 134 -32.86 35.78 56.06
CA ASN B 134 -32.58 34.38 56.27
C ASN B 134 -31.10 34.06 56.13
N GLY B 135 -30.19 35.04 56.25
CA GLY B 135 -28.76 34.77 56.26
C GLY B 135 -28.08 34.89 54.88
N ILE B 136 -28.85 34.88 53.81
CA ILE B 136 -28.23 34.78 52.48
C ILE B 136 -27.47 36.05 52.14
N LEU B 137 -28.07 37.23 52.31
CA LEU B 137 -27.45 38.46 51.82
C LEU B 137 -26.17 38.76 52.59
N HIS B 138 -26.16 38.46 53.89
CA HIS B 138 -25.00 38.71 54.71
C HIS B 138 -23.76 37.97 54.18
N ALA B 139 -23.99 36.85 53.49
CA ALA B 139 -22.90 35.98 53.07
C ALA B 139 -22.32 36.37 51.71
N ILE B 140 -22.88 37.40 51.05
CA ILE B 140 -22.46 37.72 49.70
C ILE B 140 -21.65 39.02 49.65
N GLY B 141 -20.42 38.92 49.12
CA GLY B 141 -19.58 40.08 48.84
C GLY B 141 -18.19 39.95 49.47
N ARG B 142 -17.35 40.98 49.33
CA ARG B 142 -16.07 40.97 50.02
C ARG B 142 -16.23 41.27 51.52
N GLY B 143 -15.30 40.74 52.32
CA GLY B 143 -15.32 40.79 53.77
C GLY B 143 -15.08 42.19 54.33
N ASP B 144 -14.38 43.03 53.59
CA ASP B 144 -14.07 44.35 54.11
C ASP B 144 -15.12 45.37 53.65
N GLU B 145 -16.29 44.91 53.17
CA GLU B 145 -17.25 45.82 52.57
C GLU B 145 -18.66 45.36 52.87
N ARG B 146 -19.62 46.19 52.54
CA ARG B 146 -20.96 45.81 52.90
C ARG B 146 -21.48 44.79 51.89
N PRO B 147 -22.45 43.95 52.29
CA PRO B 147 -22.95 42.91 51.38
C PRO B 147 -23.48 43.49 50.09
N VAL B 148 -23.38 42.72 49.02
CA VAL B 148 -23.84 43.22 47.73
C VAL B 148 -24.96 42.31 47.25
N PRO B 149 -26.04 42.89 46.69
CA PRO B 149 -27.15 42.09 46.22
C PRO B 149 -26.73 41.35 44.96
N PRO B 150 -27.00 40.03 44.89
CA PRO B 150 -26.79 39.25 43.68
C PRO B 150 -27.93 39.44 42.69
N LEU B 151 -27.96 40.64 42.12
CA LEU B 151 -29.14 41.13 41.45
C LEU B 151 -30.35 40.65 42.24
N ASN B 152 -31.43 40.32 41.52
CA ASN B 152 -32.62 39.71 42.12
C ASN B 152 -32.72 38.24 41.74
N LEU B 153 -31.58 37.56 41.62
CA LEU B 153 -31.59 36.22 41.10
C LEU B 153 -31.94 35.20 42.17
N VAL B 154 -31.66 35.49 43.45
CA VAL B 154 -31.75 34.47 44.47
C VAL B 154 -33.13 34.43 45.14
N GLY B 155 -33.74 35.60 45.35
CA GLY B 155 -35.03 35.64 46.01
C GLY B 155 -36.21 35.51 45.04
N ASP B 156 -36.27 36.37 44.01
CA ASP B 156 -37.36 36.33 43.05
C ASP B 156 -37.34 35.06 42.23
N PHE B 157 -36.17 34.67 41.72
CA PHE B 157 -36.15 33.69 40.63
C PHE B 157 -35.76 32.32 41.17
N GLY B 158 -34.51 32.18 41.63
CA GLY B 158 -34.02 30.95 42.18
C GLY B 158 -34.84 30.40 43.34
N GLY B 159 -35.14 31.27 44.31
CA GLY B 159 -35.85 30.85 45.52
C GLY B 159 -37.34 31.21 45.48
N GLY B 160 -37.79 31.69 44.33
CA GLY B 160 -39.09 32.29 44.15
C GLY B 160 -39.88 31.57 43.08
N SER B 161 -39.75 32.07 41.84
CA SER B 161 -40.46 31.52 40.71
C SER B 161 -40.22 30.01 40.62
N MET B 162 -38.98 29.58 40.84
CA MET B 162 -38.57 28.22 40.53
C MET B 162 -39.26 27.27 41.51
N PHE B 163 -39.41 27.68 42.76
CA PHE B 163 -40.13 26.86 43.72
C PHE B 163 -41.65 26.90 43.47
N LEU B 164 -42.19 28.02 43.02
CA LEU B 164 -43.59 28.03 42.60
C LEU B 164 -43.80 26.96 41.51
N LEU B 165 -42.90 26.91 40.52
CA LEU B 165 -42.95 25.92 39.44
C LEU B 165 -42.83 24.50 39.94
N VAL B 166 -41.87 24.24 40.83
CA VAL B 166 -41.76 22.90 41.39
C VAL B 166 -43.06 22.55 42.12
N GLY B 167 -43.71 23.55 42.74
CA GLY B 167 -44.95 23.31 43.45
C GLY B 167 -46.14 23.08 42.52
N ILE B 168 -46.25 23.88 41.47
CA ILE B 168 -47.33 23.70 40.52
C ILE B 168 -47.23 22.30 39.90
N LEU B 169 -46.02 21.88 39.48
CA LEU B 169 -45.87 20.63 38.74
C LEU B 169 -45.94 19.44 39.68
N ALA B 170 -45.45 19.55 40.93
CA ALA B 170 -45.63 18.45 41.85
C ALA B 170 -47.10 18.26 42.22
N ALA B 171 -47.88 19.33 42.17
CA ALA B 171 -49.26 19.23 42.60
C ALA B 171 -50.08 18.60 41.48
N LEU B 172 -49.71 18.88 40.23
CA LEU B 172 -50.34 18.26 39.06
C LEU B 172 -50.12 16.75 39.08
N TRP B 173 -48.96 16.31 39.55
CA TRP B 173 -48.64 14.91 39.73
C TRP B 173 -49.51 14.30 40.85
N GLU B 174 -49.54 14.93 42.03
CA GLU B 174 -50.37 14.45 43.12
C GLU B 174 -51.83 14.28 42.67
N ARG B 175 -52.32 15.24 41.86
CA ARG B 175 -53.68 15.36 41.34
C ARG B 175 -54.07 14.18 40.46
N GLN B 176 -53.13 13.65 39.64
CA GLN B 176 -53.38 12.53 38.76
C GLN B 176 -53.78 11.30 39.57
N SER B 177 -53.36 11.28 40.82
CA SER B 177 -53.62 10.19 41.74
C SER B 177 -54.86 10.47 42.61
N SER B 178 -55.26 11.74 42.79
CA SER B 178 -56.26 12.05 43.81
C SER B 178 -57.51 12.70 43.22
N GLY B 179 -57.44 13.17 41.97
CA GLY B 179 -58.54 13.84 41.28
C GLY B 179 -58.70 15.30 41.68
N LYS B 180 -57.88 15.77 42.64
CA LYS B 180 -58.12 17.02 43.35
C LYS B 180 -56.93 17.99 43.22
N GLY B 181 -57.25 19.27 43.03
CA GLY B 181 -56.28 20.36 43.13
C GLY B 181 -55.85 20.65 44.58
N GLN B 182 -55.13 21.75 44.77
CA GLN B 182 -54.76 22.21 46.11
C GLN B 182 -54.01 23.54 46.02
N VAL B 183 -53.62 24.05 47.20
CA VAL B 183 -52.99 25.36 47.27
C VAL B 183 -51.50 25.12 47.46
N VAL B 184 -50.75 25.83 46.60
CA VAL B 184 -49.31 25.92 46.69
C VAL B 184 -48.94 27.31 47.20
N ASP B 185 -48.24 27.32 48.35
CA ASP B 185 -47.79 28.51 49.03
C ASP B 185 -46.27 28.60 48.89
N ALA B 186 -45.81 29.36 47.90
CA ALA B 186 -44.40 29.56 47.65
C ALA B 186 -43.94 30.92 48.21
N ALA B 187 -43.22 30.84 49.32
CA ALA B 187 -42.62 32.01 49.95
C ALA B 187 -41.14 32.13 49.59
N MET B 188 -40.73 33.30 49.09
CA MET B 188 -39.34 33.54 48.71
C MET B 188 -38.40 33.35 49.90
N VAL B 189 -38.86 33.64 51.10
CA VAL B 189 -37.97 33.48 52.24
C VAL B 189 -37.68 32.00 52.50
N ASP B 190 -38.65 31.11 52.16
CA ASP B 190 -38.52 29.67 52.32
C ASP B 190 -37.70 29.05 51.18
N GLY B 191 -38.16 29.26 49.95
CA GLY B 191 -37.50 28.74 48.76
C GLY B 191 -36.00 29.07 48.76
N SER B 192 -35.67 30.33 49.09
CA SER B 192 -34.30 30.77 48.97
C SER B 192 -33.50 30.09 50.08
N SER B 193 -34.12 29.76 51.23
CA SER B 193 -33.41 29.01 52.25
C SER B 193 -33.09 27.57 51.78
N VAL B 194 -33.98 26.96 51.01
CA VAL B 194 -33.75 25.60 50.54
C VAL B 194 -32.68 25.66 49.46
N LEU B 195 -32.71 26.76 48.71
CA LEU B 195 -31.75 26.97 47.64
C LEU B 195 -30.33 27.00 48.19
N ILE B 196 -30.18 27.48 49.44
CA ILE B 196 -28.89 27.59 50.10
C ILE B 196 -28.72 26.51 51.17
N GLN B 197 -29.45 25.41 51.06
CA GLN B 197 -29.30 24.33 52.04
C GLN B 197 -27.86 23.82 52.16
N MET B 198 -27.09 23.83 51.07
CA MET B 198 -25.71 23.36 51.10
C MET B 198 -24.89 24.10 52.17
N MET B 199 -25.10 25.42 52.35
CA MET B 199 -24.41 26.21 53.36
C MET B 199 -24.93 25.88 54.76
N TRP B 200 -26.23 25.67 54.93
CA TRP B 200 -26.68 25.23 56.24
C TRP B 200 -26.04 23.88 56.63
N ALA B 201 -25.92 22.95 55.66
CA ALA B 201 -25.30 21.66 55.94
C ALA B 201 -23.84 21.85 56.33
N MET B 202 -23.11 22.54 55.47
CA MET B 202 -21.73 22.88 55.72
C MET B 202 -21.51 23.60 57.05
N ARG B 203 -22.45 24.44 57.53
CA ARG B 203 -22.21 25.13 58.79
C ARG B 203 -22.25 24.11 59.92
N ALA B 204 -23.18 23.17 59.83
CA ALA B 204 -23.37 22.17 60.88
C ALA B 204 -22.11 21.30 61.00
N THR B 205 -21.41 21.04 59.90
CA THR B 205 -20.19 20.25 59.91
C THR B 205 -18.94 21.11 60.07
N GLY B 206 -19.09 22.34 60.58
CA GLY B 206 -17.99 23.27 60.77
C GLY B 206 -17.28 23.67 59.48
N MET B 207 -17.91 23.54 58.31
CA MET B 207 -17.23 23.77 57.04
C MET B 207 -17.67 25.09 56.42
N TRP B 208 -18.45 25.89 57.14
CA TRP B 208 -18.82 27.21 56.67
C TRP B 208 -18.91 28.14 57.86
N THR B 209 -18.42 29.36 57.70
CA THR B 209 -18.43 30.37 58.75
C THR B 209 -19.35 31.55 58.37
N ASP B 210 -19.86 32.26 59.39
CA ASP B 210 -20.68 33.45 59.17
C ASP B 210 -19.84 34.66 58.75
N THR B 211 -18.50 34.58 58.83
CA THR B 211 -17.64 35.63 58.31
C THR B 211 -17.70 35.73 56.78
N ARG B 212 -18.07 36.90 56.27
CA ARG B 212 -18.14 37.13 54.83
C ARG B 212 -16.74 37.07 54.24
N GLY B 213 -16.59 36.49 53.06
CA GLY B 213 -15.32 36.52 52.35
C GLY B 213 -14.27 35.57 52.95
N ALA B 214 -14.68 34.58 53.75
CA ALA B 214 -13.74 33.66 54.39
C ALA B 214 -14.08 32.18 54.14
N ASN B 215 -14.72 31.88 53.00
CA ASN B 215 -15.27 30.54 52.78
C ASN B 215 -14.84 30.03 51.40
N MET B 216 -15.13 28.76 51.16
CA MET B 216 -14.68 28.11 49.94
C MET B 216 -15.36 28.70 48.70
N LEU B 217 -16.61 29.12 48.82
CA LEU B 217 -17.44 29.43 47.66
C LEU B 217 -17.92 30.88 47.66
N ASP B 218 -17.41 31.73 48.56
CA ASP B 218 -17.90 33.09 48.66
C ASP B 218 -16.90 34.07 48.08
N GLY B 219 -15.76 33.58 47.59
CA GLY B 219 -14.75 34.47 47.03
C GLY B 219 -13.49 34.50 47.90
N GLY B 220 -13.57 33.94 49.09
CA GLY B 220 -12.42 33.90 49.98
C GLY B 220 -11.32 32.95 49.51
N ALA B 221 -11.67 31.90 48.75
CA ALA B 221 -10.68 30.93 48.37
C ALA B 221 -10.01 31.45 47.12
N PRO B 222 -8.66 31.44 47.06
CA PRO B 222 -7.94 31.93 45.90
C PRO B 222 -8.19 31.12 44.62
N TYR B 223 -8.62 29.87 44.81
CA TYR B 223 -8.92 29.03 43.66
C TYR B 223 -10.41 29.06 43.31
N TYR B 224 -11.23 29.90 43.96
CA TYR B 224 -12.63 30.05 43.56
C TYR B 224 -13.01 31.52 43.63
N ASP B 225 -12.62 32.27 42.61
CA ASP B 225 -12.74 33.72 42.62
C ASP B 225 -12.45 34.20 41.22
N THR B 226 -12.65 35.50 41.00
CA THR B 226 -12.30 36.13 39.74
C THR B 226 -10.93 36.80 39.90
N TYR B 227 -10.21 36.94 38.80
CA TYR B 227 -8.93 37.62 38.79
C TYR B 227 -8.94 38.62 37.66
N GLU B 228 -8.36 39.79 37.93
CA GLU B 228 -8.17 40.80 36.89
C GLU B 228 -6.95 40.44 36.04
N CYS B 229 -7.05 40.70 34.73
CA CYS B 229 -6.03 40.34 33.75
C CYS B 229 -5.35 41.61 33.23
N ALA B 230 -4.34 41.50 32.37
CA ALA B 230 -3.52 42.62 31.95
C ALA B 230 -4.34 43.68 31.25
N ASP B 231 -5.43 43.28 30.59
CA ASP B 231 -6.28 44.19 29.85
C ASP B 231 -7.41 44.76 30.72
N GLY B 232 -7.51 44.41 32.00
CA GLY B 232 -8.51 44.99 32.90
C GLY B 232 -9.82 44.18 32.90
N ARG B 233 -9.87 43.13 32.07
CA ARG B 233 -11.00 42.21 32.02
C ARG B 233 -10.69 41.09 32.98
N TYR B 234 -11.59 40.11 33.11
CA TYR B 234 -11.50 39.18 34.20
C TYR B 234 -11.55 37.75 33.72
N VAL B 235 -10.92 36.86 34.50
CA VAL B 235 -11.20 35.44 34.40
C VAL B 235 -11.82 34.95 35.70
N ALA B 236 -12.58 33.85 35.58
CA ALA B 236 -13.02 33.12 36.74
C ALA B 236 -12.24 31.82 36.85
N VAL B 237 -11.86 31.55 38.09
CA VAL B 237 -11.21 30.35 38.52
C VAL B 237 -12.13 29.62 39.49
N GLY B 238 -12.34 28.31 39.22
CA GLY B 238 -13.22 27.46 40.00
C GLY B 238 -12.62 26.09 40.27
N ALA B 239 -11.30 26.07 40.47
CA ALA B 239 -10.52 24.84 40.54
C ALA B 239 -10.51 24.30 41.95
N ILE B 240 -11.65 23.80 42.39
CA ILE B 240 -11.78 23.23 43.73
C ILE B 240 -10.96 21.91 43.87
N GLU B 241 -11.17 20.94 42.96
CA GLU B 241 -10.52 19.63 43.03
C GLU B 241 -9.02 19.80 42.79
N PRO B 242 -8.15 19.14 43.59
CA PRO B 242 -6.71 19.36 43.51
C PRO B 242 -6.09 19.11 42.13
N GLN B 243 -6.61 18.13 41.38
CA GLN B 243 -6.08 17.83 40.04
CA GLN B 243 -6.18 17.80 40.02
C GLN B 243 -6.35 19.04 39.14
N PHE B 244 -7.56 19.64 39.26
CA PHE B 244 -7.89 20.76 38.40
C PHE B 244 -7.02 21.95 38.79
N TYR B 245 -6.84 22.13 40.12
CA TYR B 245 -6.02 23.20 40.70
C TYR B 245 -4.59 23.05 40.17
N ALA B 246 -4.04 21.83 40.26
CA ALA B 246 -2.70 21.58 39.74
C ALA B 246 -2.60 21.99 38.26
N ALA B 247 -3.64 21.69 37.47
CA ALA B 247 -3.55 21.93 36.04
C ALA B 247 -3.53 23.42 35.79
N MET B 248 -4.26 24.15 36.64
CA MET B 248 -4.31 25.62 36.57
C MET B 248 -2.92 26.21 36.88
N LEU B 249 -2.29 25.78 37.98
CA LEU B 249 -0.96 26.32 38.32
C LEU B 249 0.02 26.11 37.16
N ALA B 250 0.08 24.90 36.58
CA ALA B 250 1.00 24.65 35.46
C ALA B 250 0.75 25.62 34.31
N GLY B 251 -0.51 25.90 34.01
CA GLY B 251 -0.79 26.80 32.90
C GLY B 251 -0.48 28.26 33.23
N LEU B 252 -0.46 28.60 34.52
CA LEU B 252 -0.03 29.93 34.92
C LEU B 252 1.49 30.06 34.88
N GLY B 253 2.18 28.93 34.86
CA GLY B 253 3.64 28.94 34.85
C GLY B 253 4.19 28.94 36.26
N LEU B 254 3.43 28.36 37.20
CA LEU B 254 3.73 28.43 38.62
C LEU B 254 4.07 27.06 39.16
N ASP B 255 5.17 27.03 39.89
CA ASP B 255 5.73 25.80 40.35
C ASP B 255 5.05 25.53 41.69
N ALA B 256 4.27 24.45 41.78
CA ALA B 256 3.47 24.18 42.95
C ALA B 256 4.32 24.13 44.22
N ALA B 257 5.60 23.74 44.11
CA ALA B 257 6.46 23.63 45.30
C ALA B 257 6.82 25.00 45.89
N GLU B 258 6.81 26.08 45.08
CA GLU B 258 7.02 27.45 45.52
C GLU B 258 5.83 28.09 46.26
N LEU B 259 4.69 27.38 46.37
CA LEU B 259 3.42 27.99 46.80
C LEU B 259 2.98 27.36 48.11
N PRO B 260 2.19 28.05 48.94
CA PRO B 260 1.59 27.44 50.11
C PRO B 260 0.59 26.38 49.67
N PRO B 261 0.15 25.46 50.55
CA PRO B 261 -0.85 24.47 50.17
C PRO B 261 -2.18 25.12 49.78
N GLN B 262 -2.89 24.47 48.83
CA GLN B 262 -4.12 24.96 48.25
C GLN B 262 -5.12 25.33 49.36
N ASN B 263 -5.22 24.47 50.38
CA ASN B 263 -6.23 24.67 51.40
C ASN B 263 -5.63 25.04 52.76
N ASP B 264 -4.46 25.67 52.81
CA ASP B 264 -4.01 26.25 54.08
C ASP B 264 -4.54 27.67 54.17
N ARG B 265 -5.64 27.83 54.87
CA ARG B 265 -6.42 29.05 54.78
C ARG B 265 -5.66 30.20 55.41
N ALA B 266 -4.77 29.92 56.37
CA ALA B 266 -4.00 30.99 56.98
C ALA B 266 -3.11 31.65 55.94
N ARG B 267 -2.79 30.94 54.87
CA ARG B 267 -1.86 31.45 53.88
C ARG B 267 -2.56 31.82 52.58
N TRP B 268 -3.89 31.80 52.58
CA TRP B 268 -4.64 32.17 51.40
C TRP B 268 -4.28 33.57 50.88
N PRO B 269 -4.10 34.59 51.74
CA PRO B 269 -3.75 35.93 51.25
C PRO B 269 -2.46 35.91 50.44
N GLU B 270 -1.51 35.09 50.89
CA GLU B 270 -0.23 34.92 50.22
C GLU B 270 -0.38 34.20 48.89
N LEU B 271 -1.13 33.10 48.88
CA LEU B 271 -1.44 32.37 47.65
C LEU B 271 -2.13 33.27 46.63
N ARG B 272 -3.14 34.02 47.09
CA ARG B 272 -3.88 34.94 46.24
C ARG B 272 -2.97 35.95 45.57
N ALA B 273 -2.01 36.51 46.33
CA ALA B 273 -1.10 37.50 45.75
C ALA B 273 -0.28 36.91 44.62
N LEU B 274 0.12 35.64 44.75
CA LEU B 274 0.93 34.97 43.74
C LEU B 274 0.10 34.72 42.48
N LEU B 275 -1.13 34.24 42.65
CA LEU B 275 -2.02 34.01 41.54
C LEU B 275 -2.44 35.34 40.91
N THR B 276 -2.65 36.37 41.73
CA THR B 276 -3.00 37.68 41.19
C THR B 276 -1.94 38.19 40.21
N GLU B 277 -0.67 38.08 40.60
CA GLU B 277 0.41 38.55 39.73
C GLU B 277 0.48 37.73 38.44
N ALA B 278 0.35 36.41 38.57
CA ALA B 278 0.36 35.54 37.41
C ALA B 278 -0.76 35.91 36.43
N PHE B 279 -2.03 35.97 36.89
CA PHE B 279 -3.11 36.29 35.97
C PHE B 279 -2.96 37.71 35.41
N ALA B 280 -2.29 38.62 36.12
CA ALA B 280 -2.23 40.01 35.65
C ALA B 280 -1.29 40.20 34.46
N SER B 281 -0.45 39.20 34.21
CA SER B 281 0.63 39.35 33.26
C SER B 281 0.20 39.05 31.82
N HIS B 282 -1.02 38.53 31.60
CA HIS B 282 -1.59 38.40 30.26
C HIS B 282 -3.07 38.79 30.27
N ASP B 283 -3.63 39.01 29.08
CA ASP B 283 -5.00 39.48 28.94
C ASP B 283 -5.98 38.30 28.98
N ARG B 284 -7.27 38.62 29.09
CA ARG B 284 -8.29 37.61 29.31
C ARG B 284 -8.28 36.58 28.17
N ASP B 285 -8.10 37.04 26.94
CA ASP B 285 -8.31 36.18 25.79
C ASP B 285 -7.17 35.19 25.69
N HIS B 286 -5.96 35.64 26.09
CA HIS B 286 -4.83 34.75 26.26
C HIS B 286 -5.16 33.58 27.19
N TRP B 287 -5.74 33.86 28.36
CA TRP B 287 -6.02 32.78 29.31
C TRP B 287 -7.11 31.87 28.77
N GLY B 288 -8.09 32.45 28.08
CA GLY B 288 -9.19 31.67 27.53
C GLY B 288 -8.68 30.63 26.53
N ALA B 289 -7.72 31.04 25.70
CA ALA B 289 -7.05 30.14 24.77
C ALA B 289 -6.20 29.11 25.51
N VAL B 290 -5.20 29.56 26.29
CA VAL B 290 -4.37 28.70 27.12
C VAL B 290 -5.17 27.56 27.78
N PHE B 291 -6.35 27.85 28.37
CA PHE B 291 -7.07 26.85 29.13
C PHE B 291 -8.24 26.19 28.37
N ALA B 292 -8.42 26.51 27.10
CA ALA B 292 -9.41 25.79 26.30
C ALA B 292 -9.11 24.29 26.30
N ASN B 293 -10.16 23.47 26.51
CA ASN B 293 -10.11 22.01 26.54
C ASN B 293 -9.43 21.49 27.79
N SER B 294 -9.13 22.39 28.72
CA SER B 294 -8.48 22.03 29.97
C SER B 294 -9.51 21.74 31.05
N ASP B 295 -9.10 20.98 32.06
CA ASP B 295 -9.84 20.87 33.29
C ASP B 295 -9.36 21.85 34.37
N ALA B 296 -8.72 22.96 34.01
CA ALA B 296 -8.18 23.92 34.97
C ALA B 296 -9.26 24.81 35.61
N CYS B 297 -10.48 24.81 35.06
CA CYS B 297 -11.63 25.54 35.57
C CYS B 297 -11.33 27.04 35.56
N VAL B 298 -10.88 27.52 34.40
CA VAL B 298 -10.58 28.91 34.19
C VAL B 298 -11.38 29.33 32.97
N THR B 299 -12.26 30.32 33.10
CA THR B 299 -13.10 30.74 32.00
C THR B 299 -13.10 32.26 31.91
N PRO B 300 -13.18 32.83 30.69
CA PRO B 300 -13.33 34.27 30.57
C PRO B 300 -14.66 34.70 31.19
N VAL B 301 -14.64 35.84 31.89
CA VAL B 301 -15.83 36.44 32.43
C VAL B 301 -16.36 37.41 31.38
N LEU B 302 -17.40 37.03 30.64
CA LEU B 302 -17.93 37.83 29.54
C LEU B 302 -19.02 38.77 30.06
N ALA B 303 -19.06 39.97 29.49
CA ALA B 303 -20.16 40.88 29.64
C ALA B 303 -21.31 40.47 28.74
N PHE B 304 -22.54 40.91 29.06
CA PHE B 304 -23.71 40.51 28.30
C PHE B 304 -23.48 40.69 26.80
N GLY B 305 -22.95 41.86 26.40
CA GLY B 305 -22.77 42.22 24.99
C GLY B 305 -21.75 41.36 24.20
N GLU B 306 -20.96 40.51 24.88
CA GLU B 306 -19.96 39.64 24.27
C GLU B 306 -20.48 38.21 24.15
N VAL B 307 -21.60 37.90 24.80
CA VAL B 307 -22.02 36.51 24.95
C VAL B 307 -22.40 35.93 23.58
N HIS B 308 -22.93 36.77 22.68
CA HIS B 308 -23.28 36.33 21.34
C HIS B 308 -22.04 35.93 20.51
N ASN B 309 -20.82 36.28 20.92
CA ASN B 309 -19.65 35.88 20.17
C ASN B 309 -18.96 34.65 20.74
N GLU B 310 -19.48 34.05 21.80
CA GLU B 310 -18.80 32.91 22.39
C GLU B 310 -19.25 31.63 21.69
N PRO B 311 -18.32 30.87 21.05
CA PRO B 311 -18.66 29.64 20.34
C PRO B 311 -19.55 28.67 21.11
N HIS B 312 -19.24 28.37 22.38
CA HIS B 312 -20.08 27.40 23.08
C HIS B 312 -21.54 27.88 23.21
N ILE B 313 -21.74 29.20 23.27
CA ILE B 313 -23.08 29.75 23.36
C ILE B 313 -23.77 29.65 21.99
N ILE B 314 -23.05 30.04 20.93
CA ILE B 314 -23.61 30.06 19.59
C ILE B 314 -24.08 28.66 19.22
N GLU B 315 -23.23 27.66 19.44
CA GLU B 315 -23.43 26.34 18.86
C GLU B 315 -24.51 25.53 19.58
N ARG B 316 -24.86 25.88 20.81
CA ARG B 316 -25.95 25.18 21.47
C ARG B 316 -27.25 25.99 21.35
N ASN B 317 -27.23 27.13 20.67
CA ASN B 317 -28.39 28.00 20.57
C ASN B 317 -29.03 28.28 21.93
N THR B 318 -28.23 28.71 22.90
CA THR B 318 -28.73 29.05 24.23
C THR B 318 -29.63 30.28 24.14
N PHE B 319 -29.42 31.10 23.10
CA PHE B 319 -30.14 32.34 22.85
C PHE B 319 -30.77 32.35 21.45
N TYR B 320 -31.83 33.13 21.25
CA TYR B 320 -32.37 33.46 19.94
C TYR B 320 -32.45 34.99 19.83
N GLU B 321 -32.30 35.55 18.63
CA GLU B 321 -32.51 36.98 18.43
C GLU B 321 -34.01 37.28 18.54
N ALA B 322 -34.38 38.39 19.17
CA ALA B 322 -35.72 38.94 19.02
C ALA B 322 -35.63 40.44 18.78
N ASN B 323 -36.79 41.10 18.77
CA ASN B 323 -37.00 42.43 19.33
C ASN B 323 -35.71 43.27 19.31
N GLY B 324 -35.29 43.79 20.47
CA GLY B 324 -34.07 44.59 20.56
C GLY B 324 -32.80 43.75 20.47
N GLY B 325 -32.82 42.56 21.09
CA GLY B 325 -31.66 41.71 21.13
C GLY B 325 -31.96 40.27 21.55
N TRP B 326 -30.89 39.61 21.99
CA TRP B 326 -30.89 38.21 22.33
C TRP B 326 -31.68 37.96 23.60
N GLN B 327 -32.33 36.81 23.65
CA GLN B 327 -33.05 36.36 24.81
C GLN B 327 -32.72 34.88 24.96
N PRO B 328 -32.77 34.35 26.19
CA PRO B 328 -32.55 32.94 26.42
C PRO B 328 -33.66 32.06 25.87
N MET B 329 -33.26 30.99 25.17
CA MET B 329 -34.17 29.95 24.74
C MET B 329 -34.66 29.20 25.97
N PRO B 330 -35.82 28.53 25.88
CA PRO B 330 -36.41 27.81 27.00
C PRO B 330 -35.41 26.84 27.63
N ALA B 331 -35.55 26.62 28.94
CA ALA B 331 -34.77 25.61 29.62
C ALA B 331 -35.68 24.88 30.57
N PRO B 332 -35.41 23.62 30.92
CA PRO B 332 -34.34 22.84 30.32
C PRO B 332 -34.79 22.32 28.95
N ARG B 333 -34.04 21.37 28.38
CA ARG B 333 -34.34 20.83 27.05
C ARG B 333 -34.86 19.39 27.15
N PHE B 334 -35.71 19.02 26.17
CA PHE B 334 -36.45 17.76 26.16
C PHE B 334 -36.22 16.99 24.86
N SER B 335 -36.01 15.67 24.91
CA SER B 335 -35.61 14.92 23.71
C SER B 335 -36.78 14.70 22.75
N ARG B 336 -37.95 14.29 23.27
CA ARG B 336 -39.13 13.97 22.46
C ARG B 336 -40.01 15.20 22.24
N THR B 337 -40.50 15.80 23.34
CA THR B 337 -41.45 16.90 23.21
C THR B 337 -40.75 18.22 23.45
N ALA B 338 -40.03 18.69 22.42
CA ALA B 338 -39.10 19.79 22.56
C ALA B 338 -39.84 21.11 22.51
N SER B 339 -39.36 22.07 23.31
CA SER B 339 -39.91 23.41 23.28
C SER B 339 -39.62 24.03 21.94
N SER B 340 -40.40 25.06 21.59
CA SER B 340 -40.11 25.82 20.40
C SER B 340 -39.68 27.21 20.85
N GLN B 341 -39.23 27.99 19.89
CA GLN B 341 -38.81 29.35 20.11
C GLN B 341 -39.97 30.18 20.65
N PRO B 342 -39.79 31.04 21.68
CA PRO B 342 -40.89 31.81 22.24
C PRO B 342 -41.64 32.74 21.30
N ARG B 343 -42.96 32.77 21.49
CA ARG B 343 -43.82 33.69 20.76
C ARG B 343 -43.72 35.04 21.47
N PRO B 344 -43.43 36.14 20.73
CA PRO B 344 -43.34 37.46 21.34
C PRO B 344 -44.63 37.85 22.04
N PRO B 345 -44.58 38.91 22.86
CA PRO B 345 -45.78 39.46 23.48
C PRO B 345 -46.72 39.99 22.39
N ALA B 346 -47.91 39.37 22.27
CA ALA B 346 -48.90 39.74 21.26
C ALA B 346 -49.82 40.84 21.81
N ALA B 347 -50.65 41.43 20.93
CA ALA B 347 -51.58 42.46 21.38
C ALA B 347 -52.66 41.84 22.27
N THR B 348 -53.24 42.71 23.11
CA THR B 348 -54.33 42.39 24.02
C THR B 348 -55.46 41.77 23.20
N ILE B 349 -56.08 40.72 23.73
CA ILE B 349 -57.23 40.12 23.08
C ILE B 349 -58.40 40.20 24.07
N ASP B 350 -59.62 39.93 23.60
CA ASP B 350 -60.79 39.98 24.47
C ASP B 350 -60.98 38.63 25.12
N ILE B 351 -61.49 38.66 26.35
CA ILE B 351 -61.54 37.53 27.25
C ILE B 351 -62.60 36.51 26.81
N GLU B 352 -63.55 36.99 25.99
CA GLU B 352 -64.58 36.15 25.40
C GLU B 352 -63.98 35.27 24.30
N ALA B 353 -63.14 35.86 23.44
CA ALA B 353 -62.36 35.10 22.45
C ALA B 353 -61.76 33.87 23.11
N VAL B 354 -61.10 34.09 24.26
CA VAL B 354 -60.38 33.03 24.94
C VAL B 354 -61.36 31.95 25.40
N LEU B 355 -62.47 32.39 26.01
CA LEU B 355 -63.47 31.45 26.52
C LEU B 355 -64.07 30.60 25.41
N THR B 356 -64.22 31.19 24.20
CA THR B 356 -64.62 30.44 23.01
C THR B 356 -63.62 29.32 22.76
N ASP B 357 -62.35 29.71 22.64
CA ASP B 357 -61.23 28.82 22.47
C ASP B 357 -61.24 27.69 23.51
N TRP B 358 -61.58 27.96 24.77
CA TRP B 358 -61.51 26.95 25.82
C TRP B 358 -62.83 26.20 26.07
N ASP B 359 -63.92 26.58 25.37
CA ASP B 359 -65.22 25.89 25.36
C ASP B 359 -66.32 26.74 26.02
N GLY B 360 -66.68 26.45 27.28
CA GLY B 360 -67.92 26.93 27.89
C GLY B 360 -67.89 28.41 28.24
N MET C 1 44.08 4.33 -56.56
CA MET C 1 43.34 5.50 -56.02
C MET C 1 44.34 6.59 -55.62
N ALA C 2 44.19 7.76 -56.24
CA ALA C 2 45.12 8.88 -56.07
C ALA C 2 44.80 9.64 -54.79
N GLY C 3 45.83 9.99 -54.02
CA GLY C 3 45.70 11.05 -53.03
C GLY C 3 46.29 10.65 -51.71
N PRO C 4 46.45 11.57 -50.76
CA PRO C 4 47.14 11.27 -49.52
C PRO C 4 46.48 10.21 -48.64
N LEU C 5 45.23 9.86 -48.96
CA LEU C 5 44.51 8.88 -48.17
C LEU C 5 44.23 7.63 -48.99
N SER C 6 44.97 7.40 -50.07
CA SER C 6 45.00 6.07 -50.67
C SER C 6 45.26 5.07 -49.55
N GLY C 7 44.44 4.03 -49.50
CA GLY C 7 44.63 2.97 -48.52
C GLY C 7 43.66 3.01 -47.34
N LEU C 8 43.03 4.17 -47.05
CA LEU C 8 42.09 4.26 -45.94
C LEU C 8 40.74 3.70 -46.39
N ARG C 9 40.10 2.95 -45.49
CA ARG C 9 38.85 2.28 -45.79
C ARG C 9 37.73 2.88 -44.95
N VAL C 10 36.68 3.35 -45.64
CA VAL C 10 35.62 4.08 -44.93
C VAL C 10 34.28 3.42 -45.18
N VAL C 11 33.60 3.17 -44.05
CA VAL C 11 32.21 2.74 -44.13
C VAL C 11 31.29 3.87 -43.65
N GLU C 12 30.39 4.24 -44.58
CA GLU C 12 29.43 5.32 -44.41
C GLU C 12 27.99 4.78 -44.35
N LEU C 13 27.36 4.97 -43.18
CA LEU C 13 25.92 4.75 -43.04
C LEU C 13 25.16 6.00 -43.53
N ALA C 14 24.52 5.84 -44.71
CA ALA C 14 23.82 6.93 -45.37
C ALA C 14 22.99 7.74 -44.36
N GLY C 15 23.33 9.03 -44.25
CA GLY C 15 22.54 10.04 -43.58
C GLY C 15 22.37 11.24 -44.52
N ILE C 16 22.12 12.43 -43.97
CA ILE C 16 21.99 13.63 -44.77
C ILE C 16 22.93 14.69 -44.19
N GLY C 17 23.34 15.66 -45.03
CA GLY C 17 24.03 16.82 -44.50
C GLY C 17 25.52 16.59 -44.30
N PRO C 18 26.06 16.71 -43.07
CA PRO C 18 27.49 16.63 -42.84
C PRO C 18 28.16 15.27 -43.07
N GLY C 19 27.53 14.18 -42.62
CA GLY C 19 28.09 12.83 -42.76
C GLY C 19 28.52 12.55 -44.19
N PRO C 20 27.63 12.72 -45.19
CA PRO C 20 28.01 12.49 -46.58
C PRO C 20 29.02 13.48 -47.16
N HIS C 21 29.14 14.66 -46.56
CA HIS C 21 30.07 15.65 -47.06
C HIS C 21 31.47 15.25 -46.58
N ALA C 22 31.57 14.88 -45.30
CA ALA C 22 32.78 14.29 -44.75
C ALA C 22 33.25 13.08 -45.55
N ALA C 23 32.31 12.26 -45.99
CA ALA C 23 32.64 11.03 -46.67
C ALA C 23 33.15 11.37 -48.05
N MET C 24 32.55 12.40 -48.65
CA MET C 24 32.90 12.80 -50.01
C MET C 24 34.35 13.31 -49.99
N ILE C 25 34.74 13.97 -48.90
CA ILE C 25 36.04 14.58 -48.83
C ILE C 25 37.10 13.50 -48.59
N LEU C 26 36.78 12.52 -47.74
CA LEU C 26 37.69 11.42 -47.53
C LEU C 26 37.91 10.68 -48.84
N GLY C 27 36.82 10.46 -49.57
CA GLY C 27 36.91 9.83 -50.88
C GLY C 27 37.65 10.70 -51.89
N ASP C 28 37.48 12.02 -51.79
CA ASP C 28 38.05 13.00 -52.72
C ASP C 28 39.58 12.87 -52.66
N LEU C 29 40.10 12.65 -51.45
CA LEU C 29 41.53 12.61 -51.17
C LEU C 29 42.09 11.17 -51.23
N GLY C 30 41.33 10.24 -51.83
CA GLY C 30 41.83 8.93 -52.18
C GLY C 30 41.25 7.76 -51.36
N ALA C 31 40.59 8.04 -50.23
CA ALA C 31 40.04 7.00 -49.36
C ALA C 31 39.01 6.15 -50.11
N ASP C 32 38.86 4.91 -49.62
CA ASP C 32 38.01 3.91 -50.24
C ASP C 32 36.69 3.90 -49.45
N VAL C 33 35.64 4.37 -50.14
CA VAL C 33 34.45 4.78 -49.42
C VAL C 33 33.29 3.91 -49.87
N VAL C 34 32.80 3.13 -48.88
CA VAL C 34 31.64 2.30 -49.07
C VAL C 34 30.48 2.82 -48.23
N ARG C 35 29.41 3.15 -48.96
CA ARG C 35 28.23 3.78 -48.40
C ARG C 35 27.09 2.78 -48.47
N ILE C 36 26.56 2.45 -47.29
CA ILE C 36 25.43 1.53 -47.17
C ILE C 36 24.13 2.32 -47.09
N ASP C 37 23.29 2.15 -48.12
CA ASP C 37 21.96 2.74 -48.18
C ASP C 37 20.87 1.66 -48.06
N ARG C 38 19.62 2.09 -47.81
CA ARG C 38 18.46 1.21 -47.84
C ARG C 38 18.04 0.88 -49.27
N PRO C 39 17.50 -0.35 -49.50
CA PRO C 39 16.95 -0.68 -50.82
C PRO C 39 15.80 0.25 -51.17
N SER C 40 15.09 0.75 -50.15
CA SER C 40 13.94 1.62 -50.32
C SER C 40 14.30 2.91 -51.06
N SER C 41 15.60 3.26 -51.13
CA SER C 41 16.01 4.58 -51.60
C SER C 41 16.56 4.58 -53.03
N VAL C 42 17.56 3.76 -53.35
CA VAL C 42 18.24 3.86 -54.65
C VAL C 42 17.43 3.11 -55.70
N ASP C 43 17.20 3.74 -56.87
CA ASP C 43 16.64 3.05 -58.03
C ASP C 43 17.07 3.69 -59.36
N GLY C 44 18.10 4.53 -59.33
CA GLY C 44 18.87 4.90 -60.51
C GLY C 44 20.37 4.98 -60.18
N ILE C 45 21.17 5.57 -61.07
CA ILE C 45 22.48 6.06 -60.67
C ILE C 45 22.19 7.39 -59.96
N SER C 46 22.53 7.48 -58.66
CA SER C 46 22.21 8.65 -57.85
C SER C 46 22.77 9.91 -58.51
N ARG C 47 21.90 10.89 -58.79
CA ARG C 47 22.37 12.08 -59.46
C ARG C 47 22.66 13.18 -58.44
N ASP C 48 23.10 12.81 -57.24
CA ASP C 48 23.65 13.78 -56.29
C ASP C 48 25.18 13.74 -56.37
N ALA C 49 25.79 14.77 -56.98
CA ALA C 49 27.25 14.81 -57.15
C ALA C 49 27.99 14.81 -55.81
N MET C 50 27.27 14.98 -54.66
CA MET C 50 27.86 14.84 -53.33
C MET C 50 28.20 13.37 -53.02
N LEU C 51 27.72 12.43 -53.86
CA LEU C 51 27.97 11.01 -53.70
C LEU C 51 28.99 10.53 -54.73
N ARG C 52 29.87 11.44 -55.15
CA ARG C 52 31.01 11.10 -55.98
C ARG C 52 32.01 10.35 -55.08
N ASN C 53 32.92 9.57 -55.70
CA ASN C 53 34.02 8.88 -55.03
C ASN C 53 33.49 7.92 -53.97
N ARG C 54 32.48 7.13 -54.37
CA ARG C 54 31.79 6.21 -53.48
C ARG C 54 31.64 4.83 -54.13
N ARG C 55 31.54 3.79 -53.29
CA ARG C 55 30.75 2.63 -53.69
C ARG C 55 29.46 2.58 -52.84
N ILE C 56 28.34 2.51 -53.56
CA ILE C 56 27.00 2.47 -52.97
C ILE C 56 26.57 1.01 -52.88
N VAL C 57 26.35 0.51 -51.65
CA VAL C 57 25.71 -0.79 -51.50
C VAL C 57 24.37 -0.63 -50.79
N THR C 58 23.36 -1.36 -51.31
CA THR C 58 22.03 -1.49 -50.71
C THR C 58 22.05 -2.61 -49.66
N ALA C 59 21.32 -2.42 -48.57
CA ALA C 59 21.31 -3.38 -47.46
C ALA C 59 20.41 -2.88 -46.35
N ASP C 60 19.42 -3.71 -46.02
CA ASP C 60 18.48 -3.50 -44.91
C ASP C 60 19.17 -3.86 -43.60
N LEU C 61 19.62 -2.85 -42.84
CA LEU C 61 20.29 -3.09 -41.56
C LEU C 61 19.34 -3.58 -40.49
N LYS C 62 18.06 -3.73 -40.79
CA LYS C 62 17.15 -4.23 -39.78
C LYS C 62 17.07 -5.75 -39.88
N SER C 63 17.23 -6.33 -41.08
CA SER C 63 17.26 -7.79 -41.27
C SER C 63 18.59 -8.35 -40.74
N ASP C 64 18.62 -9.67 -40.49
CA ASP C 64 19.72 -10.29 -39.78
C ASP C 64 20.92 -10.46 -40.71
N GLN C 65 20.60 -10.75 -41.98
CA GLN C 65 21.57 -10.83 -43.06
C GLN C 65 22.26 -9.47 -43.24
N GLY C 66 21.56 -8.54 -43.91
CA GLY C 66 21.79 -7.12 -43.79
C GLY C 66 22.80 -6.75 -42.68
N LEU C 67 22.48 -7.02 -41.39
CA LEU C 67 23.34 -6.59 -40.29
C LEU C 67 24.68 -7.33 -40.34
N GLU C 68 24.66 -8.55 -40.87
CA GLU C 68 25.85 -9.39 -40.83
C GLU C 68 26.77 -8.99 -41.98
N LEU C 69 26.22 -8.78 -43.20
CA LEU C 69 26.95 -8.21 -44.33
C LEU C 69 27.66 -6.88 -43.96
N ALA C 70 27.02 -6.05 -43.12
CA ALA C 70 27.57 -4.77 -42.72
C ALA C 70 28.60 -4.90 -41.62
N LEU C 71 28.35 -5.78 -40.65
CA LEU C 71 29.31 -5.99 -39.56
C LEU C 71 30.63 -6.58 -40.07
N LYS C 72 30.63 -7.13 -41.28
CA LYS C 72 31.84 -7.70 -41.88
C LYS C 72 32.69 -6.61 -42.52
N LEU C 73 32.06 -5.75 -43.35
CA LEU C 73 32.68 -4.54 -43.88
C LEU C 73 33.35 -3.76 -42.75
N ILE C 74 32.65 -3.54 -41.65
CA ILE C 74 33.19 -2.71 -40.58
C ILE C 74 34.44 -3.38 -40.02
N ALA C 75 34.54 -4.72 -40.13
CA ALA C 75 35.66 -5.45 -39.56
C ALA C 75 36.92 -5.25 -40.41
N LYS C 76 36.69 -5.20 -41.73
CA LYS C 76 37.69 -5.01 -42.77
C LYS C 76 37.97 -3.53 -43.06
N ALA C 77 37.69 -2.59 -42.14
CA ALA C 77 37.71 -1.17 -42.50
C ALA C 77 38.19 -0.29 -41.36
N ASP C 78 38.63 0.92 -41.71
CA ASP C 78 39.32 1.79 -40.76
C ASP C 78 38.39 2.79 -40.06
N VAL C 79 37.38 3.26 -40.81
CA VAL C 79 36.50 4.31 -40.30
C VAL C 79 35.05 3.96 -40.60
N LEU C 80 34.24 4.20 -39.56
CA LEU C 80 32.79 4.14 -39.65
C LEU C 80 32.23 5.54 -39.41
N ILE C 81 31.43 5.99 -40.38
CA ILE C 81 30.69 7.25 -40.28
C ILE C 81 29.19 6.97 -40.18
N GLU C 82 28.57 7.48 -39.10
CA GLU C 82 27.12 7.49 -38.98
C GLU C 82 26.60 8.83 -38.49
N GLY C 83 25.48 9.27 -39.09
CA GLY C 83 24.88 10.56 -38.76
C GLY C 83 23.40 10.46 -38.36
N TYR C 84 23.10 9.56 -37.44
CA TYR C 84 21.73 9.40 -36.97
C TYR C 84 21.63 9.93 -35.55
N ARG C 85 20.41 9.93 -35.01
CA ARG C 85 20.22 10.37 -33.64
C ARG C 85 20.98 9.41 -32.74
N PRO C 86 21.44 9.80 -31.55
CA PRO C 86 22.03 8.84 -30.61
C PRO C 86 21.04 7.71 -30.33
N GLY C 87 21.52 6.45 -30.39
CA GLY C 87 20.75 5.25 -30.09
C GLY C 87 20.58 4.43 -31.35
N VAL C 88 20.60 5.09 -32.47
CA VAL C 88 20.12 4.42 -33.66
C VAL C 88 21.07 3.29 -34.08
N THR C 89 22.38 3.47 -33.89
CA THR C 89 23.29 2.43 -34.37
C THR C 89 23.27 1.27 -33.37
N GLU C 90 23.33 1.58 -32.06
CA GLU C 90 23.17 0.61 -31.00
C GLU C 90 22.04 -0.35 -31.37
N ARG C 91 20.82 0.19 -31.45
CA ARG C 91 19.63 -0.62 -31.66
C ARG C 91 19.78 -1.43 -32.93
N LEU C 92 20.47 -0.94 -33.95
CA LEU C 92 20.64 -1.76 -35.13
C LEU C 92 21.60 -2.93 -34.85
N GLY C 93 22.37 -2.83 -33.76
CA GLY C 93 23.50 -3.75 -33.51
C GLY C 93 24.78 -3.33 -34.23
N LEU C 94 25.03 -2.00 -34.29
CA LEU C 94 26.15 -1.39 -35.00
C LEU C 94 26.71 -0.26 -34.17
N GLY C 95 26.49 -0.29 -32.85
CA GLY C 95 27.00 0.74 -31.97
C GLY C 95 28.51 0.63 -31.80
N PRO C 96 29.15 1.48 -30.96
CA PRO C 96 30.60 1.41 -30.77
C PRO C 96 30.96 -0.01 -30.33
N GLU C 97 30.36 -0.45 -29.21
CA GLU C 97 30.77 -1.64 -28.51
C GLU C 97 30.57 -2.89 -29.36
N GLU C 98 29.50 -2.96 -30.12
CA GLU C 98 29.33 -4.05 -31.05
C GLU C 98 30.38 -4.01 -32.17
N CYS C 99 30.82 -2.81 -32.55
CA CYS C 99 31.75 -2.67 -33.66
C CYS C 99 33.17 -2.98 -33.19
N ALA C 100 33.49 -2.49 -31.98
CA ALA C 100 34.74 -2.76 -31.29
C ALA C 100 35.02 -4.26 -31.21
N LYS C 101 33.98 -5.05 -30.91
CA LYS C 101 34.11 -6.49 -30.78
C LYS C 101 34.61 -7.14 -32.06
N VAL C 102 34.42 -6.52 -33.24
CA VAL C 102 34.93 -7.13 -34.47
C VAL C 102 36.06 -6.30 -35.10
N ASN C 103 36.64 -5.35 -34.35
CA ASN C 103 37.62 -4.42 -34.91
C ASN C 103 37.88 -3.32 -33.89
N ASP C 104 38.81 -3.56 -32.97
CA ASP C 104 39.12 -2.60 -31.92
C ASP C 104 40.06 -1.52 -32.47
N ARG C 105 40.35 -1.58 -33.78
CA ARG C 105 41.19 -0.54 -34.36
C ARG C 105 40.28 0.63 -34.76
N LEU C 106 39.04 0.32 -35.18
CA LEU C 106 38.10 1.21 -35.84
C LEU C 106 38.04 2.63 -35.26
N ILE C 107 38.00 3.60 -36.17
CA ILE C 107 37.60 4.97 -35.82
C ILE C 107 36.08 5.09 -36.02
N TYR C 108 35.40 5.34 -34.90
CA TYR C 108 33.94 5.34 -34.85
C TYR C 108 33.46 6.80 -34.86
N ALA C 109 32.99 7.24 -36.03
CA ALA C 109 32.69 8.67 -36.21
C ALA C 109 31.18 8.93 -36.16
N ARG C 110 30.80 9.72 -35.14
CA ARG C 110 29.41 10.04 -34.84
C ARG C 110 29.08 11.51 -35.15
N MET C 111 28.29 11.72 -36.19
CA MET C 111 28.00 13.06 -36.67
C MET C 111 26.58 13.48 -36.26
N THR C 112 26.49 14.38 -35.28
CA THR C 112 25.21 14.93 -34.86
C THR C 112 25.25 16.46 -34.75
N GLY C 113 24.05 17.01 -34.48
CA GLY C 113 23.89 18.42 -34.28
C GLY C 113 24.01 18.77 -32.82
N TRP C 114 23.26 18.06 -31.95
CA TRP C 114 23.17 18.49 -30.56
C TRP C 114 24.18 17.79 -29.65
N GLY C 115 24.86 16.74 -30.16
CA GLY C 115 25.74 15.93 -29.34
C GLY C 115 25.13 14.58 -28.93
N GLN C 116 25.84 13.79 -28.11
CA GLN C 116 25.45 12.41 -27.90
C GLN C 116 24.46 12.34 -26.75
N THR C 117 24.56 13.31 -25.84
CA THR C 117 23.72 13.36 -24.67
C THR C 117 23.26 14.79 -24.43
N GLY C 118 22.34 14.95 -23.48
CA GLY C 118 21.87 16.25 -23.03
C GLY C 118 20.44 16.48 -23.51
N PRO C 119 19.78 17.54 -23.03
CA PRO C 119 18.34 17.76 -23.28
C PRO C 119 17.83 17.83 -24.72
N ARG C 120 18.71 18.22 -25.68
CA ARG C 120 18.27 18.43 -27.05
C ARG C 120 18.67 17.23 -27.88
N SER C 121 19.23 16.21 -27.23
CA SER C 121 19.94 15.18 -27.95
C SER C 121 19.01 14.35 -28.81
N GLN C 122 17.68 14.36 -28.60
CA GLN C 122 16.86 13.61 -29.55
C GLN C 122 15.96 14.51 -30.41
N GLN C 123 16.09 15.82 -30.24
CA GLN C 123 15.37 16.78 -31.09
C GLN C 123 15.88 16.78 -32.53
N ALA C 124 14.99 16.55 -33.51
CA ALA C 124 15.28 16.85 -34.89
C ALA C 124 15.75 18.30 -35.02
N GLY C 125 16.59 18.52 -36.03
CA GLY C 125 17.15 19.83 -36.25
C GLY C 125 17.85 19.88 -37.59
N HIS C 126 18.05 21.11 -38.06
CA HIS C 126 18.90 21.40 -39.22
C HIS C 126 19.91 22.48 -38.81
N ASP C 127 20.83 22.75 -39.75
CA ASP C 127 21.84 23.79 -39.60
C ASP C 127 21.29 25.02 -38.87
N ILE C 128 20.21 25.62 -39.37
CA ILE C 128 19.72 26.87 -38.80
C ILE C 128 19.44 26.77 -37.30
N ASN C 129 19.04 25.56 -36.86
CA ASN C 129 18.75 25.34 -35.45
C ASN C 129 20.05 25.29 -34.64
N TYR C 130 21.05 24.57 -35.15
CA TYR C 130 22.26 24.36 -34.34
C TYR C 130 22.99 25.69 -34.14
N ILE C 131 22.95 26.57 -35.15
CA ILE C 131 23.62 27.86 -35.05
C ILE C 131 22.77 28.92 -34.35
N SER C 132 21.50 28.64 -34.08
CA SER C 132 20.69 29.62 -33.38
C SER C 132 21.02 29.62 -31.89
N LEU C 133 21.43 28.46 -31.37
CA LEU C 133 21.53 28.25 -29.93
C LEU C 133 22.88 28.72 -29.38
N ASN C 134 23.88 28.91 -30.25
CA ASN C 134 25.22 29.22 -29.78
C ASN C 134 25.62 30.63 -30.16
N GLY C 135 24.66 31.46 -30.59
CA GLY C 135 24.92 32.88 -30.79
C GLY C 135 25.30 33.25 -32.24
N ILE C 136 25.63 32.25 -33.05
CA ILE C 136 26.07 32.50 -34.42
C ILE C 136 25.00 33.14 -35.30
N LEU C 137 23.83 32.51 -35.42
CA LEU C 137 22.78 33.05 -36.26
C LEU C 137 22.43 34.48 -35.90
N HIS C 138 22.43 34.81 -34.62
CA HIS C 138 21.99 36.12 -34.22
C HIS C 138 22.93 37.19 -34.75
N ALA C 139 24.18 36.82 -35.03
CA ALA C 139 25.22 37.76 -35.42
C ALA C 139 25.19 38.06 -36.92
N ILE C 140 24.36 37.35 -37.71
CA ILE C 140 24.44 37.39 -39.16
C ILE C 140 23.27 38.16 -39.75
N GLY C 141 23.58 39.21 -40.51
CA GLY C 141 22.63 39.99 -41.24
C GLY C 141 22.72 41.48 -40.92
N ARG C 142 21.85 42.27 -41.54
CA ARG C 142 21.75 43.70 -41.22
C ARG C 142 21.04 43.91 -39.87
N GLY C 143 21.34 45.06 -39.26
CA GLY C 143 20.88 45.34 -37.91
C GLY C 143 19.39 45.66 -37.84
N ASP C 144 18.82 46.11 -38.95
CA ASP C 144 17.45 46.60 -38.95
C ASP C 144 16.52 45.50 -39.44
N GLU C 145 16.99 44.25 -39.40
CA GLU C 145 16.23 43.13 -39.94
C GLU C 145 16.52 41.88 -39.14
N ARG C 146 15.72 40.86 -39.42
CA ARG C 146 15.85 39.61 -38.71
C ARG C 146 17.02 38.81 -39.26
N PRO C 147 17.65 37.93 -38.46
CA PRO C 147 18.90 37.30 -38.89
C PRO C 147 18.66 36.45 -40.11
N VAL C 148 19.69 36.34 -40.93
CA VAL C 148 19.56 35.58 -42.16
C VAL C 148 20.45 34.36 -42.09
N PRO C 149 19.94 33.19 -42.53
CA PRO C 149 20.76 31.98 -42.52
C PRO C 149 21.87 32.09 -43.57
N PRO C 150 23.12 31.79 -43.20
CA PRO C 150 24.22 31.73 -44.15
C PRO C 150 24.26 30.40 -44.88
N LEU C 151 23.22 30.18 -45.67
CA LEU C 151 22.85 28.88 -46.16
C LEU C 151 23.06 27.87 -45.02
N ASN C 152 23.55 26.68 -45.35
CA ASN C 152 23.86 25.68 -44.35
C ASN C 152 25.36 25.47 -44.28
N LEU C 153 26.14 26.56 -44.41
CA LEU C 153 27.58 26.45 -44.56
C LEU C 153 28.27 26.33 -43.20
N VAL C 154 27.67 26.93 -42.18
CA VAL C 154 28.36 27.12 -40.92
C VAL C 154 28.09 25.97 -39.95
N GLY C 155 26.86 25.45 -39.93
CA GLY C 155 26.52 24.35 -39.02
C GLY C 155 26.84 22.98 -39.62
N ASP C 156 26.22 22.66 -40.76
CA ASP C 156 26.49 21.43 -41.44
C ASP C 156 27.97 21.31 -41.77
N PHE C 157 28.51 22.21 -42.59
CA PHE C 157 29.77 21.88 -43.27
C PHE C 157 30.92 22.42 -42.44
N GLY C 158 30.97 23.73 -42.26
CA GLY C 158 32.11 24.31 -41.61
C GLY C 158 32.30 23.80 -40.19
N GLY C 159 31.19 23.67 -39.47
CA GLY C 159 31.24 23.37 -38.06
C GLY C 159 30.81 21.94 -37.82
N GLY C 160 30.61 21.19 -38.90
CA GLY C 160 30.06 19.84 -38.81
C GLY C 160 30.95 18.80 -39.45
N SER C 161 30.76 18.58 -40.76
CA SER C 161 31.59 17.65 -41.52
C SER C 161 33.07 17.93 -41.30
N MET C 162 33.48 19.21 -41.34
CA MET C 162 34.91 19.50 -41.29
C MET C 162 35.47 19.13 -39.92
N PHE C 163 34.74 19.32 -38.81
CA PHE C 163 35.23 18.89 -37.52
C PHE C 163 35.16 17.37 -37.36
N LEU C 164 34.25 16.72 -38.09
CA LEU C 164 34.25 15.28 -38.15
C LEU C 164 35.56 14.79 -38.77
N LEU C 165 35.96 15.38 -39.91
CA LEU C 165 37.20 15.09 -40.59
C LEU C 165 38.39 15.35 -39.65
N VAL C 166 38.43 16.48 -38.99
CA VAL C 166 39.56 16.71 -38.12
C VAL C 166 39.59 15.68 -36.98
N GLY C 167 38.43 15.23 -36.51
CA GLY C 167 38.38 14.25 -35.43
C GLY C 167 38.87 12.87 -35.88
N ILE C 168 38.38 12.41 -37.02
CA ILE C 168 38.80 11.15 -37.62
C ILE C 168 40.33 11.13 -37.78
N LEU C 169 40.85 12.07 -38.57
CA LEU C 169 42.24 12.02 -39.01
C LEU C 169 43.16 12.19 -37.82
N ALA C 170 42.73 12.93 -36.78
CA ALA C 170 43.51 13.09 -35.56
C ALA C 170 43.51 11.82 -34.71
N ALA C 171 42.54 10.93 -34.91
CA ALA C 171 42.49 9.73 -34.09
C ALA C 171 43.18 8.61 -34.84
N LEU C 172 43.23 8.73 -36.19
CA LEU C 172 44.09 7.92 -37.04
C LEU C 172 45.58 8.15 -36.74
N TRP C 173 45.96 9.40 -36.44
CA TRP C 173 47.29 9.70 -35.96
C TRP C 173 47.53 9.04 -34.62
N GLU C 174 46.61 9.26 -33.68
CA GLU C 174 46.72 8.71 -32.34
C GLU C 174 46.88 7.19 -32.40
N ARG C 175 46.29 6.56 -33.42
CA ARG C 175 46.21 5.11 -33.54
C ARG C 175 47.56 4.50 -33.91
N GLN C 176 48.43 5.29 -34.57
CA GLN C 176 49.77 4.86 -34.93
C GLN C 176 50.51 4.55 -33.62
N SER C 177 50.57 5.50 -32.69
CA SER C 177 50.98 5.26 -31.32
C SER C 177 50.37 3.97 -30.76
N SER C 178 49.04 3.98 -30.54
CA SER C 178 48.42 3.08 -29.59
C SER C 178 47.85 1.80 -30.21
N GLY C 179 47.80 1.65 -31.54
CA GLY C 179 47.21 0.46 -32.15
C GLY C 179 45.67 0.36 -31.99
N LYS C 180 45.06 1.34 -31.28
CA LYS C 180 43.66 1.31 -30.81
C LYS C 180 42.80 2.47 -31.36
N GLY C 181 41.58 2.11 -31.74
CA GLY C 181 40.58 3.08 -32.16
C GLY C 181 40.01 3.90 -31.01
N GLN C 182 38.93 4.59 -31.34
CA GLN C 182 38.08 5.28 -30.37
C GLN C 182 36.89 5.84 -31.14
N VAL C 183 36.07 6.58 -30.40
CA VAL C 183 34.89 7.23 -30.97
C VAL C 183 35.16 8.73 -31.06
N VAL C 184 34.75 9.29 -32.20
CA VAL C 184 34.74 10.74 -32.38
C VAL C 184 33.30 11.24 -32.30
N ASP C 185 33.03 12.13 -31.33
CA ASP C 185 31.75 12.80 -31.11
C ASP C 185 31.83 14.23 -31.70
N ALA C 186 31.42 14.36 -32.97
CA ALA C 186 31.35 15.64 -33.64
C ALA C 186 29.93 16.19 -33.59
N ALA C 187 29.71 17.21 -32.77
CA ALA C 187 28.43 17.91 -32.75
C ALA C 187 28.51 19.33 -33.35
N MET C 188 27.55 19.67 -34.21
CA MET C 188 27.57 20.91 -34.97
C MET C 188 27.57 22.11 -34.02
N VAL C 189 26.87 21.98 -32.90
CA VAL C 189 26.79 23.10 -31.98
C VAL C 189 28.16 23.38 -31.35
N ASP C 190 29.02 22.34 -31.30
CA ASP C 190 30.36 22.48 -30.75
C ASP C 190 31.33 23.02 -31.81
N GLY C 191 31.41 22.32 -32.94
CA GLY C 191 32.29 22.67 -34.03
C GLY C 191 32.08 24.12 -34.47
N SER C 192 30.80 24.51 -34.60
CA SER C 192 30.45 25.81 -35.14
C SER C 192 30.90 26.83 -34.13
N SER C 193 30.88 26.46 -32.84
CA SER C 193 31.30 27.36 -31.77
C SER C 193 32.83 27.59 -31.84
N VAL C 194 33.58 26.57 -32.25
CA VAL C 194 35.04 26.67 -32.36
C VAL C 194 35.40 27.47 -33.62
N LEU C 195 34.71 27.14 -34.72
CA LEU C 195 34.74 27.92 -35.96
C LEU C 195 34.63 29.41 -35.68
N ILE C 196 33.78 29.81 -34.73
CA ILE C 196 33.59 31.23 -34.46
C ILE C 196 34.37 31.65 -33.23
N GLN C 197 35.44 30.91 -32.87
CA GLN C 197 36.25 31.28 -31.71
C GLN C 197 36.75 32.73 -31.78
N MET C 198 37.10 33.23 -32.97
CA MET C 198 37.58 34.61 -33.07
C MET C 198 36.62 35.63 -32.43
N MET C 199 35.30 35.43 -32.59
CA MET C 199 34.36 36.44 -32.12
C MET C 199 34.25 36.36 -30.60
N TRP C 200 34.34 35.15 -30.05
CA TRP C 200 34.33 34.96 -28.62
C TRP C 200 35.55 35.63 -27.99
N ALA C 201 36.72 35.50 -28.64
CA ALA C 201 37.92 36.22 -28.22
C ALA C 201 37.71 37.73 -28.31
N MET C 202 37.23 38.20 -29.46
CA MET C 202 37.12 39.63 -29.70
C MET C 202 36.11 40.25 -28.73
N ARG C 203 35.20 39.40 -28.24
CA ARG C 203 34.14 39.84 -27.36
C ARG C 203 34.70 40.05 -25.96
N ALA C 204 35.65 39.20 -25.54
CA ALA C 204 36.33 39.34 -24.26
C ALA C 204 37.11 40.66 -24.20
N THR C 205 37.80 40.98 -25.29
CA THR C 205 38.63 42.17 -25.28
C THR C 205 37.84 43.41 -25.71
N GLY C 206 36.49 43.36 -25.65
CA GLY C 206 35.66 44.51 -25.99
C GLY C 206 35.64 44.86 -27.49
N MET C 207 36.12 43.95 -28.35
CA MET C 207 36.27 44.25 -29.77
C MET C 207 35.07 43.74 -30.60
N TRP C 208 34.02 43.18 -29.96
CA TRP C 208 32.90 42.62 -30.70
C TRP C 208 31.66 42.76 -29.85
N THR C 209 30.58 43.36 -30.41
CA THR C 209 29.34 43.61 -29.69
C THR C 209 28.23 42.65 -30.16
N ASP C 210 27.28 42.40 -29.26
CA ASP C 210 26.18 41.51 -29.54
C ASP C 210 25.20 42.18 -30.51
N THR C 211 25.33 43.49 -30.75
CA THR C 211 24.52 44.21 -31.71
C THR C 211 24.84 43.79 -33.14
N ARG C 212 23.80 43.45 -33.88
CA ARG C 212 23.96 42.90 -35.21
C ARG C 212 24.23 44.06 -36.16
N GLY C 213 25.16 43.86 -37.09
CA GLY C 213 25.40 44.87 -38.12
C GLY C 213 26.20 46.07 -37.58
N ALA C 214 26.91 45.91 -36.47
CA ALA C 214 27.68 46.99 -35.86
C ALA C 214 29.14 46.60 -35.55
N ASN C 215 29.70 45.63 -36.27
CA ASN C 215 31.06 45.18 -36.02
C ASN C 215 31.90 45.23 -37.29
N MET C 216 33.17 44.84 -37.15
CA MET C 216 34.14 45.04 -38.20
C MET C 216 33.87 44.06 -39.32
N LEU C 217 33.36 42.87 -38.97
CA LEU C 217 33.28 41.78 -39.92
C LEU C 217 31.85 41.33 -40.25
N ASP C 218 30.81 42.03 -39.81
CA ASP C 218 29.45 41.55 -40.01
C ASP C 218 28.73 42.35 -41.07
N GLY C 219 29.43 43.32 -41.66
CA GLY C 219 28.85 44.21 -42.64
C GLY C 219 28.64 45.61 -42.09
N GLY C 220 28.89 45.81 -40.79
CA GLY C 220 28.84 47.13 -40.17
C GLY C 220 29.95 48.10 -40.61
N ALA C 221 31.17 47.61 -40.91
CA ALA C 221 32.25 48.48 -41.33
C ALA C 221 32.08 48.87 -42.79
N PRO C 222 32.13 50.16 -43.14
CA PRO C 222 32.05 50.56 -44.55
C PRO C 222 33.13 49.96 -45.46
N TYR C 223 34.24 49.55 -44.85
CA TYR C 223 35.37 49.00 -45.58
C TYR C 223 35.36 47.47 -45.56
N TYR C 224 34.33 46.86 -44.97
CA TYR C 224 34.17 45.42 -45.06
C TYR C 224 32.69 45.11 -45.33
N ASP C 225 32.31 45.10 -46.60
CA ASP C 225 30.92 45.02 -47.00
C ASP C 225 30.78 44.96 -48.51
N THR C 226 29.57 44.75 -49.01
CA THR C 226 29.32 44.82 -50.42
C THR C 226 28.79 46.20 -50.78
N TYR C 227 28.95 46.59 -52.04
CA TYR C 227 28.38 47.81 -52.58
C TYR C 227 27.75 47.52 -53.93
N GLU C 228 26.62 48.19 -54.18
CA GLU C 228 25.98 48.08 -55.47
C GLU C 228 26.63 49.04 -56.46
N CYS C 229 26.76 48.58 -57.71
CA CYS C 229 27.41 49.31 -58.80
C CYS C 229 26.37 49.90 -59.74
N ALA C 230 26.80 50.67 -60.76
CA ALA C 230 25.92 51.38 -61.67
C ALA C 230 24.99 50.41 -62.38
N ASP C 231 25.46 49.17 -62.52
CA ASP C 231 24.80 48.17 -63.33
C ASP C 231 23.90 47.29 -62.49
N GLY C 232 23.71 47.59 -61.20
CA GLY C 232 22.93 46.72 -60.34
C GLY C 232 23.68 45.50 -59.80
N ARG C 233 24.95 45.29 -60.20
CA ARG C 233 25.77 44.20 -59.69
C ARG C 233 26.60 44.71 -58.51
N TYR C 234 27.36 43.81 -57.89
CA TYR C 234 27.99 44.15 -56.62
C TYR C 234 29.50 43.94 -56.67
N VAL C 235 30.20 44.75 -55.89
CA VAL C 235 31.56 44.45 -55.46
C VAL C 235 31.61 44.23 -53.97
N ALA C 236 32.67 43.52 -53.57
CA ALA C 236 32.98 43.31 -52.17
C ALA C 236 34.24 44.09 -51.85
N VAL C 237 34.20 44.76 -50.69
CA VAL C 237 35.33 45.49 -50.20
C VAL C 237 35.73 44.88 -48.87
N GLY C 238 37.02 44.55 -48.76
CA GLY C 238 37.59 43.91 -47.58
C GLY C 238 38.84 44.59 -47.05
N ALA C 239 38.90 45.92 -47.21
CA ALA C 239 40.12 46.69 -46.97
C ALA C 239 40.27 47.04 -45.49
N ILE C 240 40.58 46.05 -44.67
CA ILE C 240 40.74 46.30 -43.25
C ILE C 240 42.02 47.08 -42.91
N GLU C 241 43.16 46.61 -43.44
CA GLU C 241 44.44 47.26 -43.17
C GLU C 241 44.41 48.68 -43.72
N PRO C 242 44.92 49.69 -42.98
CA PRO C 242 44.85 51.08 -43.46
C PRO C 242 45.51 51.37 -44.81
N GLN C 243 46.59 50.66 -45.17
CA GLN C 243 47.25 50.89 -46.46
C GLN C 243 46.34 50.45 -47.59
N PHE C 244 45.72 49.29 -47.38
CA PHE C 244 44.81 48.76 -48.38
C PHE C 244 43.63 49.70 -48.57
N TYR C 245 43.05 50.14 -47.46
CA TYR C 245 41.92 51.06 -47.44
C TYR C 245 42.26 52.33 -48.23
N ALA C 246 43.45 52.89 -47.97
CA ALA C 246 43.91 54.12 -48.61
C ALA C 246 44.01 53.89 -50.12
N ALA C 247 44.49 52.72 -50.54
CA ALA C 247 44.55 52.44 -51.97
C ALA C 247 43.15 52.33 -52.54
N MET C 248 42.23 51.81 -51.73
CA MET C 248 40.85 51.68 -52.20
C MET C 248 40.24 53.06 -52.48
N LEU C 249 40.38 53.99 -51.52
CA LEU C 249 39.89 55.36 -51.66
C LEU C 249 40.46 56.04 -52.91
N ALA C 250 41.78 55.90 -53.15
CA ALA C 250 42.36 56.58 -54.30
C ALA C 250 41.79 56.01 -55.59
N GLY C 251 41.57 54.69 -55.65
CA GLY C 251 40.97 54.09 -56.83
C GLY C 251 39.55 54.58 -57.10
N LEU C 252 38.82 54.92 -56.03
CA LEU C 252 37.48 55.47 -56.13
C LEU C 252 37.47 56.94 -56.56
N GLY C 253 38.62 57.62 -56.48
CA GLY C 253 38.71 59.04 -56.81
C GLY C 253 38.41 59.90 -55.60
N LEU C 254 38.44 59.33 -54.39
CA LEU C 254 38.16 60.07 -53.17
C LEU C 254 39.48 60.48 -52.52
N ASP C 255 39.44 61.68 -51.95
CA ASP C 255 40.58 62.21 -51.23
C ASP C 255 40.33 61.94 -49.75
N ALA C 256 41.16 61.10 -49.12
CA ALA C 256 41.04 60.77 -47.71
C ALA C 256 40.93 62.02 -46.83
N ALA C 257 41.51 63.14 -47.24
CA ALA C 257 41.48 64.32 -46.38
C ALA C 257 40.08 64.91 -46.27
N GLU C 258 39.10 64.43 -47.07
CA GLU C 258 37.74 64.94 -47.02
C GLU C 258 36.77 63.93 -46.39
N LEU C 259 37.29 62.85 -45.81
CA LEU C 259 36.43 61.77 -45.35
C LEU C 259 36.63 61.60 -43.85
N PRO C 260 35.65 61.02 -43.14
CA PRO C 260 35.87 60.66 -41.75
C PRO C 260 36.97 59.63 -41.67
N PRO C 261 37.59 59.47 -40.48
CA PRO C 261 38.57 58.40 -40.26
C PRO C 261 37.97 57.02 -40.52
N GLN C 262 38.82 56.07 -40.92
CA GLN C 262 38.41 54.72 -41.27
C GLN C 262 37.69 54.05 -40.11
N ASN C 263 38.19 54.26 -38.90
CA ASN C 263 37.67 53.55 -37.74
C ASN C 263 37.06 54.49 -36.71
N ASP C 264 36.50 55.64 -37.12
CA ASP C 264 35.58 56.39 -36.27
C ASP C 264 34.15 55.84 -36.47
N ARG C 265 33.71 54.96 -35.57
CA ARG C 265 32.49 54.18 -35.80
C ARG C 265 31.28 55.09 -35.77
N ALA C 266 31.31 56.16 -34.98
CA ALA C 266 30.24 57.14 -34.97
C ALA C 266 29.96 57.70 -36.37
N ARG C 267 30.95 57.72 -37.28
CA ARG C 267 30.73 58.37 -38.57
C ARG C 267 30.71 57.33 -39.68
N TRP C 268 30.58 56.06 -39.30
CA TRP C 268 30.49 55.03 -40.32
C TRP C 268 29.32 55.29 -41.28
N PRO C 269 28.14 55.73 -40.82
CA PRO C 269 27.03 55.98 -41.76
C PRO C 269 27.38 57.05 -42.80
N GLU C 270 28.10 58.09 -42.37
CA GLU C 270 28.54 59.18 -43.23
C GLU C 270 29.56 58.64 -44.24
N LEU C 271 30.52 57.84 -43.74
CA LEU C 271 31.55 57.29 -44.58
C LEU C 271 30.92 56.34 -45.61
N ARG C 272 30.02 55.46 -45.15
CA ARG C 272 29.33 54.55 -46.05
C ARG C 272 28.59 55.29 -47.16
N ALA C 273 27.96 56.43 -46.81
CA ALA C 273 27.25 57.23 -47.81
C ALA C 273 28.20 57.68 -48.93
N LEU C 274 29.41 58.10 -48.59
CA LEU C 274 30.35 58.57 -49.61
C LEU C 274 30.84 57.41 -50.49
N LEU C 275 31.19 56.27 -49.88
CA LEU C 275 31.62 55.10 -50.61
C LEU C 275 30.47 54.57 -51.45
N THR C 276 29.24 54.63 -50.92
CA THR C 276 28.11 54.15 -51.70
C THR C 276 28.02 54.92 -53.02
N GLU C 277 28.12 56.24 -52.93
CA GLU C 277 27.98 57.07 -54.12
C GLU C 277 29.15 56.83 -55.07
N ALA C 278 30.38 56.67 -54.55
CA ALA C 278 31.51 56.43 -55.45
C ALA C 278 31.34 55.10 -56.21
N PHE C 279 31.00 54.00 -55.50
CA PHE C 279 30.84 52.71 -56.17
C PHE C 279 29.69 52.71 -57.17
N ALA C 280 28.61 53.47 -56.87
CA ALA C 280 27.45 53.42 -57.77
C ALA C 280 27.73 54.18 -59.08
N SER C 281 28.82 54.96 -59.16
CA SER C 281 29.11 55.75 -60.35
C SER C 281 29.59 54.90 -61.53
N HIS C 282 30.04 53.67 -61.31
CA HIS C 282 30.53 52.84 -62.40
C HIS C 282 30.08 51.40 -62.19
N ASP C 283 30.18 50.59 -63.25
CA ASP C 283 29.68 49.23 -63.19
C ASP C 283 30.74 48.29 -62.59
N ARG C 284 30.35 47.04 -62.31
CA ARG C 284 31.20 46.10 -61.57
C ARG C 284 32.46 45.78 -62.35
N ASP C 285 32.37 45.58 -63.66
CA ASP C 285 33.52 45.27 -64.49
C ASP C 285 34.55 46.41 -64.45
N HIS C 286 34.09 47.64 -64.37
CA HIS C 286 34.99 48.78 -64.28
C HIS C 286 35.83 48.68 -63.03
N TRP C 287 35.18 48.38 -61.90
CA TRP C 287 35.91 48.25 -60.63
C TRP C 287 36.85 47.06 -60.68
N GLY C 288 36.44 45.99 -61.33
CA GLY C 288 37.25 44.81 -61.54
C GLY C 288 38.57 45.16 -62.22
N ALA C 289 38.49 45.87 -63.34
CA ALA C 289 39.66 46.33 -64.08
C ALA C 289 40.51 47.28 -63.24
N VAL C 290 39.92 48.41 -62.83
CA VAL C 290 40.57 49.42 -62.03
C VAL C 290 41.40 48.83 -60.87
N PHE C 291 40.94 47.75 -60.23
CA PHE C 291 41.63 47.27 -59.03
C PHE C 291 42.34 45.93 -59.25
N ALA C 292 42.39 45.42 -60.49
CA ALA C 292 43.22 44.25 -60.78
C ALA C 292 44.68 44.61 -60.47
N ASN C 293 45.36 43.69 -59.76
CA ASN C 293 46.76 43.76 -59.38
C ASN C 293 47.00 44.67 -58.20
N SER C 294 45.90 45.16 -57.63
CA SER C 294 45.90 46.12 -56.52
C SER C 294 45.76 45.40 -55.17
N ASP C 295 46.20 46.07 -54.10
CA ASP C 295 45.96 45.64 -52.74
C ASP C 295 44.71 46.30 -52.14
N ALA C 296 43.82 46.81 -52.97
CA ALA C 296 42.68 47.57 -52.46
C ALA C 296 41.62 46.69 -51.78
N CYS C 297 41.70 45.36 -51.97
CA CYS C 297 40.76 44.36 -51.46
C CYS C 297 39.35 44.62 -51.98
N VAL C 298 39.23 44.78 -53.31
CA VAL C 298 37.96 45.00 -53.95
C VAL C 298 37.82 43.95 -55.03
N THR C 299 36.72 43.18 -54.99
CA THR C 299 36.56 42.04 -55.89
C THR C 299 35.15 42.09 -56.46
N PRO C 300 34.94 41.62 -57.70
CA PRO C 300 33.59 41.41 -58.19
C PRO C 300 32.88 40.34 -57.38
N VAL C 301 31.60 40.55 -57.07
CA VAL C 301 30.78 39.54 -56.42
C VAL C 301 30.10 38.76 -57.53
N LEU C 302 30.66 37.60 -57.86
CA LEU C 302 30.17 36.82 -59.00
C LEU C 302 29.09 35.84 -58.53
N ALA C 303 28.07 35.66 -59.37
CA ALA C 303 27.07 34.61 -59.17
C ALA C 303 27.59 33.28 -59.70
N PHE C 304 26.98 32.19 -59.21
CA PHE C 304 27.47 30.86 -59.51
C PHE C 304 27.68 30.73 -61.02
N GLY C 305 26.68 31.11 -61.80
CA GLY C 305 26.69 30.91 -63.24
C GLY C 305 27.77 31.70 -63.98
N GLU C 306 28.43 32.69 -63.35
CA GLU C 306 29.50 33.46 -63.97
C GLU C 306 30.90 33.01 -63.57
N VAL C 307 31.02 32.13 -62.57
CA VAL C 307 32.29 31.77 -61.96
C VAL C 307 33.25 31.13 -62.98
N HIS C 308 32.71 30.33 -63.90
CA HIS C 308 33.45 29.60 -64.93
C HIS C 308 34.11 30.54 -65.94
N ASN C 309 33.68 31.80 -65.99
CA ASN C 309 34.28 32.78 -66.87
C ASN C 309 35.34 33.61 -66.16
N GLU C 310 35.69 33.29 -64.90
CA GLU C 310 36.67 34.11 -64.21
C GLU C 310 38.08 33.51 -64.36
N PRO C 311 39.05 34.27 -64.92
CA PRO C 311 40.42 33.81 -65.12
C PRO C 311 41.13 33.15 -63.95
N HIS C 312 41.07 33.74 -62.75
CA HIS C 312 41.76 33.10 -61.64
C HIS C 312 41.14 31.74 -61.27
N ILE C 313 39.84 31.56 -61.52
CA ILE C 313 39.17 30.29 -61.29
C ILE C 313 39.58 29.30 -62.40
N ILE C 314 39.51 29.73 -63.66
CA ILE C 314 39.82 28.86 -64.77
C ILE C 314 41.26 28.36 -64.63
N GLU C 315 42.17 29.31 -64.44
CA GLU C 315 43.59 29.02 -64.55
C GLU C 315 44.04 28.08 -63.44
N ARG C 316 43.45 28.13 -62.23
CA ARG C 316 43.86 27.18 -61.21
C ARG C 316 43.04 25.87 -61.19
N ASN C 317 42.13 25.67 -62.13
CA ASN C 317 41.34 24.45 -62.17
C ASN C 317 40.62 24.21 -60.84
N THR C 318 39.95 25.24 -60.31
CA THR C 318 39.22 25.08 -59.06
C THR C 318 37.99 24.17 -59.27
N PHE C 319 37.45 24.14 -60.50
CA PHE C 319 36.26 23.38 -60.88
C PHE C 319 36.56 22.43 -62.05
N TYR C 320 35.72 21.37 -62.21
CA TYR C 320 35.75 20.47 -63.35
C TYR C 320 34.32 20.33 -63.86
N GLU C 321 34.12 20.05 -65.16
CA GLU C 321 32.80 19.75 -65.71
C GLU C 321 32.38 18.31 -65.40
N ALA C 322 31.08 18.14 -65.15
CA ALA C 322 30.49 16.85 -64.85
C ALA C 322 28.98 16.99 -64.97
N ASN C 323 28.40 16.39 -66.02
CA ASN C 323 26.96 16.24 -66.09
C ASN C 323 26.28 17.61 -66.03
N GLY C 324 26.32 18.33 -67.17
CA GLY C 324 25.70 19.65 -67.26
C GLY C 324 25.79 20.43 -65.95
N GLY C 325 27.02 20.70 -65.51
CA GLY C 325 27.26 21.42 -64.28
C GLY C 325 28.70 21.29 -63.81
N TRP C 326 29.32 22.42 -63.51
CA TRP C 326 30.63 22.44 -62.87
C TRP C 326 30.51 22.03 -61.42
N GLN C 327 31.57 21.38 -60.93
CA GLN C 327 31.70 20.88 -59.58
C GLN C 327 33.11 21.22 -59.14
N PRO C 328 33.29 21.53 -57.85
CA PRO C 328 34.58 21.87 -57.34
C PRO C 328 35.50 20.66 -57.24
N MET C 329 36.74 20.86 -57.68
CA MET C 329 37.81 19.90 -57.49
C MET C 329 38.15 19.75 -56.02
N PRO C 330 38.72 18.59 -55.66
CA PRO C 330 39.13 18.31 -54.29
C PRO C 330 40.01 19.37 -53.67
N ALA C 331 39.90 19.55 -52.36
CA ALA C 331 40.69 20.53 -51.66
C ALA C 331 41.03 19.91 -50.32
N PRO C 332 42.17 20.29 -49.68
CA PRO C 332 43.15 21.19 -50.26
C PRO C 332 43.99 20.41 -51.26
N ARG C 333 45.14 20.97 -51.66
CA ARG C 333 45.96 20.35 -52.71
C ARG C 333 47.27 19.85 -52.11
N PHE C 334 47.84 18.84 -52.78
CA PHE C 334 49.00 18.08 -52.29
C PHE C 334 50.13 18.06 -53.35
N SER C 335 51.37 18.37 -52.97
CA SER C 335 52.51 18.37 -53.90
C SER C 335 52.83 16.96 -54.45
N ARG C 336 53.00 15.96 -53.57
CA ARG C 336 53.43 14.63 -54.01
C ARG C 336 52.27 13.70 -54.38
N THR C 337 51.34 13.42 -53.44
CA THR C 337 50.22 12.53 -53.73
C THR C 337 48.97 13.34 -54.09
N ALA C 338 48.85 13.67 -55.37
CA ALA C 338 47.80 14.59 -55.77
C ALA C 338 46.51 13.80 -55.91
N SER C 339 45.40 14.45 -55.55
CA SER C 339 44.07 13.94 -55.82
C SER C 339 43.82 13.90 -57.32
N SER C 340 42.93 13.01 -57.77
CA SER C 340 42.47 13.01 -59.15
C SER C 340 41.07 13.61 -59.24
N GLN C 341 40.63 13.81 -60.48
CA GLN C 341 39.26 14.23 -60.74
C GLN C 341 38.32 13.25 -60.03
N PRO C 342 37.26 13.70 -59.33
CA PRO C 342 36.35 12.78 -58.66
C PRO C 342 35.59 11.87 -59.62
N ARG C 343 35.30 10.62 -59.20
CA ARG C 343 34.55 9.66 -60.01
C ARG C 343 33.05 9.91 -59.84
N PRO C 344 32.24 9.96 -60.92
CA PRO C 344 30.81 10.21 -60.76
C PRO C 344 30.16 9.16 -59.87
N PRO C 345 28.96 9.42 -59.33
CA PRO C 345 28.22 8.42 -58.56
C PRO C 345 28.10 7.11 -59.35
N ALA C 346 28.54 6.02 -58.71
CA ALA C 346 28.58 4.68 -59.31
C ALA C 346 27.18 4.06 -59.28
N ALA C 347 26.94 3.10 -60.18
CA ALA C 347 25.79 2.22 -60.08
C ALA C 347 25.94 1.35 -58.82
N THR C 348 24.81 0.89 -58.28
CA THR C 348 24.81 0.13 -57.03
C THR C 348 25.73 -1.08 -57.19
N ILE C 349 26.44 -1.42 -56.12
CA ILE C 349 27.32 -2.55 -56.12
C ILE C 349 26.71 -3.57 -55.17
N ASP C 350 27.02 -4.85 -55.43
CA ASP C 350 26.64 -5.94 -54.55
C ASP C 350 27.60 -5.96 -53.35
N ILE C 351 27.05 -5.97 -52.14
CA ILE C 351 27.86 -5.79 -50.93
C ILE C 351 28.81 -6.98 -50.76
N GLU C 352 28.45 -8.11 -51.36
CA GLU C 352 29.30 -9.29 -51.41
C GLU C 352 30.61 -8.97 -52.12
N ALA C 353 30.49 -8.48 -53.37
CA ALA C 353 31.61 -8.20 -54.24
C ALA C 353 32.62 -7.27 -53.55
N VAL C 354 32.14 -6.36 -52.70
CA VAL C 354 33.02 -5.45 -51.98
C VAL C 354 33.82 -6.26 -50.96
N LEU C 355 33.18 -7.25 -50.32
CA LEU C 355 33.87 -8.08 -49.33
C LEU C 355 34.89 -9.00 -50.00
N THR C 356 34.63 -9.40 -51.26
CA THR C 356 35.63 -10.07 -52.08
C THR C 356 36.86 -9.17 -52.18
N ASP C 357 36.68 -8.01 -52.84
CA ASP C 357 37.72 -7.03 -53.09
C ASP C 357 38.57 -6.75 -51.85
N TRP C 358 37.97 -6.77 -50.64
CA TRP C 358 38.70 -6.40 -49.43
C TRP C 358 39.41 -7.60 -48.78
N ASP C 359 39.51 -8.72 -49.51
CA ASP C 359 40.41 -9.86 -49.27
C ASP C 359 40.63 -10.16 -47.78
N GLY C 360 41.84 -9.88 -47.26
CA GLY C 360 42.35 -10.40 -46.00
C GLY C 360 41.36 -11.29 -45.27
N MET D 1 50.71 16.25 -22.43
CA MET D 1 49.68 17.11 -23.08
C MET D 1 48.49 16.27 -23.54
N ALA D 2 47.27 16.62 -23.06
CA ALA D 2 46.06 15.82 -23.26
C ALA D 2 45.59 15.85 -24.72
N GLY D 3 45.25 14.68 -25.29
CA GLY D 3 44.46 14.64 -26.50
C GLY D 3 45.11 13.83 -27.59
N PRO D 4 44.43 13.54 -28.72
CA PRO D 4 44.94 12.57 -29.69
C PRO D 4 46.09 13.03 -30.57
N LEU D 5 46.41 14.33 -30.52
CA LEU D 5 47.55 14.85 -31.26
C LEU D 5 48.68 15.10 -30.26
N SER D 6 48.69 14.30 -29.21
CA SER D 6 49.82 14.27 -28.28
C SER D 6 51.05 13.83 -29.08
N GLY D 7 52.13 14.61 -28.94
CA GLY D 7 53.40 14.30 -29.58
C GLY D 7 53.53 14.77 -31.02
N LEU D 8 52.56 15.56 -31.52
CA LEU D 8 52.74 16.26 -32.79
C LEU D 8 53.35 17.62 -32.49
N ARG D 9 54.39 17.95 -33.26
CA ARG D 9 55.14 19.18 -33.10
C ARG D 9 54.87 20.10 -34.29
N VAL D 10 54.51 21.34 -33.93
CA VAL D 10 54.05 22.26 -34.94
C VAL D 10 54.78 23.58 -34.79
N VAL D 11 55.35 23.99 -35.93
CA VAL D 11 55.87 25.35 -36.06
C VAL D 11 54.92 26.19 -36.91
N GLU D 12 54.51 27.31 -36.31
CA GLU D 12 53.58 28.21 -36.95
C GLU D 12 54.27 29.55 -37.15
N LEU D 13 54.28 30.06 -38.38
CA LEU D 13 54.77 31.40 -38.62
C LEU D 13 53.61 32.40 -38.55
N ALA D 14 53.69 33.32 -37.59
CA ALA D 14 52.58 34.13 -37.17
C ALA D 14 51.99 34.89 -38.35
N GLY D 15 50.73 34.59 -38.66
CA GLY D 15 49.95 35.39 -39.59
C GLY D 15 48.62 35.79 -38.98
N ILE D 16 47.60 35.98 -39.84
CA ILE D 16 46.28 36.39 -39.39
C ILE D 16 45.26 35.45 -40.02
N GLY D 17 44.13 35.28 -39.31
CA GLY D 17 42.96 34.57 -39.83
C GLY D 17 43.14 33.06 -39.81
N PRO D 18 43.15 32.37 -40.95
CA PRO D 18 43.05 30.92 -40.97
C PRO D 18 44.22 30.23 -40.27
N GLY D 19 45.45 30.65 -40.60
CA GLY D 19 46.66 30.05 -40.05
C GLY D 19 46.62 29.89 -38.54
N PRO D 20 46.44 30.96 -37.75
CA PRO D 20 46.35 30.82 -36.30
C PRO D 20 45.17 30.03 -35.75
N HIS D 21 44.09 29.91 -36.54
CA HIS D 21 42.95 29.14 -36.10
C HIS D 21 43.30 27.66 -36.27
N ALA D 22 43.89 27.28 -37.41
CA ALA D 22 44.38 25.94 -37.60
C ALA D 22 45.37 25.57 -36.49
N ALA D 23 46.36 26.43 -36.25
CA ALA D 23 47.32 26.17 -35.18
C ALA D 23 46.58 25.92 -33.88
N MET D 24 45.58 26.75 -33.58
CA MET D 24 44.85 26.69 -32.32
C MET D 24 44.21 25.32 -32.15
N ILE D 25 43.59 24.80 -33.20
CA ILE D 25 42.86 23.57 -33.07
C ILE D 25 43.85 22.42 -32.84
N LEU D 26 44.97 22.39 -33.59
CA LEU D 26 46.03 21.40 -33.37
C LEU D 26 46.45 21.39 -31.90
N GLY D 27 46.81 22.56 -31.36
CA GLY D 27 47.03 22.79 -29.93
C GLY D 27 45.91 22.26 -29.04
N ASP D 28 44.67 22.67 -29.35
CA ASP D 28 43.45 22.28 -28.65
C ASP D 28 43.45 20.77 -28.41
N LEU D 29 43.76 19.99 -29.46
CA LEU D 29 43.74 18.54 -29.50
C LEU D 29 45.05 17.87 -29.03
N GLY D 30 45.92 18.64 -28.36
CA GLY D 30 47.11 18.10 -27.72
C GLY D 30 48.45 18.52 -28.32
N ALA D 31 48.49 18.93 -29.60
CA ALA D 31 49.74 19.13 -30.32
C ALA D 31 50.58 20.20 -29.63
N ASP D 32 51.91 20.06 -29.78
CA ASP D 32 52.88 21.03 -29.27
C ASP D 32 53.15 22.08 -30.35
N VAL D 33 52.73 23.30 -30.06
CA VAL D 33 52.66 24.34 -31.07
C VAL D 33 53.54 25.49 -30.61
N VAL D 34 54.52 25.72 -31.48
CA VAL D 34 55.44 26.82 -31.30
C VAL D 34 55.20 27.79 -32.43
N ARG D 35 54.93 29.02 -31.99
CA ARG D 35 54.54 30.11 -32.86
C ARG D 35 55.69 31.11 -32.93
N ILE D 36 56.28 31.26 -34.12
CA ILE D 36 57.31 32.27 -34.31
C ILE D 36 56.67 33.60 -34.74
N ASP D 37 56.67 34.57 -33.82
CA ASP D 37 56.23 35.92 -34.13
C ASP D 37 57.47 36.76 -34.40
N ARG D 38 57.29 38.04 -34.75
CA ARG D 38 58.42 38.92 -34.92
C ARG D 38 58.57 39.78 -33.65
N PRO D 39 59.78 40.28 -33.31
CA PRO D 39 59.98 41.01 -32.06
C PRO D 39 59.01 42.18 -31.88
N SER D 40 58.77 42.92 -32.97
CA SER D 40 57.95 44.11 -32.94
C SER D 40 56.47 43.80 -32.66
N SER D 41 56.04 42.54 -32.80
CA SER D 41 54.62 42.20 -32.70
C SER D 41 54.22 41.98 -31.24
N VAL D 42 55.04 41.22 -30.49
CA VAL D 42 54.75 40.89 -29.10
C VAL D 42 55.19 42.06 -28.22
N ASP D 43 54.52 42.19 -27.06
CA ASP D 43 54.90 43.14 -26.02
C ASP D 43 53.99 42.88 -24.82
N GLY D 44 54.29 41.80 -24.08
CA GLY D 44 53.47 41.34 -22.96
C GLY D 44 52.80 40.01 -23.27
N ILE D 45 51.94 39.54 -22.35
CA ILE D 45 51.13 38.35 -22.58
C ILE D 45 49.98 38.73 -23.52
N SER D 46 49.64 37.85 -24.49
CA SER D 46 48.61 38.16 -25.46
C SER D 46 47.22 38.04 -24.86
N ARG D 47 46.33 38.97 -25.23
CA ARG D 47 44.94 38.95 -24.81
C ARG D 47 44.04 38.52 -25.97
N ASP D 48 44.63 37.83 -26.97
CA ASP D 48 43.88 37.15 -28.03
C ASP D 48 43.78 35.66 -27.66
N ALA D 49 42.57 35.24 -27.25
CA ALA D 49 42.34 33.88 -26.79
C ALA D 49 42.50 32.88 -27.93
N MET D 50 42.60 33.34 -29.19
CA MET D 50 42.92 32.43 -30.30
C MET D 50 44.35 31.93 -30.21
N LEU D 51 45.19 32.62 -29.43
CA LEU D 51 46.58 32.24 -29.25
C LEU D 51 46.75 31.25 -28.09
N ARG D 52 45.66 30.73 -27.54
CA ARG D 52 45.69 29.67 -26.52
C ARG D 52 46.38 28.43 -27.07
N ASN D 53 46.87 27.57 -26.15
CA ASN D 53 47.54 26.31 -26.49
C ASN D 53 48.81 26.48 -27.33
N ARG D 54 49.65 27.48 -26.97
CA ARG D 54 50.89 27.77 -27.68
C ARG D 54 52.06 28.03 -26.71
N ARG D 55 53.27 27.82 -27.22
CA ARG D 55 54.40 28.64 -26.77
C ARG D 55 54.77 29.65 -27.85
N ILE D 56 54.82 30.93 -27.48
CA ILE D 56 55.19 32.02 -28.39
C ILE D 56 56.69 32.33 -28.28
N VAL D 57 57.41 32.31 -29.42
CA VAL D 57 58.77 32.84 -29.51
C VAL D 57 58.85 34.01 -30.50
N THR D 58 59.88 34.85 -30.36
CA THR D 58 60.20 35.86 -31.37
C THR D 58 61.50 35.49 -32.09
N ALA D 59 61.77 36.19 -33.20
CA ALA D 59 62.83 35.87 -34.15
C ALA D 59 62.67 36.83 -35.32
N ASP D 60 63.79 37.40 -35.79
CA ASP D 60 63.77 38.24 -36.95
C ASP D 60 64.25 37.37 -38.09
N LEU D 61 63.33 36.91 -38.94
CA LEU D 61 63.66 35.94 -39.96
C LEU D 61 64.45 36.59 -41.09
N LYS D 62 64.51 37.92 -41.09
CA LYS D 62 65.39 38.66 -41.97
C LYS D 62 66.86 38.45 -41.57
N SER D 63 67.14 38.46 -40.26
CA SER D 63 68.50 38.29 -39.76
C SER D 63 69.02 36.87 -40.06
N ASP D 64 70.35 36.69 -39.95
CA ASP D 64 71.00 35.40 -40.22
C ASP D 64 70.72 34.45 -39.06
N GLN D 65 70.68 35.01 -37.85
CA GLN D 65 70.52 34.22 -36.64
C GLN D 65 69.09 33.70 -36.53
N GLY D 66 68.11 34.63 -36.61
CA GLY D 66 66.69 34.31 -36.68
C GLY D 66 66.41 33.13 -37.61
N LEU D 67 66.91 33.21 -38.86
CA LEU D 67 66.68 32.17 -39.85
C LEU D 67 67.27 30.85 -39.39
N GLU D 68 68.39 30.91 -38.67
CA GLU D 68 69.08 29.71 -38.23
C GLU D 68 68.26 29.05 -37.11
N LEU D 69 67.90 29.81 -36.07
CA LEU D 69 67.09 29.28 -34.98
C LEU D 69 65.76 28.71 -35.48
N ALA D 70 65.20 29.35 -36.52
CA ALA D 70 63.92 28.93 -37.07
C ALA D 70 64.08 27.64 -37.85
N LEU D 71 65.17 27.51 -38.64
CA LEU D 71 65.39 26.27 -39.39
C LEU D 71 65.75 25.11 -38.44
N LYS D 72 66.25 25.43 -37.25
CA LYS D 72 66.53 24.37 -36.29
C LYS D 72 65.22 23.79 -35.78
N LEU D 73 64.29 24.67 -35.36
CA LEU D 73 62.94 24.29 -34.94
C LEU D 73 62.27 23.43 -35.99
N ILE D 74 62.28 23.89 -37.24
CA ILE D 74 61.62 23.17 -38.31
C ILE D 74 62.20 21.76 -38.48
N ALA D 75 63.49 21.58 -38.16
CA ALA D 75 64.17 20.28 -38.32
C ALA D 75 63.61 19.25 -37.35
N LYS D 76 63.25 19.69 -36.15
CA LYS D 76 62.74 18.83 -35.10
C LYS D 76 61.20 18.71 -35.13
N ALA D 77 60.51 19.21 -36.18
CA ALA D 77 59.06 19.37 -36.10
C ALA D 77 58.37 18.51 -37.15
N ASP D 78 57.08 18.28 -36.94
CA ASP D 78 56.31 17.48 -37.88
C ASP D 78 55.62 18.38 -38.92
N VAL D 79 55.21 19.57 -38.45
CA VAL D 79 54.40 20.46 -39.28
C VAL D 79 54.91 21.89 -39.24
N LEU D 80 54.87 22.51 -40.43
CA LEU D 80 55.05 23.94 -40.51
C LEU D 80 53.79 24.61 -41.09
N ILE D 81 53.29 25.64 -40.42
CA ILE D 81 52.20 26.43 -40.97
C ILE D 81 52.70 27.82 -41.33
N GLU D 82 52.41 28.23 -42.58
CA GLU D 82 52.56 29.63 -42.94
C GLU D 82 51.37 30.13 -43.76
N GLY D 83 51.10 31.44 -43.62
CA GLY D 83 49.98 32.08 -44.29
C GLY D 83 50.31 33.46 -44.84
N TYR D 84 51.45 33.57 -45.54
CA TYR D 84 51.90 34.79 -46.18
C TYR D 84 51.63 34.64 -47.67
N ARG D 85 51.80 35.72 -48.43
CA ARG D 85 51.67 35.64 -49.87
C ARG D 85 52.65 34.61 -50.41
N PRO D 86 52.31 33.91 -51.51
CA PRO D 86 53.26 33.06 -52.18
C PRO D 86 54.58 33.82 -52.42
N GLY D 87 55.70 33.08 -52.29
CA GLY D 87 57.02 33.63 -52.54
C GLY D 87 57.68 34.16 -51.29
N VAL D 88 56.90 34.47 -50.24
CA VAL D 88 57.48 35.12 -49.07
C VAL D 88 58.41 34.16 -48.33
N THR D 89 58.03 32.90 -48.13
CA THR D 89 58.89 32.06 -47.30
C THR D 89 60.15 31.72 -48.08
N GLU D 90 59.99 31.45 -49.39
CA GLU D 90 61.09 31.21 -50.33
C GLU D 90 62.16 32.31 -50.20
N ARG D 91 61.81 33.60 -50.34
CA ARG D 91 62.79 34.66 -50.27
C ARG D 91 63.30 34.84 -48.84
N LEU D 92 62.61 34.30 -47.81
CA LEU D 92 63.19 34.35 -46.48
C LEU D 92 64.18 33.19 -46.23
N GLY D 93 64.23 32.22 -47.14
CA GLY D 93 65.02 31.00 -46.94
C GLY D 93 64.28 29.92 -46.14
N LEU D 94 62.93 30.00 -46.07
CA LEU D 94 62.10 29.04 -45.35
C LEU D 94 61.12 28.37 -46.28
N GLY D 95 61.38 28.44 -47.58
CA GLY D 95 60.54 27.81 -48.59
C GLY D 95 60.49 26.31 -48.37
N PRO D 96 59.60 25.60 -49.10
CA PRO D 96 59.51 24.15 -49.01
C PRO D 96 60.85 23.47 -49.33
N GLU D 97 61.59 23.98 -50.33
CA GLU D 97 62.81 23.27 -50.72
C GLU D 97 63.91 23.45 -49.68
N GLU D 98 64.08 24.66 -49.17
CA GLU D 98 65.03 24.89 -48.09
C GLU D 98 64.69 24.04 -46.87
N CYS D 99 63.39 23.88 -46.59
CA CYS D 99 62.92 23.17 -45.41
C CYS D 99 63.08 21.66 -45.61
N ALA D 100 62.86 21.18 -46.84
CA ALA D 100 63.04 19.80 -47.23
C ALA D 100 64.48 19.33 -46.98
N LYS D 101 65.42 20.28 -46.96
CA LYS D 101 66.82 19.97 -46.73
C LYS D 101 67.11 19.71 -45.27
N VAL D 102 66.32 20.22 -44.33
CA VAL D 102 66.64 19.94 -42.95
C VAL D 102 65.63 18.98 -42.35
N ASN D 103 64.73 18.41 -43.16
CA ASN D 103 63.61 17.64 -42.61
C ASN D 103 62.67 17.21 -43.71
N ASP D 104 62.92 16.04 -44.30
CA ASP D 104 62.12 15.56 -45.42
C ASP D 104 60.84 14.87 -44.92
N ARG D 105 60.61 14.84 -43.60
CA ARG D 105 59.37 14.33 -43.01
C ARG D 105 58.42 15.49 -42.67
N LEU D 106 58.77 16.71 -43.09
CA LEU D 106 58.03 17.91 -42.74
C LEU D 106 56.70 17.96 -43.50
N ILE D 107 55.64 18.31 -42.78
CA ILE D 107 54.40 18.72 -43.43
C ILE D 107 54.42 20.23 -43.56
N TYR D 108 54.45 20.67 -44.82
CA TYR D 108 54.63 22.07 -45.16
C TYR D 108 53.27 22.66 -45.58
N ALA D 109 52.65 23.39 -44.63
CA ALA D 109 51.27 23.81 -44.79
C ALA D 109 51.19 25.28 -45.20
N ARG D 110 50.65 25.51 -46.41
CA ARG D 110 50.56 26.84 -46.99
C ARG D 110 49.11 27.34 -47.05
N MET D 111 48.81 28.32 -46.19
CA MET D 111 47.47 28.84 -46.03
C MET D 111 47.33 30.18 -46.76
N THR D 112 46.64 30.18 -47.91
CA THR D 112 46.34 31.41 -48.66
C THR D 112 44.85 31.49 -49.01
N GLY D 113 44.48 32.67 -49.52
CA GLY D 113 43.17 32.93 -50.08
C GLY D 113 43.07 32.52 -51.55
N TRP D 114 44.02 33.01 -52.36
CA TRP D 114 43.93 32.87 -53.81
C TRP D 114 44.67 31.63 -54.31
N GLY D 115 45.54 31.05 -53.50
CA GLY D 115 46.35 29.95 -53.97
C GLY D 115 47.79 30.38 -54.26
N GLN D 116 48.57 29.40 -54.76
CA GLN D 116 50.01 29.61 -54.91
C GLN D 116 50.29 30.26 -56.27
N THR D 117 49.44 30.00 -57.26
CA THR D 117 49.64 30.55 -58.60
C THR D 117 48.39 31.27 -59.06
N GLY D 118 48.49 31.97 -60.20
CA GLY D 118 47.36 32.51 -60.92
C GLY D 118 47.29 34.03 -60.79
N PRO D 119 46.45 34.67 -61.60
CA PRO D 119 46.47 36.12 -61.76
C PRO D 119 46.19 36.95 -60.51
N ARG D 120 45.49 36.38 -59.53
CA ARG D 120 45.16 37.13 -58.32
C ARG D 120 46.08 36.70 -57.19
N SER D 121 47.07 35.86 -57.48
CA SER D 121 47.76 35.15 -56.41
C SER D 121 48.60 36.09 -55.54
N GLN D 122 48.80 37.35 -55.96
CA GLN D 122 49.57 38.29 -55.15
C GLN D 122 48.73 39.42 -54.57
N GLN D 123 47.44 39.50 -54.91
CA GLN D 123 46.57 40.53 -54.34
C GLN D 123 46.33 40.24 -52.85
N ALA D 124 46.42 41.28 -51.99
CA ALA D 124 45.90 41.20 -50.64
C ALA D 124 44.39 40.92 -50.71
N GLY D 125 43.88 40.28 -49.67
CA GLY D 125 42.47 40.07 -49.50
C GLY D 125 42.10 39.64 -48.09
N HIS D 126 40.77 39.58 -47.91
CA HIS D 126 40.13 39.04 -46.73
C HIS D 126 39.01 38.09 -47.14
N ASP D 127 38.43 37.44 -46.13
CA ASP D 127 37.42 36.41 -46.34
C ASP D 127 36.44 36.87 -47.40
N ILE D 128 35.89 38.08 -47.21
CA ILE D 128 34.83 38.58 -48.08
C ILE D 128 35.25 38.56 -49.55
N ASN D 129 36.54 38.80 -49.84
CA ASN D 129 37.03 38.77 -51.21
C ASN D 129 37.07 37.35 -51.75
N TYR D 130 37.50 36.41 -50.95
CA TYR D 130 37.71 35.06 -51.48
C TYR D 130 36.36 34.43 -51.78
N ILE D 131 35.35 34.72 -50.97
CA ILE D 131 34.02 34.17 -51.23
C ILE D 131 33.20 35.00 -52.22
N SER D 132 33.65 36.20 -52.57
CA SER D 132 33.03 36.93 -53.65
C SER D 132 33.25 36.25 -55.00
N LEU D 133 34.39 35.59 -55.18
CA LEU D 133 34.79 35.23 -56.53
C LEU D 133 34.24 33.87 -56.94
N ASN D 134 33.77 33.05 -55.99
CA ASN D 134 33.34 31.70 -56.31
C ASN D 134 31.83 31.49 -56.13
N GLY D 135 31.06 32.57 -56.13
CA GLY D 135 29.59 32.50 -56.13
C GLY D 135 28.97 32.49 -54.73
N ILE D 136 29.76 32.29 -53.68
CA ILE D 136 29.23 32.09 -52.34
C ILE D 136 28.60 33.36 -51.82
N LEU D 137 29.32 34.49 -51.86
CA LEU D 137 28.85 35.71 -51.21
C LEU D 137 27.53 36.17 -51.85
N HIS D 138 27.43 36.03 -53.16
CA HIS D 138 26.28 36.45 -53.91
C HIS D 138 25.01 35.71 -53.46
N ALA D 139 25.16 34.49 -52.91
CA ALA D 139 24.04 33.65 -52.51
C ALA D 139 23.58 33.93 -51.09
N ILE D 140 24.27 34.81 -50.34
CA ILE D 140 23.90 35.08 -48.97
C ILE D 140 23.18 36.43 -48.81
N GLY D 141 21.98 36.35 -48.20
CA GLY D 141 21.20 37.48 -47.72
C GLY D 141 19.82 37.57 -48.38
N ARG D 142 19.09 38.62 -48.07
CA ARG D 142 17.75 38.80 -48.59
C ARG D 142 17.82 39.17 -50.07
N GLY D 143 16.81 38.73 -50.83
CA GLY D 143 16.71 38.99 -52.25
C GLY D 143 16.55 40.47 -52.57
N ASP D 144 15.94 41.22 -51.66
CA ASP D 144 15.65 42.63 -51.89
C ASP D 144 16.82 43.51 -51.46
N GLU D 145 18.02 42.94 -51.24
CA GLU D 145 19.09 43.69 -50.63
C GLU D 145 20.43 43.23 -51.20
N ARG D 146 21.50 43.96 -50.92
CA ARG D 146 22.79 43.56 -51.42
C ARG D 146 23.36 42.44 -50.54
N PRO D 147 24.20 41.53 -51.07
CA PRO D 147 24.75 40.43 -50.30
C PRO D 147 25.32 40.83 -48.95
N VAL D 148 25.15 39.96 -47.97
CA VAL D 148 25.64 40.24 -46.64
C VAL D 148 26.75 39.24 -46.31
N PRO D 149 27.88 39.69 -45.73
CA PRO D 149 28.96 38.78 -45.36
C PRO D 149 28.57 37.92 -44.17
N PRO D 150 28.74 36.60 -44.27
CA PRO D 150 28.48 35.68 -43.16
C PRO D 150 29.63 35.69 -42.17
N LEU D 151 29.82 36.83 -41.52
CA LEU D 151 31.04 37.15 -40.82
C LEU D 151 32.21 36.70 -41.70
N ASN D 152 33.28 36.22 -41.07
CA ASN D 152 34.41 35.62 -41.76
C ASN D 152 34.44 34.11 -41.54
N LEU D 153 33.28 33.45 -41.56
CA LEU D 153 33.18 32.05 -41.14
C LEU D 153 33.43 31.10 -42.30
N VAL D 154 33.13 31.54 -43.51
CA VAL D 154 33.04 30.61 -44.61
C VAL D 154 34.38 30.50 -45.33
N GLY D 155 35.06 31.63 -45.49
CA GLY D 155 36.33 31.66 -46.19
C GLY D 155 37.51 31.38 -45.26
N ASP D 156 37.67 32.19 -44.21
CA ASP D 156 38.77 32.05 -43.27
C ASP D 156 38.73 30.67 -42.60
N PHE D 157 37.58 30.25 -42.08
CA PHE D 157 37.61 29.15 -41.14
C PHE D 157 37.06 27.92 -41.84
N GLY D 158 35.76 27.93 -42.14
CA GLY D 158 35.16 26.75 -42.75
C GLY D 158 35.89 26.26 -43.98
N GLY D 159 36.25 27.17 -44.89
CA GLY D 159 36.82 26.76 -46.18
C GLY D 159 38.32 27.06 -46.22
N GLY D 160 38.83 27.49 -45.08
CA GLY D 160 40.19 28.00 -44.93
C GLY D 160 41.01 27.13 -43.97
N SER D 161 41.01 27.48 -42.69
CA SER D 161 41.74 26.75 -41.65
C SER D 161 41.31 25.29 -41.63
N MET D 162 40.01 25.01 -41.82
CA MET D 162 39.56 23.64 -41.62
C MET D 162 40.17 22.80 -42.74
N PHE D 163 40.32 23.36 -43.95
CA PHE D 163 40.87 22.53 -45.01
C PHE D 163 42.38 22.38 -44.80
N LEU D 164 43.04 23.43 -44.31
CA LEU D 164 44.44 23.29 -43.91
C LEU D 164 44.61 22.14 -42.91
N LEU D 165 43.72 22.07 -41.89
CA LEU D 165 43.73 21.01 -40.88
C LEU D 165 43.54 19.64 -41.51
N VAL D 166 42.60 19.52 -42.42
CA VAL D 166 42.40 18.22 -43.07
C VAL D 166 43.60 17.84 -43.92
N GLY D 167 44.24 18.82 -44.55
CA GLY D 167 45.38 18.54 -45.42
C GLY D 167 46.58 18.09 -44.61
N ILE D 168 46.81 18.78 -43.50
CA ILE D 168 47.89 18.47 -42.60
C ILE D 168 47.73 17.03 -42.14
N LEU D 169 46.56 16.73 -41.56
CA LEU D 169 46.36 15.43 -40.94
C LEU D 169 46.28 14.35 -42.01
N ALA D 170 45.82 14.65 -43.22
CA ALA D 170 45.81 13.62 -44.24
C ALA D 170 47.23 13.29 -44.74
N ALA D 171 48.09 14.33 -44.72
CA ALA D 171 49.47 14.20 -45.15
C ALA D 171 50.22 13.27 -44.19
N LEU D 172 49.96 13.44 -42.88
CA LEU D 172 50.50 12.63 -41.80
C LEU D 172 50.08 11.16 -41.92
N TRP D 173 48.82 10.92 -42.29
CA TRP D 173 48.43 9.59 -42.68
C TRP D 173 49.35 9.06 -43.78
N GLU D 174 49.50 9.83 -44.86
CA GLU D 174 50.29 9.36 -45.98
C GLU D 174 51.74 9.14 -45.54
N ARG D 175 52.30 10.07 -44.74
CA ARG D 175 53.67 10.02 -44.27
C ARG D 175 53.96 8.68 -43.59
N GLN D 176 52.96 8.09 -42.95
CA GLN D 176 53.14 6.88 -42.19
C GLN D 176 53.56 5.73 -43.10
N SER D 177 53.13 5.70 -44.36
CA SER D 177 53.53 4.63 -45.25
C SER D 177 54.44 5.09 -46.40
N SER D 178 55.05 6.28 -46.32
CA SER D 178 56.05 6.71 -47.29
C SER D 178 57.32 7.26 -46.63
N GLY D 179 57.28 7.51 -45.32
CA GLY D 179 58.38 8.12 -44.59
C GLY D 179 58.59 9.61 -44.88
N LYS D 180 57.76 10.21 -45.74
CA LYS D 180 58.03 11.52 -46.34
C LYS D 180 56.90 12.51 -46.07
N GLY D 181 57.30 13.77 -45.81
CA GLY D 181 56.42 14.92 -45.84
C GLY D 181 56.01 15.35 -47.25
N GLN D 182 55.37 16.53 -47.32
CA GLN D 182 54.97 17.18 -48.57
C GLN D 182 54.32 18.53 -48.24
N VAL D 183 53.97 19.20 -49.34
CA VAL D 183 53.39 20.53 -49.30
C VAL D 183 51.87 20.41 -49.46
N VAL D 184 51.19 21.03 -48.50
CA VAL D 184 49.74 21.19 -48.48
C VAL D 184 49.44 22.62 -48.95
N ASP D 185 48.78 22.75 -50.12
CA ASP D 185 48.36 24.01 -50.73
C ASP D 185 46.87 24.24 -50.41
N ALA D 186 46.59 24.94 -49.31
CA ALA D 186 45.23 25.25 -48.90
C ALA D 186 44.84 26.68 -49.30
N ALA D 187 43.92 26.80 -50.26
CA ALA D 187 43.42 28.10 -50.69
C ALA D 187 41.93 28.26 -50.34
N MET D 188 41.59 29.35 -49.65
CA MET D 188 40.22 29.64 -49.24
C MET D 188 39.25 29.60 -50.42
N VAL D 189 39.69 30.00 -51.62
CA VAL D 189 38.79 30.06 -52.75
C VAL D 189 38.41 28.64 -53.17
N ASP D 190 39.32 27.67 -52.93
CA ASP D 190 39.07 26.28 -53.28
C ASP D 190 38.26 25.60 -52.17
N GLY D 191 38.77 25.77 -50.95
CA GLY D 191 38.23 25.16 -49.75
C GLY D 191 36.77 25.55 -49.54
N SER D 192 36.45 26.83 -49.73
CA SER D 192 35.07 27.29 -49.59
C SER D 192 34.22 26.76 -50.73
N SER D 193 34.78 26.50 -51.91
CA SER D 193 34.01 25.90 -52.99
C SER D 193 33.63 24.45 -52.68
N VAL D 194 34.52 23.72 -51.98
CA VAL D 194 34.20 22.36 -51.60
C VAL D 194 33.18 22.37 -50.46
N LEU D 195 33.30 23.37 -49.59
CA LEU D 195 32.35 23.53 -48.51
C LEU D 195 30.93 23.71 -49.03
N ILE D 196 30.76 24.30 -50.23
CA ILE D 196 29.44 24.60 -50.78
C ILE D 196 29.10 23.65 -51.92
N GLN D 197 29.72 22.46 -51.94
CA GLN D 197 29.53 21.52 -53.06
C GLN D 197 28.05 21.12 -53.22
N MET D 198 27.33 21.05 -52.10
CA MET D 198 25.89 20.77 -52.12
C MET D 198 25.16 21.69 -53.08
N MET D 199 25.42 23.00 -53.02
CA MET D 199 24.76 23.94 -53.93
C MET D 199 25.17 23.72 -55.38
N TRP D 200 26.43 23.36 -55.67
CA TRP D 200 26.85 23.12 -57.05
C TRP D 200 26.14 21.87 -57.61
N ALA D 201 25.88 20.89 -56.73
CA ALA D 201 25.15 19.68 -57.06
C ALA D 201 23.69 20.00 -57.34
N MET D 202 23.06 20.75 -56.42
CA MET D 202 21.64 21.03 -56.55
C MET D 202 21.42 21.88 -57.79
N ARG D 203 22.33 22.83 -58.00
CA ARG D 203 22.26 23.71 -59.14
C ARG D 203 22.26 22.91 -60.44
N ALA D 204 23.08 21.85 -60.50
CA ALA D 204 23.21 21.02 -61.69
C ALA D 204 21.92 20.26 -61.99
N THR D 205 21.16 19.91 -60.94
CA THR D 205 19.92 19.18 -61.10
C THR D 205 18.71 20.12 -61.12
N GLY D 206 18.90 21.46 -61.15
CA GLY D 206 17.79 22.39 -61.18
C GLY D 206 17.10 22.66 -59.83
N MET D 207 17.70 22.30 -58.69
CA MET D 207 17.12 22.47 -57.36
C MET D 207 17.71 23.67 -56.61
N TRP D 208 18.57 24.45 -57.27
CA TRP D 208 19.14 25.68 -56.70
C TRP D 208 19.24 26.68 -57.83
N THR D 209 18.83 27.93 -57.60
CA THR D 209 19.04 28.98 -58.59
C THR D 209 19.93 30.07 -58.02
N ASP D 210 20.38 30.92 -58.94
CA ASP D 210 21.31 32.00 -58.66
C ASP D 210 20.60 33.21 -58.08
N THR D 211 19.26 33.20 -58.04
CA THR D 211 18.53 34.27 -57.42
C THR D 211 18.66 34.18 -55.91
N ARG D 212 19.10 35.26 -55.30
CA ARG D 212 19.33 35.29 -53.87
C ARG D 212 17.98 35.39 -53.15
N GLY D 213 17.88 34.68 -52.03
CA GLY D 213 16.69 34.72 -51.20
C GLY D 213 15.52 33.98 -51.82
N ALA D 214 15.75 33.04 -52.75
CA ALA D 214 14.67 32.33 -53.41
C ALA D 214 14.92 30.83 -53.43
N ASN D 215 15.65 30.29 -52.45
CA ASN D 215 15.92 28.86 -52.46
C ASN D 215 15.55 28.27 -51.10
N MET D 216 15.66 26.94 -50.96
CA MET D 216 15.16 26.27 -49.78
C MET D 216 15.98 26.59 -48.54
N LEU D 217 17.27 26.89 -48.73
CA LEU D 217 18.15 27.03 -47.57
C LEU D 217 18.74 28.43 -47.42
N ASP D 218 18.22 29.45 -48.11
CA ASP D 218 18.88 30.75 -48.10
C ASP D 218 18.00 31.80 -47.43
N GLY D 219 16.84 31.37 -46.90
CA GLY D 219 15.86 32.28 -46.33
C GLY D 219 14.56 32.35 -47.15
N GLY D 220 14.61 31.90 -48.40
CA GLY D 220 13.47 31.93 -49.30
C GLY D 220 12.31 31.00 -48.90
N ALA D 221 12.56 29.91 -48.15
CA ALA D 221 11.48 29.02 -47.75
C ALA D 221 10.90 29.48 -46.41
N PRO D 222 9.58 29.63 -46.28
CA PRO D 222 8.99 30.05 -44.99
C PRO D 222 9.27 29.12 -43.82
N TYR D 223 9.55 27.85 -44.17
CA TYR D 223 9.83 26.83 -43.17
C TYR D 223 11.33 26.70 -42.89
N TYR D 224 12.17 27.63 -43.40
CA TYR D 224 13.60 27.57 -43.16
C TYR D 224 14.08 29.02 -43.09
N ASP D 225 13.85 29.64 -41.94
CA ASP D 225 14.09 31.08 -41.81
C ASP D 225 13.94 31.45 -40.35
N THR D 226 14.24 32.71 -40.03
CA THR D 226 13.97 33.25 -38.72
C THR D 226 12.65 34.01 -38.73
N TYR D 227 12.04 34.15 -37.55
CA TYR D 227 10.81 34.90 -37.39
C TYR D 227 10.96 35.77 -36.14
N GLU D 228 10.43 36.97 -36.24
CA GLU D 228 10.35 37.86 -35.10
C GLU D 228 9.14 37.50 -34.24
N CYS D 229 9.35 37.55 -32.92
CA CYS D 229 8.37 37.18 -31.92
C CYS D 229 7.80 38.45 -31.28
N ALA D 230 6.84 38.31 -30.35
CA ALA D 230 6.11 39.44 -29.81
C ALA D 230 7.06 40.38 -29.10
N ASP D 231 8.17 39.86 -28.56
CA ASP D 231 9.11 40.67 -27.81
C ASP D 231 10.22 41.27 -28.70
N GLY D 232 10.21 41.12 -30.02
CA GLY D 232 11.29 41.69 -30.80
C GLY D 232 12.53 40.78 -30.91
N ARG D 233 12.49 39.60 -30.28
CA ARG D 233 13.55 38.60 -30.41
C ARG D 233 13.15 37.55 -31.44
N TYR D 234 14.03 36.57 -31.72
CA TYR D 234 13.81 35.71 -32.85
C TYR D 234 13.81 34.24 -32.48
N VAL D 235 13.09 33.46 -33.30
CA VAL D 235 13.26 32.03 -33.40
C VAL D 235 13.68 31.67 -34.81
N ALA D 236 14.25 30.48 -34.89
CA ALA D 236 14.67 29.88 -36.14
C ALA D 236 13.79 28.68 -36.39
N VAL D 237 13.37 28.52 -37.63
CA VAL D 237 12.57 27.40 -38.06
C VAL D 237 13.37 26.65 -39.11
N GLY D 238 13.48 25.33 -38.94
CA GLY D 238 14.18 24.53 -39.92
C GLY D 238 13.42 23.27 -40.27
N ALA D 239 12.08 23.38 -40.36
CA ALA D 239 11.20 22.23 -40.56
C ALA D 239 11.08 21.88 -42.04
N ILE D 240 12.16 21.31 -42.55
CA ILE D 240 12.18 20.87 -43.94
C ILE D 240 11.31 19.62 -44.12
N GLU D 241 11.48 18.61 -43.28
CA GLU D 241 10.78 17.34 -43.51
C GLU D 241 9.30 17.54 -43.17
N PRO D 242 8.41 16.94 -43.99
CA PRO D 242 6.98 17.14 -43.81
C PRO D 242 6.43 16.80 -42.42
N GLN D 243 6.95 15.78 -41.75
CA GLN D 243 6.45 15.44 -40.42
C GLN D 243 6.88 16.49 -39.40
N PHE D 244 8.08 17.06 -39.57
CA PHE D 244 8.55 18.05 -38.62
C PHE D 244 7.76 19.36 -38.80
N TYR D 245 7.52 19.69 -40.07
CA TYR D 245 6.69 20.81 -40.45
C TYR D 245 5.31 20.71 -39.82
N ALA D 246 4.69 19.52 -39.88
CA ALA D 246 3.35 19.36 -39.31
C ALA D 246 3.35 19.56 -37.80
N ALA D 247 4.43 19.10 -37.13
CA ALA D 247 4.53 19.27 -35.70
C ALA D 247 4.60 20.75 -35.39
N MET D 248 5.28 21.48 -36.26
CA MET D 248 5.51 22.89 -36.07
C MET D 248 4.15 23.61 -36.15
N LEU D 249 3.36 23.31 -37.19
CA LEU D 249 2.08 24.00 -37.40
C LEU D 249 1.13 23.75 -36.22
N ALA D 250 1.11 22.50 -35.74
CA ALA D 250 0.26 22.14 -34.60
C ALA D 250 0.59 22.98 -33.38
N GLY D 251 1.90 23.18 -33.13
CA GLY D 251 2.41 24.00 -32.03
C GLY D 251 2.08 25.47 -32.18
N LEU D 252 1.91 25.95 -33.43
CA LEU D 252 1.59 27.36 -33.66
C LEU D 252 0.09 27.60 -33.54
N GLY D 253 -0.69 26.52 -33.62
CA GLY D 253 -2.13 26.62 -33.57
C GLY D 253 -2.73 26.86 -34.95
N LEU D 254 -2.04 26.44 -36.03
CA LEU D 254 -2.52 26.60 -37.39
C LEU D 254 -2.99 25.26 -37.92
N ASP D 255 -4.20 25.21 -38.48
CA ASP D 255 -4.64 23.99 -39.15
C ASP D 255 -4.03 23.98 -40.54
N ALA D 256 -3.50 22.81 -40.91
CA ALA D 256 -2.99 22.56 -42.25
C ALA D 256 -4.04 22.91 -43.30
N ALA D 257 -5.32 22.67 -42.98
CA ALA D 257 -6.42 22.84 -43.93
C ALA D 257 -6.54 24.28 -44.41
N GLU D 258 -6.09 25.26 -43.61
CA GLU D 258 -6.26 26.66 -43.96
C GLU D 258 -4.99 27.25 -44.57
N LEU D 259 -3.95 26.41 -44.79
CA LEU D 259 -2.66 26.91 -45.22
C LEU D 259 -2.39 26.44 -46.65
N PRO D 260 -1.60 27.17 -47.46
CA PRO D 260 -1.13 26.63 -48.73
C PRO D 260 -0.23 25.42 -48.45
N PRO D 261 -0.01 24.53 -49.43
CA PRO D 261 0.95 23.44 -49.26
C PRO D 261 2.35 23.95 -48.91
N GLN D 262 3.07 23.19 -48.08
CA GLN D 262 4.40 23.56 -47.61
C GLN D 262 5.35 23.91 -48.76
N ASN D 263 5.26 23.18 -49.87
CA ASN D 263 6.20 23.38 -50.94
C ASN D 263 5.52 23.87 -52.21
N ASP D 264 4.40 24.58 -52.10
CA ASP D 264 3.86 25.31 -53.25
C ASP D 264 4.50 26.72 -53.28
N ARG D 265 5.58 26.88 -54.04
CA ARG D 265 6.42 28.08 -53.98
C ARG D 265 5.67 29.32 -54.44
N ALA D 266 4.66 29.14 -55.30
CA ALA D 266 3.86 30.26 -55.78
C ALA D 266 3.11 30.88 -54.62
N ARG D 267 2.84 30.10 -53.58
CA ARG D 267 2.02 30.63 -52.52
C ARG D 267 2.81 30.82 -51.24
N TRP D 268 4.15 30.81 -51.34
CA TRP D 268 5.00 31.08 -50.19
C TRP D 268 4.75 32.45 -49.59
N PRO D 269 4.41 33.49 -50.37
CA PRO D 269 4.10 34.79 -49.75
C PRO D 269 2.97 34.72 -48.73
N GLU D 270 1.92 33.98 -49.05
CA GLU D 270 0.80 33.81 -48.15
C GLU D 270 1.24 32.96 -46.98
N LEU D 271 1.96 31.87 -47.25
CA LEU D 271 2.37 30.97 -46.17
C LEU D 271 3.22 31.77 -45.19
N ARG D 272 4.12 32.61 -45.72
CA ARG D 272 4.99 33.38 -44.84
C ARG D 272 4.18 34.36 -44.00
N ALA D 273 3.17 34.99 -44.60
CA ALA D 273 2.36 35.92 -43.84
C ALA D 273 1.66 35.19 -42.69
N LEU D 274 1.14 33.99 -42.93
CA LEU D 274 0.45 33.25 -41.87
C LEU D 274 1.41 32.84 -40.77
N LEU D 275 2.57 32.27 -41.12
CA LEU D 275 3.55 31.92 -40.10
C LEU D 275 4.07 33.17 -39.38
N THR D 276 4.20 34.30 -40.09
CA THR D 276 4.74 35.52 -39.48
C THR D 276 3.82 36.02 -38.38
N GLU D 277 2.51 36.00 -38.65
CA GLU D 277 1.51 36.48 -37.70
C GLU D 277 1.45 35.53 -36.51
N ALA D 278 1.62 34.22 -36.73
CA ALA D 278 1.54 33.30 -35.60
C ALA D 278 2.73 33.48 -34.66
N PHE D 279 3.97 33.55 -35.21
CA PHE D 279 5.14 33.64 -34.34
C PHE D 279 5.16 34.98 -33.63
N ALA D 280 4.59 36.02 -34.26
CA ALA D 280 4.56 37.34 -33.67
C ALA D 280 3.64 37.40 -32.44
N SER D 281 2.79 36.39 -32.23
CA SER D 281 1.76 36.52 -31.20
C SER D 281 2.27 36.07 -29.83
N HIS D 282 3.50 35.57 -29.73
CA HIS D 282 4.09 35.24 -28.46
C HIS D 282 5.59 35.49 -28.51
N ASP D 283 6.18 35.59 -27.33
CA ASP D 283 7.58 35.93 -27.20
C ASP D 283 8.44 34.69 -27.42
N ARG D 284 9.72 34.94 -27.68
CA ARG D 284 10.66 33.89 -28.03
C ARG D 284 10.69 32.78 -26.97
N ASP D 285 10.75 33.14 -25.68
CA ASP D 285 10.92 32.14 -24.62
C ASP D 285 9.67 31.26 -24.56
N HIS D 286 8.50 31.79 -24.93
CA HIS D 286 7.30 30.97 -25.03
C HIS D 286 7.48 29.86 -26.07
N TRP D 287 8.00 30.22 -27.25
CA TRP D 287 8.11 29.25 -28.32
C TRP D 287 9.15 28.20 -27.97
N GLY D 288 10.21 28.57 -27.24
CA GLY D 288 11.27 27.62 -26.92
C GLY D 288 10.79 26.58 -25.91
N ALA D 289 9.98 27.06 -24.96
CA ALA D 289 9.26 26.20 -24.03
C ALA D 289 8.39 25.24 -24.82
N VAL D 290 7.42 25.79 -25.56
CA VAL D 290 6.41 25.05 -26.29
C VAL D 290 7.07 23.97 -27.13
N PHE D 291 8.26 24.24 -27.70
CA PHE D 291 8.81 23.31 -28.66
C PHE D 291 9.97 22.49 -28.07
N ALA D 292 10.31 22.74 -26.82
CA ALA D 292 11.19 21.83 -26.08
C ALA D 292 10.81 20.37 -26.34
N ASN D 293 11.77 19.57 -26.79
CA ASN D 293 11.64 18.13 -26.91
C ASN D 293 10.77 17.73 -28.07
N SER D 294 10.52 18.67 -28.99
CA SER D 294 9.74 18.34 -30.17
C SER D 294 10.64 18.23 -31.40
N ASP D 295 10.14 17.60 -32.43
CA ASP D 295 10.80 17.53 -33.70
C ASP D 295 10.32 18.66 -34.62
N ALA D 296 9.81 19.74 -34.07
CA ALA D 296 9.31 20.85 -34.86
C ALA D 296 10.43 21.69 -35.49
N CYS D 297 11.66 21.57 -34.98
CA CYS D 297 12.82 22.27 -35.55
C CYS D 297 12.63 23.79 -35.40
N VAL D 298 12.23 24.21 -34.21
CA VAL D 298 12.06 25.59 -33.81
C VAL D 298 12.92 25.79 -32.59
N THR D 299 13.78 26.82 -32.59
CA THR D 299 14.73 27.05 -31.54
C THR D 299 14.87 28.56 -31.36
N PRO D 300 15.16 29.01 -30.14
CA PRO D 300 15.34 30.44 -29.92
C PRO D 300 16.68 30.85 -30.53
N VAL D 301 16.73 32.08 -31.06
CA VAL D 301 17.96 32.62 -31.60
C VAL D 301 18.61 33.42 -30.49
N LEU D 302 19.61 32.80 -29.85
CA LEU D 302 20.28 33.39 -28.71
C LEU D 302 21.41 34.35 -29.17
N ALA D 303 21.50 35.47 -28.47
CA ALA D 303 22.65 36.37 -28.55
C ALA D 303 23.84 35.77 -27.78
N PHE D 304 25.06 36.14 -28.15
CA PHE D 304 26.26 35.59 -27.52
C PHE D 304 26.12 35.59 -26.01
N GLY D 305 25.69 36.72 -25.46
CA GLY D 305 25.59 36.94 -24.02
C GLY D 305 24.54 36.08 -23.32
N GLU D 306 23.67 35.38 -24.05
CA GLU D 306 22.63 34.55 -23.45
C GLU D 306 23.04 33.10 -23.50
N VAL D 307 24.04 32.77 -24.29
CA VAL D 307 24.37 31.38 -24.56
C VAL D 307 24.71 30.65 -23.26
N HIS D 308 25.37 31.34 -22.32
CA HIS D 308 25.84 30.71 -21.08
C HIS D 308 24.69 30.13 -20.25
N ASN D 309 23.44 30.59 -20.48
CA ASN D 309 22.29 30.22 -19.69
C ASN D 309 21.46 29.13 -20.36
N GLU D 310 21.84 28.75 -21.57
CA GLU D 310 21.11 27.70 -22.24
C GLU D 310 21.48 26.38 -21.58
N PRO D 311 20.49 25.61 -21.07
CA PRO D 311 20.75 24.28 -20.49
C PRO D 311 21.59 23.29 -21.29
N HIS D 312 21.31 23.14 -22.58
CA HIS D 312 22.00 22.13 -23.34
C HIS D 312 23.48 22.51 -23.48
N ILE D 313 23.75 23.80 -23.40
CA ILE D 313 25.09 24.34 -23.55
C ILE D 313 25.87 24.10 -22.26
N ILE D 314 25.26 24.51 -21.13
CA ILE D 314 25.78 24.27 -19.78
C ILE D 314 26.09 22.79 -19.57
N GLU D 315 25.15 21.90 -19.84
CA GLU D 315 25.32 20.51 -19.43
C GLU D 315 26.36 19.76 -20.24
N ARG D 316 26.61 20.18 -21.48
CA ARG D 316 27.56 19.46 -22.31
C ARG D 316 28.97 20.10 -22.24
N ASN D 317 29.10 21.18 -21.48
CA ASN D 317 30.34 21.91 -21.36
C ASN D 317 30.88 22.25 -22.73
N THR D 318 30.07 22.99 -23.50
CA THR D 318 30.49 23.43 -24.82
C THR D 318 31.50 24.58 -24.65
N PHE D 319 31.37 25.32 -23.55
CA PHE D 319 32.15 26.50 -23.25
C PHE D 319 32.87 26.32 -21.92
N TYR D 320 33.97 27.07 -21.71
CA TYR D 320 34.63 27.18 -20.42
C TYR D 320 34.85 28.66 -20.14
N GLU D 321 34.95 29.02 -18.87
CA GLU D 321 35.20 30.41 -18.52
C GLU D 321 36.70 30.60 -18.45
N ALA D 322 37.16 31.77 -18.90
CA ALA D 322 38.58 32.08 -18.87
C ALA D 322 38.71 33.59 -18.72
N ASN D 323 39.87 34.13 -19.11
CA ASN D 323 39.84 35.41 -19.81
C ASN D 323 39.19 36.42 -18.88
N GLY D 324 38.37 37.31 -19.46
CA GLY D 324 37.18 37.85 -18.81
C GLY D 324 35.97 37.59 -19.70
N GLY D 325 35.66 36.29 -19.90
CA GLY D 325 34.58 35.84 -20.78
C GLY D 325 34.77 34.39 -21.23
N TRP D 326 33.69 33.79 -21.73
CA TRP D 326 33.65 32.38 -22.14
C TRP D 326 34.28 32.20 -23.53
N GLN D 327 34.71 30.96 -23.77
CA GLN D 327 35.42 30.54 -24.94
C GLN D 327 34.99 29.11 -25.18
N PRO D 328 34.92 28.64 -26.43
CA PRO D 328 34.51 27.25 -26.68
C PRO D 328 35.60 26.23 -26.40
N MET D 329 35.16 25.05 -26.01
CA MET D 329 36.03 23.96 -25.64
C MET D 329 36.41 23.32 -26.94
N PRO D 330 37.53 22.58 -26.98
CA PRO D 330 37.96 21.91 -28.19
C PRO D 330 36.84 21.14 -28.82
N ALA D 331 36.93 20.97 -30.15
CA ALA D 331 36.03 20.08 -30.84
C ALA D 331 36.81 19.43 -31.96
N PRO D 332 36.42 18.22 -32.42
CA PRO D 332 35.32 17.45 -31.80
C PRO D 332 35.78 16.82 -30.48
N ARG D 333 35.05 15.79 -30.01
CA ARG D 333 35.33 15.15 -28.73
C ARG D 333 35.77 13.70 -28.99
N PHE D 334 36.69 13.21 -28.13
CA PHE D 334 37.26 11.86 -28.29
C PHE D 334 36.97 11.00 -27.04
N SER D 335 36.56 9.73 -27.25
CA SER D 335 36.17 8.83 -26.14
C SER D 335 37.32 8.54 -25.15
N ARG D 336 38.48 8.06 -25.66
CA ARG D 336 39.66 7.68 -24.87
C ARG D 336 40.66 8.83 -24.62
N THR D 337 41.22 9.41 -25.69
CA THR D 337 42.24 10.45 -25.59
C THR D 337 41.63 11.84 -25.64
N ALA D 338 41.13 12.31 -24.50
CA ALA D 338 40.18 13.40 -24.51
C ALA D 338 40.91 14.71 -24.27
N SER D 339 40.65 15.71 -25.14
CA SER D 339 41.25 17.02 -25.02
C SER D 339 41.12 17.50 -23.59
N SER D 340 41.79 18.60 -23.28
CA SER D 340 41.66 19.20 -21.97
C SER D 340 41.41 20.69 -22.13
N GLN D 341 40.98 21.32 -21.05
CA GLN D 341 40.75 22.74 -21.09
C GLN D 341 42.01 23.39 -21.68
N PRO D 342 41.87 24.36 -22.61
CA PRO D 342 43.00 25.11 -23.14
C PRO D 342 43.76 25.94 -22.11
N ARG D 343 45.09 26.03 -22.30
CA ARG D 343 45.96 26.85 -21.48
C ARG D 343 45.95 28.26 -22.07
N PRO D 344 45.86 29.32 -21.22
CA PRO D 344 45.84 30.68 -21.73
C PRO D 344 47.10 31.04 -22.54
N PRO D 345 47.10 32.18 -23.25
CA PRO D 345 48.33 32.64 -23.91
C PRO D 345 49.50 32.84 -22.94
N ALA D 346 50.52 31.96 -23.04
CA ALA D 346 51.72 32.03 -22.21
C ALA D 346 52.67 33.10 -22.74
N ALA D 347 53.27 33.88 -21.83
CA ALA D 347 54.26 34.92 -22.17
C ALA D 347 55.40 34.34 -23.03
N THR D 348 56.17 35.24 -23.67
CA THR D 348 57.19 34.82 -24.62
C THR D 348 58.22 33.96 -23.89
N ILE D 349 58.68 32.90 -24.55
CA ILE D 349 59.78 32.14 -24.03
C ILE D 349 60.91 32.11 -25.04
N ASP D 350 62.10 31.78 -24.54
CA ASP D 350 63.32 31.82 -25.31
C ASP D 350 63.34 30.67 -26.33
N ILE D 351 63.72 30.99 -27.56
CA ILE D 351 63.73 30.01 -28.63
C ILE D 351 64.76 28.91 -28.38
N GLU D 352 65.79 29.22 -27.56
CA GLU D 352 66.80 28.23 -27.15
C GLU D 352 66.17 27.19 -26.23
N ALA D 353 65.41 27.66 -25.22
CA ALA D 353 64.68 26.82 -24.28
C ALA D 353 63.82 25.78 -25.00
N VAL D 354 63.27 26.13 -26.15
CA VAL D 354 62.39 25.20 -26.84
C VAL D 354 63.24 24.17 -27.60
N LEU D 355 64.38 24.62 -28.14
CA LEU D 355 65.28 23.71 -28.86
C LEU D 355 65.88 22.72 -27.87
N THR D 356 66.12 23.22 -26.65
CA THR D 356 66.54 22.43 -25.50
C THR D 356 65.53 21.31 -25.24
N ASP D 357 64.26 21.71 -25.14
CA ASP D 357 63.15 20.81 -24.87
C ASP D 357 63.00 19.75 -25.98
N TRP D 358 63.09 20.15 -27.24
CA TRP D 358 62.87 19.22 -28.34
C TRP D 358 64.12 18.40 -28.65
N ASP D 359 65.14 18.50 -27.77
CA ASP D 359 66.36 17.68 -27.77
C ASP D 359 67.46 18.36 -28.58
N GLY D 360 68.23 17.59 -29.36
CA GLY D 360 69.49 18.06 -29.92
C GLY D 360 70.47 16.91 -30.12
N MET E 1 34.00 15.37 40.80
CA MET E 1 33.08 14.77 39.78
C MET E 1 31.66 14.67 40.35
N ALA E 2 30.70 15.31 39.66
CA ALA E 2 29.33 15.45 40.14
C ALA E 2 28.48 14.24 39.76
N GLY E 3 27.74 13.72 40.73
CA GLY E 3 26.59 12.88 40.46
C GLY E 3 26.62 11.71 41.42
N PRO E 4 25.59 10.84 41.43
CA PRO E 4 25.55 9.77 42.42
C PRO E 4 26.60 8.66 42.32
N LEU E 5 27.34 8.60 41.19
CA LEU E 5 28.31 7.54 40.97
C LEU E 5 29.73 8.09 41.12
N SER E 6 29.87 9.32 41.62
CA SER E 6 31.16 9.88 41.97
C SER E 6 31.90 8.82 42.78
N GLY E 7 33.17 8.58 42.40
CA GLY E 7 33.94 7.55 43.09
C GLY E 7 33.95 6.20 42.37
N LEU E 8 32.88 5.84 41.65
CA LEU E 8 32.89 4.61 40.87
C LEU E 8 33.90 4.68 39.71
N ARG E 9 34.60 3.56 39.50
CA ARG E 9 35.71 3.53 38.56
C ARG E 9 35.48 2.47 37.49
N VAL E 10 35.64 2.89 36.23
CA VAL E 10 35.18 2.09 35.11
C VAL E 10 36.24 2.06 34.01
N VAL E 11 36.54 0.82 33.57
CA VAL E 11 37.35 0.55 32.39
C VAL E 11 36.46 0.05 31.25
N GLU E 12 36.49 0.81 30.16
CA GLU E 12 35.75 0.52 28.94
C GLU E 12 36.72 0.06 27.83
N LEU E 13 36.53 -1.15 27.31
CA LEU E 13 37.30 -1.53 26.14
C LEU E 13 36.53 -1.13 24.88
N ALA E 14 37.08 -0.19 24.12
CA ALA E 14 36.38 0.44 23.02
C ALA E 14 35.66 -0.58 22.14
N GLY E 15 34.36 -0.31 21.88
CA GLY E 15 33.49 -1.11 21.03
C GLY E 15 32.55 -0.19 20.26
N ILE E 16 31.45 -0.73 19.70
CA ILE E 16 30.44 0.10 19.04
C ILE E 16 29.04 -0.16 19.63
N GLY E 17 28.22 0.90 19.66
CA GLY E 17 26.81 0.79 20.03
C GLY E 17 26.57 0.72 21.55
N PRO E 18 26.04 -0.38 22.08
CA PRO E 18 25.58 -0.39 23.46
C PRO E 18 26.72 -0.19 24.44
N GLY E 19 27.88 -0.79 24.16
CA GLY E 19 28.99 -0.72 25.07
C GLY E 19 29.28 0.71 25.48
N PRO E 20 29.63 1.56 24.51
CA PRO E 20 29.92 2.95 24.83
C PRO E 20 28.73 3.79 25.29
N HIS E 21 27.50 3.28 25.14
CA HIS E 21 26.36 4.08 25.57
C HIS E 21 26.23 3.90 27.07
N ALA E 22 26.34 2.65 27.52
CA ALA E 22 26.39 2.32 28.94
C ALA E 22 27.54 3.09 29.61
N ALA E 23 28.72 3.09 28.99
CA ALA E 23 29.84 3.81 29.59
C ALA E 23 29.53 5.30 29.68
N MET E 24 28.80 5.82 28.67
CA MET E 24 28.51 7.24 28.60
C MET E 24 27.66 7.68 29.79
N ILE E 25 26.63 6.88 30.08
CA ILE E 25 25.69 7.18 31.13
C ILE E 25 26.39 7.05 32.49
N LEU E 26 27.21 6.00 32.69
CA LEU E 26 27.97 5.85 33.91
C LEU E 26 28.76 7.15 34.14
N GLY E 27 29.46 7.57 33.10
CA GLY E 27 30.18 8.83 33.10
C GLY E 27 29.28 10.04 33.33
N ASP E 28 28.05 9.98 32.80
CA ASP E 28 27.13 11.09 32.90
C ASP E 28 26.78 11.24 34.38
N LEU E 29 26.56 10.13 35.10
CA LEU E 29 26.17 10.19 36.50
C LEU E 29 27.42 10.31 37.40
N GLY E 30 28.55 10.76 36.83
CA GLY E 30 29.72 11.16 37.58
C GLY E 30 30.81 10.10 37.76
N ALA E 31 30.59 8.86 37.26
CA ALA E 31 31.57 7.77 37.36
C ALA E 31 32.88 8.14 36.66
N ASP E 32 33.96 7.47 37.10
CA ASP E 32 35.30 7.72 36.57
C ASP E 32 35.61 6.68 35.49
N VAL E 33 35.50 7.13 34.23
CA VAL E 33 35.40 6.19 33.11
C VAL E 33 36.63 6.36 32.25
N VAL E 34 37.35 5.23 32.11
CA VAL E 34 38.56 5.27 31.33
C VAL E 34 38.44 4.27 30.19
N ARG E 35 38.57 4.79 28.97
CA ARG E 35 38.24 4.05 27.76
C ARG E 35 39.53 3.75 27.01
N ILE E 36 39.76 2.45 26.78
CA ILE E 36 40.99 2.01 26.12
C ILE E 36 40.69 1.77 24.65
N ASP E 37 41.31 2.57 23.77
CA ASP E 37 41.15 2.43 22.33
C ASP E 37 42.42 1.84 21.71
N ARG E 38 42.31 1.33 20.47
CA ARG E 38 43.48 1.02 19.65
C ARG E 38 44.33 2.27 19.46
N PRO E 39 45.66 2.13 19.19
CA PRO E 39 46.47 3.28 18.81
C PRO E 39 46.11 3.72 17.39
N SER E 40 45.74 2.73 16.55
CA SER E 40 45.46 2.92 15.13
C SER E 40 44.21 3.77 14.88
N SER E 41 43.34 3.93 15.90
CA SER E 41 42.10 4.68 15.75
C SER E 41 42.25 6.14 16.19
N VAL E 42 42.75 6.38 17.42
CA VAL E 42 42.81 7.72 17.98
C VAL E 42 43.29 8.73 16.93
N ASP E 43 42.56 9.85 16.81
CA ASP E 43 42.75 10.84 15.76
C ASP E 43 43.32 12.14 16.36
N GLY E 44 42.82 12.52 17.54
CA GLY E 44 43.27 13.69 18.27
C GLY E 44 42.27 14.05 19.36
N ILE E 45 41.15 14.65 18.93
CA ILE E 45 39.95 14.80 19.75
C ILE E 45 38.77 14.24 18.96
N SER E 46 37.87 13.53 19.67
CA SER E 46 36.75 12.83 19.05
C SER E 46 35.63 13.80 18.68
N ARG E 47 34.97 13.46 17.56
CA ARG E 47 33.85 14.22 17.01
C ARG E 47 32.53 13.62 17.51
N ASP E 48 32.59 12.40 18.08
CA ASP E 48 31.43 11.67 18.55
C ASP E 48 31.10 12.04 20.00
N ALA E 49 29.94 12.71 20.19
CA ALA E 49 29.50 13.15 21.50
C ALA E 49 29.11 11.99 22.40
N MET E 50 29.00 10.75 21.87
CA MET E 50 28.75 9.60 22.73
C MET E 50 29.96 9.30 23.62
N LEU E 51 31.12 9.94 23.30
CA LEU E 51 32.37 9.73 24.03
C LEU E 51 32.66 10.90 24.97
N ARG E 52 31.60 11.43 25.57
CA ARG E 52 31.71 12.50 26.54
C ARG E 52 31.81 11.85 27.92
N ASN E 53 32.25 12.64 28.91
CA ASN E 53 32.53 12.14 30.26
C ASN E 53 33.49 10.95 30.26
N ARG E 54 34.59 11.06 29.51
CA ARG E 54 35.59 9.99 29.39
C ARG E 54 37.02 10.52 29.61
N ARG E 55 37.93 9.61 29.97
CA ARG E 55 39.34 9.74 29.63
C ARG E 55 39.70 8.65 28.61
N ILE E 56 40.19 9.08 27.43
CA ILE E 56 40.57 8.19 26.36
C ILE E 56 42.06 7.84 26.49
N VAL E 57 42.39 6.54 26.47
CA VAL E 57 43.78 6.09 26.44
C VAL E 57 43.98 5.11 25.28
N THR E 58 45.20 5.13 24.73
CA THR E 58 45.59 4.32 23.59
C THR E 58 46.51 3.18 24.07
N ALA E 59 46.16 1.93 23.77
CA ALA E 59 47.03 0.78 24.03
C ALA E 59 46.70 -0.40 23.13
N ASP E 60 47.72 -0.91 22.44
CA ASP E 60 47.63 -2.15 21.68
C ASP E 60 47.56 -3.32 22.65
N LEU E 61 46.36 -3.90 22.82
CA LEU E 61 46.14 -4.97 23.76
C LEU E 61 46.72 -6.29 23.26
N LYS E 62 47.21 -6.31 22.03
CA LYS E 62 47.80 -7.53 21.49
C LYS E 62 49.26 -7.66 21.95
N SER E 63 49.93 -6.52 22.22
CA SER E 63 51.30 -6.55 22.74
C SER E 63 51.33 -6.90 24.23
N ASP E 64 52.53 -7.29 24.71
CA ASP E 64 52.73 -7.69 26.10
C ASP E 64 52.69 -6.48 27.03
N GLN E 65 53.16 -5.32 26.54
CA GLN E 65 53.12 -4.10 27.33
C GLN E 65 51.68 -3.61 27.47
N GLY E 66 50.96 -3.50 26.34
CA GLY E 66 49.53 -3.19 26.35
C GLY E 66 48.78 -4.00 27.41
N LEU E 67 48.87 -5.34 27.34
CA LEU E 67 48.08 -6.21 28.20
C LEU E 67 48.36 -5.95 29.69
N GLU E 68 49.62 -5.66 30.03
CA GLU E 68 49.94 -5.56 31.44
C GLU E 68 49.54 -4.16 31.93
N LEU E 69 49.72 -3.11 31.12
CA LEU E 69 49.24 -1.78 31.46
C LEU E 69 47.72 -1.77 31.72
N ALA E 70 46.99 -2.52 30.89
CA ALA E 70 45.54 -2.60 30.97
C ALA E 70 45.11 -3.45 32.17
N LEU E 71 45.87 -4.49 32.51
CA LEU E 71 45.56 -5.29 33.70
C LEU E 71 45.82 -4.48 34.99
N LYS E 72 46.62 -3.41 34.90
CA LYS E 72 46.88 -2.56 36.06
C LYS E 72 45.70 -1.63 36.30
N LEU E 73 45.23 -0.90 35.27
CA LEU E 73 43.96 -0.16 35.30
C LEU E 73 42.84 -1.02 35.88
N ILE E 74 42.69 -2.24 35.35
CA ILE E 74 41.58 -3.09 35.76
C ILE E 74 41.68 -3.50 37.23
N ALA E 75 42.89 -3.48 37.81
CA ALA E 75 43.06 -3.87 39.21
C ALA E 75 42.60 -2.74 40.13
N LYS E 76 42.67 -1.50 39.64
CA LYS E 76 42.29 -0.29 40.36
C LYS E 76 40.81 0.09 40.14
N ALA E 77 40.07 -0.70 39.35
CA ALA E 77 38.74 -0.27 38.89
C ALA E 77 37.66 -1.14 39.51
N ASP E 78 36.42 -0.64 39.49
CA ASP E 78 35.26 -1.39 39.96
C ASP E 78 34.61 -2.20 38.85
N VAL E 79 34.65 -1.62 37.64
CA VAL E 79 33.83 -2.14 36.56
C VAL E 79 34.66 -2.21 35.28
N LEU E 80 34.50 -3.35 34.60
CA LEU E 80 35.01 -3.45 33.23
C LEU E 80 33.86 -3.73 32.27
N ILE E 81 33.88 -2.97 31.17
CA ILE E 81 32.90 -3.07 30.10
C ILE E 81 33.63 -3.51 28.84
N GLU E 82 33.19 -4.64 28.30
CA GLU E 82 33.65 -5.07 26.98
C GLU E 82 32.42 -5.49 26.17
N GLY E 83 32.47 -5.23 24.85
CA GLY E 83 31.45 -5.70 23.92
C GLY E 83 32.03 -6.25 22.61
N TYR E 84 33.04 -7.12 22.73
CA TYR E 84 33.52 -7.94 21.63
C TYR E 84 32.74 -9.24 21.59
N ARG E 85 32.98 -10.04 20.53
CA ARG E 85 32.40 -11.37 20.48
C ARG E 85 32.92 -12.15 21.68
N PRO E 86 32.16 -13.15 22.16
CA PRO E 86 32.63 -14.03 23.24
C PRO E 86 33.93 -14.69 22.80
N GLY E 87 34.89 -14.78 23.73
CA GLY E 87 36.18 -15.40 23.47
C GLY E 87 37.27 -14.38 23.20
N VAL E 88 36.91 -13.15 22.83
CA VAL E 88 37.90 -12.18 22.39
C VAL E 88 38.72 -11.67 23.57
N THR E 89 38.05 -11.37 24.69
CA THR E 89 38.81 -10.91 25.84
C THR E 89 39.65 -12.08 26.35
N GLU E 90 39.06 -13.29 26.40
CA GLU E 90 39.80 -14.45 26.85
C GLU E 90 41.14 -14.53 26.09
N ARG E 91 41.09 -14.48 24.75
CA ARG E 91 42.29 -14.59 23.92
C ARG E 91 43.26 -13.46 24.21
N LEU E 92 42.79 -12.23 24.40
CA LEU E 92 43.75 -11.16 24.70
C LEU E 92 44.42 -11.37 26.05
N GLY E 93 43.88 -12.29 26.90
CA GLY E 93 44.28 -12.43 28.30
C GLY E 93 43.68 -11.34 29.19
N LEU E 94 42.42 -10.96 28.89
CA LEU E 94 41.67 -9.96 29.65
C LEU E 94 40.35 -10.56 30.04
N GLY E 95 40.27 -11.88 30.01
CA GLY E 95 39.06 -12.62 30.29
C GLY E 95 38.62 -12.41 31.74
N PRO E 96 37.42 -12.89 32.13
CA PRO E 96 36.97 -12.72 33.50
C PRO E 96 38.01 -13.31 34.46
N GLU E 97 38.48 -14.53 34.16
CA GLU E 97 39.34 -15.28 35.06
C GLU E 97 40.71 -14.63 35.24
N GLU E 98 41.33 -14.17 34.15
CA GLU E 98 42.55 -13.39 34.23
C GLU E 98 42.35 -12.10 35.03
N CYS E 99 41.15 -11.52 34.94
CA CYS E 99 40.90 -10.24 35.59
C CYS E 99 40.67 -10.48 37.08
N ALA E 100 40.04 -11.60 37.40
CA ALA E 100 39.74 -11.98 38.78
C ALA E 100 41.03 -12.26 39.56
N LYS E 101 42.12 -12.55 38.84
CA LYS E 101 43.41 -12.78 39.47
C LYS E 101 43.87 -11.50 40.12
N VAL E 102 43.76 -10.38 39.41
CA VAL E 102 44.29 -9.10 39.87
C VAL E 102 43.23 -8.24 40.57
N ASN E 103 41.99 -8.75 40.73
CA ASN E 103 40.89 -7.97 41.30
C ASN E 103 39.64 -8.85 41.45
N ASP E 104 39.48 -9.45 42.64
CA ASP E 104 38.35 -10.33 42.92
C ASP E 104 37.05 -9.56 43.19
N ARG E 105 37.10 -8.21 43.11
CA ARG E 105 35.93 -7.41 43.40
C ARG E 105 35.36 -6.76 42.13
N LEU E 106 35.77 -7.26 40.95
CA LEU E 106 35.48 -6.57 39.70
C LEU E 106 34.10 -6.99 39.20
N ILE E 107 33.35 -6.00 38.73
CA ILE E 107 32.15 -6.28 37.95
C ILE E 107 32.58 -6.36 36.48
N TYR E 108 32.41 -7.57 35.93
CA TYR E 108 32.84 -7.86 34.57
C TYR E 108 31.62 -7.85 33.66
N ALA E 109 31.53 -6.80 32.85
CA ALA E 109 30.27 -6.56 32.14
C ALA E 109 30.47 -6.82 30.65
N ARG E 110 29.75 -7.85 30.19
CA ARG E 110 29.88 -8.38 28.84
C ARG E 110 28.62 -8.09 28.00
N MET E 111 28.81 -7.24 26.99
CA MET E 111 27.73 -6.65 26.19
C MET E 111 27.71 -7.31 24.82
N THR E 112 26.75 -8.19 24.59
CA THR E 112 26.65 -8.84 23.30
C THR E 112 25.22 -8.73 22.79
N GLY E 113 25.03 -9.14 21.53
CA GLY E 113 23.71 -9.25 20.94
C GLY E 113 23.12 -10.61 21.23
N TRP E 114 23.90 -11.68 20.94
CA TRP E 114 23.37 -13.03 21.00
C TRP E 114 23.63 -13.72 22.35
N GLY E 115 24.51 -13.13 23.17
CA GLY E 115 24.90 -13.75 24.44
C GLY E 115 26.23 -14.53 24.33
N GLN E 116 26.57 -15.24 25.40
CA GLN E 116 27.92 -15.73 25.55
C GLN E 116 28.04 -17.11 24.92
N THR E 117 26.92 -17.83 24.82
CA THR E 117 26.94 -19.17 24.26
C THR E 117 25.72 -19.34 23.36
N GLY E 118 25.67 -20.49 22.69
CA GLY E 118 24.56 -20.83 21.81
C GLY E 118 25.01 -20.75 20.36
N PRO E 119 24.21 -21.32 19.46
CA PRO E 119 24.55 -21.41 18.03
C PRO E 119 24.88 -20.06 17.36
N ARG E 120 24.34 -18.94 17.85
CA ARG E 120 24.57 -17.66 17.17
C ARG E 120 25.61 -16.83 17.89
N SER E 121 26.22 -17.37 18.95
CA SER E 121 27.12 -16.58 19.78
C SER E 121 28.30 -16.00 19.04
N GLN E 122 28.64 -16.56 17.86
CA GLN E 122 29.79 -16.05 17.11
C GLN E 122 29.36 -15.32 15.83
N GLN E 123 28.07 -15.33 15.48
CA GLN E 123 27.58 -14.56 14.34
C GLN E 123 27.65 -13.05 14.57
N ALA E 124 28.13 -12.33 13.57
CA ALA E 124 28.01 -10.87 13.52
C ALA E 124 26.52 -10.48 13.49
N GLY E 125 26.26 -9.25 13.88
CA GLY E 125 24.90 -8.79 14.03
C GLY E 125 24.81 -7.30 14.29
N HIS E 126 23.62 -6.76 14.02
CA HIS E 126 23.25 -5.45 14.46
C HIS E 126 21.84 -5.50 15.05
N ASP E 127 21.42 -4.34 15.55
CA ASP E 127 20.19 -4.22 16.33
C ASP E 127 19.07 -4.97 15.62
N ILE E 128 18.95 -4.70 14.33
CA ILE E 128 17.81 -5.17 13.58
C ILE E 128 17.73 -6.70 13.59
N ASN E 129 18.91 -7.35 13.68
CA ASN E 129 18.97 -8.81 13.70
C ASN E 129 18.49 -9.36 15.05
N TYR E 130 18.91 -8.70 16.13
CA TYR E 130 18.60 -9.21 17.47
C TYR E 130 17.10 -9.14 17.72
N ILE E 131 16.47 -8.04 17.24
CA ILE E 131 15.03 -7.86 17.41
C ILE E 131 14.24 -8.61 16.36
N SER E 132 14.86 -9.14 15.31
CA SER E 132 14.09 -9.95 14.36
C SER E 132 13.81 -11.35 14.94
N LEU E 133 14.69 -11.82 15.81
CA LEU E 133 14.65 -13.21 16.23
C LEU E 133 13.69 -13.46 17.39
N ASN E 134 13.32 -12.39 18.11
CA ASN E 134 12.55 -12.51 19.33
C ASN E 134 11.15 -11.92 19.18
N GLY E 135 10.72 -11.60 17.95
CA GLY E 135 9.34 -11.24 17.68
C GLY E 135 9.05 -9.73 17.68
N ILE E 136 10.01 -8.92 18.14
CA ILE E 136 9.85 -7.49 18.23
C ILE E 136 9.71 -6.87 16.83
N LEU E 137 10.69 -7.04 15.95
CA LEU E 137 10.65 -6.33 14.69
C LEU E 137 9.36 -6.64 13.93
N HIS E 138 8.89 -7.88 14.03
CA HIS E 138 7.70 -8.30 13.32
C HIS E 138 6.49 -7.47 13.73
N ALA E 139 6.51 -6.92 14.94
CA ALA E 139 5.34 -6.27 15.47
C ALA E 139 5.30 -4.79 15.12
N ILE E 140 6.38 -4.25 14.53
CA ILE E 140 6.50 -2.81 14.33
C ILE E 140 6.23 -2.41 12.88
N GLY E 141 5.22 -1.53 12.69
CA GLY E 141 4.93 -0.87 11.42
C GLY E 141 3.48 -1.07 10.99
N ARG E 142 3.14 -0.57 9.81
CA ARG E 142 1.79 -0.71 9.27
C ARG E 142 1.56 -2.15 8.80
N GLY E 143 0.30 -2.59 8.89
CA GLY E 143 -0.08 -3.96 8.59
C GLY E 143 0.07 -4.32 7.10
N ASP E 144 -0.05 -3.34 6.22
CA ASP E 144 -0.02 -3.65 4.80
C ASP E 144 1.41 -3.57 4.25
N GLU E 145 2.43 -3.62 5.12
CA GLU E 145 3.79 -3.26 4.72
C GLU E 145 4.83 -4.07 5.48
N ARG E 146 6.04 -4.06 4.96
CA ARG E 146 7.06 -4.83 5.62
C ARG E 146 7.43 -4.16 6.95
N PRO E 147 7.87 -4.92 7.96
CA PRO E 147 8.21 -4.30 9.24
C PRO E 147 9.25 -3.21 9.08
N VAL E 148 9.19 -2.22 9.98
CA VAL E 148 10.08 -1.10 9.92
C VAL E 148 10.96 -1.10 11.17
N PRO E 149 12.27 -0.88 11.04
CA PRO E 149 13.14 -0.79 12.20
C PRO E 149 12.91 0.50 12.99
N PRO E 150 12.75 0.40 14.33
CA PRO E 150 12.62 1.57 15.19
C PRO E 150 13.99 2.11 15.53
N LEU E 151 14.64 2.68 14.53
CA LEU E 151 16.06 2.91 14.53
C LEU E 151 16.75 1.71 15.21
N ASN E 152 17.85 1.98 15.93
CA ASN E 152 18.53 1.01 16.77
C ASN E 152 18.23 1.25 18.25
N LEU E 153 16.97 1.62 18.58
CA LEU E 153 16.63 2.04 19.93
C LEU E 153 16.29 0.83 20.79
N VAL E 154 15.71 -0.21 20.20
CA VAL E 154 15.16 -1.29 21.00
C VAL E 154 16.22 -2.36 21.30
N GLY E 155 17.13 -2.64 20.39
CA GLY E 155 18.11 -3.69 20.65
C GLY E 155 19.40 -3.14 21.30
N ASP E 156 20.05 -2.17 20.64
CA ASP E 156 21.24 -1.55 21.19
C ASP E 156 20.95 -0.92 22.55
N PHE E 157 19.97 0.00 22.66
CA PHE E 157 19.93 0.87 23.82
C PHE E 157 18.88 0.34 24.81
N GLY E 158 17.61 0.40 24.45
CA GLY E 158 16.54 -0.07 25.31
C GLY E 158 16.84 -1.43 25.91
N GLY E 159 17.18 -2.40 25.08
CA GLY E 159 17.29 -3.78 25.55
C GLY E 159 18.75 -4.23 25.65
N GLY E 160 19.66 -3.27 25.54
CA GLY E 160 21.10 -3.52 25.41
C GLY E 160 21.88 -2.82 26.50
N SER E 161 22.40 -1.64 26.19
CA SER E 161 23.10 -0.79 27.13
C SER E 161 22.34 -0.67 28.44
N MET E 162 21.01 -0.49 28.41
CA MET E 162 20.28 -0.14 29.62
C MET E 162 20.27 -1.35 30.53
N PHE E 163 20.23 -2.55 29.94
CA PHE E 163 20.23 -3.75 30.77
C PHE E 163 21.63 -4.07 31.28
N LEU E 164 22.66 -3.63 30.54
CA LEU E 164 24.03 -3.69 31.03
C LEU E 164 24.10 -2.84 32.29
N LEU E 165 23.63 -1.59 32.21
CA LEU E 165 23.65 -0.67 33.33
C LEU E 165 22.95 -1.30 34.54
N VAL E 166 21.72 -1.77 34.38
CA VAL E 166 21.02 -2.37 35.49
C VAL E 166 21.85 -3.51 36.09
N GLY E 167 22.52 -4.30 35.25
CA GLY E 167 23.33 -5.42 35.67
C GLY E 167 24.55 -5.00 36.48
N ILE E 168 25.32 -4.03 35.98
CA ILE E 168 26.44 -3.44 36.67
C ILE E 168 26.03 -2.93 38.06
N LEU E 169 24.95 -2.15 38.15
CA LEU E 169 24.55 -1.53 39.41
C LEU E 169 23.88 -2.56 40.32
N ALA E 170 23.10 -3.51 39.82
CA ALA E 170 22.61 -4.57 40.69
C ALA E 170 23.77 -5.42 41.26
N ALA E 171 24.89 -5.45 40.55
CA ALA E 171 26.00 -6.28 40.99
C ALA E 171 26.83 -5.52 42.02
N LEU E 172 27.01 -4.20 41.83
CA LEU E 172 27.65 -3.31 42.79
C LEU E 172 26.90 -3.30 44.13
N TRP E 173 25.58 -3.47 44.09
CA TRP E 173 24.80 -3.56 45.30
C TRP E 173 25.08 -4.88 46.03
N GLU E 174 25.11 -5.96 45.27
CA GLU E 174 25.34 -7.30 45.80
C GLU E 174 26.72 -7.36 46.44
N ARG E 175 27.67 -6.63 45.85
CA ARG E 175 29.05 -6.62 46.29
C ARG E 175 29.17 -6.01 47.69
N GLN E 176 28.27 -5.08 48.03
CA GLN E 176 28.29 -4.46 49.35
C GLN E 176 28.11 -5.56 50.39
N SER E 177 27.25 -6.56 50.14
CA SER E 177 26.98 -7.59 51.14
C SER E 177 27.83 -8.85 50.93
N SER E 178 28.60 -8.95 49.84
CA SER E 178 29.31 -10.21 49.57
C SER E 178 30.83 -10.01 49.54
N GLY E 179 31.32 -8.77 49.32
CA GLY E 179 32.73 -8.49 49.10
C GLY E 179 33.21 -8.79 47.67
N LYS E 180 32.47 -9.64 46.92
CA LYS E 180 32.92 -10.19 45.64
C LYS E 180 32.17 -9.60 44.43
N GLY E 181 32.91 -9.44 43.31
CA GLY E 181 32.37 -9.14 42.00
C GLY E 181 31.81 -10.37 41.29
N GLN E 182 31.59 -10.25 39.97
CA GLN E 182 30.97 -11.31 39.21
C GLN E 182 30.83 -10.85 37.77
N VAL E 183 30.34 -11.77 36.92
CA VAL E 183 30.24 -11.51 35.50
C VAL E 183 28.79 -11.16 35.15
N VAL E 184 28.63 -10.04 34.43
CA VAL E 184 27.32 -9.63 33.92
C VAL E 184 27.26 -9.91 32.41
N ASP E 185 26.44 -10.90 32.04
CA ASP E 185 26.12 -11.28 30.65
C ASP E 185 24.81 -10.59 30.24
N ALA E 186 24.95 -9.45 29.54
CA ALA E 186 23.81 -8.72 28.94
C ALA E 186 23.73 -8.97 27.42
N ALA E 187 22.78 -9.80 27.01
CA ALA E 187 22.52 -10.05 25.60
C ALA E 187 21.31 -9.22 25.12
N MET E 188 21.47 -8.44 24.02
CA MET E 188 20.41 -7.60 23.45
C MET E 188 19.16 -8.41 23.18
N VAL E 189 19.31 -9.67 22.77
CA VAL E 189 18.15 -10.49 22.50
C VAL E 189 17.38 -10.82 23.80
N ASP E 190 18.07 -10.79 24.95
CA ASP E 190 17.41 -11.05 26.23
C ASP E 190 16.74 -9.77 26.73
N GLY E 191 17.54 -8.71 26.84
CA GLY E 191 17.10 -7.43 27.35
C GLY E 191 15.89 -6.91 26.58
N SER E 192 15.95 -6.95 25.25
CA SER E 192 14.85 -6.47 24.44
C SER E 192 13.61 -7.34 24.68
N SER E 193 13.77 -8.63 24.99
CA SER E 193 12.60 -9.46 25.30
C SER E 193 11.93 -9.03 26.62
N VAL E 194 12.72 -8.59 27.60
CA VAL E 194 12.15 -8.13 28.86
C VAL E 194 11.53 -6.76 28.59
N LEU E 195 12.16 -5.98 27.72
CA LEU E 195 11.68 -4.65 27.42
C LEU E 195 10.25 -4.77 26.92
N ILE E 196 9.95 -5.86 26.20
CA ILE E 196 8.64 -6.04 25.59
C ILE E 196 7.78 -7.04 26.38
N GLN E 197 8.06 -7.17 27.67
CA GLN E 197 7.32 -8.13 28.49
C GLN E 197 5.81 -7.91 28.46
N MET E 198 5.37 -6.65 28.45
CA MET E 198 3.94 -6.35 28.41
C MET E 198 3.24 -7.05 27.24
N MET E 199 3.88 -7.03 26.07
CA MET E 199 3.25 -7.66 24.90
C MET E 199 3.13 -9.16 25.14
N TRP E 200 4.17 -9.79 25.70
CA TRP E 200 4.11 -11.22 26.02
C TRP E 200 3.00 -11.50 27.05
N ALA E 201 2.78 -10.58 27.99
CA ALA E 201 1.70 -10.73 28.96
C ALA E 201 0.35 -10.61 28.24
N MET E 202 0.14 -9.48 27.56
CA MET E 202 -1.10 -9.24 26.87
C MET E 202 -1.39 -10.40 25.92
N ARG E 203 -0.33 -11.03 25.39
CA ARG E 203 -0.51 -12.06 24.38
C ARG E 203 -1.18 -13.28 25.00
N ALA E 204 -0.74 -13.61 26.22
CA ALA E 204 -1.29 -14.72 27.00
C ALA E 204 -2.76 -14.51 27.35
N THR E 205 -3.19 -13.26 27.56
CA THR E 205 -4.56 -13.00 27.95
C THR E 205 -5.42 -12.60 26.75
N GLY E 206 -4.98 -12.94 25.52
CA GLY E 206 -5.71 -12.64 24.29
C GLY E 206 -5.87 -11.14 24.01
N MET E 207 -5.07 -10.27 24.63
CA MET E 207 -5.18 -8.84 24.48
C MET E 207 -4.15 -8.31 23.47
N TRP E 208 -3.37 -9.18 22.83
CA TRP E 208 -2.41 -8.76 21.84
C TRP E 208 -2.30 -9.89 20.81
N THR E 209 -2.39 -9.56 19.51
CA THR E 209 -2.19 -10.52 18.42
C THR E 209 -0.88 -10.26 17.66
N ASP E 210 -0.45 -11.31 16.94
CA ASP E 210 0.73 -11.28 16.09
C ASP E 210 0.48 -10.58 14.76
N THR E 211 -0.75 -10.14 14.49
CA THR E 211 -1.04 -9.32 13.33
C THR E 211 -0.50 -7.91 13.49
N ARG E 212 0.39 -7.52 12.58
CA ARG E 212 1.02 -6.22 12.64
C ARG E 212 -0.03 -5.17 12.33
N GLY E 213 -0.02 -4.07 13.08
CA GLY E 213 -0.89 -2.93 12.82
C GLY E 213 -2.36 -3.15 13.20
N ALA E 214 -2.63 -4.08 14.13
CA ALA E 214 -3.98 -4.36 14.56
C ALA E 214 -4.12 -4.48 16.07
N ASN E 215 -3.30 -3.79 16.85
CA ASN E 215 -3.41 -3.82 18.30
C ASN E 215 -3.51 -2.40 18.85
N MET E 216 -3.65 -2.28 20.17
CA MET E 216 -3.95 -0.99 20.76
C MET E 216 -2.77 -0.03 20.66
N LEU E 217 -1.53 -0.54 20.60
CA LEU E 217 -0.36 0.30 20.80
C LEU E 217 0.62 0.23 19.62
N ASP E 218 0.20 -0.37 18.52
CA ASP E 218 1.08 -0.50 17.35
C ASP E 218 0.68 0.45 16.23
N GLY E 219 -0.31 1.31 16.48
CA GLY E 219 -0.84 2.16 15.44
C GLY E 219 -2.18 1.64 14.91
N GLY E 220 -2.59 0.46 15.34
CA GLY E 220 -3.89 -0.08 14.96
C GLY E 220 -5.08 0.71 15.49
N ALA E 221 -4.96 1.29 16.70
CA ALA E 221 -6.08 2.00 17.30
C ALA E 221 -6.15 3.41 16.75
N PRO E 222 -7.33 3.90 16.34
CA PRO E 222 -7.44 5.28 15.88
C PRO E 222 -7.09 6.32 16.93
N TYR E 223 -7.20 5.94 18.21
CA TYR E 223 -6.93 6.84 19.31
C TYR E 223 -5.47 6.76 19.75
N TYR E 224 -4.66 5.90 19.12
CA TYR E 224 -3.25 5.79 19.48
C TYR E 224 -2.43 5.67 18.19
N ASP E 225 -2.15 6.84 17.56
CA ASP E 225 -1.54 6.88 16.24
C ASP E 225 -1.17 8.33 15.96
N THR E 226 -0.50 8.52 14.84
CA THR E 226 -0.26 9.86 14.33
C THR E 226 -1.33 10.23 13.30
N TYR E 227 -1.52 11.54 13.12
CA TYR E 227 -2.41 12.07 12.09
C TYR E 227 -1.73 13.22 11.37
N GLU E 228 -1.93 13.27 10.07
CA GLU E 228 -1.43 14.34 9.27
C GLU E 228 -2.37 15.56 9.31
N CYS E 229 -1.78 16.75 9.41
CA CYS E 229 -2.49 18.00 9.61
C CYS E 229 -2.54 18.76 8.29
N ALA E 230 -3.29 19.87 8.25
CA ALA E 230 -3.51 20.64 7.03
C ALA E 230 -2.18 21.06 6.40
N ASP E 231 -1.14 21.29 7.21
CA ASP E 231 0.12 21.79 6.70
C ASP E 231 1.06 20.66 6.31
N GLY E 232 0.65 19.39 6.40
CA GLY E 232 1.53 18.29 6.04
C GLY E 232 2.40 17.81 7.20
N ARG E 233 2.33 18.45 8.36
CA ARG E 233 3.01 18.01 9.57
C ARG E 233 2.05 17.15 10.39
N TYR E 234 2.53 16.60 11.52
CA TYR E 234 1.81 15.53 12.18
C TYR E 234 1.55 15.86 13.66
N VAL E 235 0.49 15.21 14.18
CA VAL E 235 0.23 15.15 15.61
C VAL E 235 0.17 13.71 16.03
N ALA E 236 0.37 13.51 17.33
CA ALA E 236 0.23 12.22 17.93
C ALA E 236 -0.91 12.25 18.91
N VAL E 237 -1.69 11.17 18.85
CA VAL E 237 -2.85 11.00 19.67
C VAL E 237 -2.58 9.77 20.51
N GLY E 238 -2.76 9.91 21.84
CA GLY E 238 -2.53 8.80 22.75
C GLY E 238 -3.64 8.64 23.79
N ALA E 239 -4.88 8.89 23.36
CA ALA E 239 -6.02 9.03 24.24
C ALA E 239 -6.67 7.68 24.48
N ILE E 240 -5.96 6.89 25.29
CA ILE E 240 -6.42 5.56 25.61
C ILE E 240 -7.59 5.58 26.60
N GLU E 241 -7.49 6.37 27.68
CA GLU E 241 -8.53 6.38 28.72
C GLU E 241 -9.78 7.08 28.18
N PRO E 242 -10.98 6.56 28.45
CA PRO E 242 -12.19 7.12 27.86
C PRO E 242 -12.40 8.61 28.08
N GLN E 243 -11.94 9.12 29.23
CA GLN E 243 -12.17 10.51 29.57
C GLN E 243 -11.30 11.40 28.71
N PHE E 244 -10.05 10.96 28.52
CA PHE E 244 -9.09 11.68 27.71
C PHE E 244 -9.56 11.64 26.25
N TYR E 245 -10.04 10.47 25.79
CA TYR E 245 -10.58 10.32 24.43
C TYR E 245 -11.76 11.29 24.25
N ALA E 246 -12.66 11.37 25.22
CA ALA E 246 -13.79 12.29 25.11
C ALA E 246 -13.34 13.73 24.97
N ALA E 247 -12.28 14.10 25.71
CA ALA E 247 -11.77 15.45 25.67
C ALA E 247 -11.22 15.77 24.29
N MET E 248 -10.60 14.77 23.69
CA MET E 248 -10.03 14.93 22.35
C MET E 248 -11.15 15.13 21.32
N LEU E 249 -12.19 14.29 21.34
CA LEU E 249 -13.29 14.44 20.39
C LEU E 249 -13.85 15.87 20.46
N ALA E 250 -14.14 16.35 21.68
CA ALA E 250 -14.72 17.67 21.87
C ALA E 250 -13.79 18.75 21.32
N GLY E 251 -12.49 18.57 21.46
CA GLY E 251 -11.56 19.57 20.95
C GLY E 251 -11.53 19.57 19.44
N LEU E 252 -11.81 18.42 18.83
CA LEU E 252 -11.84 18.29 17.37
C LEU E 252 -13.20 18.76 16.82
N GLY E 253 -14.14 19.09 17.70
CA GLY E 253 -15.43 19.55 17.27
C GLY E 253 -16.32 18.39 16.83
N LEU E 254 -16.05 17.17 17.30
CA LEU E 254 -16.85 16.02 16.90
C LEU E 254 -17.72 15.65 18.07
N ASP E 255 -18.93 15.24 17.76
CA ASP E 255 -19.91 14.89 18.75
C ASP E 255 -19.87 13.38 18.89
N ALA E 256 -19.47 12.89 20.07
CA ALA E 256 -19.33 11.46 20.33
C ALA E 256 -20.58 10.69 19.93
N ALA E 257 -21.73 11.35 20.03
CA ALA E 257 -23.03 10.73 19.81
C ALA E 257 -23.15 10.21 18.38
N GLU E 258 -22.36 10.80 17.47
CA GLU E 258 -22.39 10.47 16.06
C GLU E 258 -21.28 9.49 15.64
N LEU E 259 -20.30 9.18 16.51
CA LEU E 259 -19.17 8.36 16.12
C LEU E 259 -19.40 6.92 16.56
N PRO E 260 -18.68 5.93 16.01
CA PRO E 260 -18.70 4.58 16.55
C PRO E 260 -18.05 4.55 17.92
N PRO E 261 -18.33 3.56 18.78
CA PRO E 261 -17.68 3.48 20.09
C PRO E 261 -16.15 3.39 20.00
N GLN E 262 -15.45 3.93 20.99
CA GLN E 262 -13.99 4.04 20.94
C GLN E 262 -13.32 2.70 20.64
N ASN E 263 -13.86 1.61 21.19
CA ASN E 263 -13.19 0.33 21.18
C ASN E 263 -14.04 -0.73 20.50
N ASP E 264 -14.92 -0.32 19.59
CA ASP E 264 -15.50 -1.25 18.62
C ASP E 264 -14.54 -1.33 17.42
N ARG E 265 -13.71 -2.37 17.44
CA ARG E 265 -12.65 -2.54 16.48
C ARG E 265 -13.17 -2.77 15.07
N ALA E 266 -14.33 -3.41 14.93
CA ALA E 266 -14.93 -3.63 13.63
C ALA E 266 -15.10 -2.29 12.90
N ARG E 267 -15.29 -1.20 13.66
CA ARG E 267 -15.59 0.11 13.10
C ARG E 267 -14.43 1.09 13.25
N TRP E 268 -13.25 0.56 13.56
CA TRP E 268 -12.07 1.39 13.66
C TRP E 268 -11.76 2.08 12.33
N PRO E 269 -11.86 1.43 11.13
CA PRO E 269 -11.63 2.15 9.87
C PRO E 269 -12.56 3.36 9.74
N GLU E 270 -13.83 3.19 10.10
CA GLU E 270 -14.80 4.27 10.05
C GLU E 270 -14.42 5.41 11.02
N LEU E 271 -14.10 5.05 12.28
CA LEU E 271 -13.60 6.00 13.26
C LEU E 271 -12.34 6.70 12.77
N ARG E 272 -11.41 5.96 12.19
CA ARG E 272 -10.16 6.56 11.76
C ARG E 272 -10.42 7.58 10.65
N ALA E 273 -11.35 7.27 9.73
CA ALA E 273 -11.62 8.22 8.66
C ALA E 273 -12.17 9.53 9.24
N LEU E 274 -13.03 9.48 10.27
CA LEU E 274 -13.61 10.71 10.79
C LEU E 274 -12.54 11.56 11.50
N LEU E 275 -11.63 10.91 12.25
CA LEU E 275 -10.53 11.64 12.90
C LEU E 275 -9.56 12.21 11.86
N THR E 276 -9.29 11.42 10.81
CA THR E 276 -8.37 11.85 9.78
C THR E 276 -8.86 13.17 9.19
N GLU E 277 -10.15 13.25 8.87
CA GLU E 277 -10.71 14.44 8.25
C GLU E 277 -10.62 15.63 9.23
N ALA E 278 -10.90 15.38 10.51
CA ALA E 278 -10.89 16.43 11.51
C ALA E 278 -9.47 16.98 11.71
N PHE E 279 -8.45 16.12 11.82
CA PHE E 279 -7.11 16.64 12.05
C PHE E 279 -6.57 17.32 10.80
N ALA E 280 -7.04 16.88 9.62
CA ALA E 280 -6.56 17.42 8.36
C ALA E 280 -7.03 18.86 8.12
N SER E 281 -8.01 19.33 8.88
CA SER E 281 -8.64 20.61 8.62
C SER E 281 -7.93 21.76 9.33
N HIS E 282 -6.96 21.50 10.21
CA HIS E 282 -6.12 22.58 10.75
C HIS E 282 -4.67 22.13 10.81
N ASP E 283 -3.77 23.08 11.01
CA ASP E 283 -2.34 22.79 10.96
C ASP E 283 -1.84 22.34 12.32
N ARG E 284 -0.60 21.86 12.39
CA ARG E 284 -0.13 21.15 13.57
C ARG E 284 -0.11 22.08 14.79
N ASP E 285 0.35 23.30 14.57
CA ASP E 285 0.52 24.26 15.65
C ASP E 285 -0.85 24.69 16.20
N HIS E 286 -1.85 24.86 15.34
CA HIS E 286 -3.22 25.03 15.82
C HIS E 286 -3.60 23.94 16.83
N TRP E 287 -3.38 22.67 16.50
CA TRP E 287 -3.84 21.61 17.39
C TRP E 287 -3.05 21.63 18.69
N GLY E 288 -1.78 22.00 18.62
CA GLY E 288 -0.91 22.09 19.79
C GLY E 288 -1.39 23.17 20.76
N ALA E 289 -1.85 24.31 20.23
CA ALA E 289 -2.45 25.38 21.02
C ALA E 289 -3.76 24.92 21.66
N VAL E 290 -4.73 24.60 20.81
CA VAL E 290 -6.03 24.11 21.22
C VAL E 290 -5.93 23.06 22.33
N PHE E 291 -4.92 22.19 22.33
CA PHE E 291 -4.88 21.09 23.30
C PHE E 291 -3.84 21.30 24.41
N ALA E 292 -3.12 22.42 24.37
CA ALA E 292 -2.30 22.85 25.51
C ALA E 292 -3.15 22.85 26.80
N ASN E 293 -2.57 22.28 27.84
CA ASN E 293 -3.12 22.19 29.18
C ASN E 293 -4.29 21.22 29.23
N SER E 294 -4.50 20.40 28.20
CA SER E 294 -5.61 19.44 28.23
C SER E 294 -5.11 18.02 28.47
N ASP E 295 -6.04 17.15 28.83
CA ASP E 295 -5.73 15.76 28.98
C ASP E 295 -6.17 14.97 27.73
N ALA E 296 -6.26 15.65 26.59
CA ALA E 296 -6.68 15.00 25.36
C ALA E 296 -5.59 14.03 24.83
N CYS E 297 -4.35 14.18 25.31
CA CYS E 297 -3.25 13.30 24.91
C CYS E 297 -2.97 13.53 23.44
N VAL E 298 -2.90 14.79 23.04
CA VAL E 298 -2.60 15.17 21.69
C VAL E 298 -1.41 16.10 21.78
N THR E 299 -0.39 15.82 20.95
CA THR E 299 0.87 16.55 20.99
C THR E 299 1.39 16.70 19.57
N PRO E 300 2.10 17.80 19.27
CA PRO E 300 2.74 17.97 17.99
C PRO E 300 3.92 16.99 17.83
N VAL E 301 4.08 16.43 16.63
CA VAL E 301 5.20 15.55 16.35
C VAL E 301 6.32 16.42 15.84
N LEU E 302 7.33 16.68 16.68
CA LEU E 302 8.40 17.59 16.33
C LEU E 302 9.59 16.82 15.74
N ALA E 303 10.20 17.44 14.72
CA ALA E 303 11.47 16.99 14.17
C ALA E 303 12.61 17.52 15.03
N PHE E 304 13.72 16.77 15.04
CA PHE E 304 14.86 17.07 15.88
C PHE E 304 15.16 18.56 15.86
N GLY E 305 15.24 19.17 14.66
CA GLY E 305 15.64 20.55 14.53
C GLY E 305 14.68 21.57 15.17
N GLU E 306 13.47 21.16 15.57
CA GLU E 306 12.46 22.04 16.14
C GLU E 306 12.39 21.85 17.65
N VAL E 307 13.02 20.80 18.16
CA VAL E 307 12.87 20.42 19.54
C VAL E 307 13.33 21.59 20.43
N HIS E 308 14.40 22.27 19.99
CA HIS E 308 15.05 23.33 20.74
C HIS E 308 14.10 24.50 21.01
N ASN E 309 13.08 24.68 20.16
CA ASN E 309 12.09 25.76 20.31
C ASN E 309 10.85 25.38 21.10
N GLU E 310 10.81 24.22 21.75
CA GLU E 310 9.59 23.82 22.42
C GLU E 310 9.68 24.25 23.89
N PRO E 311 8.79 25.16 24.36
CA PRO E 311 8.84 25.65 25.73
C PRO E 311 9.09 24.60 26.80
N HIS E 312 8.40 23.45 26.77
CA HIS E 312 8.58 22.47 27.83
C HIS E 312 9.97 21.86 27.85
N ILE E 313 10.63 21.83 26.68
CA ILE E 313 11.95 21.26 26.53
C ILE E 313 12.95 22.27 27.07
N ILE E 314 12.75 23.56 26.73
CA ILE E 314 13.67 24.61 27.10
C ILE E 314 13.76 24.70 28.61
N GLU E 315 12.62 24.63 29.30
CA GLU E 315 12.54 25.11 30.66
C GLU E 315 12.82 23.99 31.65
N ARG E 316 12.96 22.75 31.17
CA ARG E 316 13.45 21.69 32.04
C ARG E 316 14.93 21.39 31.74
N ASN E 317 15.53 22.11 30.79
CA ASN E 317 16.91 21.87 30.37
C ASN E 317 17.10 20.38 30.09
N THR E 318 16.29 19.86 29.14
CA THR E 318 16.40 18.47 28.75
C THR E 318 17.66 18.35 27.89
N PHE E 319 18.04 19.45 27.20
CA PHE E 319 19.19 19.53 26.31
C PHE E 319 20.16 20.62 26.76
N TYR E 320 21.45 20.46 26.41
CA TYR E 320 22.44 21.51 26.50
C TYR E 320 23.09 21.65 25.13
N GLU E 321 23.69 22.81 24.84
CA GLU E 321 24.32 23.09 23.56
C GLU E 321 25.78 22.64 23.57
N ALA E 322 26.29 22.13 22.43
CA ALA E 322 27.68 21.66 22.39
C ALA E 322 28.15 21.46 20.96
N ASN E 323 28.92 22.44 20.45
CA ASN E 323 29.59 22.31 19.17
C ASN E 323 28.66 21.84 18.06
N GLY E 324 28.04 22.83 17.37
CA GLY E 324 27.25 22.60 16.17
C GLY E 324 26.08 21.63 16.38
N GLY E 325 25.58 21.53 17.62
CA GLY E 325 24.35 20.81 17.89
C GLY E 325 24.02 20.68 19.38
N TRP E 326 22.71 20.55 19.66
CA TRP E 326 22.20 20.19 20.98
C TRP E 326 22.42 18.71 21.26
N GLN E 327 22.52 18.39 22.55
CA GLN E 327 22.76 17.06 23.04
C GLN E 327 21.93 16.93 24.30
N PRO E 328 21.45 15.74 24.63
CA PRO E 328 20.65 15.54 25.81
C PRO E 328 21.49 15.55 27.07
N MET E 329 20.96 16.23 28.10
CA MET E 329 21.52 16.22 29.43
C MET E 329 21.28 14.88 30.08
N PRO E 330 22.07 14.55 31.10
CA PRO E 330 21.94 13.26 31.77
C PRO E 330 20.55 12.93 32.25
N ALA E 331 20.27 11.64 32.40
CA ALA E 331 19.01 11.21 32.95
C ALA E 331 19.31 9.96 33.75
N PRO E 332 18.55 9.62 34.81
CA PRO E 332 17.48 10.49 35.32
C PRO E 332 18.15 11.60 36.14
N ARG E 333 17.35 12.26 36.99
CA ARG E 333 17.82 13.40 37.77
C ARG E 333 17.74 13.06 39.26
N PHE E 334 18.62 13.71 40.04
CA PHE E 334 18.84 13.37 41.44
C PHE E 334 18.70 14.61 42.33
N SER E 335 17.89 14.50 43.41
CA SER E 335 17.61 15.60 44.35
C SER E 335 18.89 16.09 45.03
N ARG E 336 19.58 15.20 45.76
CA ARG E 336 20.77 15.54 46.53
C ARG E 336 22.03 15.61 45.65
N THR E 337 22.47 14.47 45.06
CA THR E 337 23.74 14.42 44.33
C THR E 337 23.53 14.54 42.83
N ALA E 338 23.47 15.79 42.36
CA ALA E 338 22.93 16.01 41.04
C ALA E 338 24.04 15.86 39.99
N SER E 339 23.70 15.25 38.84
CA SER E 339 24.62 15.27 37.71
C SER E 339 24.97 16.70 37.37
N SER E 340 26.02 16.85 36.58
CA SER E 340 26.43 18.13 36.04
C SER E 340 26.55 18.02 34.53
N GLN E 341 26.84 19.13 33.88
CA GLN E 341 26.85 19.13 32.44
C GLN E 341 27.94 18.19 31.94
N PRO E 342 27.68 17.32 30.93
CA PRO E 342 28.72 16.46 30.37
C PRO E 342 29.92 17.23 29.86
N ARG E 343 31.10 16.63 30.10
CA ARG E 343 32.38 17.10 29.61
C ARG E 343 32.58 16.55 28.20
N PRO E 344 32.93 17.41 27.23
CA PRO E 344 33.21 16.98 25.86
C PRO E 344 34.38 16.01 25.77
N PRO E 345 34.52 15.29 24.64
CA PRO E 345 35.54 14.24 24.54
C PRO E 345 36.95 14.74 24.86
N ALA E 346 37.61 14.04 25.80
CA ALA E 346 38.97 14.34 26.21
C ALA E 346 39.92 14.10 25.05
N ALA E 347 41.01 14.89 24.99
CA ALA E 347 42.20 14.51 24.24
C ALA E 347 42.88 13.36 24.98
N THR E 348 43.77 12.65 24.27
CA THR E 348 44.29 11.37 24.75
C THR E 348 45.26 11.58 25.91
N ILE E 349 44.74 11.67 27.14
CA ILE E 349 45.49 11.26 28.31
C ILE E 349 46.08 9.88 28.00
N ASP E 350 47.36 9.62 28.35
CA ASP E 350 47.92 8.29 28.15
C ASP E 350 48.24 7.65 29.51
N ILE E 351 48.35 6.33 29.44
CA ILE E 351 47.78 5.43 30.45
C ILE E 351 48.60 5.43 31.74
N GLU E 352 49.80 6.02 31.70
CA GLU E 352 50.65 6.12 32.87
C GLU E 352 50.03 7.09 33.87
N ALA E 353 49.60 8.24 33.33
CA ALA E 353 49.04 9.37 34.06
C ALA E 353 47.84 8.94 34.90
N VAL E 354 47.02 8.03 34.36
CA VAL E 354 45.80 7.57 35.01
C VAL E 354 46.15 6.71 36.22
N LEU E 355 47.14 5.82 36.04
CA LEU E 355 47.61 4.97 37.13
C LEU E 355 48.20 5.82 38.25
N THR E 356 48.89 6.94 37.90
CA THR E 356 49.25 7.98 38.86
C THR E 356 48.01 8.33 39.69
N ASP E 357 47.02 8.93 39.03
CA ASP E 357 45.78 9.41 39.64
C ASP E 357 45.12 8.31 40.49
N TRP E 358 45.04 7.07 40.00
CA TRP E 358 44.34 6.03 40.73
C TRP E 358 45.22 5.38 41.80
N ASP E 359 46.35 6.01 42.18
CA ASP E 359 47.21 5.59 43.28
C ASP E 359 47.98 4.32 42.93
N GLY E 360 48.79 3.85 43.89
CA GLY E 360 49.42 2.55 43.83
C GLY E 360 50.30 2.39 42.61
N MET F 1 15.56 -15.66 48.42
CA MET F 1 15.19 -15.01 47.13
C MET F 1 16.42 -14.92 46.22
N ALA F 2 16.42 -15.65 45.09
CA ALA F 2 17.57 -15.70 44.19
C ALA F 2 17.82 -14.35 43.51
N GLY F 3 19.09 -13.99 43.34
CA GLY F 3 19.45 -12.88 42.48
C GLY F 3 20.28 -11.82 43.18
N PRO F 4 20.94 -10.91 42.43
CA PRO F 4 21.84 -9.93 43.02
C PRO F 4 21.22 -8.84 43.88
N LEU F 5 19.90 -8.60 43.72
CA LEU F 5 19.22 -7.61 44.51
C LEU F 5 18.54 -8.27 45.72
N SER F 6 18.89 -9.53 46.01
CA SER F 6 18.37 -10.20 47.20
C SER F 6 18.53 -9.27 48.41
N GLY F 7 17.42 -9.17 49.17
CA GLY F 7 17.32 -8.39 50.38
C GLY F 7 17.20 -6.88 50.13
N LEU F 8 16.85 -6.48 48.92
CA LEU F 8 16.39 -5.11 48.71
C LEU F 8 14.87 -5.12 48.85
N ARG F 9 14.34 -4.06 49.47
CA ARG F 9 12.92 -3.97 49.77
C ARG F 9 12.29 -2.83 48.99
N VAL F 10 11.17 -3.13 48.32
CA VAL F 10 10.61 -2.14 47.42
C VAL F 10 9.12 -1.98 47.65
N VAL F 11 8.75 -0.69 47.76
CA VAL F 11 7.35 -0.29 47.80
C VAL F 11 6.94 0.45 46.51
N GLU F 12 5.93 -0.11 45.85
CA GLU F 12 5.44 0.35 44.57
C GLU F 12 3.98 0.80 44.76
N LEU F 13 3.75 2.09 44.58
CA LEU F 13 2.41 2.64 44.47
C LEU F 13 1.82 2.34 43.08
N ALA F 14 0.87 1.41 43.03
CA ALA F 14 0.31 0.87 41.80
C ALA F 14 0.01 1.96 40.78
N GLY F 15 0.61 1.81 39.60
CA GLY F 15 0.47 2.73 38.47
C GLY F 15 0.36 1.94 37.16
N ILE F 16 0.64 2.62 36.04
CA ILE F 16 0.64 1.92 34.76
C ILE F 16 1.93 2.26 34.02
N GLY F 17 2.36 1.33 33.15
CA GLY F 17 3.47 1.59 32.25
C GLY F 17 4.83 1.38 32.90
N PRO F 18 5.64 2.43 33.01
CA PRO F 18 7.04 2.28 33.40
C PRO F 18 7.24 1.81 34.84
N GLY F 19 6.49 2.44 35.73
CA GLY F 19 6.56 2.12 37.16
C GLY F 19 6.48 0.63 37.41
N PRO F 20 5.40 -0.04 37.03
CA PRO F 20 5.32 -1.48 37.22
C PRO F 20 6.38 -2.32 36.46
N HIS F 21 6.97 -1.75 35.41
CA HIS F 21 7.94 -2.53 34.67
C HIS F 21 9.25 -2.53 35.46
N ALA F 22 9.62 -1.34 35.98
CA ALA F 22 10.81 -1.17 36.80
C ALA F 22 10.71 -2.01 38.08
N ALA F 23 9.51 -2.09 38.63
CA ALA F 23 9.31 -2.87 39.84
C ALA F 23 9.43 -4.34 39.48
N MET F 24 8.97 -4.71 38.28
CA MET F 24 9.02 -6.09 37.90
C MET F 24 10.48 -6.55 37.83
N ILE F 25 11.30 -5.69 37.24
CA ILE F 25 12.69 -6.02 37.03
C ILE F 25 13.42 -6.11 38.37
N LEU F 26 13.19 -5.16 39.30
CA LEU F 26 13.70 -5.29 40.67
C LEU F 26 13.32 -6.63 41.26
N GLY F 27 12.05 -7.01 41.20
CA GLY F 27 11.63 -8.35 41.62
C GLY F 27 12.31 -9.50 40.87
N ASP F 28 12.36 -9.42 39.53
CA ASP F 28 13.05 -10.42 38.73
C ASP F 28 14.46 -10.69 39.28
N LEU F 29 15.21 -9.64 39.65
CA LEU F 29 16.60 -9.72 40.12
C LEU F 29 16.73 -9.99 41.64
N GLY F 30 15.63 -10.35 42.32
CA GLY F 30 15.68 -10.89 43.67
C GLY F 30 15.08 -9.98 44.76
N ALA F 31 14.89 -8.68 44.47
CA ALA F 31 14.26 -7.75 45.40
C ALA F 31 12.88 -8.23 45.87
N ASP F 32 12.54 -7.71 47.05
CA ASP F 32 11.30 -7.94 47.77
C ASP F 32 10.35 -6.78 47.48
N VAL F 33 9.32 -7.06 46.66
CA VAL F 33 8.56 -5.97 46.08
C VAL F 33 7.13 -6.09 46.59
N VAL F 34 6.70 -4.97 47.18
CA VAL F 34 5.34 -4.91 47.71
C VAL F 34 4.64 -3.76 47.01
N ARG F 35 3.51 -4.14 46.41
CA ARG F 35 2.72 -3.27 45.55
C ARG F 35 1.44 -2.90 46.27
N ILE F 36 1.29 -1.61 46.59
CA ILE F 36 0.07 -1.09 47.22
C ILE F 36 -0.87 -0.59 46.11
N ASP F 37 -1.91 -1.37 45.84
CA ASP F 37 -3.01 -0.96 44.98
C ASP F 37 -4.17 -0.32 45.77
N ARG F 38 -5.09 0.27 45.02
CA ARG F 38 -6.41 0.70 45.46
C ARG F 38 -7.28 -0.54 45.65
N PRO F 39 -8.14 -0.67 46.70
CA PRO F 39 -8.89 -1.92 46.92
C PRO F 39 -9.99 -2.14 45.90
N SER F 40 -10.43 -1.03 45.27
CA SER F 40 -11.40 -1.01 44.17
C SER F 40 -10.75 -1.47 42.87
N SER F 41 -10.27 -2.72 42.88
CA SER F 41 -9.44 -3.30 41.81
C SER F 41 -8.62 -4.45 42.39
N VAL F 42 -9.29 -5.59 42.60
CA VAL F 42 -8.62 -6.82 42.98
C VAL F 42 -9.25 -7.98 42.20
N ASP F 43 -10.27 -8.65 42.76
CA ASP F 43 -10.90 -9.81 42.15
C ASP F 43 -9.88 -10.94 41.97
N GLY F 44 -9.44 -11.55 43.07
CA GLY F 44 -8.64 -12.76 43.04
C GLY F 44 -7.18 -12.47 42.67
N ILE F 45 -6.63 -13.31 41.78
CA ILE F 45 -5.23 -13.27 41.39
C ILE F 45 -5.12 -12.52 40.08
N SER F 46 -4.08 -11.67 39.91
CA SER F 46 -3.90 -10.89 38.69
C SER F 46 -3.45 -11.77 37.53
N ARG F 47 -3.94 -11.48 36.31
CA ARG F 47 -3.49 -12.18 35.12
C ARG F 47 -2.70 -11.25 34.20
N ASP F 48 -2.27 -10.07 34.73
CA ASP F 48 -1.16 -9.33 34.17
C ASP F 48 0.15 -9.90 34.70
N ALA F 49 0.85 -10.67 33.85
CA ALA F 49 2.12 -11.32 34.17
C ALA F 49 3.27 -10.31 34.41
N MET F 50 3.08 -8.99 34.18
CA MET F 50 4.04 -7.96 34.58
C MET F 50 4.00 -7.68 36.09
N LEU F 51 2.95 -8.19 36.78
CA LEU F 51 2.86 -8.20 38.24
C LEU F 51 3.45 -9.48 38.84
N ARG F 52 4.47 -10.03 38.20
CA ARG F 52 5.16 -11.20 38.69
C ARG F 52 6.20 -10.72 39.71
N ASN F 53 6.69 -11.65 40.56
CA ASN F 53 7.66 -11.33 41.61
C ASN F 53 7.14 -10.19 42.50
N ARG F 54 5.88 -10.33 42.93
CA ARG F 54 5.17 -9.31 43.70
C ARG F 54 4.46 -9.92 44.91
N ARG F 55 4.44 -9.14 45.99
CA ARG F 55 3.33 -9.19 46.94
C ARG F 55 2.41 -8.00 46.70
N ILE F 56 1.12 -8.31 46.49
CA ILE F 56 0.10 -7.29 46.28
C ILE F 56 -0.67 -7.06 47.58
N VAL F 57 -0.66 -5.82 48.08
CA VAL F 57 -1.59 -5.41 49.13
C VAL F 57 -2.51 -4.29 48.63
N THR F 58 -3.63 -4.06 49.35
CA THR F 58 -4.59 -3.00 49.05
C THR F 58 -4.60 -1.98 50.19
N ALA F 59 -5.18 -0.80 49.97
CA ALA F 59 -5.08 0.27 50.95
C ALA F 59 -5.55 1.61 50.38
N ASP F 60 -6.64 2.13 50.94
CA ASP F 60 -7.12 3.45 50.56
C ASP F 60 -6.23 4.51 51.23
N LEU F 61 -5.48 5.25 50.41
CA LEU F 61 -4.47 6.18 50.88
C LEU F 61 -5.05 7.54 51.25
N LYS F 62 -6.34 7.73 50.93
CA LYS F 62 -7.03 8.95 51.28
C LYS F 62 -7.46 8.87 52.76
N SER F 63 -7.88 7.67 53.19
CA SER F 63 -8.24 7.39 54.58
C SER F 63 -7.01 7.49 55.48
N ASP F 64 -7.24 7.68 56.78
CA ASP F 64 -6.17 7.95 57.73
C ASP F 64 -5.37 6.68 58.01
N GLN F 65 -6.07 5.54 57.99
CA GLN F 65 -5.45 4.28 58.33
C GLN F 65 -4.52 3.86 57.19
N GLY F 66 -5.05 3.89 55.97
CA GLY F 66 -4.26 3.61 54.78
C GLY F 66 -2.94 4.37 54.80
N LEU F 67 -2.98 5.69 55.00
CA LEU F 67 -1.77 6.51 54.98
C LEU F 67 -0.78 6.03 56.05
N GLU F 68 -1.31 5.64 57.22
CA GLU F 68 -0.47 5.22 58.33
C GLU F 68 0.21 3.90 57.98
N LEU F 69 -0.58 2.87 57.62
CA LEU F 69 -0.06 1.55 57.26
C LEU F 69 0.98 1.60 56.13
N ALA F 70 0.82 2.53 55.18
CA ALA F 70 1.76 2.68 54.09
C ALA F 70 3.01 3.42 54.53
N LEU F 71 2.88 4.39 55.44
CA LEU F 71 4.04 5.15 55.89
C LEU F 71 4.96 4.25 56.72
N LYS F 72 4.41 3.11 57.17
CA LYS F 72 5.12 2.14 57.99
C LYS F 72 5.80 1.08 57.13
N LEU F 73 5.26 0.79 55.94
CA LEU F 73 5.99 -0.03 54.99
C LEU F 73 7.19 0.76 54.50
N ILE F 74 6.96 2.06 54.26
CA ILE F 74 7.99 2.90 53.68
C ILE F 74 9.11 3.09 54.70
N ALA F 75 8.74 2.99 55.98
CA ALA F 75 9.68 3.16 57.08
C ALA F 75 10.70 2.01 57.08
N LYS F 76 10.25 0.80 56.70
CA LYS F 76 11.02 -0.43 56.78
C LYS F 76 11.50 -0.91 55.40
N ALA F 77 11.76 0.02 54.46
CA ALA F 77 12.02 -0.35 53.07
C ALA F 77 13.02 0.62 52.45
N ASP F 78 13.63 0.18 51.33
CA ASP F 78 14.76 0.85 50.72
C ASP F 78 14.33 1.80 49.61
N VAL F 79 13.29 1.32 48.90
CA VAL F 79 12.88 1.98 47.68
C VAL F 79 11.36 2.20 47.66
N LEU F 80 11.01 3.44 47.30
CA LEU F 80 9.65 3.73 46.88
C LEU F 80 9.55 4.14 45.41
N ILE F 81 8.57 3.51 44.74
CA ILE F 81 8.22 3.85 43.36
C ILE F 81 6.78 4.37 43.29
N GLU F 82 6.64 5.56 42.73
CA GLU F 82 5.36 6.15 42.41
C GLU F 82 5.40 6.71 40.98
N GLY F 83 4.30 6.50 40.22
CA GLY F 83 4.21 7.06 38.88
C GLY F 83 2.93 7.86 38.61
N TYR F 84 2.62 8.79 39.51
CA TYR F 84 1.41 9.58 39.40
C TYR F 84 1.86 10.96 38.96
N ARG F 85 0.91 11.82 38.59
CA ARG F 85 1.24 13.20 38.23
C ARG F 85 1.96 13.87 39.39
N PRO F 86 2.80 14.86 39.13
CA PRO F 86 3.43 15.60 40.22
C PRO F 86 2.39 16.29 41.12
N GLY F 87 2.55 16.12 42.44
CA GLY F 87 1.62 16.70 43.41
C GLY F 87 0.73 15.63 44.03
N VAL F 88 0.58 14.48 43.37
CA VAL F 88 -0.35 13.51 43.88
C VAL F 88 0.12 12.89 45.19
N THR F 89 1.44 12.69 45.35
CA THR F 89 1.91 11.97 46.54
C THR F 89 1.95 12.94 47.72
N GLU F 90 2.48 14.14 47.49
CA GLU F 90 2.38 15.25 48.41
C GLU F 90 0.99 15.28 49.06
N ARG F 91 -0.08 15.25 48.22
CA ARG F 91 -1.44 15.45 48.68
C ARG F 91 -1.92 14.26 49.47
N LEU F 92 -1.45 13.07 49.13
CA LEU F 92 -1.79 11.90 49.94
C LEU F 92 -0.97 11.93 51.25
N GLY F 93 -0.05 12.91 51.37
CA GLY F 93 0.92 12.99 52.47
C GLY F 93 2.01 11.91 52.43
N LEU F 94 2.25 11.31 51.24
CA LEU F 94 3.32 10.36 51.01
C LEU F 94 4.36 11.04 50.14
N GLY F 95 4.48 12.37 50.25
CA GLY F 95 5.48 13.10 49.48
C GLY F 95 6.89 12.61 49.77
N PRO F 96 7.93 13.26 49.20
CA PRO F 96 9.31 13.03 49.61
C PRO F 96 9.52 13.47 51.08
N GLU F 97 9.23 14.76 51.35
CA GLU F 97 9.36 15.41 52.65
C GLU F 97 8.74 14.53 53.75
N GLU F 98 7.54 14.04 53.49
CA GLU F 98 6.80 13.23 54.46
C GLU F 98 7.40 11.83 54.64
N CYS F 99 8.03 11.31 53.58
CA CYS F 99 8.58 9.96 53.63
C CYS F 99 9.97 10.04 54.30
N ALA F 100 10.70 11.14 54.05
CA ALA F 100 12.02 11.43 54.59
C ALA F 100 12.01 11.55 56.12
N LYS F 101 10.82 11.80 56.69
CA LYS F 101 10.65 11.90 58.13
C LYS F 101 10.60 10.52 58.75
N VAL F 102 10.00 9.51 58.10
CA VAL F 102 9.88 8.20 58.71
C VAL F 102 10.97 7.24 58.22
N ASN F 103 11.95 7.73 57.43
CA ASN F 103 12.95 6.87 56.80
C ASN F 103 13.75 7.69 55.81
N ASP F 104 14.85 8.34 56.25
CA ASP F 104 15.66 9.17 55.36
C ASP F 104 16.70 8.34 54.60
N ARG F 105 16.56 7.01 54.62
CA ARG F 105 17.41 6.11 53.83
C ARG F 105 16.67 5.70 52.54
N LEU F 106 15.53 6.35 52.28
CA LEU F 106 14.62 5.94 51.23
C LEU F 106 15.13 6.44 49.89
N ILE F 107 15.12 5.52 48.92
CA ILE F 107 15.19 5.94 47.53
C ILE F 107 13.77 6.16 47.02
N TYR F 108 13.54 7.43 46.68
CA TYR F 108 12.20 7.94 46.43
C TYR F 108 12.07 8.15 44.93
N ALA F 109 11.46 7.16 44.25
CA ALA F 109 11.64 7.09 42.80
C ALA F 109 10.36 7.54 42.06
N ARG F 110 10.51 8.66 41.32
CA ARG F 110 9.40 9.36 40.66
C ARG F 110 9.46 9.20 39.13
N MET F 111 8.50 8.39 38.63
CA MET F 111 8.34 8.00 37.23
C MET F 111 7.26 8.85 36.53
N THR F 112 7.66 9.80 35.70
CA THR F 112 6.66 10.52 34.93
C THR F 112 7.05 10.54 33.45
N GLY F 113 6.15 11.10 32.60
CA GLY F 113 6.49 11.40 31.22
C GLY F 113 7.12 12.77 31.02
N TRP F 114 6.47 13.81 31.55
CA TRP F 114 6.91 15.18 31.26
C TRP F 114 7.84 15.72 32.35
N GLY F 115 7.99 15.02 33.49
CA GLY F 115 8.79 15.51 34.59
C GLY F 115 7.98 16.18 35.73
N GLN F 116 8.71 16.84 36.65
CA GLN F 116 8.10 17.31 37.89
C GLN F 116 7.64 18.75 37.72
N THR F 117 8.25 19.50 36.80
CA THR F 117 7.90 20.89 36.59
C THR F 117 7.74 21.17 35.10
N GLY F 118 7.21 22.36 34.79
CA GLY F 118 7.19 22.91 33.43
C GLY F 118 5.77 22.90 32.87
N PRO F 119 5.54 23.54 31.72
CA PRO F 119 4.17 23.70 31.19
C PRO F 119 3.33 22.42 30.97
N ARG F 120 3.98 21.27 30.69
CA ARG F 120 3.22 20.10 30.31
C ARG F 120 3.12 19.15 31.47
N SER F 121 3.62 19.57 32.65
CA SER F 121 3.86 18.63 33.75
C SER F 121 2.57 18.10 34.31
N GLN F 122 1.44 18.74 33.98
CA GLN F 122 0.16 18.22 34.44
C GLN F 122 -0.69 17.59 33.33
N GLN F 123 -0.28 17.67 32.06
CA GLN F 123 -1.01 16.99 30.99
C GLN F 123 -0.97 15.45 31.09
N ALA F 124 -2.10 14.78 30.97
CA ALA F 124 -2.09 13.34 30.73
C ALA F 124 -1.31 13.02 29.45
N GLY F 125 -0.94 11.75 29.34
CA GLY F 125 0.03 11.39 28.31
C GLY F 125 0.27 9.89 28.29
N HIS F 126 0.68 9.41 27.11
CA HIS F 126 1.25 8.09 26.98
C HIS F 126 2.54 8.18 26.18
N ASP F 127 3.25 7.02 26.09
CA ASP F 127 4.50 6.88 25.35
C ASP F 127 4.51 7.71 24.06
N ILE F 128 3.49 7.50 23.19
CA ILE F 128 3.47 8.16 21.89
C ILE F 128 3.61 9.67 22.07
N ASN F 129 3.01 10.22 23.14
CA ASN F 129 3.09 11.66 23.37
C ASN F 129 4.51 12.12 23.78
N TYR F 130 5.13 11.37 24.71
CA TYR F 130 6.45 11.74 25.24
C TYR F 130 7.48 11.69 24.10
N ILE F 131 7.45 10.66 23.23
CA ILE F 131 8.40 10.60 22.12
C ILE F 131 8.05 11.55 20.96
N SER F 132 6.87 12.16 20.94
CA SER F 132 6.52 13.07 19.85
C SER F 132 7.24 14.40 20.04
N LEU F 133 7.46 14.83 21.29
CA LEU F 133 7.99 16.16 21.56
C LEU F 133 9.50 16.29 21.35
N ASN F 134 10.22 15.17 21.43
CA ASN F 134 11.69 15.24 21.46
C ASN F 134 12.34 14.69 20.20
N GLY F 135 11.57 14.62 19.09
CA GLY F 135 12.13 14.29 17.79
C GLY F 135 12.12 12.78 17.44
N ILE F 136 11.78 11.91 18.39
CA ILE F 136 11.97 10.48 18.22
C ILE F 136 10.90 9.90 17.29
N LEU F 137 9.63 10.20 17.55
CA LEU F 137 8.56 9.64 16.75
C LEU F 137 8.67 10.10 15.30
N HIS F 138 9.05 11.34 15.09
CA HIS F 138 9.13 11.88 13.74
C HIS F 138 10.13 11.08 12.90
N ALA F 139 11.09 10.41 13.55
CA ALA F 139 12.19 9.76 12.85
C ALA F 139 11.90 8.29 12.52
N ILE F 140 10.71 7.79 12.90
CA ILE F 140 10.37 6.38 12.77
C ILE F 140 9.29 6.14 11.71
N GLY F 141 9.61 5.28 10.75
CA GLY F 141 8.65 4.84 9.75
C GLY F 141 9.15 5.17 8.35
N ARG F 142 8.38 4.78 7.33
CA ARG F 142 8.75 5.03 5.95
C ARG F 142 8.59 6.51 5.63
N GLY F 143 9.38 7.02 4.68
CA GLY F 143 9.46 8.42 4.32
C GLY F 143 8.18 8.98 3.68
N ASP F 144 7.41 8.12 3.04
CA ASP F 144 6.26 8.58 2.29
C ASP F 144 4.98 8.40 3.10
N GLU F 145 5.10 8.16 4.41
CA GLU F 145 3.97 7.88 5.28
C GLU F 145 4.14 8.65 6.58
N ARG F 146 3.06 8.66 7.35
CA ARG F 146 3.09 9.35 8.63
C ARG F 146 3.84 8.47 9.62
N PRO F 147 4.42 9.08 10.66
CA PRO F 147 5.26 8.35 11.59
C PRO F 147 4.51 7.20 12.22
N VAL F 148 5.25 6.16 12.55
CA VAL F 148 4.60 4.99 13.12
C VAL F 148 5.15 4.78 14.52
N PRO F 149 4.28 4.51 15.50
CA PRO F 149 4.75 4.28 16.87
C PRO F 149 5.50 2.96 17.00
N PRO F 150 6.69 2.96 17.62
CA PRO F 150 7.43 1.73 17.88
C PRO F 150 6.92 1.03 19.12
N LEU F 151 5.68 0.57 19.04
CA LEU F 151 4.91 0.17 20.21
C LEU F 151 5.10 1.22 21.31
N ASN F 152 5.12 0.78 22.58
CA ASN F 152 5.43 1.68 23.67
C ASN F 152 6.81 1.38 24.20
N LEU F 153 7.77 1.10 23.30
CA LEU F 153 9.02 0.48 23.74
C LEU F 153 10.03 1.55 24.12
N VAL F 154 9.91 2.72 23.50
CA VAL F 154 10.97 3.71 23.59
C VAL F 154 10.72 4.69 24.73
N GLY F 155 9.46 5.08 24.95
CA GLY F 155 9.15 6.08 25.97
C GLY F 155 8.89 5.43 27.33
N ASP F 156 7.98 4.44 27.40
CA ASP F 156 7.68 3.71 28.61
C ASP F 156 8.87 2.93 29.16
N PHE F 157 9.51 2.11 28.31
CA PHE F 157 10.41 1.11 28.82
C PHE F 157 11.83 1.57 28.60
N GLY F 158 12.29 1.55 27.34
CA GLY F 158 13.61 2.02 27.03
C GLY F 158 13.99 3.33 27.71
N GLY F 159 13.15 4.37 27.55
CA GLY F 159 13.44 5.74 27.98
C GLY F 159 12.80 6.07 29.33
N GLY F 160 12.19 5.06 29.95
CA GLY F 160 11.26 5.24 31.04
C GLY F 160 11.68 4.43 32.24
N SER F 161 11.16 3.21 32.32
CA SER F 161 11.45 2.28 33.38
C SER F 161 12.95 2.08 33.53
N MET F 162 13.68 1.94 32.42
CA MET F 162 15.07 1.52 32.51
C MET F 162 15.87 2.64 33.17
N PHE F 163 15.56 3.90 32.88
CA PHE F 163 16.28 5.01 33.47
C PHE F 163 15.87 5.22 34.94
N LEU F 164 14.64 4.84 35.29
CA LEU F 164 14.22 4.79 36.69
C LEU F 164 15.11 3.78 37.43
N LEU F 165 15.28 2.58 36.84
CA LEU F 165 16.07 1.51 37.45
C LEU F 165 17.52 1.96 37.63
N VAL F 166 18.13 2.55 36.60
CA VAL F 166 19.46 3.12 36.70
C VAL F 166 19.52 4.14 37.84
N GLY F 167 18.48 4.96 37.99
CA GLY F 167 18.50 6.01 38.99
C GLY F 167 18.45 5.45 40.41
N ILE F 168 17.52 4.52 40.62
CA ILE F 168 17.36 3.83 41.86
C ILE F 168 18.70 3.17 42.25
N LEU F 169 19.23 2.33 41.34
CA LEU F 169 20.44 1.57 41.61
C LEU F 169 21.64 2.52 41.74
N ALA F 170 21.74 3.61 40.98
CA ALA F 170 22.83 4.55 41.20
C ALA F 170 22.70 5.27 42.55
N ALA F 171 21.48 5.34 43.06
CA ALA F 171 21.27 6.06 44.30
C ALA F 171 21.60 5.15 45.48
N LEU F 172 21.30 3.84 45.34
CA LEU F 172 21.68 2.85 46.33
C LEU F 172 23.21 2.76 46.46
N TRP F 173 23.97 3.06 45.38
CA TRP F 173 25.41 3.09 45.44
C TRP F 173 25.87 4.30 46.25
N GLU F 174 25.33 5.47 45.91
CA GLU F 174 25.63 6.69 46.62
C GLU F 174 25.25 6.55 48.10
N ARG F 175 24.11 5.90 48.39
CA ARG F 175 23.62 5.69 49.75
C ARG F 175 24.63 4.90 50.59
N GLN F 176 25.38 3.95 50.01
CA GLN F 176 26.29 3.14 50.79
C GLN F 176 27.45 3.99 51.33
N SER F 177 27.68 5.21 50.80
CA SER F 177 28.67 6.10 51.39
C SER F 177 28.12 7.50 51.72
N SER F 178 26.87 7.61 52.18
CA SER F 178 26.38 8.87 52.73
C SER F 178 25.33 8.62 53.80
N GLY F 179 24.86 7.37 53.94
CA GLY F 179 23.82 6.99 54.88
C GLY F 179 22.39 7.35 54.43
N LYS F 180 22.27 8.21 53.39
CA LYS F 180 21.02 8.86 53.01
C LYS F 180 20.40 8.24 51.75
N GLY F 181 19.06 8.24 51.71
CA GLY F 181 18.31 8.13 50.47
C GLY F 181 18.32 9.45 49.66
N GLN F 182 17.38 9.54 48.70
CA GLN F 182 17.12 10.76 47.95
C GLN F 182 16.02 10.51 46.89
N VAL F 183 15.77 11.56 46.09
CA VAL F 183 14.70 11.59 45.11
C VAL F 183 15.28 11.39 43.71
N VAL F 184 14.74 10.37 43.03
CA VAL F 184 15.03 10.15 41.62
C VAL F 184 13.86 10.65 40.77
N ASP F 185 14.15 11.67 39.95
CA ASP F 185 13.22 12.26 39.00
C ASP F 185 13.48 11.69 37.60
N ALA F 186 12.72 10.65 37.22
CA ALA F 186 12.83 10.02 35.91
C ALA F 186 11.66 10.44 35.00
N ALA F 187 11.96 11.25 33.98
CA ALA F 187 10.97 11.64 33.00
C ALA F 187 11.25 10.95 31.66
N MET F 188 10.22 10.31 31.09
CA MET F 188 10.31 9.64 29.80
C MET F 188 10.79 10.58 28.70
N VAL F 189 10.48 11.86 28.74
CA VAL F 189 10.98 12.77 27.72
C VAL F 189 12.50 12.98 27.83
N ASP F 190 13.06 12.77 29.04
CA ASP F 190 14.51 12.92 29.23
C ASP F 190 15.25 11.62 28.88
N GLY F 191 14.80 10.53 29.50
CA GLY F 191 15.35 9.20 29.32
C GLY F 191 15.38 8.79 27.84
N SER F 192 14.30 9.08 27.11
CA SER F 192 14.21 8.68 25.72
C SER F 192 15.17 9.54 24.88
N SER F 193 15.40 10.79 25.27
CA SER F 193 16.38 11.62 24.56
C SER F 193 17.82 11.12 24.78
N VAL F 194 18.10 10.56 25.96
CA VAL F 194 19.43 10.02 26.22
C VAL F 194 19.57 8.70 25.47
N LEU F 195 18.48 7.94 25.40
CA LEU F 195 18.43 6.69 24.67
C LEU F 195 18.81 6.89 23.21
N ILE F 196 18.43 8.04 22.63
CA ILE F 196 18.70 8.38 21.23
C ILE F 196 19.86 9.36 21.11
N GLN F 197 20.80 9.32 22.06
CA GLN F 197 21.91 10.26 22.05
C GLN F 197 22.72 10.05 20.78
N MET F 198 22.79 8.80 20.31
CA MET F 198 23.56 8.54 19.10
C MET F 198 23.08 9.45 17.97
N MET F 199 21.75 9.56 17.78
CA MET F 199 21.25 10.31 16.63
C MET F 199 21.56 11.79 16.83
N TRP F 200 21.51 12.30 18.07
CA TRP F 200 21.89 13.69 18.30
C TRP F 200 23.37 13.90 17.98
N ALA F 201 24.21 12.92 18.34
CA ALA F 201 25.63 12.97 18.00
C ALA F 201 25.86 12.91 16.49
N MET F 202 25.24 11.93 15.80
CA MET F 202 25.40 11.82 14.36
C MET F 202 24.89 13.08 13.66
N ARG F 203 23.82 13.69 14.21
CA ARG F 203 23.21 14.87 13.60
C ARG F 203 24.18 16.06 13.66
N ALA F 204 24.86 16.24 14.80
CA ALA F 204 25.89 17.27 14.98
C ALA F 204 27.00 17.16 13.93
N THR F 205 27.35 15.96 13.48
CA THR F 205 28.46 15.78 12.55
C THR F 205 27.96 15.59 11.13
N GLY F 206 26.68 15.84 10.84
CA GLY F 206 26.17 15.69 9.49
C GLY F 206 25.88 14.24 9.04
N MET F 207 25.88 13.25 9.92
CA MET F 207 25.64 11.89 9.47
C MET F 207 24.20 11.43 9.79
N TRP F 208 23.29 12.37 10.08
CA TRP F 208 21.90 12.02 10.31
C TRP F 208 21.05 13.22 9.92
N THR F 209 20.05 13.04 9.03
CA THR F 209 19.15 14.13 8.64
C THR F 209 17.78 13.93 9.32
N ASP F 210 17.00 15.02 9.37
CA ASP F 210 15.66 14.99 9.92
C ASP F 210 14.66 14.34 8.98
N THR F 211 15.01 14.09 7.72
CA THR F 211 14.13 13.39 6.79
C THR F 211 13.93 11.94 7.21
N ARG F 212 12.67 11.52 7.30
CA ARG F 212 12.31 10.18 7.73
C ARG F 212 12.58 9.21 6.58
N GLY F 213 13.13 8.04 6.89
CA GLY F 213 13.29 7.00 5.89
C GLY F 213 14.47 7.23 4.97
N ALA F 214 15.40 8.12 5.36
CA ALA F 214 16.53 8.48 4.51
C ALA F 214 17.86 8.36 5.25
N ASN F 215 17.98 7.52 6.28
CA ASN F 215 19.24 7.47 7.01
C ASN F 215 19.73 6.02 7.06
N MET F 216 20.88 5.81 7.69
CA MET F 216 21.51 4.51 7.67
C MET F 216 20.72 3.51 8.50
N LEU F 217 20.10 3.96 9.60
CA LEU F 217 19.52 3.01 10.53
C LEU F 217 17.99 3.09 10.63
N ASP F 218 17.35 3.85 9.73
CA ASP F 218 15.92 4.10 9.83
C ASP F 218 15.13 3.32 8.78
N GLY F 219 15.84 2.55 7.96
CA GLY F 219 15.23 1.82 6.87
C GLY F 219 15.54 2.41 5.50
N GLY F 220 16.14 3.60 5.45
CA GLY F 220 16.60 4.17 4.18
C GLY F 220 17.79 3.46 3.52
N ALA F 221 18.66 2.77 4.27
CA ALA F 221 19.76 2.07 3.61
C ALA F 221 19.29 0.70 3.16
N PRO F 222 19.48 0.29 1.89
CA PRO F 222 19.06 -1.04 1.44
C PRO F 222 19.66 -2.23 2.19
N TYR F 223 20.83 -2.00 2.81
CA TYR F 223 21.48 -3.04 3.58
C TYR F 223 21.11 -2.99 5.06
N TYR F 224 20.20 -2.09 5.51
CA TYR F 224 19.68 -2.08 6.88
C TYR F 224 18.15 -1.91 6.83
N ASP F 225 17.43 -3.01 6.63
CA ASP F 225 16.00 -2.94 6.38
C ASP F 225 15.44 -4.36 6.38
N THR F 226 14.11 -4.48 6.29
CA THR F 226 13.49 -5.77 6.05
C THR F 226 13.18 -5.98 4.57
N TYR F 227 13.04 -7.25 4.16
CA TYR F 227 12.76 -7.62 2.77
C TYR F 227 11.67 -8.69 2.82
N GLU F 228 10.70 -8.52 1.93
CA GLU F 228 9.68 -9.51 1.76
C GLU F 228 10.22 -10.65 0.89
N CYS F 229 9.91 -11.87 1.33
CA CYS F 229 10.30 -13.10 0.69
C CYS F 229 9.17 -13.63 -0.20
N ALA F 230 9.44 -14.71 -0.93
CA ALA F 230 8.50 -15.28 -1.89
C ALA F 230 7.27 -15.82 -1.19
N ASP F 231 7.36 -16.20 0.10
CA ASP F 231 6.20 -16.70 0.83
C ASP F 231 5.45 -15.58 1.58
N GLY F 232 5.80 -14.31 1.38
CA GLY F 232 5.13 -13.22 2.08
C GLY F 232 5.68 -12.97 3.50
N ARG F 233 6.68 -13.74 3.95
CA ARG F 233 7.28 -13.53 5.25
C ARG F 233 8.51 -12.65 5.03
N TYR F 234 9.29 -12.38 6.07
CA TYR F 234 10.32 -11.35 5.96
C TYR F 234 11.65 -11.79 6.54
N VAL F 235 12.72 -11.21 6.00
CA VAL F 235 14.02 -11.26 6.61
C VAL F 235 14.47 -9.85 6.90
N ALA F 236 15.44 -9.77 7.82
CA ALA F 236 16.05 -8.52 8.20
C ALA F 236 17.49 -8.56 7.76
N VAL F 237 17.93 -7.47 7.19
CA VAL F 237 19.30 -7.33 6.75
C VAL F 237 19.92 -6.23 7.56
N GLY F 238 21.07 -6.50 8.18
CA GLY F 238 21.79 -5.48 8.92
C GLY F 238 23.27 -5.45 8.59
N ALA F 239 23.59 -5.53 7.29
CA ALA F 239 24.96 -5.78 6.85
C ALA F 239 25.66 -4.46 6.60
N ILE F 240 25.97 -3.75 7.69
CA ILE F 240 26.56 -2.42 7.58
C ILE F 240 28.04 -2.51 7.16
N GLU F 241 28.79 -3.43 7.79
CA GLU F 241 30.22 -3.51 7.51
C GLU F 241 30.41 -4.09 6.10
N PRO F 242 31.35 -3.56 5.31
CA PRO F 242 31.51 -4.01 3.93
C PRO F 242 31.69 -5.53 3.83
N GLN F 243 32.44 -6.12 4.75
CA GLN F 243 32.74 -7.55 4.66
C GLN F 243 31.48 -8.37 4.90
N PHE F 244 30.61 -7.91 5.80
CA PHE F 244 29.35 -8.61 6.01
C PHE F 244 28.44 -8.45 4.79
N TYR F 245 28.36 -7.21 4.29
CA TYR F 245 27.63 -6.87 3.08
C TYR F 245 28.08 -7.78 1.91
N ALA F 246 29.40 -8.03 1.79
CA ALA F 246 29.88 -8.87 0.70
C ALA F 246 29.40 -10.30 0.89
N ALA F 247 29.33 -10.76 2.14
CA ALA F 247 28.87 -12.11 2.40
C ALA F 247 27.38 -12.22 2.07
N MET F 248 26.65 -11.14 2.30
CA MET F 248 25.22 -11.15 2.04
C MET F 248 24.99 -11.28 0.53
N LEU F 249 25.69 -10.46 -0.26
CA LEU F 249 25.59 -10.52 -1.72
C LEU F 249 25.90 -11.93 -2.22
N ALA F 250 26.95 -12.57 -1.69
CA ALA F 250 27.32 -13.91 -2.12
C ALA F 250 26.18 -14.89 -1.92
N GLY F 251 25.54 -14.86 -0.74
CA GLY F 251 24.42 -15.78 -0.51
C GLY F 251 23.19 -15.47 -1.37
N LEU F 252 23.01 -14.21 -1.79
CA LEU F 252 21.86 -13.85 -2.64
C LEU F 252 22.11 -14.31 -4.07
N GLY F 253 23.39 -14.48 -4.42
CA GLY F 253 23.73 -14.88 -5.77
C GLY F 253 23.89 -13.67 -6.67
N LEU F 254 24.05 -12.46 -6.10
CA LEU F 254 24.36 -11.28 -6.88
C LEU F 254 25.86 -11.07 -6.95
N ASP F 255 26.33 -10.78 -8.15
CA ASP F 255 27.73 -10.50 -8.37
C ASP F 255 27.92 -9.03 -8.02
N ALA F 256 28.82 -8.72 -7.09
CA ALA F 256 29.03 -7.35 -6.65
C ALA F 256 29.31 -6.41 -7.83
N ALA F 257 29.92 -6.91 -8.92
CA ALA F 257 30.35 -6.06 -10.02
C ALA F 257 29.16 -5.51 -10.83
N GLU F 258 28.00 -6.18 -10.75
CA GLU F 258 26.77 -5.72 -11.38
C GLU F 258 26.04 -4.61 -10.62
N LEU F 259 26.49 -4.25 -9.42
CA LEU F 259 25.63 -3.54 -8.48
C LEU F 259 26.20 -2.13 -8.27
N PRO F 260 25.40 -1.12 -7.92
CA PRO F 260 26.00 0.13 -7.44
C PRO F 260 26.81 -0.11 -6.17
N PRO F 261 27.74 0.77 -5.82
CA PRO F 261 28.43 0.65 -4.54
C PRO F 261 27.46 0.74 -3.38
N GLN F 262 27.82 0.06 -2.28
CA GLN F 262 26.98 -0.10 -1.09
C GLN F 262 26.54 1.25 -0.56
N ASN F 263 27.45 2.23 -0.58
CA ASN F 263 27.20 3.48 0.09
C ASN F 263 27.17 4.61 -0.93
N ASP F 264 26.92 4.31 -2.20
CA ASP F 264 26.51 5.37 -3.12
C ASP F 264 25.02 5.61 -2.94
N ARG F 265 24.69 6.61 -2.11
CA ARG F 265 23.32 6.89 -1.71
C ARG F 265 22.49 7.35 -2.91
N ALA F 266 23.13 8.00 -3.88
CA ALA F 266 22.40 8.45 -5.04
C ALA F 266 21.84 7.25 -5.80
N ARG F 267 22.39 6.04 -5.63
CA ARG F 267 21.92 4.90 -6.41
C ARG F 267 21.29 3.82 -5.53
N TRP F 268 21.00 4.17 -4.28
CA TRP F 268 20.22 3.34 -3.38
C TRP F 268 18.88 2.91 -4.01
N PRO F 269 18.17 3.71 -4.84
CA PRO F 269 16.98 3.19 -5.53
C PRO F 269 17.26 1.93 -6.36
N GLU F 270 18.37 1.92 -7.13
CA GLU F 270 18.69 0.79 -7.98
C GLU F 270 19.07 -0.40 -7.11
N LEU F 271 19.91 -0.13 -6.11
CA LEU F 271 20.42 -1.16 -5.23
C LEU F 271 19.24 -1.85 -4.53
N ARG F 272 18.32 -1.03 -4.01
CA ARG F 272 17.16 -1.54 -3.31
C ARG F 272 16.34 -2.43 -4.22
N ALA F 273 16.21 -2.03 -5.49
CA ALA F 273 15.42 -2.81 -6.43
C ALA F 273 16.11 -4.16 -6.69
N LEU F 274 17.44 -4.16 -6.81
CA LEU F 274 18.17 -5.41 -7.03
C LEU F 274 18.04 -6.35 -5.83
N LEU F 275 18.16 -5.83 -4.60
CA LEU F 275 18.06 -6.70 -3.43
C LEU F 275 16.62 -7.16 -3.24
N THR F 276 15.66 -6.29 -3.53
CA THR F 276 14.24 -6.63 -3.39
C THR F 276 13.88 -7.83 -4.25
N GLU F 277 14.28 -7.80 -5.53
CA GLU F 277 14.03 -8.91 -6.45
C GLU F 277 14.73 -10.20 -5.96
N ALA F 278 15.96 -10.08 -5.47
CA ALA F 278 16.69 -11.24 -5.02
C ALA F 278 16.01 -11.91 -3.82
N PHE F 279 15.70 -11.15 -2.75
CA PHE F 279 15.06 -11.77 -1.59
C PHE F 279 13.67 -12.30 -1.96
N ALA F 280 12.98 -11.63 -2.89
CA ALA F 280 11.62 -12.05 -3.25
C ALA F 280 11.63 -13.37 -4.03
N SER F 281 12.82 -13.84 -4.48
CA SER F 281 12.87 -14.96 -5.39
C SER F 281 12.85 -16.30 -4.63
N HIS F 282 12.93 -16.28 -3.30
CA HIS F 282 12.84 -17.50 -2.51
C HIS F 282 12.18 -17.16 -1.18
N ASP F 283 11.75 -18.19 -0.45
CA ASP F 283 11.01 -18.01 0.79
C ASP F 283 11.99 -17.80 1.96
N ARG F 284 11.44 -17.49 3.14
CA ARG F 284 12.24 -17.04 4.27
C ARG F 284 13.10 -18.21 4.77
N ASP F 285 12.48 -19.40 4.86
CA ASP F 285 13.19 -20.62 5.23
C ASP F 285 14.42 -20.81 4.36
N HIS F 286 14.28 -20.62 3.05
CA HIS F 286 15.41 -20.73 2.14
C HIS F 286 16.55 -19.80 2.55
N TRP F 287 16.24 -18.58 2.99
CA TRP F 287 17.30 -17.65 3.35
C TRP F 287 17.90 -18.02 4.72
N GLY F 288 17.09 -18.64 5.60
CA GLY F 288 17.65 -19.26 6.82
C GLY F 288 18.72 -20.31 6.50
N ALA F 289 18.44 -21.22 5.55
CA ALA F 289 19.41 -22.24 5.19
C ALA F 289 20.67 -21.61 4.59
N VAL F 290 20.51 -20.69 3.63
CA VAL F 290 21.66 -20.04 2.98
C VAL F 290 22.50 -19.32 4.04
N PHE F 291 21.90 -18.58 4.97
CA PHE F 291 22.70 -17.66 5.77
C PHE F 291 23.07 -18.30 7.11
N ALA F 292 22.12 -19.01 7.72
CA ALA F 292 22.46 -20.06 8.66
C ALA F 292 23.44 -19.58 9.74
N ASN F 293 24.73 -19.68 9.42
CA ASN F 293 25.76 -19.60 10.43
C ASN F 293 26.71 -18.44 10.11
N SER F 294 26.23 -17.43 9.37
CA SER F 294 27.16 -16.55 8.67
C SER F 294 27.13 -15.12 9.21
N ASP F 295 28.14 -14.36 8.85
CA ASP F 295 28.25 -12.96 9.21
C ASP F 295 27.56 -12.04 8.21
N ALA F 296 26.68 -12.60 7.38
CA ALA F 296 25.94 -11.80 6.42
C ALA F 296 24.96 -10.83 7.11
N CYS F 297 24.61 -11.06 8.38
CA CYS F 297 23.63 -10.23 9.11
C CYS F 297 22.25 -10.28 8.47
N VAL F 298 21.83 -11.50 8.11
CA VAL F 298 20.50 -11.75 7.59
C VAL F 298 19.80 -12.76 8.51
N THR F 299 18.67 -12.38 9.09
CA THR F 299 17.94 -13.21 10.02
C THR F 299 16.47 -13.20 9.61
N PRO F 300 15.73 -14.26 9.91
CA PRO F 300 14.29 -14.29 9.67
C PRO F 300 13.59 -13.39 10.69
N VAL F 301 12.56 -12.67 10.24
CA VAL F 301 11.75 -11.83 11.11
C VAL F 301 10.62 -12.69 11.67
N LEU F 302 10.80 -13.24 12.87
CA LEU F 302 9.83 -14.17 13.43
C LEU F 302 8.73 -13.39 14.15
N ALA F 303 7.49 -13.89 13.97
CA ALA F 303 6.32 -13.50 14.75
C ALA F 303 6.44 -14.09 16.15
N PHE F 304 5.80 -13.48 17.13
CA PHE F 304 5.91 -13.90 18.53
C PHE F 304 5.68 -15.41 18.66
N GLY F 305 4.62 -15.89 17.98
CA GLY F 305 4.19 -17.28 18.06
C GLY F 305 5.20 -18.30 17.56
N GLU F 306 6.23 -17.86 16.83
CA GLU F 306 7.21 -18.75 16.24
C GLU F 306 8.54 -18.73 17.01
N VAL F 307 8.70 -17.79 17.96
CA VAL F 307 9.97 -17.58 18.63
C VAL F 307 10.38 -18.82 19.42
N HIS F 308 9.40 -19.46 20.06
CA HIS F 308 9.64 -20.66 20.85
C HIS F 308 10.27 -21.78 20.01
N ASN F 309 10.24 -21.73 18.67
CA ASN F 309 10.83 -22.80 17.87
C ASN F 309 12.24 -22.48 17.38
N GLU F 310 12.84 -21.38 17.84
CA GLU F 310 14.13 -20.95 17.32
C GLU F 310 15.25 -21.49 18.23
N PRO F 311 16.15 -22.33 17.67
CA PRO F 311 17.22 -22.98 18.45
C PRO F 311 18.01 -22.10 19.43
N HIS F 312 18.50 -20.95 18.96
CA HIS F 312 19.29 -20.07 19.81
C HIS F 312 18.49 -19.52 20.98
N ILE F 313 17.16 -19.39 20.78
CA ILE F 313 16.26 -18.92 21.82
C ILE F 313 16.04 -20.03 22.87
N ILE F 314 15.71 -21.23 22.38
CA ILE F 314 15.53 -22.42 23.20
C ILE F 314 16.79 -22.67 24.03
N GLU F 315 17.96 -22.78 23.39
CA GLU F 315 19.16 -23.24 24.09
C GLU F 315 19.63 -22.30 25.18
N ARG F 316 19.38 -20.99 25.04
CA ARG F 316 19.76 -20.03 26.08
C ARG F 316 18.63 -19.80 27.10
N ASN F 317 17.49 -20.50 26.97
CA ASN F 317 16.33 -20.31 27.84
C ASN F 317 16.03 -18.83 28.01
N THR F 318 15.89 -18.12 26.89
CA THR F 318 15.53 -16.72 26.94
C THR F 318 14.12 -16.60 27.55
N PHE F 319 13.26 -17.60 27.33
CA PHE F 319 11.86 -17.56 27.73
C PHE F 319 11.55 -18.73 28.68
N TYR F 320 10.55 -18.56 29.56
CA TYR F 320 10.00 -19.68 30.33
C TYR F 320 8.49 -19.77 30.09
N GLU F 321 7.99 -21.01 30.09
CA GLU F 321 6.59 -21.35 30.07
C GLU F 321 5.91 -20.84 31.34
N ALA F 322 4.74 -20.23 31.22
CA ALA F 322 3.98 -19.82 32.39
C ALA F 322 2.50 -19.78 32.02
N ASN F 323 1.65 -20.41 32.83
CA ASN F 323 0.22 -20.20 32.78
C ASN F 323 -0.24 -20.13 31.33
N GLY F 324 -0.37 -18.89 30.81
CA GLY F 324 -1.06 -18.65 29.55
C GLY F 324 -0.13 -18.53 28.34
N GLY F 325 1.19 -18.73 28.50
CA GLY F 325 2.12 -18.65 27.40
C GLY F 325 3.54 -18.31 27.86
N TRP F 326 4.46 -18.22 26.89
CA TRP F 326 5.86 -17.92 27.18
C TRP F 326 6.00 -16.50 27.74
N GLN F 327 7.02 -16.33 28.58
CA GLN F 327 7.37 -15.05 29.14
C GLN F 327 8.88 -14.94 29.16
N PRO F 328 9.44 -13.73 29.02
CA PRO F 328 10.87 -13.59 29.11
C PRO F 328 11.37 -13.87 30.52
N MET F 329 12.42 -14.70 30.60
CA MET F 329 13.25 -14.85 31.78
C MET F 329 13.95 -13.54 32.08
N PRO F 330 14.35 -13.31 33.35
CA PRO F 330 15.02 -12.09 33.73
C PRO F 330 16.26 -11.75 32.94
N ALA F 331 16.54 -10.46 32.82
CA ALA F 331 17.79 -10.06 32.22
C ALA F 331 18.32 -8.85 32.99
N PRO F 332 19.63 -8.56 32.94
CA PRO F 332 20.64 -9.45 32.36
C PRO F 332 20.95 -10.67 33.23
N ARG F 333 22.02 -11.43 32.89
CA ARG F 333 22.35 -12.63 33.63
C ARG F 333 23.65 -12.41 34.43
N PHE F 334 23.76 -13.14 35.56
CA PHE F 334 24.80 -12.93 36.56
C PHE F 334 25.49 -14.27 36.82
N SER F 335 26.85 -14.30 36.80
CA SER F 335 27.60 -15.56 36.97
C SER F 335 27.38 -16.21 38.34
N ARG F 336 27.47 -15.43 39.42
CA ARG F 336 27.37 -15.96 40.79
C ARG F 336 25.93 -15.97 41.31
N THR F 337 25.27 -14.81 41.42
CA THR F 337 23.94 -14.73 42.01
C THR F 337 22.88 -14.70 40.92
N ALA F 338 22.60 -15.87 40.34
CA ALA F 338 21.76 -15.96 39.17
C ALA F 338 20.31 -15.80 39.62
N SER F 339 19.53 -15.03 38.84
CA SER F 339 18.12 -14.84 39.12
C SER F 339 17.46 -16.19 38.97
N SER F 340 16.22 -16.34 39.43
CA SER F 340 15.47 -17.56 39.17
C SER F 340 14.20 -17.24 38.41
N GLN F 341 13.48 -18.31 38.06
CA GLN F 341 12.26 -18.24 37.28
C GLN F 341 11.27 -17.39 38.06
N PRO F 342 10.70 -16.31 37.47
CA PRO F 342 9.83 -15.42 38.23
C PRO F 342 8.68 -16.22 38.82
N ARG F 343 8.19 -15.74 39.97
CA ARG F 343 7.01 -16.29 40.62
C ARG F 343 5.77 -15.59 40.08
N PRO F 344 4.68 -16.36 39.82
CA PRO F 344 3.46 -15.82 39.24
C PRO F 344 2.85 -14.74 40.13
N PRO F 345 1.82 -14.00 39.65
CA PRO F 345 1.14 -12.99 40.48
C PRO F 345 0.51 -13.58 41.73
N ALA F 346 0.80 -12.97 42.90
CA ALA F 346 0.52 -13.56 44.20
C ALA F 346 -0.71 -12.91 44.86
N ALA F 347 -1.83 -13.68 44.89
CA ALA F 347 -3.10 -13.27 45.49
C ALA F 347 -2.92 -12.30 46.67
N THR F 348 -3.89 -11.38 46.87
CA THR F 348 -3.73 -10.26 47.81
C THR F 348 -3.43 -10.79 49.19
N ILE F 349 -2.50 -10.15 49.88
CA ILE F 349 -2.24 -10.46 51.27
C ILE F 349 -2.38 -9.15 52.06
N ASP F 350 -2.67 -9.27 53.37
CA ASP F 350 -2.92 -8.13 54.24
C ASP F 350 -1.62 -7.38 54.50
N ILE F 351 -1.70 -6.06 54.42
CA ILE F 351 -0.58 -5.18 54.73
C ILE F 351 -0.05 -5.48 56.14
N GLU F 352 -0.91 -6.13 56.96
CA GLU F 352 -0.59 -6.63 58.29
C GLU F 352 0.52 -7.68 58.21
N ALA F 353 0.18 -8.83 57.61
CA ALA F 353 1.07 -9.99 57.53
C ALA F 353 2.44 -9.58 56.96
N VAL F 354 2.48 -8.52 56.14
CA VAL F 354 3.71 -8.02 55.53
C VAL F 354 4.52 -7.29 56.59
N LEU F 355 3.88 -6.40 57.35
CA LEU F 355 4.59 -5.63 58.35
C LEU F 355 5.18 -6.56 59.42
N THR F 356 4.53 -7.72 59.66
CA THR F 356 5.10 -8.75 60.52
C THR F 356 6.43 -9.20 59.93
N ASP F 357 6.34 -10.00 58.86
CA ASP F 357 7.49 -10.53 58.13
C ASP F 357 8.68 -9.56 58.15
N TRP F 358 8.46 -8.27 57.87
CA TRP F 358 9.51 -7.27 57.93
C TRP F 358 9.69 -6.79 59.37
N ASP F 359 10.69 -7.33 60.08
CA ASP F 359 11.20 -6.79 61.34
C ASP F 359 10.31 -7.20 62.51
N GLY F 360 9.11 -6.60 62.60
CA GLY F 360 8.21 -6.79 63.73
C GLY F 360 7.09 -7.78 63.42
N MET G 1 42.53 -19.40 -32.26
CA MET G 1 42.73 -20.22 -31.03
C MET G 1 42.64 -19.30 -29.79
N ALA G 2 41.70 -19.60 -28.89
CA ALA G 2 41.41 -18.74 -27.74
C ALA G 2 42.48 -18.86 -26.65
N GLY G 3 42.90 -17.70 -26.11
CA GLY G 3 43.59 -17.66 -24.84
C GLY G 3 44.85 -16.80 -24.91
N PRO G 4 45.49 -16.47 -23.78
CA PRO G 4 46.63 -15.57 -23.81
C PRO G 4 47.90 -16.08 -24.51
N LEU G 5 47.93 -17.38 -24.82
CA LEU G 5 49.11 -17.95 -25.47
C LEU G 5 48.76 -18.26 -26.92
N SER G 6 47.69 -17.63 -27.44
CA SER G 6 47.36 -17.75 -28.85
C SER G 6 48.58 -17.42 -29.70
N GLY G 7 48.82 -18.28 -30.70
CA GLY G 7 50.00 -18.22 -31.56
C GLY G 7 51.34 -18.47 -30.86
N LEU G 8 51.39 -19.21 -29.75
CA LEU G 8 52.67 -19.77 -29.31
C LEU G 8 52.82 -21.15 -29.93
N ARG G 9 54.04 -21.45 -30.37
CA ARG G 9 54.28 -22.71 -31.04
C ARG G 9 55.20 -23.59 -30.21
N VAL G 10 54.70 -24.81 -29.97
CA VAL G 10 55.30 -25.70 -28.98
C VAL G 10 55.53 -27.07 -29.63
N VAL G 11 56.76 -27.56 -29.49
CA VAL G 11 57.02 -28.93 -29.92
C VAL G 11 57.22 -29.83 -28.69
N GLU G 12 56.40 -30.91 -28.64
CA GLU G 12 56.40 -31.86 -27.51
C GLU G 12 56.87 -33.24 -27.95
N LEU G 13 58.05 -33.64 -27.45
CA LEU G 13 58.55 -35.01 -27.57
C LEU G 13 57.85 -35.92 -26.55
N ALA G 14 56.88 -36.73 -27.01
CA ALA G 14 56.06 -37.55 -26.13
C ALA G 14 56.88 -38.26 -25.04
N GLY G 15 56.53 -37.92 -23.78
CA GLY G 15 56.98 -38.59 -22.57
C GLY G 15 55.79 -39.00 -21.72
N ILE G 16 56.02 -39.18 -20.41
CA ILE G 16 54.97 -39.51 -19.45
C ILE G 16 55.07 -38.52 -18.28
N GLY G 17 53.92 -38.27 -17.65
CA GLY G 17 53.86 -37.49 -16.41
C GLY G 17 53.93 -36.00 -16.64
N PRO G 18 54.99 -35.30 -16.18
CA PRO G 18 55.00 -33.84 -16.16
C PRO G 18 55.09 -33.16 -17.52
N GLY G 19 55.97 -33.65 -18.42
CA GLY G 19 56.05 -33.11 -19.76
C GLY G 19 54.67 -32.97 -20.40
N PRO G 20 53.87 -34.04 -20.49
CA PRO G 20 52.56 -33.93 -21.13
C PRO G 20 51.54 -33.04 -20.41
N HIS G 21 51.77 -32.83 -19.11
CA HIS G 21 50.84 -32.02 -18.34
C HIS G 21 51.15 -30.56 -18.64
N ALA G 22 52.43 -30.22 -18.67
CA ALA G 22 52.85 -28.90 -19.12
C ALA G 22 52.31 -28.57 -20.51
N ALA G 23 52.45 -29.51 -21.46
CA ALA G 23 52.03 -29.28 -22.82
C ALA G 23 50.52 -29.09 -22.87
N MET G 24 49.81 -29.82 -22.00
CA MET G 24 48.36 -29.72 -21.93
C MET G 24 47.97 -28.29 -21.53
N ILE G 25 48.66 -27.72 -20.54
CA ILE G 25 48.29 -26.43 -19.97
C ILE G 25 48.60 -25.34 -21.01
N LEU G 26 49.79 -25.41 -21.62
CA LEU G 26 50.15 -24.51 -22.72
C LEU G 26 49.07 -24.51 -23.78
N GLY G 27 48.65 -25.69 -24.23
CA GLY G 27 47.57 -25.81 -25.20
C GLY G 27 46.21 -25.40 -24.65
N ASP G 28 46.04 -25.59 -23.34
CA ASP G 28 44.81 -25.19 -22.66
C ASP G 28 44.58 -23.69 -22.83
N LEU G 29 45.65 -22.90 -22.66
CA LEU G 29 45.63 -21.44 -22.74
C LEU G 29 45.84 -20.89 -24.17
N GLY G 30 45.75 -21.75 -25.20
CA GLY G 30 45.66 -21.32 -26.59
C GLY G 30 46.90 -21.58 -27.47
N ALA G 31 47.98 -22.12 -26.91
CA ALA G 31 49.18 -22.42 -27.69
C ALA G 31 48.93 -23.56 -28.67
N ASP G 32 49.73 -23.52 -29.75
CA ASP G 32 49.70 -24.51 -30.83
C ASP G 32 50.79 -25.55 -30.56
N VAL G 33 50.32 -26.74 -30.20
CA VAL G 33 51.20 -27.72 -29.58
C VAL G 33 51.23 -28.95 -30.47
N VAL G 34 52.44 -29.25 -30.94
CA VAL G 34 52.63 -30.41 -31.80
C VAL G 34 53.42 -31.44 -31.01
N ARG G 35 52.78 -32.60 -30.83
CA ARG G 35 53.31 -33.68 -30.03
C ARG G 35 53.81 -34.79 -30.95
N ILE G 36 55.12 -35.05 -30.90
CA ILE G 36 55.73 -36.08 -31.73
C ILE G 36 55.77 -37.39 -30.94
N ASP G 37 54.88 -38.34 -31.27
CA ASP G 37 54.94 -39.70 -30.74
C ASP G 37 55.81 -40.59 -31.65
N ARG G 38 56.21 -41.77 -31.16
CA ARG G 38 56.80 -42.81 -32.00
C ARG G 38 55.64 -43.60 -32.60
N PRO G 39 55.75 -44.10 -33.86
CA PRO G 39 54.58 -44.70 -34.54
C PRO G 39 54.13 -45.99 -33.87
N SER G 40 55.08 -46.70 -33.25
CA SER G 40 54.88 -47.96 -32.53
C SER G 40 53.68 -47.86 -31.60
N SER G 41 53.72 -46.84 -30.74
CA SER G 41 52.77 -46.74 -29.65
C SER G 41 51.64 -45.77 -30.00
N VAL G 42 51.04 -45.90 -31.21
CA VAL G 42 49.85 -45.14 -31.56
C VAL G 42 48.87 -46.03 -32.32
N ASP G 43 47.65 -46.20 -31.75
CA ASP G 43 46.52 -46.82 -32.43
C ASP G 43 45.81 -45.79 -33.31
N GLY G 44 44.91 -45.02 -32.68
CA GLY G 44 44.07 -44.07 -33.37
C GLY G 44 43.86 -42.84 -32.50
N ILE G 45 42.61 -42.59 -32.11
CA ILE G 45 42.28 -41.48 -31.23
C ILE G 45 42.63 -41.90 -29.80
N SER G 46 43.50 -41.12 -29.13
CA SER G 46 43.85 -41.35 -27.73
C SER G 46 42.63 -41.08 -26.85
N ARG G 47 42.49 -41.89 -25.80
CA ARG G 47 41.44 -41.67 -24.81
C ARG G 47 42.06 -41.20 -23.50
N ASP G 48 43.36 -40.83 -23.53
CA ASP G 48 43.98 -40.02 -22.47
C ASP G 48 43.60 -38.56 -22.68
N ALA G 49 42.70 -38.07 -21.81
CA ALA G 49 42.26 -36.69 -21.87
C ALA G 49 43.38 -35.74 -21.47
N MET G 50 44.52 -36.25 -20.95
CA MET G 50 45.69 -35.40 -20.77
C MET G 50 46.31 -34.97 -22.12
N LEU G 51 45.86 -35.58 -23.24
CA LEU G 51 46.39 -35.27 -24.56
C LEU G 51 45.44 -34.35 -25.33
N ARG G 52 44.62 -33.59 -24.61
CA ARG G 52 43.71 -32.63 -25.19
C ARG G 52 44.52 -31.43 -25.67
N ASN G 53 43.92 -30.66 -26.60
CA ASN G 53 44.55 -29.45 -27.14
C ASN G 53 45.91 -29.73 -27.79
N ARG G 54 45.97 -30.75 -28.65
CA ARG G 54 47.22 -31.14 -29.31
C ARG G 54 46.99 -31.45 -30.79
N ARG G 55 48.08 -31.46 -31.56
CA ARG G 55 48.12 -32.35 -32.72
C ARG G 55 49.25 -33.36 -32.50
N ILE G 56 48.89 -34.63 -32.72
CA ILE G 56 49.80 -35.76 -32.60
C ILE G 56 50.40 -36.11 -33.95
N VAL G 57 51.73 -36.21 -34.02
CA VAL G 57 52.40 -36.73 -35.20
C VAL G 57 53.38 -37.85 -34.82
N THR G 58 53.35 -38.95 -35.60
CA THR G 58 54.22 -40.12 -35.44
C THR G 58 55.42 -39.98 -36.36
N ALA G 59 56.52 -40.65 -36.02
CA ALA G 59 57.81 -40.31 -36.58
C ALA G 59 58.94 -40.94 -35.76
N ASP G 60 59.68 -41.86 -36.40
CA ASP G 60 60.82 -42.57 -35.79
C ASP G 60 62.05 -41.68 -35.81
N LEU G 61 62.48 -41.24 -34.62
CA LEU G 61 63.50 -40.21 -34.50
C LEU G 61 64.90 -40.77 -34.73
N LYS G 62 65.04 -42.09 -34.78
CA LYS G 62 66.37 -42.66 -34.93
C LYS G 62 66.67 -42.92 -36.42
N SER G 63 65.62 -42.87 -37.27
CA SER G 63 65.79 -42.74 -38.71
C SER G 63 66.40 -41.37 -39.07
N ASP G 64 66.92 -41.25 -40.30
CA ASP G 64 67.52 -40.00 -40.76
C ASP G 64 66.43 -39.02 -41.21
N GLN G 65 65.28 -39.57 -41.63
CA GLN G 65 64.15 -38.79 -42.10
C GLN G 65 63.36 -38.21 -40.92
N GLY G 66 62.96 -39.08 -39.98
CA GLY G 66 62.37 -38.61 -38.73
C GLY G 66 63.14 -37.43 -38.15
N LEU G 67 64.46 -37.59 -37.95
CA LEU G 67 65.27 -36.54 -37.39
C LEU G 67 65.19 -35.28 -38.26
N GLU G 68 64.90 -35.46 -39.55
CA GLU G 68 64.82 -34.36 -40.49
C GLU G 68 63.52 -33.59 -40.26
N LEU G 69 62.38 -34.27 -40.44
CA LEU G 69 61.06 -33.70 -40.23
C LEU G 69 60.97 -33.05 -38.84
N ALA G 70 61.60 -33.67 -37.83
CA ALA G 70 61.54 -33.19 -36.46
C ALA G 70 62.28 -31.86 -36.33
N LEU G 71 63.47 -31.76 -36.96
CA LEU G 71 64.27 -30.55 -36.87
C LEU G 71 63.66 -29.42 -37.69
N LYS G 72 62.64 -29.75 -38.53
CA LYS G 72 61.92 -28.77 -39.33
C LYS G 72 60.71 -28.21 -38.60
N LEU G 73 60.10 -28.99 -37.71
CA LEU G 73 59.15 -28.43 -36.78
C LEU G 73 59.91 -27.52 -35.83
N ILE G 74 60.94 -28.05 -35.20
CA ILE G 74 61.63 -27.31 -34.16
C ILE G 74 62.20 -25.98 -34.68
N ALA G 75 62.40 -25.90 -36.00
CA ALA G 75 62.91 -24.69 -36.64
C ALA G 75 61.85 -23.58 -36.56
N LYS G 76 60.60 -23.94 -36.84
CA LYS G 76 59.48 -23.01 -36.93
C LYS G 76 58.66 -22.92 -35.62
N ALA G 77 59.30 -23.01 -34.45
CA ALA G 77 58.54 -23.09 -33.21
C ALA G 77 59.26 -22.35 -32.10
N ASP G 78 58.51 -22.01 -31.03
CA ASP G 78 59.03 -21.21 -29.94
C ASP G 78 59.64 -22.07 -28.84
N VAL G 79 59.02 -23.23 -28.64
CA VAL G 79 59.33 -24.00 -27.45
C VAL G 79 59.48 -25.47 -27.82
N LEU G 80 60.54 -26.08 -27.27
CA LEU G 80 60.62 -27.54 -27.24
C LEU G 80 60.58 -28.10 -25.81
N ILE G 81 59.75 -29.15 -25.69
CA ILE G 81 59.58 -29.92 -24.45
C ILE G 81 60.02 -31.36 -24.70
N GLU G 82 61.02 -31.77 -23.92
CA GLU G 82 61.38 -33.17 -23.84
C GLU G 82 61.43 -33.60 -22.37
N GLY G 83 60.95 -34.82 -22.08
CA GLY G 83 61.15 -35.40 -20.75
C GLY G 83 61.79 -36.80 -20.74
N TYR G 84 62.98 -36.95 -21.36
CA TYR G 84 63.73 -38.19 -21.37
C TYR G 84 64.94 -38.04 -20.48
N ARG G 85 65.67 -39.15 -20.26
CA ARG G 85 66.84 -39.08 -19.40
C ARG G 85 67.82 -38.06 -19.98
N PRO G 86 68.66 -37.46 -19.14
CA PRO G 86 69.72 -36.59 -19.64
C PRO G 86 70.62 -37.38 -20.59
N GLY G 87 70.90 -36.75 -21.73
CA GLY G 87 71.87 -37.29 -22.67
C GLY G 87 71.13 -37.89 -23.85
N VAL G 88 69.79 -38.00 -23.75
CA VAL G 88 69.07 -38.78 -24.73
C VAL G 88 68.89 -37.99 -26.00
N THR G 89 68.45 -36.71 -25.90
CA THR G 89 68.15 -35.94 -27.11
C THR G 89 69.45 -35.62 -27.86
N GLU G 90 70.55 -35.35 -27.14
CA GLU G 90 71.88 -35.29 -27.74
C GLU G 90 72.03 -36.44 -28.74
N ARG G 91 72.07 -37.69 -28.24
CA ARG G 91 72.25 -38.89 -29.06
C ARG G 91 71.24 -39.00 -30.20
N LEU G 92 70.05 -38.42 -30.10
CA LEU G 92 69.15 -38.43 -31.24
C LEU G 92 69.52 -37.30 -32.22
N GLY G 93 70.46 -36.44 -31.80
CA GLY G 93 70.81 -35.18 -32.47
C GLY G 93 69.72 -34.11 -32.39
N LEU G 94 68.90 -34.11 -31.31
CA LEU G 94 67.89 -33.10 -31.04
C LEU G 94 68.26 -32.35 -29.77
N GLY G 95 69.54 -32.40 -29.38
CA GLY G 95 70.02 -31.69 -28.23
C GLY G 95 69.88 -30.18 -28.38
N PRO G 96 70.17 -29.41 -27.32
CA PRO G 96 70.11 -27.94 -27.40
C PRO G 96 71.14 -27.43 -28.43
N GLU G 97 72.32 -28.10 -28.47
CA GLU G 97 73.41 -27.82 -29.40
C GLU G 97 72.89 -27.73 -30.83
N GLU G 98 72.39 -28.87 -31.31
CA GLU G 98 71.82 -29.04 -32.63
C GLU G 98 70.64 -28.11 -32.83
N CYS G 99 69.76 -28.01 -31.83
CA CYS G 99 68.49 -27.33 -32.04
C CYS G 99 68.74 -25.82 -32.22
N ALA G 100 69.72 -25.31 -31.46
CA ALA G 100 70.15 -23.91 -31.51
C ALA G 100 70.87 -23.56 -32.83
N LYS G 101 70.93 -24.48 -33.79
CA LYS G 101 71.59 -24.20 -35.05
C LYS G 101 70.53 -23.95 -36.11
N VAL G 102 69.35 -24.58 -35.98
CA VAL G 102 68.27 -24.31 -36.89
C VAL G 102 67.30 -23.28 -36.28
N ASN G 103 67.63 -22.70 -35.11
CA ASN G 103 66.68 -21.85 -34.38
C ASN G 103 67.27 -21.44 -33.03
N ASP G 104 67.97 -20.29 -32.99
CA ASP G 104 68.61 -19.83 -31.76
C ASP G 104 67.62 -18.98 -30.95
N ARG G 105 66.33 -19.01 -31.32
CA ARG G 105 65.32 -18.32 -30.54
C ARG G 105 64.65 -19.29 -29.54
N LEU G 106 64.93 -20.60 -29.71
CA LEU G 106 64.13 -21.67 -29.15
C LEU G 106 64.25 -21.72 -27.62
N ILE G 107 63.11 -21.96 -26.98
CA ILE G 107 63.13 -22.30 -25.56
C ILE G 107 63.21 -23.82 -25.47
N TYR G 108 64.37 -24.28 -24.99
CA TYR G 108 64.64 -25.71 -24.93
C TYR G 108 64.31 -26.21 -23.53
N ALA G 109 63.20 -26.94 -23.39
CA ALA G 109 62.64 -27.18 -22.06
C ALA G 109 62.85 -28.64 -21.67
N ARG G 110 63.68 -28.84 -20.64
CA ARG G 110 64.10 -30.16 -20.23
C ARG G 110 63.48 -30.55 -18.89
N MET G 111 62.57 -31.54 -18.94
CA MET G 111 61.75 -31.99 -17.81
C MET G 111 62.27 -33.32 -17.27
N THR G 112 62.96 -33.29 -16.14
CA THR G 112 63.39 -34.52 -15.50
C THR G 112 62.99 -34.55 -14.03
N GLY G 113 63.38 -35.66 -13.37
CA GLY G 113 63.21 -35.83 -11.94
C GLY G 113 64.46 -35.42 -11.18
N TRP G 114 65.61 -35.92 -11.65
CA TRP G 114 66.83 -35.76 -10.87
C TRP G 114 67.65 -34.59 -11.42
N GLY G 115 67.35 -34.12 -12.63
CA GLY G 115 68.15 -33.07 -13.23
C GLY G 115 69.07 -33.59 -14.33
N GLN G 116 70.01 -32.74 -14.78
CA GLN G 116 70.78 -33.04 -15.97
C GLN G 116 72.11 -33.70 -15.58
N THR G 117 72.59 -33.46 -14.36
CA THR G 117 73.84 -34.05 -13.90
C THR G 117 73.67 -34.57 -12.47
N GLY G 118 74.73 -35.22 -11.97
CA GLY G 118 74.79 -35.71 -10.60
C GLY G 118 74.58 -37.23 -10.54
N PRO G 119 74.90 -37.86 -9.39
CA PRO G 119 74.93 -39.32 -9.29
C PRO G 119 73.62 -40.04 -9.63
N ARG G 120 72.47 -39.37 -9.51
CA ARG G 120 71.19 -40.04 -9.69
C ARG G 120 70.62 -39.78 -11.08
N SER G 121 71.33 -38.99 -11.89
CA SER G 121 70.77 -38.43 -13.12
C SER G 121 70.36 -39.47 -14.16
N GLN G 122 70.85 -40.72 -14.06
CA GLN G 122 70.43 -41.77 -15.00
C GLN G 122 69.51 -42.81 -14.36
N GLN G 123 69.28 -42.73 -13.03
CA GLN G 123 68.26 -43.57 -12.41
C GLN G 123 66.85 -43.31 -12.96
N ALA G 124 66.15 -44.36 -13.37
CA ALA G 124 64.71 -44.33 -13.52
C ALA G 124 64.06 -43.95 -12.19
N GLY G 125 62.87 -43.35 -12.28
CA GLY G 125 62.20 -42.85 -11.11
C GLY G 125 60.77 -42.45 -11.45
N HIS G 126 59.98 -42.28 -10.40
CA HIS G 126 58.65 -41.71 -10.49
C HIS G 126 58.49 -40.68 -9.36
N ASP G 127 57.32 -39.99 -9.34
CA ASP G 127 57.02 -38.96 -8.34
C ASP G 127 57.53 -39.37 -6.95
N ILE G 128 57.09 -40.53 -6.46
CA ILE G 128 57.38 -40.97 -5.10
C ILE G 128 58.90 -40.96 -4.78
N ASN G 129 59.72 -41.28 -5.79
CA ASN G 129 61.17 -41.29 -5.63
C ASN G 129 61.73 -39.87 -5.49
N TYR G 130 61.30 -38.95 -6.36
CA TYR G 130 61.84 -37.60 -6.33
C TYR G 130 61.51 -36.92 -5.01
N ILE G 131 60.29 -37.10 -4.49
CA ILE G 131 59.93 -36.48 -3.22
C ILE G 131 60.44 -37.25 -2.01
N SER G 132 60.99 -38.46 -2.17
CA SER G 132 61.51 -39.14 -1.00
C SER G 132 62.85 -38.52 -0.59
N LEU G 133 63.57 -37.96 -1.56
CA LEU G 133 64.94 -37.52 -1.34
C LEU G 133 65.03 -36.14 -0.70
N ASN G 134 64.00 -35.27 -0.81
CA ASN G 134 64.18 -33.88 -0.39
C ASN G 134 63.35 -33.57 0.84
N GLY G 135 62.96 -34.63 1.57
CA GLY G 135 62.27 -34.47 2.84
C GLY G 135 60.74 -34.46 2.72
N ILE G 136 60.20 -34.29 1.52
CA ILE G 136 58.75 -34.07 1.41
C ILE G 136 57.96 -35.32 1.83
N LEU G 137 58.31 -36.50 1.29
CA LEU G 137 57.47 -37.67 1.48
C LEU G 137 57.43 -38.07 2.94
N HIS G 138 58.57 -37.90 3.60
CA HIS G 138 58.73 -38.18 5.01
C HIS G 138 57.73 -37.37 5.87
N ALA G 139 57.32 -36.20 5.37
CA ALA G 139 56.53 -35.26 6.14
C ALA G 139 55.03 -35.55 6.02
N ILE G 140 54.64 -36.48 5.15
CA ILE G 140 53.24 -36.68 4.79
C ILE G 140 52.67 -37.97 5.39
N GLY G 141 51.53 -37.87 6.09
CA GLY G 141 50.88 -39.03 6.64
C GLY G 141 50.74 -38.93 8.14
N ARG G 142 50.13 -39.96 8.76
CA ARG G 142 49.97 -40.03 10.20
C ARG G 142 51.30 -40.36 10.88
N GLY G 143 51.47 -39.90 12.13
CA GLY G 143 52.71 -40.07 12.85
C GLY G 143 52.97 -41.53 13.19
N ASP G 144 51.89 -42.31 13.33
CA ASP G 144 52.04 -43.66 13.84
C ASP G 144 52.15 -44.64 12.68
N GLU G 145 52.51 -44.15 11.49
CA GLU G 145 52.39 -44.93 10.26
C GLU G 145 53.46 -44.53 9.26
N ARG G 146 53.68 -45.37 8.26
CA ARG G 146 54.67 -45.06 7.24
C ARG G 146 54.15 -43.95 6.34
N PRO G 147 55.05 -43.12 5.76
CA PRO G 147 54.66 -42.03 4.88
C PRO G 147 53.72 -42.50 3.79
N VAL G 148 52.77 -41.62 3.41
CA VAL G 148 51.80 -41.95 2.39
C VAL G 148 52.04 -41.01 1.20
N PRO G 149 52.03 -41.52 -0.03
CA PRO G 149 52.21 -40.66 -1.17
C PRO G 149 50.98 -39.80 -1.40
N PRO G 150 51.17 -38.48 -1.61
CA PRO G 150 50.10 -37.57 -1.98
C PRO G 150 49.81 -37.66 -3.47
N LEU G 151 49.29 -38.83 -3.87
CA LEU G 151 49.25 -39.25 -5.27
C LEU G 151 50.57 -38.87 -5.94
N ASN G 152 50.52 -38.41 -7.18
CA ASN G 152 51.71 -37.88 -7.84
C ASN G 152 51.55 -36.37 -8.09
N LEU G 153 51.00 -35.63 -7.10
CA LEU G 153 50.61 -34.25 -7.31
C LEU G 153 51.77 -33.31 -7.03
N VAL G 154 52.70 -33.71 -6.18
CA VAL G 154 53.68 -32.82 -5.62
C VAL G 154 54.95 -32.86 -6.47
N GLY G 155 55.36 -34.07 -6.91
CA GLY G 155 56.57 -34.24 -7.72
C GLY G 155 56.34 -34.05 -9.24
N ASP G 156 55.40 -34.80 -9.83
CA ASP G 156 55.13 -34.70 -11.24
C ASP G 156 54.58 -33.32 -11.58
N PHE G 157 53.53 -32.89 -10.87
CA PHE G 157 52.75 -31.74 -11.36
C PHE G 157 53.18 -30.47 -10.63
N GLY G 158 52.85 -30.36 -9.35
CA GLY G 158 53.13 -29.16 -8.58
C GLY G 158 54.58 -28.73 -8.62
N GLY G 159 55.49 -29.71 -8.58
CA GLY G 159 56.91 -29.40 -8.47
C GLY G 159 57.64 -29.73 -9.77
N GLY G 160 56.87 -30.16 -10.79
CA GLY G 160 57.41 -30.62 -12.04
C GLY G 160 56.92 -29.80 -13.22
N SER G 161 55.80 -30.21 -13.78
CA SER G 161 55.19 -29.54 -14.90
C SER G 161 55.04 -28.04 -14.60
N MET G 162 54.52 -27.68 -13.43
CA MET G 162 54.27 -26.28 -13.15
C MET G 162 55.57 -25.48 -13.18
N PHE G 163 56.67 -26.04 -12.70
CA PHE G 163 57.93 -25.32 -12.77
C PHE G 163 58.51 -25.31 -14.20
N LEU G 164 58.22 -26.32 -15.03
CA LEU G 164 58.59 -26.29 -16.43
C LEU G 164 57.90 -25.07 -17.06
N LEU G 165 56.59 -24.98 -16.84
CA LEU G 165 55.79 -23.89 -17.36
C LEU G 165 56.33 -22.53 -16.91
N VAL G 166 56.57 -22.34 -15.62
CA VAL G 166 57.12 -21.08 -15.19
C VAL G 166 58.40 -20.76 -15.96
N GLY G 167 59.30 -21.75 -16.06
CA GLY G 167 60.61 -21.53 -16.63
C GLY G 167 60.51 -21.21 -18.11
N ILE G 168 59.61 -21.90 -18.81
CA ILE G 168 59.32 -21.63 -20.20
C ILE G 168 58.85 -20.19 -20.33
N LEU G 169 57.74 -19.88 -19.65
CA LEU G 169 57.10 -18.59 -19.84
C LEU G 169 58.04 -17.47 -19.40
N ALA G 170 58.88 -17.70 -18.39
CA ALA G 170 59.87 -16.72 -17.95
C ALA G 170 60.95 -16.48 -19.01
N ALA G 171 61.33 -17.52 -19.73
CA ALA G 171 62.36 -17.45 -20.75
C ALA G 171 61.81 -16.74 -21.97
N LEU G 172 60.51 -16.95 -22.25
CA LEU G 172 59.86 -16.29 -23.35
C LEU G 172 59.83 -14.79 -23.11
N TRP G 173 59.79 -14.37 -21.84
CA TRP G 173 59.79 -12.95 -21.51
C TRP G 173 61.19 -12.39 -21.70
N GLU G 174 62.19 -13.18 -21.31
CA GLU G 174 63.59 -12.78 -21.40
C GLU G 174 63.97 -12.64 -22.88
N ARG G 175 63.47 -13.57 -23.68
CA ARG G 175 63.64 -13.56 -25.12
C ARG G 175 63.26 -12.21 -25.72
N GLN G 176 62.20 -11.57 -25.20
CA GLN G 176 61.64 -10.38 -25.83
C GLN G 176 62.64 -9.22 -25.75
N SER G 177 63.49 -9.18 -24.72
CA SER G 177 64.65 -8.28 -24.68
C SER G 177 65.77 -8.78 -25.59
N SER G 178 66.41 -9.87 -25.14
CA SER G 178 67.69 -10.35 -25.65
C SER G 178 67.60 -10.90 -27.08
N GLY G 179 66.43 -11.37 -27.52
CA GLY G 179 66.25 -11.90 -28.87
C GLY G 179 66.61 -13.38 -29.03
N LYS G 180 67.10 -13.99 -27.93
CA LYS G 180 67.70 -15.32 -27.91
C LYS G 180 66.94 -16.29 -26.98
N GLY G 181 66.81 -17.54 -27.44
CA GLY G 181 66.33 -18.67 -26.65
C GLY G 181 67.29 -19.03 -25.52
N GLN G 182 67.03 -20.18 -24.91
CA GLN G 182 67.94 -20.78 -23.94
C GLN G 182 67.34 -22.10 -23.44
N VAL G 183 68.07 -22.74 -22.51
CA VAL G 183 67.70 -24.06 -22.00
C VAL G 183 67.10 -23.88 -20.62
N VAL G 184 65.95 -24.52 -20.41
CA VAL G 184 65.30 -24.51 -19.10
C VAL G 184 65.46 -25.90 -18.48
N ASP G 185 66.18 -25.98 -17.37
CA ASP G 185 66.40 -27.25 -16.68
C ASP G 185 65.44 -27.38 -15.49
N ALA G 186 64.31 -28.08 -15.71
CA ALA G 186 63.30 -28.29 -14.67
C ALA G 186 63.42 -29.70 -14.09
N ALA G 187 63.92 -29.79 -12.85
CA ALA G 187 64.00 -31.03 -12.13
C ALA G 187 63.01 -31.09 -10.96
N MET G 188 62.22 -32.17 -10.92
CA MET G 188 61.19 -32.35 -9.92
C MET G 188 61.78 -32.24 -8.52
N VAL G 189 62.99 -32.73 -8.31
CA VAL G 189 63.56 -32.68 -6.98
C VAL G 189 63.82 -31.21 -6.58
N ASP G 190 64.00 -30.33 -7.58
CA ASP G 190 64.24 -28.91 -7.32
C ASP G 190 62.91 -28.17 -7.15
N GLY G 191 62.04 -28.33 -8.15
CA GLY G 191 60.74 -27.69 -8.17
C GLY G 191 59.99 -27.99 -6.88
N SER G 192 60.01 -29.26 -6.47
CA SER G 192 59.22 -29.70 -5.35
C SER G 192 59.82 -29.14 -4.05
N SER G 193 61.14 -28.89 -4.00
CA SER G 193 61.75 -28.28 -2.83
C SER G 193 61.31 -26.80 -2.70
N VAL G 194 61.19 -26.09 -3.82
CA VAL G 194 60.72 -24.70 -3.85
C VAL G 194 59.22 -24.65 -3.51
N LEU G 195 58.47 -25.69 -3.91
CA LEU G 195 57.06 -25.76 -3.59
C LEU G 195 56.86 -25.81 -2.07
N ILE G 196 57.78 -26.44 -1.33
CA ILE G 196 57.64 -26.61 0.11
C ILE G 196 58.56 -25.67 0.86
N GLN G 197 58.90 -24.55 0.24
CA GLN G 197 59.81 -23.58 0.87
C GLN G 197 59.26 -23.09 2.21
N MET G 198 57.94 -22.99 2.35
CA MET G 198 57.39 -22.56 3.63
C MET G 198 57.89 -23.46 4.75
N MET G 199 57.98 -24.78 4.51
CA MET G 199 58.37 -25.66 5.60
C MET G 199 59.84 -25.45 5.97
N TRP G 200 60.69 -25.26 4.95
CA TRP G 200 62.10 -24.97 5.16
C TRP G 200 62.21 -23.69 5.97
N ALA G 201 61.38 -22.68 5.64
CA ALA G 201 61.36 -21.40 6.37
C ALA G 201 60.97 -21.59 7.84
N MET G 202 59.84 -22.26 8.07
CA MET G 202 59.34 -22.47 9.42
C MET G 202 60.31 -23.35 10.22
N ARG G 203 60.94 -24.29 9.51
CA ARG G 203 61.92 -25.15 10.15
C ARG G 203 63.08 -24.33 10.72
N ALA G 204 63.51 -23.27 10.01
CA ALA G 204 64.66 -22.46 10.38
C ALA G 204 64.40 -21.69 11.68
N THR G 205 63.11 -21.37 11.93
CA THR G 205 62.69 -20.61 13.09
C THR G 205 62.00 -21.49 14.14
N GLY G 206 62.07 -22.81 13.97
CA GLY G 206 61.49 -23.75 14.93
C GLY G 206 59.96 -23.77 14.97
N MET G 207 59.27 -23.32 13.92
CA MET G 207 57.82 -23.47 13.85
C MET G 207 57.46 -24.76 13.08
N TRP G 208 58.42 -25.64 12.79
CA TRP G 208 58.09 -26.88 12.14
C TRP G 208 59.12 -27.93 12.50
N THR G 209 58.71 -29.14 12.89
CA THR G 209 59.64 -30.23 13.21
C THR G 209 59.56 -31.38 12.20
N ASP G 210 60.54 -32.28 12.27
CA ASP G 210 60.73 -33.37 11.33
C ASP G 210 59.84 -34.55 11.68
N THR G 211 59.24 -34.54 12.87
CA THR G 211 58.26 -35.52 13.27
C THR G 211 56.96 -35.41 12.48
N ARG G 212 56.59 -36.53 11.88
CA ARG G 212 55.43 -36.60 11.04
C ARG G 212 54.20 -36.51 11.93
N GLY G 213 53.22 -35.75 11.47
CA GLY G 213 51.94 -35.68 12.15
C GLY G 213 51.96 -34.85 13.43
N ALA G 214 52.96 -33.98 13.62
CA ALA G 214 53.05 -33.17 14.82
C ALA G 214 53.24 -31.69 14.52
N ASN G 215 52.67 -31.20 13.41
CA ASN G 215 52.86 -29.80 13.03
C ASN G 215 51.48 -29.19 12.77
N MET G 216 51.45 -27.90 12.46
CA MET G 216 50.17 -27.20 12.30
C MET G 216 49.45 -27.67 11.04
N LEU G 217 50.19 -28.03 10.00
CA LEU G 217 49.61 -28.24 8.67
C LEU G 217 49.68 -29.69 8.15
N ASP G 218 50.09 -30.67 8.96
CA ASP G 218 50.26 -32.05 8.48
C ASP G 218 49.21 -33.00 9.06
N GLY G 219 48.25 -32.42 9.82
CA GLY G 219 47.25 -33.20 10.51
C GLY G 219 47.49 -33.33 12.00
N GLY G 220 48.60 -32.82 12.51
CA GLY G 220 48.85 -32.79 13.94
C GLY G 220 47.93 -31.83 14.72
N ALA G 221 47.48 -30.73 14.10
CA ALA G 221 46.65 -29.76 14.79
C ALA G 221 45.19 -30.16 14.66
N PRO G 222 44.44 -30.23 15.78
CA PRO G 222 43.04 -30.65 15.74
C PRO G 222 42.13 -29.73 14.94
N TYR G 223 42.56 -28.49 14.75
CA TYR G 223 41.80 -27.51 14.00
C TYR G 223 42.25 -27.49 12.53
N TYR G 224 43.19 -28.38 12.15
CA TYR G 224 43.57 -28.47 10.74
C TYR G 224 43.72 -29.94 10.38
N ASP G 225 42.58 -30.58 10.11
CA ASP G 225 42.51 -32.02 9.92
C ASP G 225 41.13 -32.40 9.41
N THR G 226 40.98 -33.68 9.05
CA THR G 226 39.69 -34.24 8.68
C THR G 226 39.12 -34.97 9.89
N TYR G 227 37.80 -35.08 9.89
CA TYR G 227 37.07 -35.72 10.97
C TYR G 227 36.01 -36.61 10.35
N GLU G 228 35.82 -37.78 10.98
CA GLU G 228 34.80 -38.71 10.57
C GLU G 228 33.47 -38.33 11.22
N CYS G 229 32.41 -38.38 10.41
CA CYS G 229 31.05 -38.05 10.81
C CYS G 229 30.23 -39.30 11.13
N ALA G 230 28.98 -39.14 11.58
CA ALA G 230 28.15 -40.25 12.07
C ALA G 230 27.94 -41.26 10.95
N ASP G 231 28.01 -40.81 9.70
CA ASP G 231 27.66 -41.62 8.54
C ASP G 231 28.89 -42.26 7.90
N GLY G 232 30.10 -42.11 8.48
CA GLY G 232 31.30 -42.65 7.88
C GLY G 232 31.91 -41.74 6.82
N ARG G 233 31.31 -40.58 6.54
CA ARG G 233 31.92 -39.64 5.61
C ARG G 233 32.74 -38.62 6.40
N TYR G 234 33.43 -37.71 5.71
CA TYR G 234 34.37 -36.83 6.38
C TYR G 234 34.08 -35.35 6.11
N VAL G 235 34.51 -34.52 7.05
CA VAL G 235 34.56 -33.09 6.86
C VAL G 235 36.02 -32.74 7.07
N ALA G 236 36.38 -31.60 6.50
CA ALA G 236 37.66 -30.99 6.72
C ALA G 236 37.44 -29.73 7.55
N VAL G 237 38.35 -29.55 8.50
CA VAL G 237 38.45 -28.38 9.34
C VAL G 237 39.78 -27.72 9.07
N GLY G 238 39.75 -26.39 8.83
CA GLY G 238 40.94 -25.61 8.60
C GLY G 238 40.94 -24.27 9.31
N ALA G 239 40.50 -24.29 10.56
CA ALA G 239 40.16 -23.10 11.30
C ALA G 239 41.36 -22.64 12.10
N ILE G 240 42.33 -22.08 11.38
CA ILE G 240 43.60 -21.70 11.98
C ILE G 240 43.42 -20.43 12.80
N GLU G 241 42.78 -19.42 12.17
CA GLU G 241 42.61 -18.13 12.81
C GLU G 241 41.62 -18.29 13.96
N PRO G 242 41.91 -17.67 15.10
CA PRO G 242 41.11 -17.87 16.32
C PRO G 242 39.63 -17.53 16.15
N GLN G 243 39.35 -16.49 15.37
CA GLN G 243 37.96 -16.09 15.15
C GLN G 243 37.25 -17.13 14.29
N PHE G 244 37.95 -17.79 13.36
CA PHE G 244 37.31 -18.83 12.56
C PHE G 244 37.10 -20.06 13.45
N TYR G 245 38.10 -20.37 14.28
CA TYR G 245 37.99 -21.50 15.18
C TYR G 245 36.80 -21.32 16.12
N ALA G 246 36.66 -20.11 16.66
CA ALA G 246 35.53 -19.78 17.53
C ALA G 246 34.20 -20.05 16.83
N ALA G 247 34.08 -19.61 15.58
CA ALA G 247 32.87 -19.91 14.83
C ALA G 247 32.64 -21.41 14.67
N MET G 248 33.73 -22.17 14.52
CA MET G 248 33.62 -23.62 14.33
C MET G 248 33.04 -24.25 15.61
N LEU G 249 33.59 -23.88 16.78
CA LEU G 249 33.13 -24.42 18.06
C LEU G 249 31.63 -24.13 18.26
N ALA G 250 31.18 -22.91 17.89
CA ALA G 250 29.79 -22.53 18.12
C ALA G 250 28.86 -23.41 17.31
N GLY G 251 29.28 -23.70 16.06
CA GLY G 251 28.47 -24.57 15.21
C GLY G 251 28.45 -26.01 15.75
N LEU G 252 29.55 -26.42 16.42
CA LEU G 252 29.61 -27.79 16.93
C LEU G 252 28.77 -27.93 18.19
N GLY G 253 28.47 -26.80 18.82
CA GLY G 253 27.70 -26.80 20.06
C GLY G 253 28.64 -26.97 21.24
N LEU G 254 29.92 -26.67 21.07
CA LEU G 254 30.87 -26.78 22.16
C LEU G 254 31.12 -25.41 22.76
N ASP G 255 31.06 -25.37 24.08
CA ASP G 255 31.33 -24.19 24.85
C ASP G 255 32.84 -24.07 25.01
N ALA G 256 33.41 -22.96 24.50
CA ALA G 256 34.86 -22.72 24.50
C ALA G 256 35.44 -22.77 25.90
N ALA G 257 34.66 -22.36 26.91
CA ALA G 257 35.16 -22.34 28.28
C ALA G 257 35.57 -23.74 28.76
N GLU G 258 34.93 -24.80 28.26
CA GLU G 258 35.16 -26.16 28.74
C GLU G 258 36.26 -26.90 27.95
N LEU G 259 36.98 -26.23 27.03
CA LEU G 259 37.97 -26.88 26.19
C LEU G 259 39.34 -26.35 26.55
N PRO G 260 40.42 -27.09 26.27
CA PRO G 260 41.77 -26.54 26.36
C PRO G 260 41.91 -25.40 25.35
N PRO G 261 42.92 -24.51 25.49
CA PRO G 261 43.17 -23.48 24.50
C PRO G 261 43.58 -24.08 23.15
N GLN G 262 43.07 -23.46 22.08
CA GLN G 262 43.31 -23.86 20.71
C GLN G 262 44.77 -24.23 20.48
N ASN G 263 45.73 -23.41 20.94
CA ASN G 263 47.14 -23.66 20.66
C ASN G 263 47.97 -24.11 21.88
N ASP G 264 47.34 -24.68 22.91
CA ASP G 264 48.08 -25.43 23.93
C ASP G 264 48.36 -26.82 23.38
N ARG G 265 49.56 -27.02 22.80
CA ARG G 265 49.88 -28.22 22.06
C ARG G 265 49.96 -29.43 23.00
N ALA G 266 50.34 -29.17 24.25
CA ALA G 266 50.39 -30.23 25.25
C ALA G 266 48.99 -30.80 25.51
N ARG G 267 47.93 -30.07 25.16
CA ARG G 267 46.59 -30.54 25.44
C ARG G 267 45.82 -30.85 24.15
N TRP G 268 46.53 -30.90 23.03
CA TRP G 268 45.90 -31.25 21.76
C TRP G 268 45.24 -32.62 21.85
N PRO G 269 45.78 -33.63 22.58
CA PRO G 269 45.10 -34.93 22.70
C PRO G 269 43.69 -34.85 23.27
N GLU G 270 43.50 -34.05 24.32
CA GLU G 270 42.17 -33.85 24.84
C GLU G 270 41.30 -33.11 23.83
N LEU G 271 41.86 -32.02 23.24
CA LEU G 271 41.11 -31.21 22.28
C LEU G 271 40.66 -32.08 21.11
N ARG G 272 41.56 -32.89 20.55
CA ARG G 272 41.16 -33.75 19.44
C ARG G 272 40.03 -34.69 19.88
N ALA G 273 40.09 -35.22 21.11
CA ALA G 273 39.04 -36.15 21.54
C ALA G 273 37.69 -35.46 21.59
N LEU G 274 37.68 -34.19 22.03
CA LEU G 274 36.44 -33.44 22.13
C LEU G 274 35.87 -33.14 20.76
N LEU G 275 36.74 -32.72 19.82
CA LEU G 275 36.24 -32.42 18.49
C LEU G 275 35.80 -33.72 17.81
N THR G 276 36.54 -34.83 18.05
CA THR G 276 36.25 -36.09 17.38
C THR G 276 34.82 -36.54 17.71
N GLU G 277 34.46 -36.48 19.02
CA GLU G 277 33.13 -36.87 19.50
C GLU G 277 32.06 -35.92 18.98
N ALA G 278 32.35 -34.62 18.95
CA ALA G 278 31.36 -33.71 18.39
C ALA G 278 31.08 -34.01 16.92
N PHE G 279 32.12 -34.08 16.08
CA PHE G 279 31.84 -34.27 14.66
C PHE G 279 31.24 -35.65 14.38
N ALA G 280 31.60 -36.65 15.21
CA ALA G 280 31.07 -38.00 15.03
C ALA G 280 29.59 -38.08 15.41
N SER G 281 29.01 -37.04 16.01
CA SER G 281 27.65 -37.16 16.56
C SER G 281 26.59 -36.85 15.50
N HIS G 282 26.97 -36.26 14.38
CA HIS G 282 26.05 -36.05 13.27
C HIS G 282 26.74 -36.42 11.95
N ASP G 283 25.95 -36.51 10.87
CA ASP G 283 26.45 -36.91 9.57
C ASP G 283 26.99 -35.71 8.79
N ARG G 284 27.70 -35.98 7.69
CA ARG G 284 28.39 -34.93 6.97
C ARG G 284 27.41 -33.88 6.46
N ASP G 285 26.21 -34.29 6.01
CA ASP G 285 25.24 -33.34 5.47
C ASP G 285 24.83 -32.37 6.59
N HIS G 286 24.62 -32.90 7.80
CA HIS G 286 24.28 -32.07 8.95
C HIS G 286 25.26 -30.92 9.08
N TRP G 287 26.57 -31.20 8.97
CA TRP G 287 27.58 -30.17 9.12
C TRP G 287 27.63 -29.23 7.92
N GLY G 288 27.33 -29.72 6.71
CA GLY G 288 27.16 -28.83 5.56
C GLY G 288 26.09 -27.77 5.85
N ALA G 289 24.99 -28.20 6.45
CA ALA G 289 23.90 -27.28 6.71
C ALA G 289 24.32 -26.32 7.81
N VAL G 290 24.80 -26.86 8.93
CA VAL G 290 25.25 -26.05 10.05
C VAL G 290 26.27 -25.01 9.59
N PHE G 291 27.22 -25.36 8.70
CA PHE G 291 28.32 -24.43 8.45
C PHE G 291 28.13 -23.62 7.17
N ALA G 292 27.20 -24.01 6.28
CA ALA G 292 26.61 -23.15 5.27
C ALA G 292 27.56 -22.08 4.68
N ASN G 293 27.35 -20.82 5.08
CA ASN G 293 27.94 -19.65 4.41
C ASN G 293 29.05 -19.10 5.32
N SER G 294 29.66 -19.93 6.18
CA SER G 294 30.31 -19.41 7.37
C SER G 294 31.83 -19.42 7.24
N ASP G 295 32.49 -18.59 8.06
CA ASP G 295 33.95 -18.56 8.17
C ASP G 295 34.50 -19.64 9.12
N ALA G 296 33.71 -20.69 9.41
CA ALA G 296 34.15 -21.74 10.32
C ALA G 296 35.23 -22.64 9.70
N CYS G 297 35.42 -22.58 8.39
CA CYS G 297 36.45 -23.32 7.67
C CYS G 297 36.23 -24.81 7.86
N VAL G 298 34.97 -25.24 7.64
CA VAL G 298 34.56 -26.61 7.73
C VAL G 298 33.84 -26.94 6.44
N THR G 299 34.32 -27.96 5.71
CA THR G 299 33.83 -28.27 4.38
C THR G 299 33.61 -29.77 4.28
N PRO G 300 32.64 -30.22 3.47
CA PRO G 300 32.50 -31.66 3.21
C PRO G 300 33.69 -32.14 2.38
N VAL G 301 34.26 -33.31 2.73
CA VAL G 301 35.27 -33.97 1.90
C VAL G 301 34.54 -34.76 0.84
N LEU G 302 34.48 -34.21 -0.37
CA LEU G 302 33.72 -34.85 -1.44
C LEU G 302 34.61 -35.82 -2.23
N ALA G 303 34.02 -36.96 -2.60
CA ALA G 303 34.60 -37.91 -3.51
C ALA G 303 34.44 -37.38 -4.93
N PHE G 304 35.33 -37.79 -5.84
CA PHE G 304 35.26 -37.30 -7.22
C PHE G 304 33.83 -37.39 -7.75
N GLY G 305 33.16 -38.52 -7.48
CA GLY G 305 31.85 -38.79 -8.06
C GLY G 305 30.74 -37.86 -7.55
N GLU G 306 31.02 -37.06 -6.52
CA GLU G 306 30.05 -36.17 -5.91
C GLU G 306 30.28 -34.72 -6.30
N VAL G 307 31.45 -34.43 -6.89
CA VAL G 307 31.89 -33.06 -7.09
C VAL G 307 30.95 -32.30 -8.03
N HIS G 308 30.41 -33.00 -9.04
CA HIS G 308 29.54 -32.38 -10.01
C HIS G 308 28.21 -31.93 -9.39
N ASN G 309 27.87 -32.35 -8.17
CA ASN G 309 26.64 -31.88 -7.53
C ASN G 309 26.86 -30.72 -6.57
N GLU G 310 28.07 -30.19 -6.52
CA GLU G 310 28.39 -29.15 -5.55
C GLU G 310 28.12 -27.80 -6.20
N PRO G 311 27.17 -27.00 -5.64
CA PRO G 311 26.80 -25.71 -6.21
C PRO G 311 27.95 -24.77 -6.59
N HIS G 312 28.93 -24.53 -5.71
CA HIS G 312 30.03 -23.62 -6.04
C HIS G 312 30.84 -24.12 -7.25
N ILE G 313 30.87 -25.43 -7.44
CA ILE G 313 31.61 -26.04 -8.54
C ILE G 313 30.79 -25.86 -9.82
N ILE G 314 29.49 -26.15 -9.76
CA ILE G 314 28.60 -26.06 -10.91
C ILE G 314 28.56 -24.61 -11.41
N GLU G 315 28.35 -23.65 -10.51
CA GLU G 315 28.16 -22.28 -10.94
C GLU G 315 29.40 -21.64 -11.55
N ARG G 316 30.63 -22.00 -11.11
CA ARG G 316 31.82 -21.37 -11.67
C ARG G 316 32.37 -22.14 -12.89
N ASN G 317 31.70 -23.23 -13.32
CA ASN G 317 32.15 -24.01 -14.47
C ASN G 317 33.60 -24.43 -14.31
N THR G 318 33.90 -25.04 -13.15
CA THR G 318 35.22 -25.55 -12.87
C THR G 318 35.51 -26.73 -13.81
N PHE G 319 34.47 -27.52 -14.12
CA PHE G 319 34.50 -28.73 -14.91
C PHE G 319 33.62 -28.62 -16.17
N TYR G 320 33.93 -29.38 -17.23
CA TYR G 320 33.08 -29.56 -18.41
C TYR G 320 32.91 -31.06 -18.68
N GLU G 321 31.85 -31.44 -19.41
CA GLU G 321 31.58 -32.85 -19.71
C GLU G 321 32.30 -33.29 -20.97
N ALA G 322 32.77 -34.55 -20.99
CA ALA G 322 33.50 -35.09 -22.12
C ALA G 322 33.56 -36.61 -22.02
N ASN G 323 32.84 -37.31 -22.92
CA ASN G 323 32.99 -38.76 -23.07
C ASN G 323 32.73 -39.46 -21.75
N GLY G 324 31.49 -39.36 -21.24
CA GLY G 324 31.14 -39.91 -19.94
C GLY G 324 32.22 -39.68 -18.90
N GLY G 325 32.49 -38.39 -18.60
CA GLY G 325 33.53 -38.04 -17.65
C GLY G 325 33.80 -36.55 -17.61
N TRP G 326 33.51 -35.93 -16.46
CA TRP G 326 33.89 -34.56 -16.20
C TRP G 326 35.41 -34.42 -16.29
N GLN G 327 35.86 -33.25 -16.77
CA GLN G 327 37.27 -32.88 -16.81
C GLN G 327 37.37 -31.43 -16.36
N PRO G 328 38.51 -31.00 -15.81
CA PRO G 328 38.63 -29.63 -15.37
C PRO G 328 38.82 -28.66 -16.54
N MET G 329 38.15 -27.51 -16.48
CA MET G 329 38.38 -26.44 -17.44
C MET G 329 39.75 -25.84 -17.21
N PRO G 330 40.31 -25.14 -18.22
CA PRO G 330 41.59 -24.46 -18.07
C PRO G 330 41.72 -23.56 -16.83
N ALA G 331 42.92 -23.49 -16.27
CA ALA G 331 43.17 -22.57 -15.19
C ALA G 331 44.54 -21.97 -15.45
N PRO G 332 44.84 -20.74 -14.98
CA PRO G 332 43.86 -19.87 -14.34
C PRO G 332 42.97 -19.25 -15.41
N ARG G 333 42.21 -18.21 -15.03
CA ARG G 333 41.28 -17.53 -15.90
C ARG G 333 41.77 -16.12 -16.23
N PHE G 334 41.38 -15.66 -17.44
CA PHE G 334 41.81 -14.38 -17.99
C PHE G 334 40.58 -13.54 -18.34
N SER G 335 40.58 -12.26 -17.93
CA SER G 335 39.41 -11.39 -18.17
C SER G 335 39.22 -11.04 -19.66
N ARG G 336 40.29 -10.80 -20.42
CA ARG G 336 40.15 -10.41 -21.82
C ARG G 336 40.31 -11.60 -22.76
N THR G 337 41.44 -12.30 -22.69
CA THR G 337 41.69 -13.42 -23.59
C THR G 337 41.39 -14.74 -22.91
N ALA G 338 40.10 -15.09 -22.82
CA ALA G 338 39.64 -16.24 -22.08
C ALA G 338 39.87 -17.53 -22.86
N SER G 339 40.40 -18.54 -22.16
CA SER G 339 40.57 -19.87 -22.71
C SER G 339 39.21 -20.38 -23.15
N SER G 340 39.20 -21.36 -24.03
CA SER G 340 37.95 -22.01 -24.40
C SER G 340 37.96 -23.46 -23.91
N GLN G 341 36.80 -24.10 -24.05
CA GLN G 341 36.68 -25.50 -23.73
C GLN G 341 37.71 -26.28 -24.55
N PRO G 342 38.55 -27.12 -23.92
CA PRO G 342 39.56 -27.86 -24.66
C PRO G 342 38.97 -28.76 -25.76
N ARG G 343 39.72 -28.92 -26.86
CA ARG G 343 39.33 -29.84 -27.91
C ARG G 343 39.79 -31.25 -27.54
N PRO G 344 38.96 -32.29 -27.77
CA PRO G 344 39.34 -33.63 -27.37
C PRO G 344 40.56 -34.01 -28.21
N PRO G 345 41.31 -35.05 -27.78
CA PRO G 345 42.40 -35.58 -28.58
C PRO G 345 41.85 -36.04 -29.93
N ALA G 346 42.55 -35.64 -31.01
CA ALA G 346 42.11 -35.86 -32.37
C ALA G 346 42.91 -37.00 -32.99
N ALA G 347 42.37 -37.61 -34.05
CA ALA G 347 43.09 -38.61 -34.81
C ALA G 347 44.46 -38.05 -35.22
N THR G 348 45.42 -38.96 -35.50
CA THR G 348 46.78 -38.61 -35.88
C THR G 348 46.74 -37.72 -37.12
N ILE G 349 47.69 -36.80 -37.18
CA ILE G 349 47.78 -35.89 -38.29
C ILE G 349 49.14 -36.16 -38.92
N ASP G 350 49.28 -35.76 -40.18
CA ASP G 350 50.49 -36.00 -40.96
C ASP G 350 51.47 -34.86 -40.72
N ILE G 351 52.73 -35.21 -40.39
CA ILE G 351 53.77 -34.26 -40.08
C ILE G 351 54.00 -33.23 -41.20
N GLU G 352 53.63 -33.61 -42.42
CA GLU G 352 53.69 -32.74 -43.60
C GLU G 352 52.61 -31.66 -43.50
N ALA G 353 51.36 -32.12 -43.29
CA ALA G 353 50.20 -31.24 -43.24
C ALA G 353 50.40 -30.16 -42.17
N VAL G 354 51.27 -30.44 -41.18
CA VAL G 354 51.60 -29.47 -40.15
C VAL G 354 52.60 -28.47 -40.68
N LEU G 355 53.74 -28.94 -41.20
CA LEU G 355 54.76 -28.04 -41.74
C LEU G 355 54.19 -27.15 -42.86
N THR G 356 53.15 -27.63 -43.57
CA THR G 356 52.35 -26.84 -44.51
C THR G 356 51.81 -25.61 -43.78
N ASP G 357 50.84 -25.87 -42.90
CA ASP G 357 50.03 -24.85 -42.26
C ASP G 357 50.93 -23.88 -41.47
N TRP G 358 52.09 -24.31 -40.97
CA TRP G 358 53.09 -23.41 -40.40
C TRP G 358 54.00 -22.84 -41.49
N ASP G 359 53.42 -22.11 -42.46
CA ASP G 359 54.12 -21.44 -43.55
C ASP G 359 54.69 -22.45 -44.55
N GLY G 360 55.86 -23.04 -44.26
CA GLY G 360 56.59 -23.83 -45.24
C GLY G 360 57.93 -24.31 -44.73
N MET H 1 69.90 -7.36 -11.51
CA MET H 1 69.38 -8.57 -10.82
C MET H 1 69.49 -9.79 -11.74
N ALA H 2 69.96 -10.93 -11.19
CA ALA H 2 70.24 -12.11 -11.98
C ALA H 2 68.98 -12.94 -12.20
N GLY H 3 68.69 -13.26 -13.47
CA GLY H 3 67.66 -14.23 -13.82
C GLY H 3 66.90 -13.79 -15.07
N PRO H 4 66.02 -14.62 -15.64
CA PRO H 4 65.35 -14.28 -16.89
C PRO H 4 64.21 -13.27 -16.78
N LEU H 5 63.87 -12.88 -15.55
CA LEU H 5 62.79 -11.93 -15.35
C LEU H 5 63.38 -10.61 -14.86
N SER H 6 64.71 -10.48 -14.96
CA SER H 6 65.39 -9.22 -14.69
C SER H 6 64.66 -8.07 -15.38
N GLY H 7 64.33 -7.04 -14.60
CA GLY H 7 63.63 -5.87 -15.10
C GLY H 7 62.09 -5.96 -15.08
N LEU H 8 61.50 -7.08 -14.62
CA LEU H 8 60.06 -7.14 -14.37
C LEU H 8 59.75 -6.48 -13.03
N ARG H 9 58.72 -5.63 -13.03
CA ARG H 9 58.36 -4.93 -11.81
C ARG H 9 57.01 -5.41 -11.32
N VAL H 10 56.98 -5.73 -10.03
CA VAL H 10 55.90 -6.45 -9.41
C VAL H 10 55.55 -5.75 -8.10
N VAL H 11 54.26 -5.41 -7.93
CA VAL H 11 53.80 -4.95 -6.63
C VAL H 11 52.97 -6.08 -6.02
N GLU H 12 53.31 -6.40 -4.77
CA GLU H 12 52.61 -7.41 -4.00
C GLU H 12 51.88 -6.75 -2.82
N LEU H 13 50.54 -6.87 -2.78
CA LEU H 13 49.79 -6.54 -1.58
C LEU H 13 49.87 -7.70 -0.55
N ALA H 14 50.71 -7.51 0.47
CA ALA H 14 50.99 -8.53 1.48
C ALA H 14 49.73 -9.30 1.89
N GLY H 15 49.83 -10.62 1.76
CA GLY H 15 48.81 -11.57 2.23
C GLY H 15 49.47 -12.81 2.79
N ILE H 16 48.77 -13.95 2.80
CA ILE H 16 49.35 -15.18 3.32
C ILE H 16 49.22 -16.30 2.27
N GLY H 17 50.20 -17.20 2.27
CA GLY H 17 50.13 -18.45 1.53
C GLY H 17 50.56 -18.29 0.07
N PRO H 18 49.66 -18.51 -0.92
CA PRO H 18 50.07 -18.56 -2.32
C PRO H 18 50.61 -17.25 -2.88
N GLY H 19 50.00 -16.13 -2.48
CA GLY H 19 50.42 -14.82 -2.95
C GLY H 19 51.90 -14.57 -2.71
N PRO H 20 52.38 -14.57 -1.45
CA PRO H 20 53.82 -14.43 -1.21
C PRO H 20 54.73 -15.49 -1.88
N HIS H 21 54.20 -16.70 -2.13
CA HIS H 21 55.01 -17.74 -2.72
C HIS H 21 55.24 -17.42 -4.20
N ALA H 22 54.19 -17.09 -4.94
CA ALA H 22 54.34 -16.57 -6.29
C ALA H 22 55.28 -15.35 -6.33
N ALA H 23 55.05 -14.37 -5.46
CA ALA H 23 55.89 -13.19 -5.44
C ALA H 23 57.34 -13.63 -5.27
N MET H 24 57.60 -14.56 -4.33
CA MET H 24 58.95 -15.04 -4.04
C MET H 24 59.58 -15.67 -5.28
N ILE H 25 58.81 -16.44 -6.05
CA ILE H 25 59.38 -17.11 -7.19
C ILE H 25 59.74 -16.08 -8.26
N LEU H 26 58.86 -15.10 -8.49
CA LEU H 26 59.13 -14.05 -9.46
C LEU H 26 60.43 -13.33 -9.09
N GLY H 27 60.59 -13.02 -7.81
CA GLY H 27 61.82 -12.45 -7.28
C GLY H 27 63.01 -13.40 -7.33
N ASP H 28 62.75 -14.71 -7.16
CA ASP H 28 63.81 -15.71 -7.23
C ASP H 28 64.52 -15.59 -8.59
N LEU H 29 63.73 -15.36 -9.65
CA LEU H 29 64.12 -15.37 -11.04
C LEU H 29 64.49 -13.98 -11.58
N GLY H 30 64.64 -13.00 -10.68
CA GLY H 30 65.23 -11.72 -11.02
C GLY H 30 64.26 -10.54 -11.01
N ALA H 31 62.95 -10.78 -10.84
CA ALA H 31 61.98 -9.70 -10.87
C ALA H 31 62.20 -8.75 -9.71
N ASP H 32 61.80 -7.48 -9.93
CA ASP H 32 61.89 -6.44 -8.91
C ASP H 32 60.54 -6.38 -8.21
N VAL H 33 60.56 -6.85 -6.95
CA VAL H 33 59.32 -7.14 -6.25
C VAL H 33 59.26 -6.24 -5.03
N VAL H 34 58.15 -5.47 -5.00
CA VAL H 34 57.91 -4.49 -3.95
C VAL H 34 56.64 -4.92 -3.22
N ARG H 35 56.83 -5.25 -1.95
CA ARG H 35 55.74 -5.80 -1.15
C ARG H 35 55.27 -4.71 -0.20
N ILE H 36 53.97 -4.34 -0.35
CA ILE H 36 53.39 -3.32 0.49
C ILE H 36 52.77 -4.02 1.70
N ASP H 37 53.31 -3.80 2.90
CA ASP H 37 52.74 -4.36 4.09
C ASP H 37 52.06 -3.24 4.91
N ARG H 38 51.16 -3.64 5.84
CA ARG H 38 50.64 -2.74 6.86
C ARG H 38 51.78 -2.10 7.64
N PRO H 39 51.60 -0.85 8.13
CA PRO H 39 52.56 -0.29 9.07
C PRO H 39 52.43 -1.10 10.36
N SER H 40 51.21 -1.57 10.66
CA SER H 40 50.89 -2.39 11.84
C SER H 40 51.24 -3.86 11.62
N SER H 41 52.54 -4.13 11.36
CA SER H 41 53.06 -5.48 11.25
C SER H 41 54.59 -5.43 11.31
N VAL H 42 55.24 -5.00 10.21
CA VAL H 42 56.69 -5.14 10.05
C VAL H 42 57.42 -4.47 11.21
N ASP H 43 58.29 -5.25 11.87
CA ASP H 43 58.77 -4.95 13.21
C ASP H 43 60.27 -5.19 13.28
N GLY H 44 60.97 -4.90 12.18
CA GLY H 44 62.37 -5.25 12.00
C GLY H 44 62.58 -6.01 10.70
N ILE H 45 63.76 -6.64 10.57
CA ILE H 45 64.06 -7.52 9.46
C ILE H 45 63.31 -8.84 9.66
N SER H 46 62.60 -9.30 8.62
CA SER H 46 61.78 -10.50 8.70
C SER H 46 62.66 -11.76 8.66
N ARG H 47 62.26 -12.75 9.45
CA ARG H 47 62.90 -14.05 9.40
C ARG H 47 61.89 -15.08 8.87
N ASP H 48 60.90 -14.61 8.09
CA ASP H 48 60.20 -15.47 7.15
C ASP H 48 61.03 -15.49 5.86
N ALA H 49 61.65 -16.65 5.60
CA ALA H 49 62.53 -16.80 4.46
C ALA H 49 61.71 -16.80 3.16
N MET H 50 60.35 -16.90 3.27
CA MET H 50 59.49 -16.78 2.10
C MET H 50 59.49 -15.34 1.55
N LEU H 51 59.83 -14.37 2.41
CA LEU H 51 59.95 -12.97 2.04
C LEU H 51 61.39 -12.64 1.64
N ARG H 52 62.01 -13.52 0.86
CA ARG H 52 63.32 -13.25 0.27
C ARG H 52 63.08 -12.58 -1.08
N ASN H 53 64.11 -11.93 -1.64
CA ASN H 53 64.03 -11.31 -2.96
C ASN H 53 62.96 -10.21 -3.05
N ARG H 54 62.80 -9.44 -1.96
CA ARG H 54 61.80 -8.37 -1.86
C ARG H 54 62.44 -7.04 -1.44
N ARG H 55 61.75 -5.93 -1.79
CA ARG H 55 61.74 -4.73 -0.95
C ARG H 55 60.38 -4.63 -0.29
N ILE H 56 60.42 -4.58 1.07
CA ILE H 56 59.27 -4.38 1.95
C ILE H 56 59.11 -2.88 2.23
N VAL H 57 57.89 -2.34 1.97
CA VAL H 57 57.52 -0.99 2.37
C VAL H 57 56.21 -1.07 3.16
N THR H 58 55.91 -0.03 3.96
CA THR H 58 54.64 0.05 4.68
C THR H 58 53.76 1.16 4.11
N ALA H 59 52.50 1.19 4.56
CA ALA H 59 51.49 2.09 4.01
C ALA H 59 50.10 1.61 4.47
N ASP H 60 49.43 2.45 5.25
CA ASP H 60 47.99 2.32 5.46
C ASP H 60 47.32 2.64 4.12
N LEU H 61 46.70 1.63 3.48
CA LEU H 61 46.00 1.80 2.21
C LEU H 61 44.59 2.35 2.45
N LYS H 62 44.20 2.46 3.73
CA LYS H 62 42.98 3.14 4.11
C LYS H 62 43.21 4.64 4.26
N SER H 63 44.47 5.10 4.45
CA SER H 63 44.84 6.50 4.23
C SER H 63 44.46 6.98 2.83
N ASP H 64 44.26 8.29 2.67
CA ASP H 64 44.22 8.90 1.35
C ASP H 64 45.64 8.92 0.79
N GLN H 65 46.59 9.14 1.70
CA GLN H 65 47.98 9.26 1.33
C GLN H 65 48.51 7.90 0.90
N GLY H 66 48.41 6.92 1.82
CA GLY H 66 48.74 5.54 1.55
C GLY H 66 48.22 5.02 0.21
N LEU H 67 46.96 5.36 -0.16
CA LEU H 67 46.37 4.89 -1.39
C LEU H 67 47.06 5.54 -2.60
N GLU H 68 47.51 6.78 -2.42
CA GLU H 68 48.07 7.53 -3.52
C GLU H 68 49.49 7.03 -3.81
N LEU H 69 50.26 6.76 -2.75
CA LEU H 69 51.60 6.19 -2.87
C LEU H 69 51.59 4.81 -3.54
N ALA H 70 50.55 4.01 -3.29
CA ALA H 70 50.42 2.70 -3.88
C ALA H 70 50.05 2.80 -5.36
N LEU H 71 49.12 3.71 -5.71
CA LEU H 71 48.73 3.89 -7.10
C LEU H 71 49.91 4.44 -7.92
N LYS H 72 50.86 5.14 -7.29
CA LYS H 72 52.03 5.61 -8.01
C LYS H 72 52.88 4.41 -8.38
N LEU H 73 53.22 3.59 -7.36
CA LEU H 73 53.95 2.34 -7.51
C LEU H 73 53.36 1.49 -8.63
N ILE H 74 52.04 1.30 -8.58
CA ILE H 74 51.35 0.44 -9.52
C ILE H 74 51.42 1.02 -10.92
N ALA H 75 51.58 2.34 -11.02
CA ALA H 75 51.63 2.97 -12.32
C ALA H 75 52.97 2.65 -13.00
N LYS H 76 54.02 2.44 -12.20
CA LYS H 76 55.35 2.12 -12.70
C LYS H 76 55.60 0.60 -12.79
N ALA H 77 54.62 -0.25 -12.45
CA ALA H 77 54.85 -1.69 -12.33
C ALA H 77 54.25 -2.42 -13.53
N ASP H 78 54.73 -3.65 -13.76
CA ASP H 78 54.16 -4.51 -14.77
C ASP H 78 53.06 -5.38 -14.18
N VAL H 79 53.23 -5.76 -12.91
CA VAL H 79 52.37 -6.78 -12.32
C VAL H 79 51.94 -6.39 -10.91
N LEU H 80 50.67 -6.69 -10.62
CA LEU H 80 50.14 -6.61 -9.26
C LEU H 80 49.55 -7.96 -8.81
N ILE H 81 49.90 -8.28 -7.56
CA ILE H 81 49.44 -9.47 -6.88
C ILE H 81 48.64 -9.07 -5.66
N GLU H 82 47.41 -9.56 -5.57
CA GLU H 82 46.64 -9.48 -4.35
C GLU H 82 45.98 -10.83 -4.09
N GLY H 83 45.92 -11.19 -2.80
CA GLY H 83 45.23 -12.38 -2.36
C GLY H 83 44.23 -12.14 -1.24
N TYR H 84 43.50 -11.03 -1.30
CA TYR H 84 42.45 -10.76 -0.32
C TYR H 84 41.14 -11.34 -0.81
N ARG H 85 40.11 -11.28 0.07
CA ARG H 85 38.78 -11.70 -0.37
C ARG H 85 38.39 -10.82 -1.53
N PRO H 86 37.59 -11.33 -2.47
CA PRO H 86 37.07 -10.52 -3.56
C PRO H 86 36.30 -9.34 -2.96
N GLY H 87 36.52 -8.16 -3.56
CA GLY H 87 35.85 -6.94 -3.19
C GLY H 87 36.76 -6.05 -2.37
N VAL H 88 37.83 -6.61 -1.85
CA VAL H 88 38.64 -5.87 -0.90
C VAL H 88 39.45 -4.78 -1.61
N THR H 89 40.10 -5.12 -2.73
CA THR H 89 40.90 -4.14 -3.44
C THR H 89 39.95 -3.06 -4.01
N GLU H 90 38.77 -3.45 -4.50
CA GLU H 90 37.80 -2.49 -5.01
C GLU H 90 37.51 -1.41 -3.94
N ARG H 91 37.08 -1.81 -2.75
CA ARG H 91 36.82 -0.89 -1.66
C ARG H 91 38.05 -0.10 -1.21
N LEU H 92 39.27 -0.61 -1.37
CA LEU H 92 40.42 0.17 -0.96
C LEU H 92 40.74 1.28 -1.96
N GLY H 93 40.12 1.20 -3.15
CA GLY H 93 40.45 2.04 -4.30
C GLY H 93 41.49 1.45 -5.25
N LEU H 94 41.89 0.18 -5.00
CA LEU H 94 43.01 -0.47 -5.68
C LEU H 94 42.51 -1.58 -6.58
N GLY H 95 41.24 -1.52 -7.00
CA GLY H 95 40.63 -2.54 -7.82
C GLY H 95 41.14 -2.52 -9.26
N PRO H 96 40.79 -3.52 -10.08
CA PRO H 96 41.23 -3.55 -11.47
C PRO H 96 40.93 -2.24 -12.20
N GLU H 97 39.71 -1.72 -12.07
CA GLU H 97 39.31 -0.52 -12.82
C GLU H 97 40.11 0.69 -12.38
N GLU H 98 40.24 0.91 -11.07
CA GLU H 98 41.08 2.00 -10.59
C GLU H 98 42.54 1.83 -11.00
N CYS H 99 42.99 0.59 -11.21
CA CYS H 99 44.39 0.36 -11.51
C CYS H 99 44.64 0.60 -13.01
N ALA H 100 43.64 0.23 -13.83
CA ALA H 100 43.66 0.37 -15.28
C ALA H 100 43.57 1.82 -15.77
N LYS H 101 43.30 2.76 -14.87
CA LYS H 101 43.26 4.17 -15.21
C LYS H 101 44.66 4.77 -15.11
N VAL H 102 45.47 4.26 -14.19
CA VAL H 102 46.82 4.75 -14.03
C VAL H 102 47.80 3.81 -14.75
N ASN H 103 47.30 2.74 -15.42
CA ASN H 103 48.21 1.78 -16.06
C ASN H 103 47.41 0.73 -16.80
N ASP H 104 47.21 0.92 -18.12
CA ASP H 104 46.42 0.00 -18.92
C ASP H 104 47.25 -1.19 -19.39
N ARG H 105 48.51 -1.29 -18.94
CA ARG H 105 49.34 -2.43 -19.27
C ARG H 105 49.40 -3.46 -18.12
N LEU H 106 48.71 -3.18 -17.00
CA LEU H 106 48.97 -3.89 -15.76
C LEU H 106 48.47 -5.32 -15.88
N ILE H 107 49.28 -6.26 -15.37
CA ILE H 107 48.77 -7.59 -15.13
C ILE H 107 48.27 -7.61 -13.69
N TYR H 108 46.94 -7.73 -13.58
CA TYR H 108 46.24 -7.70 -12.30
C TYR H 108 45.92 -9.14 -11.91
N ALA H 109 46.63 -9.62 -10.88
CA ALA H 109 46.67 -11.04 -10.57
C ALA H 109 46.00 -11.27 -9.22
N ARG H 110 44.87 -11.97 -9.28
CA ARG H 110 44.04 -12.16 -8.10
C ARG H 110 44.10 -13.63 -7.67
N MET H 111 44.69 -13.82 -6.49
CA MET H 111 44.87 -15.13 -5.91
C MET H 111 43.82 -15.38 -4.83
N THR H 112 42.89 -16.30 -5.08
CA THR H 112 41.96 -16.72 -4.05
C THR H 112 41.82 -18.24 -4.02
N GLY H 113 41.04 -18.74 -3.08
CA GLY H 113 40.77 -20.15 -3.05
C GLY H 113 39.52 -20.50 -3.80
N TRP H 114 38.43 -19.76 -3.49
CA TRP H 114 37.12 -20.10 -4.03
C TRP H 114 36.88 -19.42 -5.38
N GLY H 115 37.63 -18.37 -5.68
CA GLY H 115 37.38 -17.60 -6.89
C GLY H 115 36.69 -16.27 -6.62
N GLN H 116 36.45 -15.55 -7.72
CA GLN H 116 36.01 -14.17 -7.68
C GLN H 116 34.50 -14.10 -7.51
N THR H 117 33.76 -15.10 -7.97
CA THR H 117 32.31 -15.09 -7.83
C THR H 117 31.81 -16.43 -7.31
N GLY H 118 30.52 -16.53 -7.02
CA GLY H 118 29.89 -17.80 -6.68
C GLY H 118 29.62 -17.89 -5.17
N PRO H 119 28.82 -18.89 -4.73
CA PRO H 119 28.32 -18.93 -3.35
C PRO H 119 29.35 -18.97 -2.23
N ARG H 120 30.56 -19.47 -2.50
CA ARG H 120 31.57 -19.53 -1.47
C ARG H 120 32.61 -18.44 -1.66
N SER H 121 32.37 -17.49 -2.59
CA SER H 121 33.38 -16.49 -2.90
C SER H 121 33.80 -15.66 -1.68
N GLN H 122 32.94 -15.58 -0.64
CA GLN H 122 33.26 -14.72 0.51
C GLN H 122 33.62 -15.52 1.76
N GLN H 123 33.62 -16.84 1.63
CA GLN H 123 33.84 -17.75 2.74
C GLN H 123 35.34 -17.90 3.02
N ALA H 124 35.74 -17.70 4.27
CA ALA H 124 37.12 -17.95 4.65
C ALA H 124 37.51 -19.40 4.39
N GLY H 125 38.81 -19.65 4.28
CA GLY H 125 39.26 -21.00 4.03
C GLY H 125 40.78 -21.14 4.04
N HIS H 126 41.20 -22.39 4.04
CA HIS H 126 42.60 -22.73 3.89
C HIS H 126 42.73 -23.89 2.90
N ASP H 127 43.99 -24.25 2.60
CA ASP H 127 44.30 -25.30 1.63
C ASP H 127 43.33 -26.47 1.74
N ILE H 128 43.23 -27.03 2.97
CA ILE H 128 42.47 -28.26 3.23
C ILE H 128 41.01 -28.12 2.79
N ASN H 129 40.45 -26.92 2.92
CA ASN H 129 39.07 -26.67 2.51
C ASN H 129 38.93 -26.70 0.98
N TYR H 130 39.88 -26.07 0.27
CA TYR H 130 39.76 -25.93 -1.18
C TYR H 130 39.92 -27.30 -1.85
N ILE H 131 40.79 -28.16 -1.31
CA ILE H 131 40.99 -29.50 -1.89
C ILE H 131 39.95 -30.49 -1.37
N SER H 132 39.14 -30.13 -0.36
CA SER H 132 38.09 -31.05 0.06
C SER H 132 36.88 -31.04 -0.89
N LEU H 133 36.65 -29.92 -1.56
CA LEU H 133 35.42 -29.73 -2.30
C LEU H 133 35.51 -30.31 -3.72
N ASN H 134 36.72 -30.58 -4.22
CA ASN H 134 36.90 -30.97 -5.61
C ASN H 134 37.44 -32.40 -5.75
N GLY H 135 37.35 -33.20 -4.66
CA GLY H 135 37.64 -34.63 -4.75
C GLY H 135 39.06 -35.05 -4.33
N ILE H 136 39.99 -34.09 -4.26
CA ILE H 136 41.40 -34.38 -4.07
C ILE H 136 41.69 -34.97 -2.69
N LEU H 137 41.32 -34.25 -1.63
CA LEU H 137 41.61 -34.66 -0.27
C LEU H 137 41.04 -36.05 0.00
N HIS H 138 39.84 -36.31 -0.50
CA HIS H 138 39.25 -37.61 -0.33
C HIS H 138 40.15 -38.73 -0.86
N ALA H 139 40.94 -38.42 -1.87
CA ALA H 139 41.78 -39.40 -2.54
C ALA H 139 43.06 -39.70 -1.78
N ILE H 140 43.40 -38.92 -0.76
CA ILE H 140 44.71 -39.01 -0.15
C ILE H 140 44.68 -39.68 1.22
N GLY H 141 45.50 -40.75 1.38
CA GLY H 141 45.72 -41.45 2.65
C GLY H 141 45.36 -42.92 2.51
N ARG H 142 45.50 -43.70 3.59
CA ARG H 142 45.20 -45.13 3.57
C ARG H 142 43.69 -45.37 3.56
N GLY H 143 43.27 -46.50 3.00
CA GLY H 143 41.84 -46.79 2.83
C GLY H 143 41.11 -46.97 4.16
N ASP H 144 41.82 -47.49 5.15
CA ASP H 144 41.19 -47.86 6.41
C ASP H 144 41.08 -46.67 7.37
N GLU H 145 41.33 -45.45 6.89
CA GLU H 145 41.53 -44.31 7.77
C GLU H 145 40.99 -43.06 7.13
N ARG H 146 40.93 -41.97 7.88
CA ARG H 146 40.34 -40.77 7.35
C ARG H 146 41.36 -40.04 6.51
N PRO H 147 40.96 -39.25 5.49
CA PRO H 147 41.92 -38.65 4.57
C PRO H 147 42.97 -37.84 5.29
N VAL H 148 44.16 -37.77 4.70
CA VAL H 148 45.21 -37.00 5.34
C VAL H 148 45.63 -35.81 4.46
N PRO H 149 45.78 -34.61 5.05
CA PRO H 149 46.16 -33.45 4.25
C PRO H 149 47.60 -33.56 3.79
N PRO H 150 47.86 -33.39 2.47
CA PRO H 150 49.22 -33.39 1.93
C PRO H 150 49.88 -32.05 2.18
N LEU H 151 50.07 -31.79 3.47
CA LEU H 151 50.41 -30.47 3.98
C LEU H 151 49.51 -29.49 3.26
N ASN H 152 50.05 -28.31 2.91
CA ASN H 152 49.35 -27.35 2.06
C ASN H 152 50.00 -27.22 0.67
N LEU H 153 50.49 -28.34 0.12
CA LEU H 153 51.24 -28.32 -1.13
C LEU H 153 50.33 -28.22 -2.35
N VAL H 154 49.11 -28.78 -2.27
CA VAL H 154 48.33 -29.01 -3.46
C VAL H 154 47.42 -27.80 -3.72
N GLY H 155 46.83 -27.23 -2.67
CA GLY H 155 45.94 -26.09 -2.84
C GLY H 155 46.68 -24.77 -2.87
N ASP H 156 47.45 -24.46 -1.83
CA ASP H 156 48.19 -23.20 -1.80
C ASP H 156 49.24 -23.11 -2.92
N PHE H 157 50.10 -24.12 -3.07
CA PHE H 157 51.25 -23.93 -3.93
C PHE H 157 50.99 -24.56 -5.29
N GLY H 158 50.95 -25.89 -5.33
CA GLY H 158 50.85 -26.54 -6.62
C GLY H 158 49.66 -26.05 -7.43
N GLY H 159 48.49 -25.93 -6.78
CA GLY H 159 47.26 -25.55 -7.46
C GLY H 159 46.90 -24.07 -7.28
N GLY H 160 47.83 -23.32 -6.71
CA GLY H 160 47.57 -21.97 -6.20
C GLY H 160 48.54 -20.93 -6.78
N SER H 161 49.62 -20.64 -6.06
CA SER H 161 50.71 -19.81 -6.53
C SER H 161 51.18 -20.21 -7.93
N MET H 162 51.28 -21.52 -8.24
CA MET H 162 51.93 -21.94 -9.47
C MET H 162 51.02 -21.60 -10.65
N PHE H 163 49.70 -21.73 -10.45
CA PHE H 163 48.79 -21.29 -11.48
C PHE H 163 48.72 -19.75 -11.57
N LEU H 164 48.90 -19.03 -10.46
CA LEU H 164 49.01 -17.59 -10.49
C LEU H 164 50.16 -17.20 -11.43
N LEU H 165 51.33 -17.81 -11.21
CA LEU H 165 52.51 -17.57 -12.01
C LEU H 165 52.31 -17.89 -13.48
N VAL H 166 51.68 -19.00 -13.81
CA VAL H 166 51.45 -19.35 -15.20
C VAL H 166 50.55 -18.30 -15.84
N GLY H 167 49.59 -17.79 -15.05
CA GLY H 167 48.68 -16.77 -15.53
C GLY H 167 49.37 -15.41 -15.73
N ILE H 168 50.17 -14.99 -14.77
CA ILE H 168 50.94 -13.77 -14.91
C ILE H 168 51.83 -13.83 -16.15
N LEU H 169 52.63 -14.91 -16.28
CA LEU H 169 53.62 -14.96 -17.33
C LEU H 169 52.93 -15.20 -18.66
N ALA H 170 51.84 -15.97 -18.71
CA ALA H 170 51.07 -16.08 -19.94
C ALA H 170 50.49 -14.73 -20.36
N ALA H 171 50.11 -13.91 -19.38
CA ALA H 171 49.44 -12.66 -19.68
C ALA H 171 50.49 -11.67 -20.22
N LEU H 172 51.70 -11.72 -19.65
CA LEU H 172 52.82 -10.96 -20.17
C LEU H 172 53.08 -11.35 -21.62
N TRP H 173 53.10 -12.64 -21.94
CA TRP H 173 53.28 -13.05 -23.32
C TRP H 173 52.30 -12.31 -24.21
N GLU H 174 51.03 -12.42 -23.86
CA GLU H 174 49.93 -11.87 -24.63
C GLU H 174 50.06 -10.34 -24.76
N ARG H 175 50.53 -9.68 -23.71
CA ARG H 175 50.72 -8.24 -23.73
C ARG H 175 51.68 -7.84 -24.86
N GLN H 176 52.80 -8.56 -24.97
CA GLN H 176 53.84 -8.25 -25.93
C GLN H 176 53.22 -8.05 -27.31
N SER H 177 52.11 -8.74 -27.60
CA SER H 177 51.40 -8.64 -28.88
C SER H 177 50.28 -7.60 -28.86
N SER H 178 49.64 -7.37 -27.71
CA SER H 178 48.42 -6.59 -27.66
C SER H 178 48.62 -5.21 -27.05
N GLY H 179 49.78 -4.94 -26.43
CA GLY H 179 50.01 -3.70 -25.69
C GLY H 179 49.20 -3.58 -24.38
N LYS H 180 48.30 -4.55 -24.11
CA LYS H 180 47.26 -4.44 -23.10
C LYS H 180 47.45 -5.44 -21.94
N GLY H 181 47.28 -4.95 -20.70
CA GLY H 181 47.18 -5.78 -19.51
C GLY H 181 45.82 -6.50 -19.42
N GLN H 182 45.61 -7.26 -18.34
CA GLN H 182 44.32 -7.87 -18.07
C GLN H 182 44.33 -8.46 -16.67
N VAL H 183 43.18 -9.04 -16.30
CA VAL H 183 42.97 -9.65 -14.98
C VAL H 183 43.17 -11.17 -15.05
N VAL H 184 44.05 -11.65 -14.16
CA VAL H 184 44.28 -13.07 -13.92
C VAL H 184 43.54 -13.48 -12.65
N ASP H 185 42.53 -14.34 -12.83
CA ASP H 185 41.72 -14.90 -11.76
C ASP H 185 42.23 -16.33 -11.46
N ALA H 186 43.12 -16.44 -10.47
CA ALA H 186 43.67 -17.71 -10.06
C ALA H 186 42.97 -18.20 -8.81
N ALA H 187 42.15 -19.25 -8.94
CA ALA H 187 41.48 -19.81 -7.76
C ALA H 187 42.00 -21.22 -7.44
N MET H 188 42.36 -21.46 -6.17
CA MET H 188 42.98 -22.72 -5.76
C MET H 188 42.11 -23.92 -6.12
N VAL H 189 40.78 -23.73 -6.17
CA VAL H 189 39.90 -24.88 -6.37
C VAL H 189 39.91 -25.26 -7.85
N ASP H 190 40.29 -24.34 -8.73
CA ASP H 190 40.43 -24.65 -10.15
C ASP H 190 41.83 -25.21 -10.43
N GLY H 191 42.84 -24.46 -10.04
CA GLY H 191 44.22 -24.84 -10.29
C GLY H 191 44.48 -26.27 -9.79
N SER H 192 43.90 -26.62 -8.64
CA SER H 192 44.22 -27.90 -8.03
C SER H 192 43.48 -28.95 -8.84
N SER H 193 42.37 -28.57 -9.48
CA SER H 193 41.62 -29.52 -10.29
C SER H 193 42.38 -29.82 -11.59
N VAL H 194 43.10 -28.82 -12.13
CA VAL H 194 43.92 -29.06 -13.31
C VAL H 194 45.18 -29.85 -12.94
N LEU H 195 45.68 -29.62 -11.72
CA LEU H 195 46.82 -30.36 -11.19
C LEU H 195 46.53 -31.86 -11.19
N ILE H 196 45.25 -32.23 -11.00
CA ILE H 196 44.85 -33.62 -10.81
C ILE H 196 44.08 -34.08 -12.04
N GLN H 197 44.28 -33.37 -13.14
CA GLN H 197 43.60 -33.76 -14.37
C GLN H 197 43.87 -35.24 -14.72
N MET H 198 45.07 -35.76 -14.38
CA MET H 198 45.38 -37.16 -14.69
C MET H 198 44.34 -38.11 -14.08
N MET H 199 43.96 -37.90 -12.82
CA MET H 199 42.99 -38.80 -12.21
C MET H 199 41.62 -38.62 -12.86
N TRP H 200 41.25 -37.39 -13.26
CA TRP H 200 39.96 -37.23 -13.91
C TRP H 200 39.95 -37.98 -15.25
N ALA H 201 41.10 -38.03 -15.93
CA ALA H 201 41.21 -38.78 -17.20
C ALA H 201 41.14 -40.29 -16.95
N MET H 202 42.01 -40.77 -16.05
CA MET H 202 42.00 -42.17 -15.67
C MET H 202 40.61 -42.63 -15.20
N ARG H 203 39.88 -41.77 -14.49
CA ARG H 203 38.58 -42.12 -13.95
C ARG H 203 37.57 -42.42 -15.06
N ALA H 204 37.67 -41.64 -16.15
CA ALA H 204 36.80 -41.72 -17.31
C ALA H 204 37.01 -43.01 -18.10
N THR H 205 38.25 -43.52 -18.13
CA THR H 205 38.59 -44.80 -18.74
C THR H 205 38.54 -45.95 -17.74
N GLY H 206 37.88 -45.80 -16.58
CA GLY H 206 37.84 -46.87 -15.58
C GLY H 206 39.20 -47.28 -15.00
N MET H 207 40.22 -46.41 -15.02
CA MET H 207 41.55 -46.75 -14.52
C MET H 207 41.84 -46.06 -13.17
N TRP H 208 40.80 -45.48 -12.54
CA TRP H 208 40.89 -44.88 -11.23
C TRP H 208 39.53 -44.97 -10.56
N THR H 209 39.47 -45.36 -9.29
CA THR H 209 38.20 -45.36 -8.56
C THR H 209 38.27 -44.41 -7.38
N ASP H 210 37.08 -44.07 -6.88
CA ASP H 210 36.92 -43.14 -5.76
C ASP H 210 37.22 -43.80 -4.42
N THR H 211 37.44 -45.11 -4.40
CA THR H 211 37.92 -45.80 -3.21
C THR H 211 39.35 -45.34 -2.85
N ARG H 212 39.52 -44.81 -1.65
CA ARG H 212 40.83 -44.42 -1.15
C ARG H 212 41.70 -45.66 -0.90
N GLY H 213 42.97 -45.60 -1.31
CA GLY H 213 43.94 -46.64 -0.98
C GLY H 213 43.86 -47.84 -1.93
N ALA H 214 43.27 -47.65 -3.12
CA ALA H 214 42.99 -48.82 -3.97
C ALA H 214 43.35 -48.55 -5.43
N ASN H 215 44.36 -47.72 -5.66
CA ASN H 215 44.71 -47.29 -7.01
C ASN H 215 46.23 -47.41 -7.13
N MET H 216 46.71 -47.23 -8.35
CA MET H 216 48.09 -47.46 -8.65
C MET H 216 48.97 -46.40 -7.97
N LEU H 217 48.46 -45.17 -7.76
CA LEU H 217 49.33 -44.08 -7.36
C LEU H 217 49.01 -43.51 -5.98
N ASP H 218 48.16 -44.17 -5.20
CA ASP H 218 47.70 -43.59 -3.94
C ASP H 218 48.24 -44.37 -2.74
N GLY H 219 49.06 -45.41 -3.00
CA GLY H 219 49.56 -46.28 -1.94
C GLY H 219 48.93 -47.68 -2.00
N GLY H 220 47.89 -47.87 -2.79
CA GLY H 220 47.33 -49.22 -2.91
C GLY H 220 48.21 -50.25 -3.64
N ALA H 221 49.03 -49.80 -4.61
CA ALA H 221 49.90 -50.69 -5.36
C ALA H 221 51.13 -51.00 -4.52
N PRO H 222 51.45 -52.29 -4.28
CA PRO H 222 52.68 -52.65 -3.58
C PRO H 222 53.99 -52.18 -4.16
N TYR H 223 54.00 -51.91 -5.48
CA TYR H 223 55.19 -51.36 -6.14
C TYR H 223 55.19 -49.83 -6.27
N TYR H 224 54.26 -49.14 -5.59
CA TYR H 224 54.20 -47.69 -5.54
C TYR H 224 53.77 -47.30 -4.14
N ASP H 225 54.71 -47.39 -3.19
CA ASP H 225 54.40 -47.18 -1.80
C ASP H 225 55.70 -47.11 -1.01
N THR H 226 55.57 -46.82 0.30
CA THR H 226 56.71 -46.85 1.20
C THR H 226 56.69 -48.17 1.97
N TYR H 227 57.89 -48.59 2.41
CA TYR H 227 58.13 -49.80 3.19
C TYR H 227 59.03 -49.43 4.35
N GLU H 228 58.75 -50.03 5.49
CA GLU H 228 59.59 -49.85 6.65
C GLU H 228 60.78 -50.83 6.61
N CYS H 229 61.96 -50.37 7.04
CA CYS H 229 63.19 -51.14 6.99
C CYS H 229 63.57 -51.61 8.40
N ALA H 230 64.65 -52.40 8.51
CA ALA H 230 65.01 -53.00 9.80
C ALA H 230 65.29 -51.95 10.87
N ASP H 231 65.76 -50.77 10.47
CA ASP H 231 66.10 -49.72 11.41
C ASP H 231 64.87 -48.86 11.72
N GLY H 232 63.70 -49.19 11.15
CA GLY H 232 62.53 -48.36 11.40
C GLY H 232 62.49 -47.11 10.53
N ARG H 233 63.42 -46.97 9.58
CA ARG H 233 63.34 -45.89 8.59
C ARG H 233 62.69 -46.43 7.33
N TYR H 234 62.50 -45.60 6.29
CA TYR H 234 61.66 -45.99 5.16
C TYR H 234 62.39 -45.86 3.83
N VAL H 235 61.95 -46.70 2.89
CA VAL H 235 62.23 -46.53 1.49
C VAL H 235 60.91 -46.31 0.75
N ALA H 236 61.05 -45.65 -0.39
CA ALA H 236 60.04 -45.49 -1.40
C ALA H 236 60.38 -46.40 -2.59
N VAL H 237 59.34 -47.11 -3.01
CA VAL H 237 59.27 -47.89 -4.22
C VAL H 237 58.31 -47.23 -5.19
N GLY H 238 58.77 -47.03 -6.43
CA GLY H 238 57.96 -46.50 -7.50
C GLY H 238 58.11 -47.28 -8.81
N ALA H 239 58.26 -48.62 -8.71
CA ALA H 239 58.59 -49.45 -9.86
C ALA H 239 57.35 -49.87 -10.66
N ILE H 240 56.78 -48.89 -11.41
CA ILE H 240 55.58 -49.08 -12.19
C ILE H 240 55.85 -49.97 -13.41
N GLU H 241 56.90 -49.63 -14.16
CA GLU H 241 57.21 -50.34 -15.40
C GLU H 241 57.69 -51.75 -15.08
N PRO H 242 57.29 -52.79 -15.83
CA PRO H 242 57.67 -54.16 -15.49
C PRO H 242 59.18 -54.40 -15.39
N GLN H 243 59.97 -53.77 -16.26
CA GLN H 243 61.41 -54.01 -16.26
C GLN H 243 62.00 -53.41 -14.99
N PHE H 244 61.46 -52.30 -14.52
CA PHE H 244 61.98 -51.68 -13.31
C PHE H 244 61.59 -52.55 -12.13
N TYR H 245 60.36 -53.08 -12.17
CA TYR H 245 59.84 -53.94 -11.11
C TYR H 245 60.67 -55.21 -11.00
N ALA H 246 61.01 -55.80 -12.15
CA ALA H 246 61.84 -57.01 -12.16
C ALA H 246 63.21 -56.71 -11.56
N ALA H 247 63.77 -55.54 -11.87
CA ALA H 247 65.05 -55.17 -11.29
C ALA H 247 64.96 -55.08 -9.76
N MET H 248 63.84 -54.55 -9.28
CA MET H 248 63.63 -54.40 -7.84
C MET H 248 63.53 -55.75 -7.11
N LEU H 249 62.74 -56.70 -7.66
CA LEU H 249 62.60 -58.05 -7.12
C LEU H 249 63.95 -58.77 -7.01
N ALA H 250 64.74 -58.68 -8.08
CA ALA H 250 66.07 -59.32 -8.08
C ALA H 250 66.98 -58.75 -7.00
N GLY H 251 66.96 -57.42 -6.79
CA GLY H 251 67.73 -56.80 -5.73
C GLY H 251 67.24 -57.12 -4.32
N LEU H 252 65.94 -57.45 -4.16
CA LEU H 252 65.42 -57.88 -2.86
C LEU H 252 65.67 -59.36 -2.62
N GLY H 253 66.15 -60.08 -3.64
CA GLY H 253 66.43 -61.49 -3.53
C GLY H 253 65.16 -62.30 -3.70
N LEU H 254 64.18 -61.77 -4.42
CA LEU H 254 62.92 -62.45 -4.59
C LEU H 254 62.84 -62.96 -6.02
N ASP H 255 62.31 -64.16 -6.13
CA ASP H 255 62.23 -64.87 -7.37
C ASP H 255 60.80 -64.68 -7.88
N ALA H 256 60.66 -64.09 -9.08
CA ALA H 256 59.39 -63.71 -9.66
C ALA H 256 58.46 -64.92 -9.86
N ALA H 257 58.99 -66.12 -10.11
CA ALA H 257 58.15 -67.29 -10.32
C ALA H 257 57.44 -67.70 -9.03
N GLU H 258 57.97 -67.28 -7.88
CA GLU H 258 57.35 -67.55 -6.58
C GLU H 258 56.29 -66.52 -6.18
N LEU H 259 56.11 -65.41 -6.90
CA LEU H 259 55.30 -64.29 -6.45
C LEU H 259 54.04 -64.21 -7.29
N PRO H 260 52.98 -63.53 -6.83
CA PRO H 260 51.85 -63.21 -7.70
C PRO H 260 52.24 -62.25 -8.82
N PRO H 261 51.46 -62.15 -9.91
CA PRO H 261 51.69 -61.12 -10.92
C PRO H 261 51.68 -59.70 -10.33
N GLN H 262 52.53 -58.84 -10.88
CA GLN H 262 52.67 -57.45 -10.48
C GLN H 262 51.32 -56.73 -10.46
N ASN H 263 50.44 -57.00 -11.43
CA ASN H 263 49.21 -56.24 -11.58
C ASN H 263 47.96 -57.10 -11.39
N ASP H 264 48.08 -58.22 -10.69
CA ASP H 264 46.93 -58.93 -10.15
C ASP H 264 46.53 -58.34 -8.80
N ARG H 265 45.52 -57.47 -8.86
CA ARG H 265 45.06 -56.68 -7.73
C ARG H 265 44.40 -57.54 -6.66
N ALA H 266 43.78 -58.65 -7.05
CA ALA H 266 43.22 -59.56 -6.07
C ALA H 266 44.32 -60.02 -5.08
N ARG H 267 45.58 -60.14 -5.55
CA ARG H 267 46.65 -60.70 -4.70
C ARG H 267 47.63 -59.65 -4.22
N TRP H 268 47.27 -58.37 -4.36
CA TRP H 268 48.17 -57.32 -3.92
C TRP H 268 48.48 -57.43 -2.43
N PRO H 269 47.52 -57.79 -1.55
CA PRO H 269 47.86 -57.96 -0.13
C PRO H 269 48.96 -59.01 0.10
N GLU H 270 48.91 -60.09 -0.67
CA GLU H 270 49.91 -61.14 -0.60
C GLU H 270 51.28 -60.65 -1.11
N LEU H 271 51.29 -59.96 -2.27
CA LEU H 271 52.51 -59.35 -2.80
C LEU H 271 53.13 -58.40 -1.79
N ARG H 272 52.30 -57.54 -1.20
CA ARG H 272 52.72 -56.58 -0.21
C ARG H 272 53.39 -57.26 0.97
N ALA H 273 52.79 -58.34 1.45
CA ALA H 273 53.36 -59.03 2.60
C ALA H 273 54.77 -59.54 2.29
N LEU H 274 54.98 -60.08 1.08
CA LEU H 274 56.29 -60.60 0.70
C LEU H 274 57.29 -59.44 0.55
N LEU H 275 56.90 -58.30 -0.04
CA LEU H 275 57.82 -57.16 -0.14
C LEU H 275 58.11 -56.57 1.24
N THR H 276 57.10 -56.57 2.12
CA THR H 276 57.24 -56.05 3.48
C THR H 276 58.32 -56.83 4.23
N GLU H 277 58.20 -58.16 4.25
CA GLU H 277 59.22 -59.00 4.86
C GLU H 277 60.60 -58.73 4.26
N ALA H 278 60.72 -58.62 2.91
CA ALA H 278 62.04 -58.43 2.31
C ALA H 278 62.67 -57.11 2.76
N PHE H 279 61.99 -55.97 2.63
CA PHE H 279 62.57 -54.68 3.01
C PHE H 279 62.86 -54.58 4.50
N ALA H 280 62.07 -55.27 5.35
CA ALA H 280 62.29 -55.21 6.79
C ALA H 280 63.57 -55.94 7.20
N SER H 281 64.19 -56.73 6.30
CA SER H 281 65.32 -57.56 6.71
C SER H 281 66.63 -56.78 6.69
N HIS H 282 66.66 -55.59 6.07
CA HIS H 282 67.84 -54.75 6.15
C HIS H 282 67.42 -53.31 6.38
N ASP H 283 68.40 -52.48 6.72
CA ASP H 283 68.16 -51.09 7.07
C ASP H 283 68.07 -50.26 5.79
N ARG H 284 67.64 -49.00 5.96
CA ARG H 284 67.33 -48.11 4.85
C ARG H 284 68.57 -47.83 4.01
N ASP H 285 69.72 -47.61 4.68
CA ASP H 285 70.93 -47.26 3.95
C ASP H 285 71.45 -48.47 3.14
N HIS H 286 71.22 -49.69 3.63
CA HIS H 286 71.54 -50.87 2.83
C HIS H 286 70.81 -50.81 1.49
N TRP H 287 69.50 -50.51 1.50
CA TRP H 287 68.76 -50.57 0.26
C TRP H 287 69.17 -49.43 -0.66
N GLY H 288 69.44 -48.26 -0.07
CA GLY H 288 69.81 -47.12 -0.90
C GLY H 288 71.03 -47.43 -1.75
N ALA H 289 72.03 -48.02 -1.09
CA ALA H 289 73.29 -48.43 -1.68
C ALA H 289 73.10 -49.58 -2.68
N VAL H 290 72.39 -50.63 -2.25
CA VAL H 290 72.11 -51.76 -3.11
C VAL H 290 71.48 -51.28 -4.41
N PHE H 291 70.62 -50.25 -4.36
CA PHE H 291 69.87 -49.87 -5.54
C PHE H 291 70.40 -48.56 -6.16
N ALA H 292 71.52 -48.04 -5.64
CA ALA H 292 72.26 -46.97 -6.32
C ALA H 292 72.67 -47.43 -7.71
N ASN H 293 72.26 -46.64 -8.70
CA ASN H 293 72.60 -46.76 -10.11
C ASN H 293 71.67 -47.74 -10.81
N SER H 294 70.63 -48.18 -10.11
CA SER H 294 69.70 -49.12 -10.69
C SER H 294 68.46 -48.37 -11.16
N ASP H 295 67.70 -49.07 -12.01
CA ASP H 295 66.39 -48.67 -12.46
C ASP H 295 65.28 -49.31 -11.60
N ALA H 296 65.62 -49.73 -10.37
CA ALA H 296 64.69 -50.40 -9.47
C ALA H 296 63.61 -49.45 -8.90
N CYS H 297 63.87 -48.13 -8.95
CA CYS H 297 62.98 -47.08 -8.45
C CYS H 297 62.73 -47.28 -6.96
N VAL H 298 63.81 -47.50 -6.22
CA VAL H 298 63.81 -47.57 -4.78
C VAL H 298 64.72 -46.47 -4.25
N THR H 299 64.23 -45.60 -3.37
CA THR H 299 65.05 -44.53 -2.83
C THR H 299 64.84 -44.44 -1.32
N PRO H 300 65.83 -43.92 -0.58
CA PRO H 300 65.65 -43.67 0.84
C PRO H 300 64.70 -42.49 1.02
N VAL H 301 63.87 -42.60 2.05
CA VAL H 301 62.96 -41.53 2.46
C VAL H 301 63.67 -40.75 3.54
N LEU H 302 64.16 -39.57 3.17
CA LEU H 302 64.98 -38.73 4.05
C LEU H 302 64.10 -37.71 4.75
N ALA H 303 64.35 -37.53 6.04
CA ALA H 303 63.80 -36.42 6.80
C ALA H 303 64.53 -35.14 6.37
N PHE H 304 63.83 -33.99 6.45
CA PHE H 304 64.38 -32.68 6.13
C PHE H 304 65.81 -32.55 6.67
N GLY H 305 65.98 -32.91 7.96
CA GLY H 305 67.23 -32.88 8.70
C GLY H 305 68.38 -33.66 8.07
N GLU H 306 68.09 -34.61 7.15
CA GLU H 306 69.13 -35.47 6.59
C GLU H 306 69.48 -35.08 5.18
N VAL H 307 68.71 -34.15 4.61
CA VAL H 307 68.76 -33.95 3.18
C VAL H 307 70.11 -33.36 2.75
N HIS H 308 70.69 -32.51 3.62
CA HIS H 308 71.93 -31.82 3.29
C HIS H 308 73.10 -32.79 3.12
N ASN H 309 72.99 -34.01 3.66
CA ASN H 309 74.02 -35.04 3.57
C ASN H 309 73.85 -35.99 2.37
N GLU H 310 72.92 -35.69 1.46
CA GLU H 310 72.65 -36.58 0.35
C GLU H 310 73.50 -36.10 -0.83
N PRO H 311 74.41 -36.95 -1.39
CA PRO H 311 75.30 -36.52 -2.45
C PRO H 311 74.62 -35.83 -3.64
N HIS H 312 73.51 -36.39 -4.11
CA HIS H 312 72.88 -35.83 -5.28
C HIS H 312 72.28 -34.45 -4.99
N ILE H 313 71.91 -34.20 -3.73
CA ILE H 313 71.38 -32.92 -3.33
C ILE H 313 72.54 -31.92 -3.28
N ILE H 314 73.60 -32.31 -2.55
CA ILE H 314 74.81 -31.52 -2.38
C ILE H 314 75.38 -31.12 -3.74
N GLU H 315 75.64 -32.10 -4.59
CA GLU H 315 76.44 -31.85 -5.79
C GLU H 315 75.68 -30.99 -6.78
N ARG H 316 74.35 -30.95 -6.71
CA ARG H 316 73.59 -30.07 -7.60
C ARG H 316 73.24 -28.72 -6.95
N ASN H 317 73.65 -28.47 -5.71
CA ASN H 317 73.32 -27.23 -5.04
C ASN H 317 71.81 -26.96 -5.10
N THR H 318 71.01 -27.97 -4.72
CA THR H 318 69.57 -27.80 -4.73
C THR H 318 69.21 -26.81 -3.63
N PHE H 319 70.00 -26.81 -2.55
CA PHE H 319 69.86 -25.95 -1.38
C PHE H 319 71.09 -25.06 -1.16
N TYR H 320 70.90 -23.99 -0.37
CA TYR H 320 71.97 -23.08 0.08
C TYR H 320 71.71 -22.78 1.54
N GLU H 321 72.71 -22.27 2.26
CA GLU H 321 72.57 -22.05 3.68
C GLU H 321 72.50 -20.55 3.95
N ALA H 322 71.29 -20.02 4.11
CA ALA H 322 71.08 -18.73 4.76
C ALA H 322 70.68 -19.02 6.21
N ASN H 323 70.20 -17.98 6.92
CA ASN H 323 69.44 -18.15 8.15
C ASN H 323 70.28 -18.91 9.17
N GLY H 324 69.60 -19.59 10.10
CA GLY H 324 70.07 -20.83 10.71
C GLY H 324 69.34 -22.04 10.14
N GLY H 325 69.48 -22.21 8.81
CA GLY H 325 68.97 -23.39 8.14
C GLY H 325 69.13 -23.33 6.62
N TRP H 326 69.14 -24.52 6.02
CA TRP H 326 69.11 -24.64 4.57
C TRP H 326 67.77 -24.15 4.04
N GLN H 327 67.81 -23.71 2.77
CA GLN H 327 66.70 -23.19 2.02
C GLN H 327 66.92 -23.56 0.56
N PRO H 328 65.86 -23.82 -0.21
CA PRO H 328 66.01 -24.23 -1.60
C PRO H 328 66.42 -23.11 -2.53
N MET H 329 67.31 -23.43 -3.46
CA MET H 329 67.68 -22.51 -4.52
C MET H 329 66.51 -22.35 -5.47
N PRO H 330 66.50 -21.25 -6.26
CA PRO H 330 65.50 -21.03 -7.27
C PRO H 330 65.33 -22.19 -8.22
N ALA H 331 64.10 -22.32 -8.71
CA ALA H 331 63.82 -23.30 -9.71
C ALA H 331 62.80 -22.68 -10.65
N PRO H 332 62.76 -23.10 -11.93
CA PRO H 332 63.77 -24.03 -12.49
C PRO H 332 65.10 -23.32 -12.78
N ARG H 333 66.01 -23.98 -13.50
CA ARG H 333 67.34 -23.45 -13.80
C ARG H 333 67.39 -23.03 -15.28
N PHE H 334 68.23 -22.01 -15.55
CA PHE H 334 68.32 -21.39 -16.88
C PHE H 334 69.77 -21.48 -17.43
N SER H 335 69.96 -21.66 -18.74
CA SER H 335 71.33 -21.81 -19.28
C SER H 335 72.06 -20.47 -19.36
N ARG H 336 71.44 -19.45 -19.96
CA ARG H 336 72.07 -18.15 -20.08
C ARG H 336 71.89 -17.26 -18.84
N THR H 337 70.63 -17.00 -18.46
CA THR H 337 70.29 -16.03 -17.43
C THR H 337 70.05 -16.68 -16.06
N ALA H 338 71.13 -17.12 -15.43
CA ALA H 338 71.00 -17.96 -14.25
C ALA H 338 70.53 -17.08 -13.10
N SER H 339 69.61 -17.62 -12.29
CA SER H 339 69.27 -16.97 -11.05
C SER H 339 70.50 -16.98 -10.17
N SER H 340 70.45 -16.20 -9.10
CA SER H 340 71.53 -16.16 -8.13
C SER H 340 70.95 -16.54 -6.78
N GLN H 341 71.86 -16.71 -5.82
CA GLN H 341 71.47 -16.93 -4.45
C GLN H 341 70.40 -15.91 -4.10
N PRO H 342 69.23 -16.31 -3.55
CA PRO H 342 68.24 -15.36 -3.04
C PRO H 342 68.83 -14.38 -2.01
N ARG H 343 68.37 -13.13 -2.13
CA ARG H 343 68.80 -12.05 -1.26
C ARG H 343 67.94 -12.13 -0.01
N PRO H 344 68.54 -12.18 1.18
CA PRO H 344 67.78 -12.41 2.40
C PRO H 344 66.75 -11.31 2.66
N PRO H 345 65.80 -11.52 3.60
CA PRO H 345 64.77 -10.52 3.85
C PRO H 345 65.43 -9.25 4.40
N ALA H 346 65.25 -8.12 3.68
CA ALA H 346 65.88 -6.85 4.02
C ALA H 346 65.05 -6.09 5.06
N ALA H 347 65.45 -4.84 5.34
CA ALA H 347 64.69 -3.96 6.22
C ALA H 347 63.74 -3.09 5.40
N THR H 348 62.75 -2.53 6.10
CA THR H 348 61.64 -1.80 5.49
C THR H 348 62.16 -0.53 4.82
N ILE H 349 62.46 -0.62 3.52
CA ILE H 349 62.96 0.55 2.83
C ILE H 349 61.77 1.49 2.62
N ASP H 350 62.09 2.69 2.13
CA ASP H 350 61.18 3.82 2.14
C ASP H 350 60.41 3.88 0.82
N ILE H 351 59.08 4.00 0.92
CA ILE H 351 58.23 3.91 -0.26
C ILE H 351 58.57 4.98 -1.31
N GLU H 352 59.41 5.95 -0.91
CA GLU H 352 59.83 7.09 -1.70
C GLU H 352 61.09 6.79 -2.50
N ALA H 353 62.09 6.21 -1.82
CA ALA H 353 63.30 5.71 -2.42
C ALA H 353 62.96 4.83 -3.63
N VAL H 354 61.99 3.92 -3.42
CA VAL H 354 61.54 2.99 -4.44
C VAL H 354 61.07 3.80 -5.65
N LEU H 355 60.33 4.88 -5.38
CA LEU H 355 59.75 5.73 -6.41
C LEU H 355 60.84 6.57 -7.10
N THR H 356 61.81 7.12 -6.35
CA THR H 356 63.00 7.72 -6.95
C THR H 356 63.53 6.76 -8.03
N ASP H 357 63.96 5.59 -7.55
CA ASP H 357 64.58 4.51 -8.31
C ASP H 357 63.74 4.18 -9.55
N TRP H 358 62.43 3.95 -9.39
CA TRP H 358 61.59 3.56 -10.51
C TRP H 358 61.26 4.74 -11.43
N ASP H 359 61.35 5.98 -10.93
CA ASP H 359 61.30 7.22 -11.70
C ASP H 359 60.39 8.26 -11.05
N GLY H 360 59.18 7.86 -10.63
CA GLY H 360 58.27 8.75 -9.92
C GLY H 360 56.88 8.77 -10.54
N MET I 1 -68.75 -4.47 11.45
CA MET I 1 -68.24 -5.75 10.88
C MET I 1 -68.53 -6.88 11.87
N ALA I 2 -69.24 -7.92 11.41
CA ALA I 2 -69.61 -9.07 12.23
C ALA I 2 -68.39 -9.96 12.47
N GLY I 3 -68.35 -10.61 13.63
CA GLY I 3 -67.37 -11.64 13.87
C GLY I 3 -66.59 -11.32 15.14
N PRO I 4 -65.89 -12.29 15.74
CA PRO I 4 -65.22 -12.01 16.99
C PRO I 4 -64.02 -11.05 16.90
N LEU I 5 -63.53 -10.77 15.70
CA LEU I 5 -62.37 -9.90 15.58
C LEU I 5 -62.79 -8.51 15.10
N SER I 6 -64.08 -8.15 15.20
CA SER I 6 -64.48 -6.77 14.99
C SER I 6 -63.55 -5.84 15.76
N GLY I 7 -63.10 -4.75 15.13
CA GLY I 7 -62.18 -3.83 15.81
C GLY I 7 -60.68 -4.10 15.58
N LEU I 8 -60.27 -5.30 15.14
CA LEU I 8 -58.86 -5.58 14.87
C LEU I 8 -58.51 -4.98 13.52
N ARG I 9 -57.36 -4.29 13.48
CA ARG I 9 -56.89 -3.62 12.28
C ARG I 9 -55.64 -4.33 11.79
N VAL I 10 -55.67 -4.69 10.51
CA VAL I 10 -54.61 -5.51 9.94
C VAL I 10 -54.08 -4.79 8.70
N VAL I 11 -52.75 -4.68 8.60
CA VAL I 11 -52.16 -4.26 7.33
C VAL I 11 -51.49 -5.45 6.66
N GLU I 12 -51.88 -5.69 5.40
CA GLU I 12 -51.32 -6.77 4.59
C GLU I 12 -50.47 -6.22 3.42
N LEU I 13 -49.17 -6.54 3.43
CA LEU I 13 -48.32 -6.29 2.28
C LEU I 13 -48.49 -7.42 1.27
N ALA I 14 -49.08 -7.08 0.12
CA ALA I 14 -49.52 -8.08 -0.84
C ALA I 14 -48.37 -9.01 -1.23
N GLY I 15 -48.65 -10.31 -1.13
CA GLY I 15 -47.75 -11.38 -1.52
C GLY I 15 -48.58 -12.53 -2.08
N ILE I 16 -48.10 -13.76 -1.94
CA ILE I 16 -48.82 -14.89 -2.50
C ILE I 16 -48.80 -16.01 -1.48
N GLY I 17 -49.83 -16.88 -1.56
CA GLY I 17 -49.90 -18.12 -0.79
C GLY I 17 -50.39 -17.91 0.64
N PRO I 18 -49.54 -18.21 1.63
CA PRO I 18 -50.01 -18.17 3.02
C PRO I 18 -50.45 -16.80 3.55
N GLY I 19 -49.74 -15.72 3.21
CA GLY I 19 -50.03 -14.40 3.75
C GLY I 19 -51.45 -13.98 3.40
N PRO I 20 -51.86 -14.02 2.12
CA PRO I 20 -53.23 -13.70 1.72
C PRO I 20 -54.33 -14.56 2.35
N HIS I 21 -54.05 -15.85 2.52
CA HIS I 21 -55.01 -16.78 3.13
C HIS I 21 -55.22 -16.41 4.60
N ALA I 22 -54.14 -16.07 5.31
CA ALA I 22 -54.24 -15.63 6.69
C ALA I 22 -55.04 -14.34 6.78
N ALA I 23 -54.66 -13.39 5.93
CA ALA I 23 -55.32 -12.09 5.92
C ALA I 23 -56.82 -12.31 5.68
N MET I 24 -57.14 -13.24 4.77
CA MET I 24 -58.52 -13.56 4.43
C MET I 24 -59.30 -14.06 5.67
N ILE I 25 -58.71 -14.98 6.43
CA ILE I 25 -59.39 -15.57 7.57
C ILE I 25 -59.62 -14.50 8.66
N LEU I 26 -58.63 -13.63 8.88
CA LEU I 26 -58.80 -12.52 9.79
C LEU I 26 -60.00 -11.70 9.35
N GLY I 27 -60.07 -11.35 8.07
CA GLY I 27 -61.19 -10.58 7.54
C GLY I 27 -62.52 -11.35 7.64
N ASP I 28 -62.46 -12.67 7.42
CA ASP I 28 -63.65 -13.51 7.50
C ASP I 28 -64.28 -13.39 8.89
N LEU I 29 -63.46 -13.34 9.94
CA LEU I 29 -63.89 -13.27 11.33
C LEU I 29 -64.05 -11.83 11.84
N GLY I 30 -64.05 -10.83 10.94
CA GLY I 30 -64.48 -9.48 11.25
C GLY I 30 -63.36 -8.44 11.36
N ALA I 31 -62.09 -8.85 11.19
CA ALA I 31 -61.00 -7.89 11.17
C ALA I 31 -61.15 -6.93 9.98
N ASP I 32 -60.63 -5.70 10.20
CA ASP I 32 -60.57 -4.66 9.19
C ASP I 32 -59.20 -4.76 8.53
N VAL I 33 -59.16 -5.36 7.32
CA VAL I 33 -57.90 -5.76 6.68
C VAL I 33 -57.63 -4.80 5.54
N VAL I 34 -56.46 -4.15 5.56
CA VAL I 34 -56.10 -3.25 4.49
C VAL I 34 -54.85 -3.78 3.81
N ARG I 35 -55.00 -4.05 2.50
CA ARG I 35 -53.99 -4.72 1.70
C ARG I 35 -53.29 -3.71 0.80
N ILE I 36 -51.98 -3.55 1.00
CA ILE I 36 -51.18 -2.66 0.16
C ILE I 36 -50.58 -3.52 -0.96
N ASP I 37 -51.00 -3.23 -2.19
CA ASP I 37 -50.42 -3.80 -3.39
C ASP I 37 -49.61 -2.75 -4.16
N ARG I 38 -48.83 -3.19 -5.15
CA ARG I 38 -48.18 -2.29 -6.11
C ARG I 38 -49.21 -1.73 -7.09
N PRO I 39 -49.05 -0.48 -7.58
CA PRO I 39 -49.93 0.03 -8.63
C PRO I 39 -49.84 -0.81 -9.90
N SER I 40 -48.65 -1.34 -10.20
CA SER I 40 -48.39 -2.08 -11.43
C SER I 40 -49.33 -3.28 -11.56
N SER I 41 -49.29 -4.19 -10.58
CA SER I 41 -50.14 -5.36 -10.59
C SER I 41 -51.42 -5.02 -9.84
N VAL I 42 -52.33 -4.27 -10.49
CA VAL I 42 -53.65 -3.88 -9.99
C VAL I 42 -54.40 -3.22 -11.14
N ASP I 43 -55.63 -3.72 -11.40
CA ASP I 43 -56.27 -3.48 -12.68
C ASP I 43 -57.76 -3.80 -12.56
N GLY I 44 -58.54 -2.89 -11.94
CA GLY I 44 -59.95 -3.11 -11.71
C GLY I 44 -60.20 -4.05 -10.52
N ILE I 45 -61.42 -4.60 -10.43
CA ILE I 45 -61.82 -5.46 -9.32
C ILE I 45 -61.17 -6.84 -9.48
N SER I 46 -60.71 -7.45 -8.39
CA SER I 46 -59.96 -8.70 -8.48
C SER I 46 -60.90 -9.89 -8.76
N ARG I 47 -60.40 -10.85 -9.57
CA ARG I 47 -61.05 -12.14 -9.83
C ARG I 47 -60.95 -13.10 -8.65
N ASP I 48 -59.96 -12.88 -7.78
CA ASP I 48 -59.50 -13.88 -6.83
C ASP I 48 -60.34 -13.83 -5.56
N ALA I 49 -61.23 -14.83 -5.37
CA ALA I 49 -62.09 -14.87 -4.20
C ALA I 49 -61.28 -14.97 -2.90
N MET I 50 -59.96 -15.27 -2.97
CA MET I 50 -59.11 -15.23 -1.78
C MET I 50 -58.95 -13.79 -1.25
N LEU I 51 -59.24 -12.79 -2.08
CA LEU I 51 -59.07 -11.40 -1.67
C LEU I 51 -60.40 -10.82 -1.21
N ARG I 52 -61.23 -11.66 -0.58
CA ARG I 52 -62.50 -11.24 -0.02
C ARG I 52 -62.22 -10.59 1.32
N ASN I 53 -63.19 -9.80 1.82
CA ASN I 53 -63.09 -9.15 3.12
C ASN I 53 -61.82 -8.30 3.26
N ARG I 54 -61.50 -7.52 2.22
CA ARG I 54 -60.35 -6.64 2.20
C ARG I 54 -60.80 -5.22 1.85
N ARG I 55 -59.95 -4.22 2.14
CA ARG I 55 -59.87 -3.01 1.32
C ARG I 55 -58.50 -2.98 0.64
N ILE I 56 -58.51 -2.76 -0.68
CA ILE I 56 -57.27 -2.76 -1.44
C ILE I 56 -56.85 -1.31 -1.64
N VAL I 57 -55.60 -1.02 -1.27
CA VAL I 57 -54.92 0.23 -1.64
C VAL I 57 -53.59 -0.13 -2.30
N THR I 58 -53.09 0.81 -3.11
CA THR I 58 -51.83 0.68 -3.82
C THR I 58 -50.83 1.75 -3.39
N ALA I 59 -49.55 1.42 -3.52
CA ALA I 59 -48.48 2.29 -3.12
C ALA I 59 -47.17 1.71 -3.63
N ASP I 60 -46.28 2.60 -4.09
CA ASP I 60 -44.94 2.22 -4.46
C ASP I 60 -44.09 2.41 -3.23
N LEU I 61 -43.77 1.30 -2.56
CA LEU I 61 -43.07 1.32 -1.30
C LEU I 61 -41.61 1.73 -1.47
N LYS I 62 -41.15 1.78 -2.73
CA LYS I 62 -39.80 2.27 -3.02
C LYS I 62 -39.77 3.80 -3.03
N SER I 63 -40.92 4.46 -3.25
CA SER I 63 -41.02 5.92 -3.22
C SER I 63 -41.03 6.43 -1.77
N ASP I 64 -40.69 7.72 -1.62
CA ASP I 64 -40.72 8.38 -0.32
C ASP I 64 -42.16 8.51 0.15
N GLN I 65 -43.03 8.94 -0.76
CA GLN I 65 -44.43 9.13 -0.44
C GLN I 65 -45.10 7.80 -0.14
N GLY I 66 -44.68 6.75 -0.84
CA GLY I 66 -45.25 5.43 -0.62
C GLY I 66 -44.92 4.89 0.76
N LEU I 67 -43.62 4.92 1.10
CA LEU I 67 -43.15 4.48 2.40
C LEU I 67 -43.88 5.22 3.52
N GLU I 68 -44.00 6.54 3.40
CA GLU I 68 -44.54 7.34 4.50
C GLU I 68 -46.03 7.04 4.68
N LEU I 69 -46.78 6.86 3.58
CA LEU I 69 -48.20 6.56 3.69
C LEU I 69 -48.41 5.18 4.34
N ALA I 70 -47.52 4.23 4.02
CA ALA I 70 -47.58 2.90 4.62
C ALA I 70 -47.30 2.98 6.12
N LEU I 71 -46.30 3.78 6.53
CA LEU I 71 -45.95 3.89 7.94
C LEU I 71 -47.08 4.55 8.75
N LYS I 72 -47.89 5.39 8.09
CA LYS I 72 -49.06 5.96 8.69
C LYS I 72 -50.15 4.91 8.90
N LEU I 73 -50.38 4.01 7.92
CA LEU I 73 -51.32 2.92 8.16
C LEU I 73 -50.86 2.09 9.33
N ILE I 74 -49.59 1.71 9.30
CA ILE I 74 -49.05 0.77 10.25
C ILE I 74 -49.13 1.35 11.66
N ALA I 75 -48.98 2.68 11.75
CA ALA I 75 -49.00 3.39 13.03
C ALA I 75 -50.35 3.19 13.72
N LYS I 76 -51.44 3.10 12.94
CA LYS I 76 -52.80 3.01 13.48
C LYS I 76 -53.35 1.57 13.47
N ALA I 77 -52.48 0.55 13.37
CA ALA I 77 -52.91 -0.82 13.16
C ALA I 77 -52.48 -1.73 14.30
N ASP I 78 -53.15 -2.88 14.43
CA ASP I 78 -52.79 -3.90 15.38
C ASP I 78 -51.78 -4.89 14.82
N VAL I 79 -51.93 -5.19 13.52
CA VAL I 79 -51.20 -6.29 12.90
C VAL I 79 -50.61 -5.88 11.55
N LEU I 80 -49.35 -6.27 11.35
CA LEU I 80 -48.77 -6.25 10.00
C LEU I 80 -48.36 -7.66 9.56
N ILE I 81 -48.76 -7.97 8.32
CA ILE I 81 -48.45 -9.22 7.65
C ILE I 81 -47.55 -8.94 6.45
N GLU I 82 -46.37 -9.57 6.44
CA GLU I 82 -45.54 -9.57 5.26
C GLU I 82 -45.09 -10.99 4.92
N GLY I 83 -44.98 -11.28 3.61
CA GLY I 83 -44.53 -12.58 3.14
C GLY I 83 -43.43 -12.50 2.07
N TYR I 84 -42.50 -11.56 2.21
CA TYR I 84 -41.40 -11.45 1.27
C TYR I 84 -40.21 -12.23 1.84
N ARG I 85 -39.17 -12.33 1.03
CA ARG I 85 -37.94 -12.91 1.53
C ARG I 85 -37.47 -12.10 2.72
N PRO I 86 -36.72 -12.71 3.66
CA PRO I 86 -36.03 -11.96 4.71
C PRO I 86 -35.14 -10.89 4.11
N GLY I 87 -35.21 -9.73 4.75
CA GLY I 87 -34.39 -8.59 4.38
C GLY I 87 -35.18 -7.61 3.55
N VAL I 88 -36.31 -8.04 2.96
CA VAL I 88 -36.99 -7.17 2.04
C VAL I 88 -37.67 -5.99 2.74
N THR I 89 -38.44 -6.22 3.80
CA THR I 89 -39.07 -5.09 4.47
C THR I 89 -37.98 -4.19 5.07
N GLU I 90 -36.92 -4.76 5.63
CA GLU I 90 -35.82 -3.98 6.15
C GLU I 90 -35.35 -2.95 5.10
N ARG I 91 -34.95 -3.41 3.88
CA ARG I 91 -34.48 -2.54 2.81
C ARG I 91 -35.53 -1.52 2.42
N LEU I 92 -36.82 -1.87 2.49
CA LEU I 92 -37.88 -0.93 2.10
C LEU I 92 -38.11 0.16 3.17
N GLY I 93 -37.49 0.03 4.34
CA GLY I 93 -37.77 0.92 5.45
C GLY I 93 -38.98 0.51 6.30
N LEU I 94 -39.47 -0.74 6.14
CA LEU I 94 -40.69 -1.19 6.77
C LEU I 94 -40.38 -2.37 7.68
N GLY I 95 -39.12 -2.48 8.10
CA GLY I 95 -38.70 -3.60 8.92
C GLY I 95 -39.36 -3.52 10.29
N PRO I 96 -39.26 -4.58 11.14
CA PRO I 96 -39.84 -4.55 12.47
C PRO I 96 -39.31 -3.36 13.28
N GLU I 97 -37.99 -3.11 13.20
CA GLU I 97 -37.34 -2.03 13.95
C GLU I 97 -37.94 -0.66 13.62
N GLU I 98 -38.13 -0.38 12.33
CA GLU I 98 -38.73 0.89 11.91
C GLU I 98 -40.18 0.95 12.37
N CYS I 99 -40.87 -0.18 12.31
CA CYS I 99 -42.31 -0.20 12.57
C CYS I 99 -42.48 0.01 14.07
N ALA I 100 -41.56 -0.59 14.84
CA ALA I 100 -41.57 -0.52 16.30
C ALA I 100 -41.43 0.92 16.75
N LYS I 101 -40.81 1.76 15.89
CA LYS I 101 -40.60 3.17 16.18
C LYS I 101 -41.88 3.97 16.05
N VAL I 102 -42.83 3.60 15.19
CA VAL I 102 -44.08 4.34 15.07
C VAL I 102 -45.23 3.69 15.86
N ASN I 103 -45.02 2.52 16.49
CA ASN I 103 -46.13 1.72 17.01
C ASN I 103 -45.56 0.48 17.68
N ASP I 104 -45.28 0.58 18.97
CA ASP I 104 -44.72 -0.55 19.72
C ASP I 104 -45.81 -1.52 20.20
N ARG I 105 -47.08 -1.28 19.84
CA ARG I 105 -48.15 -2.23 20.12
C ARG I 105 -48.32 -3.20 18.95
N LEU I 106 -47.52 -3.05 17.88
CA LEU I 106 -47.77 -3.74 16.63
C LEU I 106 -47.41 -5.23 16.74
N ILE I 107 -48.27 -6.06 16.14
CA ILE I 107 -47.87 -7.44 15.91
C ILE I 107 -47.28 -7.57 14.50
N TYR I 108 -45.99 -7.90 14.42
CA TYR I 108 -45.28 -7.90 13.15
C TYR I 108 -45.17 -9.34 12.69
N ALA I 109 -46.03 -9.71 11.73
CA ALA I 109 -46.16 -11.11 11.36
C ALA I 109 -45.43 -11.40 10.04
N ARG I 110 -44.40 -12.24 10.16
CA ARG I 110 -43.50 -12.56 9.05
C ARG I 110 -43.76 -13.99 8.57
N MET I 111 -44.27 -14.10 7.34
CA MET I 111 -44.65 -15.36 6.74
C MET I 111 -43.62 -15.78 5.71
N THR I 112 -42.75 -16.74 6.03
CA THR I 112 -41.86 -17.33 5.04
C THR I 112 -42.03 -18.84 4.97
N GLY I 113 -41.28 -19.49 4.08
CA GLY I 113 -41.17 -20.93 4.07
C GLY I 113 -39.96 -21.47 4.80
N TRP I 114 -38.81 -20.82 4.57
CA TRP I 114 -37.56 -21.30 5.12
C TRP I 114 -37.23 -20.68 6.49
N GLY I 115 -37.91 -19.60 6.85
CA GLY I 115 -37.56 -18.86 8.06
C GLY I 115 -36.69 -17.62 7.76
N GLN I 116 -36.23 -16.95 8.83
CA GLN I 116 -35.57 -15.66 8.73
C GLN I 116 -34.05 -15.81 8.57
N THR I 117 -33.49 -16.94 8.99
CA THR I 117 -32.05 -17.17 8.90
C THR I 117 -31.82 -18.57 8.32
N GLY I 118 -30.55 -18.90 8.10
CA GLY I 118 -30.12 -20.23 7.76
C GLY I 118 -29.80 -20.33 6.27
N PRO I 119 -29.17 -21.44 5.81
CA PRO I 119 -28.56 -21.53 4.47
C PRO I 119 -29.53 -21.44 3.29
N ARG I 120 -30.80 -21.81 3.49
CA ARG I 120 -31.76 -21.75 2.42
C ARG I 120 -32.66 -20.53 2.52
N SER I 121 -32.38 -19.63 3.47
CA SER I 121 -33.34 -18.55 3.77
C SER I 121 -33.57 -17.57 2.63
N GLN I 122 -32.71 -17.55 1.60
CA GLN I 122 -32.90 -16.61 0.50
C GLN I 122 -33.33 -17.35 -0.79
N GLN I 123 -33.47 -18.67 -0.74
CA GLN I 123 -33.97 -19.40 -1.90
C GLN I 123 -35.48 -19.21 -2.11
N ALA I 124 -35.88 -18.94 -3.35
CA ALA I 124 -37.27 -19.03 -3.76
C ALA I 124 -37.73 -20.45 -3.54
N GLY I 125 -39.04 -20.56 -3.38
CA GLY I 125 -39.66 -21.82 -3.03
C GLY I 125 -41.18 -21.75 -3.09
N HIS I 126 -41.75 -22.96 -3.15
CA HIS I 126 -43.17 -23.17 -3.03
C HIS I 126 -43.39 -24.32 -2.05
N ASP I 127 -44.68 -24.57 -1.77
CA ASP I 127 -45.14 -25.53 -0.79
C ASP I 127 -44.35 -26.83 -0.90
N ILE I 128 -44.32 -27.38 -2.12
CA ILE I 128 -43.70 -28.67 -2.39
C ILE I 128 -42.25 -28.69 -1.91
N ASN I 129 -41.55 -27.56 -2.01
CA ASN I 129 -40.16 -27.49 -1.55
C ASN I 129 -40.07 -27.53 -0.02
N TYR I 130 -40.96 -26.80 0.67
CA TYR I 130 -40.82 -26.68 2.12
C TYR I 130 -41.16 -27.99 2.79
N ILE I 131 -42.12 -28.73 2.22
CA ILE I 131 -42.46 -30.02 2.78
C ILE I 131 -41.51 -31.14 2.29
N SER I 132 -40.64 -30.88 1.32
CA SER I 132 -39.75 -31.94 0.87
C SER I 132 -38.60 -32.08 1.87
N LEU I 133 -38.28 -30.99 2.57
CA LEU I 133 -37.10 -30.98 3.42
C LEU I 133 -37.35 -31.58 4.82
N ASN I 134 -38.59 -31.65 5.29
CA ASN I 134 -38.83 -32.05 6.68
C ASN I 134 -39.54 -33.40 6.77
N GLY I 135 -39.54 -34.15 5.66
CA GLY I 135 -39.92 -35.56 5.66
C GLY I 135 -41.37 -35.79 5.23
N ILE I 136 -42.15 -34.70 5.11
CA ILE I 136 -43.57 -34.81 4.86
C ILE I 136 -43.86 -35.33 3.46
N LEU I 137 -43.32 -34.67 2.43
CA LEU I 137 -43.66 -35.07 1.07
C LEU I 137 -43.29 -36.53 0.83
N HIS I 138 -42.16 -36.96 1.37
CA HIS I 138 -41.68 -38.32 1.16
C HIS I 138 -42.73 -39.34 1.63
N ALA I 139 -43.52 -38.96 2.62
CA ALA I 139 -44.45 -39.88 3.28
C ALA I 139 -45.80 -39.97 2.56
N ILE I 140 -46.00 -39.18 1.51
CA ILE I 140 -47.30 -39.11 0.86
C ILE I 140 -47.26 -39.78 -0.51
N GLY I 141 -48.23 -40.69 -0.75
CA GLY I 141 -48.38 -41.37 -2.03
C GLY I 141 -48.31 -42.89 -1.88
N ARG I 142 -48.50 -43.59 -2.98
CA ARG I 142 -48.40 -45.06 -2.99
C ARG I 142 -46.95 -45.46 -2.89
N GLY I 143 -46.71 -46.64 -2.32
CA GLY I 143 -45.36 -47.13 -2.06
C GLY I 143 -44.60 -47.54 -3.32
N ASP I 144 -45.31 -47.86 -4.39
CA ASP I 144 -44.68 -48.30 -5.62
C ASP I 144 -44.42 -47.11 -6.56
N GLU I 145 -44.61 -45.87 -6.08
CA GLU I 145 -44.57 -44.69 -6.93
C GLU I 145 -43.83 -43.55 -6.26
N ARG I 146 -43.59 -42.50 -7.04
CA ARG I 146 -42.90 -41.37 -6.49
C ARG I 146 -43.88 -40.53 -5.66
N PRO I 147 -43.37 -39.75 -4.67
CA PRO I 147 -44.24 -39.03 -3.73
C PRO I 147 -45.14 -38.11 -4.53
N VAL I 148 -46.34 -37.85 -4.02
CA VAL I 148 -47.26 -36.97 -4.71
C VAL I 148 -47.59 -35.80 -3.77
N PRO I 149 -47.62 -34.60 -4.32
CA PRO I 149 -47.92 -33.42 -3.53
C PRO I 149 -49.39 -33.40 -3.13
N PRO I 150 -49.68 -33.22 -1.83
CA PRO I 150 -51.06 -33.03 -1.36
C PRO I 150 -51.53 -31.62 -1.64
N LEU I 151 -51.70 -31.30 -2.94
CA LEU I 151 -51.83 -29.94 -3.43
C LEU I 151 -50.82 -29.05 -2.68
N ASN I 152 -51.22 -27.83 -2.33
CA ASN I 152 -50.41 -26.95 -1.51
C ASN I 152 -51.08 -26.78 -0.14
N LEU I 153 -51.65 -27.86 0.43
CA LEU I 153 -52.49 -27.72 1.59
C LEU I 153 -51.68 -27.78 2.88
N VAL I 154 -50.53 -28.43 2.84
CA VAL I 154 -49.86 -28.78 4.07
C VAL I 154 -48.82 -27.73 4.42
N GLY I 155 -48.18 -27.16 3.38
CA GLY I 155 -47.09 -26.20 3.57
C GLY I 155 -47.61 -24.77 3.62
N ASP I 156 -48.30 -24.33 2.56
CA ASP I 156 -48.90 -23.01 2.47
C ASP I 156 -49.95 -22.76 3.55
N PHE I 157 -50.93 -23.66 3.67
CA PHE I 157 -52.09 -23.35 4.52
C PHE I 157 -51.97 -24.03 5.88
N GLY I 158 -52.08 -25.35 5.93
CA GLY I 158 -52.01 -26.10 7.17
C GLY I 158 -50.86 -25.67 8.07
N GLY I 159 -49.66 -25.60 7.47
CA GLY I 159 -48.44 -25.40 8.22
C GLY I 159 -47.89 -24.01 8.01
N GLY I 160 -48.65 -23.18 7.32
CA GLY I 160 -48.20 -21.87 6.89
C GLY I 160 -49.09 -20.78 7.48
N SER I 161 -50.14 -20.42 6.75
CA SER I 161 -51.07 -19.40 7.16
C SER I 161 -51.67 -19.71 8.53
N MET I 162 -51.99 -20.98 8.80
CA MET I 162 -52.73 -21.26 10.03
C MET I 162 -51.83 -20.97 11.22
N PHE I 163 -50.53 -21.26 11.12
CA PHE I 163 -49.60 -20.97 12.21
C PHE I 163 -49.33 -19.46 12.34
N LEU I 164 -49.29 -18.74 11.24
CA LEU I 164 -49.22 -17.29 11.27
C LEU I 164 -50.40 -16.75 12.08
N LEU I 165 -51.61 -17.25 11.78
CA LEU I 165 -52.82 -16.84 12.46
C LEU I 165 -52.74 -17.11 13.95
N VAL I 166 -52.27 -18.31 14.30
CA VAL I 166 -52.14 -18.64 15.70
C VAL I 166 -51.12 -17.71 16.38
N GLY I 167 -50.04 -17.38 15.67
CA GLY I 167 -49.02 -16.51 16.24
C GLY I 167 -49.59 -15.12 16.50
N ILE I 168 -50.29 -14.61 15.50
CA ILE I 168 -50.84 -13.28 15.57
C ILE I 168 -51.76 -13.20 16.79
N LEU I 169 -52.69 -14.16 16.87
CA LEU I 169 -53.72 -14.12 17.90
C LEU I 169 -53.15 -14.46 19.26
N ALA I 170 -52.11 -15.29 19.33
CA ALA I 170 -51.48 -15.52 20.61
C ALA I 170 -50.75 -14.28 21.09
N ALA I 171 -50.13 -13.56 20.15
CA ALA I 171 -49.37 -12.37 20.48
C ALA I 171 -50.33 -11.25 20.89
N LEU I 172 -51.52 -11.17 20.29
CA LEU I 172 -52.52 -10.24 20.76
C LEU I 172 -52.99 -10.55 22.19
N TRP I 173 -53.05 -11.83 22.57
CA TRP I 173 -53.36 -12.22 23.95
C TRP I 173 -52.31 -11.68 24.90
N GLU I 174 -51.04 -11.94 24.56
CA GLU I 174 -49.90 -11.52 25.35
C GLU I 174 -49.92 -10.00 25.51
N ARG I 175 -50.28 -9.28 24.44
CA ARG I 175 -50.27 -7.84 24.44
C ARG I 175 -51.26 -7.30 25.48
N GLN I 176 -52.31 -8.08 25.82
CA GLN I 176 -53.29 -7.58 26.78
C GLN I 176 -52.58 -7.39 28.13
N SER I 177 -51.63 -8.26 28.50
CA SER I 177 -50.80 -8.15 29.69
C SER I 177 -49.69 -7.10 29.60
N SER I 178 -48.97 -7.11 28.47
CA SER I 178 -47.65 -6.49 28.39
C SER I 178 -47.78 -5.04 27.94
N GLY I 179 -48.83 -4.73 27.15
CA GLY I 179 -48.99 -3.45 26.48
C GLY I 179 -48.10 -3.34 25.23
N LYS I 180 -47.43 -4.44 24.88
CA LYS I 180 -46.36 -4.49 23.89
C LYS I 180 -46.67 -5.51 22.80
N GLY I 181 -46.39 -5.10 21.55
CA GLY I 181 -46.38 -5.98 20.40
C GLY I 181 -45.09 -6.81 20.34
N GLN I 182 -44.91 -7.53 19.21
CA GLN I 182 -43.69 -8.28 19.02
C GLN I 182 -43.66 -8.84 17.59
N VAL I 183 -42.59 -9.58 17.29
CA VAL I 183 -42.49 -10.19 15.97
C VAL I 183 -42.89 -11.66 16.06
N VAL I 184 -43.73 -12.08 15.09
CA VAL I 184 -44.09 -13.48 14.87
C VAL I 184 -43.41 -13.99 13.59
N ASP I 185 -42.54 -15.01 13.74
CA ASP I 185 -41.77 -15.64 12.66
C ASP I 185 -42.41 -17.00 12.35
N ALA I 186 -43.29 -17.02 11.34
CA ALA I 186 -43.93 -18.26 10.89
C ALA I 186 -43.26 -18.80 9.62
N ALA I 187 -42.54 -19.90 9.79
CA ALA I 187 -41.89 -20.58 8.69
C ALA I 187 -42.65 -21.86 8.37
N MET I 188 -43.04 -22.04 7.10
CA MET I 188 -43.78 -23.20 6.63
C MET I 188 -43.06 -24.49 7.01
N VAL I 189 -41.71 -24.47 7.04
CA VAL I 189 -40.98 -25.69 7.31
C VAL I 189 -41.15 -26.09 8.78
N ASP I 190 -41.38 -25.10 9.66
CA ASP I 190 -41.59 -25.34 11.09
C ASP I 190 -43.03 -25.75 11.35
N GLY I 191 -43.94 -24.92 10.84
CA GLY I 191 -45.35 -25.10 11.04
C GLY I 191 -45.81 -26.46 10.54
N SER I 192 -45.34 -26.85 9.35
CA SER I 192 -45.72 -28.12 8.77
C SER I 192 -45.17 -29.25 9.63
N SER I 193 -44.03 -29.04 10.29
CA SER I 193 -43.45 -30.07 11.15
C SER I 193 -44.32 -30.33 12.40
N VAL I 194 -44.91 -29.28 12.95
CA VAL I 194 -45.74 -29.36 14.14
C VAL I 194 -47.07 -29.96 13.72
N LEU I 195 -47.52 -29.59 12.53
CA LEU I 195 -48.74 -30.13 11.97
C LEU I 195 -48.64 -31.66 11.93
N ILE I 196 -47.43 -32.19 11.73
CA ILE I 196 -47.27 -33.62 11.57
C ILE I 196 -46.57 -34.20 12.79
N GLN I 197 -46.74 -33.55 13.94
CA GLN I 197 -46.11 -34.02 15.16
C GLN I 197 -46.51 -35.46 15.49
N MET I 198 -47.74 -35.86 15.17
CA MET I 198 -48.24 -37.19 15.52
C MET I 198 -47.31 -38.27 14.93
N MET I 199 -46.89 -38.09 13.68
CA MET I 199 -46.01 -39.05 13.03
C MET I 199 -44.64 -39.06 13.69
N TRP I 200 -44.11 -37.89 14.08
CA TRP I 200 -42.82 -37.88 14.77
C TRP I 200 -42.91 -38.61 16.11
N ALA I 201 -44.11 -38.64 16.70
CA ALA I 201 -44.29 -39.32 17.99
C ALA I 201 -44.41 -40.82 17.79
N MET I 202 -45.26 -41.21 16.82
CA MET I 202 -45.43 -42.61 16.46
C MET I 202 -44.10 -43.21 16.01
N ARG I 203 -43.29 -42.40 15.34
CA ARG I 203 -42.03 -42.89 14.81
C ARG I 203 -41.13 -43.32 15.97
N ALA I 204 -41.11 -42.51 17.03
CA ALA I 204 -40.22 -42.78 18.16
C ALA I 204 -40.64 -44.05 18.93
N THR I 205 -41.92 -44.45 18.84
CA THR I 205 -42.45 -45.59 19.57
C THR I 205 -42.67 -46.81 18.67
N GLY I 206 -41.97 -46.89 17.54
CA GLY I 206 -42.07 -48.01 16.61
C GLY I 206 -43.36 -48.03 15.79
N MET I 207 -44.20 -47.00 15.84
CA MET I 207 -45.55 -47.13 15.32
C MET I 207 -45.69 -46.47 13.94
N TRP I 208 -44.59 -46.04 13.35
CA TRP I 208 -44.58 -45.42 12.03
C TRP I 208 -43.21 -45.62 11.40
N THR I 209 -43.17 -46.07 10.12
CA THR I 209 -41.88 -46.18 9.45
C THR I 209 -41.80 -45.26 8.24
N ASP I 210 -40.56 -45.11 7.78
CA ASP I 210 -40.20 -44.22 6.69
C ASP I 210 -40.61 -44.82 5.36
N THR I 211 -41.05 -46.07 5.35
CA THR I 211 -41.54 -46.71 4.14
C THR I 211 -42.89 -46.14 3.70
N ARG I 212 -42.89 -45.58 2.48
CA ARG I 212 -44.06 -44.89 1.99
C ARG I 212 -45.15 -45.91 1.69
N GLY I 213 -46.39 -45.59 2.09
CA GLY I 213 -47.54 -46.42 1.79
C GLY I 213 -47.60 -47.71 2.60
N ALA I 214 -46.94 -47.77 3.77
CA ALA I 214 -46.89 -48.97 4.58
C ALA I 214 -47.28 -48.70 6.03
N ASN I 215 -48.17 -47.74 6.28
CA ASN I 215 -48.47 -47.30 7.64
C ASN I 215 -49.99 -47.21 7.79
N MET I 216 -50.47 -46.95 9.01
CA MET I 216 -51.90 -47.06 9.25
C MET I 216 -52.65 -45.93 8.54
N LEU I 217 -52.00 -44.76 8.32
CA LEU I 217 -52.76 -43.60 7.89
C LEU I 217 -52.33 -43.09 6.51
N ASP I 218 -51.47 -43.82 5.81
CA ASP I 218 -50.94 -43.30 4.54
C ASP I 218 -51.55 -44.04 3.35
N GLY I 219 -52.53 -44.92 3.61
CA GLY I 219 -53.11 -45.73 2.56
C GLY I 219 -52.56 -47.15 2.60
N GLY I 220 -51.56 -47.43 3.45
CA GLY I 220 -51.07 -48.78 3.64
C GLY I 220 -52.10 -49.72 4.28
N ALA I 221 -52.96 -49.22 5.15
CA ALA I 221 -53.91 -50.06 5.88
C ALA I 221 -55.17 -50.23 5.05
N PRO I 222 -55.64 -51.49 4.84
CA PRO I 222 -56.84 -51.74 4.05
C PRO I 222 -58.10 -51.09 4.61
N TYR I 223 -58.12 -50.77 5.90
CA TYR I 223 -59.30 -50.15 6.49
C TYR I 223 -59.16 -48.62 6.55
N TYR I 224 -58.10 -48.07 5.94
CA TYR I 224 -57.92 -46.63 5.86
C TYR I 224 -57.38 -46.29 4.48
N ASP I 225 -58.29 -46.21 3.49
CA ASP I 225 -57.90 -46.02 2.11
C ASP I 225 -59.14 -45.72 1.29
N THR I 226 -58.94 -45.39 -0.01
CA THR I 226 -60.03 -45.29 -0.94
C THR I 226 -60.19 -46.61 -1.69
N TYR I 227 -61.37 -46.83 -2.25
CA TYR I 227 -61.64 -48.06 -3.01
C TYR I 227 -62.49 -47.67 -4.20
N GLU I 228 -62.16 -48.27 -5.34
CA GLU I 228 -62.94 -48.06 -6.53
C GLU I 228 -64.20 -48.93 -6.49
N CYS I 229 -65.31 -48.34 -6.95
CA CYS I 229 -66.63 -48.95 -7.03
C CYS I 229 -66.93 -49.43 -8.44
N ALA I 230 -68.10 -50.04 -8.65
CA ALA I 230 -68.46 -50.63 -9.94
C ALA I 230 -68.59 -49.56 -11.03
N ASP I 231 -68.88 -48.32 -10.64
CA ASP I 231 -69.08 -47.25 -11.62
C ASP I 231 -67.79 -46.50 -11.93
N GLY I 232 -66.66 -46.91 -11.37
CA GLY I 232 -65.44 -46.14 -11.55
C GLY I 232 -65.28 -45.00 -10.54
N ARG I 233 -66.27 -44.74 -9.67
CA ARG I 233 -66.13 -43.72 -8.63
C ARG I 233 -65.59 -44.36 -7.35
N TYR I 234 -65.39 -43.54 -6.30
CA TYR I 234 -64.65 -44.02 -5.15
C TYR I 234 -65.42 -43.77 -3.85
N VAL I 235 -65.13 -44.62 -2.87
CA VAL I 235 -65.51 -44.42 -1.49
C VAL I 235 -64.23 -44.34 -0.68
N ALA I 236 -64.34 -43.69 0.48
CA ALA I 236 -63.28 -43.68 1.48
C ALA I 236 -63.69 -44.53 2.66
N VAL I 237 -62.73 -45.30 3.17
CA VAL I 237 -62.88 -46.16 4.32
C VAL I 237 -61.93 -45.65 5.38
N GLY I 238 -62.47 -45.36 6.59
CA GLY I 238 -61.66 -44.89 7.69
C GLY I 238 -61.92 -45.65 8.99
N ALA I 239 -62.18 -46.95 8.89
CA ALA I 239 -62.69 -47.69 10.02
C ALA I 239 -61.56 -48.23 10.85
N ILE I 240 -60.88 -47.33 11.59
CA ILE I 240 -59.77 -47.74 12.45
C ILE I 240 -60.24 -48.58 13.64
N GLU I 241 -61.28 -48.11 14.34
CA GLU I 241 -61.71 -48.74 15.58
C GLU I 241 -62.39 -50.07 15.24
N PRO I 242 -62.07 -51.16 15.97
CA PRO I 242 -62.61 -52.47 15.64
C PRO I 242 -64.12 -52.54 15.46
N GLN I 243 -64.88 -51.81 16.29
CA GLN I 243 -66.35 -51.90 16.23
C GLN I 243 -66.85 -51.28 14.93
N PHE I 244 -66.16 -50.23 14.45
CA PHE I 244 -66.58 -49.55 13.23
C PHE I 244 -66.20 -50.42 12.03
N TYR I 245 -64.99 -50.97 12.10
CA TYR I 245 -64.52 -51.95 11.12
C TYR I 245 -65.53 -53.10 10.99
N ALA I 246 -66.02 -53.62 12.12
CA ALA I 246 -66.88 -54.79 12.10
C ALA I 246 -68.20 -54.42 11.41
N ALA I 247 -68.65 -53.17 11.58
CA ALA I 247 -69.88 -52.71 10.96
C ALA I 247 -69.71 -52.63 9.45
N MET I 248 -68.50 -52.24 9.07
CA MET I 248 -68.24 -52.05 7.65
C MET I 248 -68.25 -53.41 6.96
N LEU I 249 -67.64 -54.43 7.56
CA LEU I 249 -67.60 -55.77 6.97
C LEU I 249 -69.01 -56.33 6.75
N ALA I 250 -69.88 -56.17 7.73
CA ALA I 250 -71.26 -56.66 7.64
C ALA I 250 -72.02 -55.92 6.54
N GLY I 251 -71.79 -54.61 6.40
CA GLY I 251 -72.38 -53.88 5.30
C GLY I 251 -71.89 -54.37 3.94
N LEU I 252 -70.67 -54.90 3.86
CA LEU I 252 -70.12 -55.34 2.59
C LEU I 252 -70.59 -56.75 2.27
N GLY I 253 -71.21 -57.44 3.24
CA GLY I 253 -71.63 -58.80 3.02
C GLY I 253 -70.50 -59.78 3.27
N LEU I 254 -69.45 -59.33 3.97
CA LEU I 254 -68.32 -60.20 4.23
C LEU I 254 -68.42 -60.68 5.65
N ASP I 255 -67.97 -61.92 5.84
CA ASP I 255 -68.11 -62.62 7.08
C ASP I 255 -66.75 -62.57 7.73
N ALA I 256 -66.64 -61.82 8.82
CA ALA I 256 -65.42 -61.67 9.60
C ALA I 256 -64.71 -63.02 9.75
N ALA I 257 -65.45 -64.14 9.79
CA ALA I 257 -64.86 -65.46 10.01
C ALA I 257 -63.93 -65.86 8.86
N GLU I 258 -64.22 -65.37 7.64
CA GLU I 258 -63.45 -65.74 6.46
C GLU I 258 -62.25 -64.83 6.19
N LEU I 259 -62.06 -63.74 6.95
CA LEU I 259 -61.00 -62.79 6.62
C LEU I 259 -59.87 -62.89 7.62
N PRO I 260 -58.65 -62.44 7.28
CA PRO I 260 -57.61 -62.29 8.29
C PRO I 260 -57.99 -61.21 9.31
N PRO I 261 -57.30 -61.18 10.48
CA PRO I 261 -57.45 -60.11 11.46
C PRO I 261 -57.15 -58.73 10.87
N GLN I 262 -57.93 -57.74 11.34
CA GLN I 262 -57.90 -56.38 10.86
C GLN I 262 -56.46 -55.86 10.87
N ASN I 263 -55.71 -56.18 11.94
CA ASN I 263 -54.40 -55.60 12.16
C ASN I 263 -53.28 -56.63 12.06
N ASP I 264 -53.50 -57.74 11.34
CA ASP I 264 -52.41 -58.65 10.99
C ASP I 264 -51.79 -58.13 9.69
N ARG I 265 -50.73 -57.31 9.80
CA ARG I 265 -50.22 -56.57 8.65
C ARG I 265 -49.67 -57.54 7.61
N ALA I 266 -49.23 -58.72 8.03
CA ALA I 266 -48.62 -59.67 7.11
C ALA I 266 -49.68 -60.23 6.16
N ARG I 267 -50.97 -60.07 6.49
CA ARG I 267 -52.03 -60.54 5.62
C ARG I 267 -52.85 -59.38 5.06
N TRP I 268 -52.35 -58.14 5.25
CA TRP I 268 -53.01 -57.00 4.62
C TRP I 268 -53.20 -57.20 3.12
N PRO I 269 -52.26 -57.81 2.37
CA PRO I 269 -52.50 -58.06 0.94
C PRO I 269 -53.77 -58.84 0.64
N GLU I 270 -54.01 -59.96 1.35
CA GLU I 270 -55.23 -60.74 1.19
C GLU I 270 -56.46 -59.92 1.60
N LEU I 271 -56.34 -59.19 2.72
CA LEU I 271 -57.48 -58.43 3.24
C LEU I 271 -57.88 -57.35 2.25
N ARG I 272 -56.86 -56.68 1.67
CA ARG I 272 -57.11 -55.64 0.68
C ARG I 272 -57.78 -56.27 -0.53
N ALA I 273 -57.35 -57.47 -0.92
CA ALA I 273 -57.95 -58.10 -2.09
C ALA I 273 -59.43 -58.38 -1.84
N LEU I 274 -59.78 -58.78 -0.63
CA LEU I 274 -61.18 -59.09 -0.31
C LEU I 274 -62.07 -57.83 -0.33
N LEU I 275 -61.57 -56.75 0.30
CA LEU I 275 -62.32 -55.51 0.39
C LEU I 275 -62.46 -54.87 -0.99
N THR I 276 -61.41 -55.03 -1.81
CA THR I 276 -61.39 -54.48 -3.16
C THR I 276 -62.54 -55.07 -3.95
N GLU I 277 -62.62 -56.40 -3.92
CA GLU I 277 -63.61 -57.11 -4.71
C GLU I 277 -65.01 -56.78 -4.19
N ALA I 278 -65.16 -56.70 -2.86
CA ALA I 278 -66.44 -56.30 -2.30
C ALA I 278 -66.87 -54.89 -2.73
N PHE I 279 -66.07 -53.85 -2.48
CA PHE I 279 -66.48 -52.51 -2.93
C PHE I 279 -66.69 -52.42 -4.43
N ALA I 280 -65.96 -53.21 -5.24
CA ALA I 280 -66.09 -53.14 -6.69
C ALA I 280 -67.45 -53.64 -7.17
N SER I 281 -68.18 -54.38 -6.33
CA SER I 281 -69.38 -55.07 -6.80
C SER I 281 -70.57 -54.13 -6.88
N HIS I 282 -70.52 -52.96 -6.22
CA HIS I 282 -71.62 -52.02 -6.36
C HIS I 282 -71.06 -50.62 -6.59
N ASP I 283 -71.96 -49.70 -6.94
CA ASP I 283 -71.56 -48.37 -7.34
C ASP I 283 -71.45 -47.49 -6.08
N ARG I 284 -70.91 -46.29 -6.25
CA ARG I 284 -70.58 -45.43 -5.13
C ARG I 284 -71.85 -45.05 -4.37
N ASP I 285 -72.87 -44.61 -5.11
CA ASP I 285 -74.12 -44.19 -4.53
C ASP I 285 -74.78 -45.34 -3.74
N HIS I 286 -74.62 -46.60 -4.16
CA HIS I 286 -75.12 -47.72 -3.38
C HIS I 286 -74.47 -47.76 -2.00
N TRP I 287 -73.14 -47.62 -1.91
CA TRP I 287 -72.44 -47.70 -0.64
C TRP I 287 -72.80 -46.51 0.25
N GLY I 288 -73.05 -45.36 -0.37
CA GLY I 288 -73.47 -44.18 0.37
C GLY I 288 -74.81 -44.39 1.07
N ALA I 289 -75.78 -45.05 0.41
CA ALA I 289 -77.09 -45.37 0.96
C ALA I 289 -76.98 -46.44 2.05
N VAL I 290 -76.31 -47.53 1.68
CA VAL I 290 -76.06 -48.63 2.58
C VAL I 290 -75.49 -48.11 3.90
N PHE I 291 -74.51 -47.17 3.84
CA PHE I 291 -73.81 -46.80 5.08
C PHE I 291 -74.29 -45.46 5.63
N ALA I 292 -75.37 -44.91 5.07
CA ALA I 292 -76.03 -43.78 5.71
C ALA I 292 -76.46 -44.15 7.13
N ASN I 293 -76.07 -43.28 8.08
CA ASN I 293 -76.36 -43.36 9.51
C ASN I 293 -75.56 -44.46 10.19
N SER I 294 -74.54 -44.96 9.50
CA SER I 294 -73.69 -46.00 10.08
C SER I 294 -72.46 -45.42 10.76
N ASP I 295 -71.84 -46.20 11.64
CA ASP I 295 -70.50 -45.94 12.14
C ASP I 295 -69.42 -46.75 11.40
N ALA I 296 -69.73 -47.18 10.17
CA ALA I 296 -68.79 -47.96 9.36
C ALA I 296 -67.59 -47.13 8.87
N CYS I 297 -67.71 -45.80 8.91
CA CYS I 297 -66.67 -44.90 8.43
C CYS I 297 -66.46 -45.12 6.94
N VAL I 298 -67.55 -45.17 6.18
CA VAL I 298 -67.50 -45.24 4.75
C VAL I 298 -68.25 -44.05 4.20
N THR I 299 -67.61 -43.32 3.28
CA THR I 299 -68.20 -42.14 2.68
C THR I 299 -67.86 -42.11 1.21
N PRO I 300 -68.71 -41.51 0.38
CA PRO I 300 -68.41 -41.35 -1.02
C PRO I 300 -67.40 -40.23 -1.20
N VAL I 301 -66.51 -40.41 -2.17
CA VAL I 301 -65.51 -39.44 -2.49
C VAL I 301 -66.11 -38.53 -3.55
N LEU I 302 -66.58 -37.35 -3.12
CA LEU I 302 -67.21 -36.41 -4.02
C LEU I 302 -66.15 -35.53 -4.65
N ALA I 303 -66.30 -35.29 -5.95
CA ALA I 303 -65.59 -34.25 -6.69
C ALA I 303 -66.17 -32.86 -6.39
N PHE I 304 -65.36 -31.81 -6.53
CA PHE I 304 -65.78 -30.45 -6.18
C PHE I 304 -67.15 -30.10 -6.75
N GLY I 305 -67.39 -30.38 -8.04
CA GLY I 305 -68.64 -30.04 -8.70
C GLY I 305 -69.89 -30.75 -8.15
N GLU I 306 -69.74 -31.83 -7.35
CA GLU I 306 -70.86 -32.56 -6.75
C GLU I 306 -71.11 -32.16 -5.30
N VAL I 307 -70.18 -31.43 -4.68
CA VAL I 307 -70.30 -31.12 -3.27
C VAL I 307 -71.61 -30.40 -2.98
N HIS I 308 -72.02 -29.50 -3.88
CA HIS I 308 -73.22 -28.69 -3.70
C HIS I 308 -74.50 -29.54 -3.59
N ASN I 309 -74.48 -30.80 -4.03
CA ASN I 309 -75.64 -31.67 -3.96
C ASN I 309 -75.67 -32.54 -2.70
N GLU I 310 -74.67 -32.45 -1.81
CA GLU I 310 -74.64 -33.35 -0.66
C GLU I 310 -75.46 -32.75 0.50
N PRO I 311 -76.55 -33.43 0.95
CA PRO I 311 -77.37 -32.90 2.03
C PRO I 311 -76.61 -32.34 3.23
N HIS I 312 -75.57 -33.02 3.72
CA HIS I 312 -74.93 -32.54 4.93
C HIS I 312 -74.19 -31.22 4.71
N ILE I 313 -73.75 -30.96 3.46
CA ILE I 313 -73.07 -29.72 3.11
C ILE I 313 -74.10 -28.58 3.01
N ILE I 314 -75.18 -28.83 2.25
CA ILE I 314 -76.27 -27.89 2.03
C ILE I 314 -76.87 -27.41 3.34
N GLU I 315 -77.05 -28.32 4.28
CA GLU I 315 -77.87 -28.04 5.44
C GLU I 315 -77.08 -27.29 6.50
N ARG I 316 -75.77 -27.43 6.56
CA ARG I 316 -74.99 -26.64 7.50
C ARG I 316 -74.49 -25.34 6.84
N ASN I 317 -74.79 -25.11 5.57
CA ASN I 317 -74.34 -23.91 4.88
C ASN I 317 -72.82 -23.79 4.95
N THR I 318 -72.14 -24.88 4.60
CA THR I 318 -70.68 -24.87 4.59
C THR I 318 -70.18 -23.90 3.51
N PHE I 319 -70.96 -23.70 2.43
CA PHE I 319 -70.60 -22.90 1.28
C PHE I 319 -71.63 -21.79 1.07
N TYR I 320 -71.27 -20.73 0.32
CA TYR I 320 -72.19 -19.71 -0.16
C TYR I 320 -71.90 -19.54 -1.66
N GLU I 321 -72.85 -18.98 -2.40
CA GLU I 321 -72.71 -18.64 -3.81
C GLU I 321 -72.11 -17.26 -3.99
N ALA I 322 -70.88 -17.18 -4.50
CA ALA I 322 -70.37 -15.92 -5.00
C ALA I 322 -70.49 -15.98 -6.52
N ASN I 323 -70.18 -14.87 -7.21
CA ASN I 323 -70.32 -14.85 -8.66
C ASN I 323 -69.45 -15.96 -9.29
N GLY I 324 -70.08 -16.74 -10.17
CA GLY I 324 -69.41 -17.75 -10.97
C GLY I 324 -68.84 -18.92 -10.17
N GLY I 325 -69.47 -19.26 -9.01
CA GLY I 325 -69.19 -20.49 -8.28
C GLY I 325 -69.30 -20.38 -6.76
N TRP I 326 -69.33 -21.55 -6.10
CA TRP I 326 -69.40 -21.71 -4.66
C TRP I 326 -68.05 -21.39 -4.00
N GLN I 327 -68.14 -20.92 -2.76
CA GLN I 327 -66.99 -20.65 -1.91
C GLN I 327 -67.35 -21.08 -0.51
N PRO I 328 -66.36 -21.51 0.30
CA PRO I 328 -66.58 -21.83 1.70
C PRO I 328 -66.84 -20.63 2.59
N MET I 329 -67.89 -20.76 3.42
CA MET I 329 -68.20 -19.80 4.46
C MET I 329 -67.06 -19.82 5.47
N PRO I 330 -66.96 -18.78 6.32
CA PRO I 330 -65.92 -18.70 7.34
C PRO I 330 -65.96 -19.85 8.33
N ALA I 331 -64.78 -20.19 8.83
CA ALA I 331 -64.64 -21.20 9.84
C ALA I 331 -63.58 -20.72 10.82
N PRO I 332 -63.66 -21.15 12.10
CA PRO I 332 -64.79 -21.94 12.59
C PRO I 332 -65.96 -21.01 12.86
N ARG I 333 -66.96 -21.55 13.60
CA ARG I 333 -68.20 -20.85 13.88
C ARG I 333 -68.26 -20.45 15.36
N PHE I 334 -69.00 -19.34 15.62
CA PHE I 334 -69.06 -18.66 16.92
C PHE I 334 -70.54 -18.48 17.33
N SER I 335 -70.89 -18.90 18.54
CA SER I 335 -72.29 -18.92 18.97
C SER I 335 -72.85 -17.51 19.18
N ARG I 336 -72.07 -16.61 19.82
CA ARG I 336 -72.54 -15.26 20.08
C ARG I 336 -72.14 -14.24 19.01
N THR I 337 -70.85 -14.10 18.67
CA THR I 337 -70.45 -13.13 17.63
C THR I 337 -70.15 -13.82 16.31
N ALA I 338 -71.20 -14.07 15.53
CA ALA I 338 -71.10 -14.94 14.39
C ALA I 338 -70.57 -14.17 13.19
N SER I 339 -69.79 -14.84 12.33
CA SER I 339 -69.31 -14.20 11.13
C SER I 339 -70.48 -13.97 10.20
N SER I 340 -70.35 -12.97 9.31
CA SER I 340 -71.28 -12.83 8.21
C SER I 340 -70.66 -13.38 6.92
N GLN I 341 -71.50 -13.47 5.90
CA GLN I 341 -71.10 -13.91 4.59
C GLN I 341 -70.02 -12.96 4.07
N PRO I 342 -68.90 -13.47 3.50
CA PRO I 342 -67.83 -12.62 3.00
C PRO I 342 -68.25 -11.52 2.03
N ARG I 343 -67.57 -10.37 2.11
CA ARG I 343 -67.77 -9.31 1.14
C ARG I 343 -66.85 -9.58 -0.05
N PRO I 344 -67.34 -9.46 -1.28
CA PRO I 344 -66.51 -9.73 -2.45
C PRO I 344 -65.33 -8.78 -2.52
N PRO I 345 -64.31 -9.11 -3.34
CA PRO I 345 -63.29 -8.15 -3.74
C PRO I 345 -63.97 -6.92 -4.29
N ALA I 346 -63.53 -5.73 -3.84
CA ALA I 346 -64.09 -4.46 -4.28
C ALA I 346 -63.01 -3.61 -4.95
N ALA I 347 -63.44 -2.52 -5.60
CA ALA I 347 -62.52 -1.64 -6.31
C ALA I 347 -61.51 -1.03 -5.34
N THR I 348 -60.38 -0.62 -5.92
CA THR I 348 -59.32 0.08 -5.21
C THR I 348 -59.89 1.29 -4.49
N ILE I 349 -59.30 1.57 -3.33
CA ILE I 349 -59.66 2.69 -2.48
C ILE I 349 -58.42 3.56 -2.38
N ASP I 350 -58.64 4.87 -2.15
CA ASP I 350 -57.56 5.80 -1.86
C ASP I 350 -56.99 5.53 -0.48
N ILE I 351 -55.67 5.46 -0.38
CA ILE I 351 -54.99 5.21 0.89
C ILE I 351 -55.22 6.33 1.92
N GLU I 352 -55.45 7.56 1.43
CA GLU I 352 -55.78 8.69 2.28
C GLU I 352 -57.14 8.50 2.94
N ALA I 353 -58.12 7.96 2.20
CA ALA I 353 -59.46 7.75 2.73
C ALA I 353 -59.47 6.74 3.88
N VAL I 354 -58.56 5.76 3.85
CA VAL I 354 -58.45 4.79 4.93
C VAL I 354 -58.00 5.48 6.20
N LEU I 355 -56.97 6.34 6.07
CA LEU I 355 -56.37 7.05 7.19
C LEU I 355 -57.39 7.97 7.86
N THR I 356 -58.20 8.63 7.03
CA THR I 356 -59.37 9.37 7.50
C THR I 356 -60.20 8.46 8.39
N ASP I 357 -60.70 7.36 7.78
CA ASP I 357 -61.57 6.40 8.45
C ASP I 357 -60.98 5.94 9.78
N TRP I 358 -59.66 5.70 9.85
CA TRP I 358 -59.05 5.16 11.07
C TRP I 358 -58.70 6.26 12.09
N ASP I 359 -59.18 7.50 11.86
CA ASP I 359 -59.01 8.67 12.72
C ASP I 359 -57.64 8.68 13.41
N MET J 1 -43.91 -20.30 33.21
CA MET J 1 -44.15 -20.93 31.88
C MET J 1 -43.83 -19.91 30.78
N ALA J 2 -42.92 -20.29 29.88
CA ALA J 2 -42.46 -19.42 28.80
C ALA J 2 -43.47 -19.39 27.66
N GLY J 3 -43.56 -18.25 26.98
CA GLY J 3 -44.25 -18.17 25.71
C GLY J 3 -45.42 -17.22 25.83
N PRO J 4 -46.02 -16.80 24.69
CA PRO J 4 -47.03 -15.75 24.71
C PRO J 4 -48.35 -16.10 25.38
N LEU J 5 -48.63 -17.40 25.56
CA LEU J 5 -49.92 -17.80 26.12
C LEU J 5 -49.77 -18.09 27.62
N SER J 6 -48.66 -17.64 28.20
CA SER J 6 -48.41 -17.72 29.63
C SER J 6 -49.62 -17.16 30.36
N GLY J 7 -50.17 -17.96 31.28
CA GLY J 7 -51.29 -17.51 32.08
C GLY J 7 -52.64 -17.93 31.54
N LEU J 8 -52.69 -18.61 30.38
CA LEU J 8 -53.98 -19.07 29.86
C LEU J 8 -54.22 -20.46 30.46
N ARG J 9 -55.46 -20.67 30.92
CA ARG J 9 -55.82 -21.93 31.56
C ARG J 9 -56.81 -22.68 30.68
N VAL J 10 -56.44 -23.91 30.39
CA VAL J 10 -57.18 -24.73 29.45
C VAL J 10 -57.48 -26.08 30.10
N VAL J 11 -58.74 -26.48 29.91
CA VAL J 11 -59.15 -27.81 30.30
C VAL J 11 -59.50 -28.61 29.05
N GLU J 12 -58.84 -29.76 28.95
CA GLU J 12 -58.97 -30.61 27.78
C GLU J 12 -59.65 -31.93 28.18
N LEU J 13 -60.83 -32.18 27.58
CA LEU J 13 -61.46 -33.49 27.72
C LEU J 13 -60.89 -34.45 26.70
N ALA J 14 -60.10 -35.38 27.23
CA ALA J 14 -59.29 -36.31 26.46
C ALA J 14 -60.13 -36.96 25.37
N GLY J 15 -59.55 -36.95 24.18
CA GLY J 15 -60.15 -37.39 22.94
C GLY J 15 -59.03 -37.82 22.00
N ILE J 16 -59.30 -37.86 20.68
CA ILE J 16 -58.27 -38.30 19.75
C ILE J 16 -58.19 -37.31 18.59
N GLY J 17 -57.00 -37.18 18.00
CA GLY J 17 -56.81 -36.42 16.77
C GLY J 17 -56.73 -34.92 16.99
N PRO J 18 -57.68 -34.11 16.50
CA PRO J 18 -57.52 -32.66 16.54
C PRO J 18 -57.52 -32.02 17.93
N GLY J 19 -58.47 -32.44 18.81
CA GLY J 19 -58.57 -31.89 20.16
C GLY J 19 -57.20 -31.86 20.84
N PRO J 20 -56.53 -33.02 20.96
CA PRO J 20 -55.21 -33.06 21.58
C PRO J 20 -54.09 -32.32 20.87
N HIS J 21 -54.23 -32.14 19.55
CA HIS J 21 -53.20 -31.38 18.83
C HIS J 21 -53.35 -29.89 19.15
N ALA J 22 -54.58 -29.36 19.16
CA ALA J 22 -54.82 -27.99 19.57
C ALA J 22 -54.30 -27.76 20.99
N ALA J 23 -54.63 -28.69 21.88
CA ALA J 23 -54.25 -28.54 23.26
C ALA J 23 -52.73 -28.53 23.37
N MET J 24 -52.07 -29.34 22.57
CA MET J 24 -50.62 -29.41 22.60
C MET J 24 -50.02 -28.06 22.17
N ILE J 25 -50.57 -27.47 21.12
CA ILE J 25 -50.03 -26.22 20.63
C ILE J 25 -50.26 -25.14 21.69
N LEU J 26 -51.47 -25.07 22.27
CA LEU J 26 -51.71 -24.12 23.35
C LEU J 26 -50.67 -24.33 24.45
N GLY J 27 -50.40 -25.58 24.84
CA GLY J 27 -49.39 -25.88 25.84
C GLY J 27 -47.99 -25.46 25.40
N ASP J 28 -47.70 -25.64 24.11
CA ASP J 28 -46.39 -25.37 23.53
C ASP J 28 -46.04 -23.88 23.71
N LEU J 29 -47.05 -23.04 23.53
CA LEU J 29 -46.93 -21.60 23.53
C LEU J 29 -47.14 -21.02 24.94
N GLY J 30 -47.20 -21.91 25.95
CA GLY J 30 -47.08 -21.54 27.35
C GLY J 30 -48.40 -21.58 28.15
N ALA J 31 -49.49 -22.03 27.52
CA ALA J 31 -50.73 -22.19 28.25
C ALA J 31 -50.60 -23.27 29.31
N ASP J 32 -51.47 -23.15 30.31
CA ASP J 32 -51.54 -24.09 31.42
C ASP J 32 -52.64 -25.08 31.11
N VAL J 33 -52.25 -26.26 30.61
CA VAL J 33 -53.24 -27.15 30.03
C VAL J 33 -53.42 -28.35 30.95
N VAL J 34 -54.69 -28.58 31.30
CA VAL J 34 -55.02 -29.68 32.19
C VAL J 34 -55.97 -30.60 31.46
N ARG J 35 -55.52 -31.85 31.34
CA ARG J 35 -56.21 -32.86 30.56
C ARG J 35 -56.86 -33.88 31.48
N ILE J 36 -58.19 -34.04 31.36
CA ILE J 36 -58.94 -35.01 32.13
C ILE J 36 -59.15 -36.29 31.30
N ASP J 37 -58.54 -37.42 31.71
CA ASP J 37 -58.77 -38.70 31.06
C ASP J 37 -59.70 -39.58 31.90
N ARG J 38 -60.04 -40.75 31.36
CA ARG J 38 -60.68 -41.82 32.11
C ARG J 38 -59.67 -42.52 33.00
N PRO J 39 -60.06 -43.00 34.20
CA PRO J 39 -59.14 -43.76 35.04
C PRO J 39 -58.71 -45.07 34.38
N SER J 40 -59.60 -45.64 33.54
CA SER J 40 -59.33 -46.90 32.85
C SER J 40 -58.29 -46.74 31.75
N SER J 41 -58.08 -45.52 31.23
CA SER J 41 -57.07 -45.31 30.19
C SER J 41 -55.65 -45.34 30.78
N VAL J 42 -55.35 -44.50 31.77
CA VAL J 42 -53.97 -44.18 32.09
C VAL J 42 -53.31 -45.34 32.86
N ASP J 43 -52.05 -45.66 32.49
CA ASP J 43 -51.26 -46.75 33.08
C ASP J 43 -49.76 -46.43 33.04
N GLY J 44 -49.33 -45.43 33.82
CA GLY J 44 -47.96 -44.95 33.82
C GLY J 44 -47.79 -43.68 32.98
N ILE J 45 -46.53 -43.21 32.84
CA ILE J 45 -46.19 -42.06 32.03
C ILE J 45 -46.45 -42.40 30.56
N SER J 46 -47.20 -41.54 29.84
CA SER J 46 -47.53 -41.76 28.43
C SER J 46 -46.28 -41.64 27.55
N ARG J 47 -46.20 -42.46 26.51
CA ARG J 47 -45.12 -42.36 25.55
C ARG J 47 -45.62 -41.72 24.24
N ASP J 48 -46.79 -41.05 24.28
CA ASP J 48 -47.31 -40.26 23.18
C ASP J 48 -46.88 -38.80 23.35
N ALA J 49 -45.80 -38.45 22.66
CA ALA J 49 -45.27 -37.09 22.67
C ALA J 49 -46.34 -36.06 22.24
N MET J 50 -47.50 -36.46 21.66
CA MET J 50 -48.56 -35.47 21.42
C MET J 50 -49.14 -34.96 22.76
N LEU J 51 -48.86 -35.66 23.88
CA LEU J 51 -49.33 -35.25 25.20
C LEU J 51 -48.26 -34.46 25.96
N ARG J 52 -47.35 -33.82 25.24
CA ARG J 52 -46.40 -32.91 25.87
C ARG J 52 -47.14 -31.68 26.37
N ASN J 53 -46.46 -30.99 27.30
CA ASN J 53 -46.85 -29.71 27.85
C ASN J 53 -48.27 -29.75 28.42
N ARG J 54 -48.51 -30.77 29.29
CA ARG J 54 -49.80 -31.08 29.88
C ARG J 54 -49.67 -31.42 31.38
N ARG J 55 -50.78 -31.28 32.13
CA ARG J 55 -50.95 -32.10 33.31
C ARG J 55 -52.17 -32.99 33.09
N ILE J 56 -51.97 -34.29 33.35
CA ILE J 56 -52.98 -35.32 33.14
C ILE J 56 -53.63 -35.62 34.49
N VAL J 57 -54.96 -35.53 34.53
CA VAL J 57 -55.71 -36.01 35.68
C VAL J 57 -56.75 -37.00 35.20
N THR J 58 -57.07 -37.99 36.05
CA THR J 58 -58.12 -38.95 35.75
C THR J 58 -59.35 -38.61 36.59
N ALA J 59 -60.52 -38.78 36.00
CA ALA J 59 -61.77 -38.52 36.70
C ALA J 59 -62.88 -39.21 35.91
N ASP J 60 -63.75 -39.94 36.61
CA ASP J 60 -64.90 -40.56 35.98
C ASP J 60 -66.03 -39.54 35.94
N LEU J 61 -66.43 -39.10 34.72
CA LEU J 61 -67.31 -37.95 34.54
C LEU J 61 -68.77 -38.41 34.62
N LYS J 62 -68.95 -39.72 34.79
CA LYS J 62 -70.26 -40.28 34.97
C LYS J 62 -70.60 -40.39 36.45
N SER J 63 -69.59 -40.52 37.34
CA SER J 63 -69.83 -40.38 38.77
C SER J 63 -70.24 -38.93 39.09
N ASP J 64 -70.79 -38.70 40.30
CA ASP J 64 -71.22 -37.37 40.70
C ASP J 64 -69.99 -36.58 41.13
N GLN J 65 -69.03 -37.32 41.68
CA GLN J 65 -67.81 -36.80 42.24
C GLN J 65 -66.94 -36.28 41.09
N GLY J 66 -66.80 -37.12 40.04
CA GLY J 66 -66.09 -36.71 38.84
C GLY J 66 -66.66 -35.44 38.23
N LEU J 67 -67.97 -35.43 37.99
CA LEU J 67 -68.61 -34.31 37.32
C LEU J 67 -68.45 -33.02 38.12
N GLU J 68 -68.35 -33.11 39.45
CA GLU J 68 -68.28 -31.93 40.27
C GLU J 68 -66.83 -31.41 40.25
N LEU J 69 -65.86 -32.33 40.31
CA LEU J 69 -64.44 -31.97 40.28
C LEU J 69 -64.08 -31.28 38.95
N ALA J 70 -64.75 -31.68 37.87
CA ALA J 70 -64.51 -31.16 36.53
C ALA J 70 -65.16 -29.79 36.40
N LEU J 71 -66.36 -29.64 36.96
CA LEU J 71 -67.03 -28.35 36.91
C LEU J 71 -66.24 -27.34 37.74
N LYS J 72 -65.48 -27.82 38.71
CA LYS J 72 -64.66 -26.92 39.50
C LYS J 72 -63.53 -26.40 38.63
N LEU J 73 -62.75 -27.31 38.01
CA LEU J 73 -61.67 -26.94 37.10
C LEU J 73 -62.19 -25.99 36.03
N ILE J 74 -63.33 -26.31 35.44
CA ILE J 74 -63.80 -25.44 34.37
C ILE J 74 -64.18 -24.04 34.86
N ALA J 75 -64.63 -23.91 36.12
CA ALA J 75 -65.03 -22.62 36.68
C ALA J 75 -63.84 -21.68 36.76
N LYS J 76 -62.63 -22.25 36.90
CA LYS J 76 -61.37 -21.54 37.08
C LYS J 76 -60.54 -21.45 35.79
N ALA J 77 -61.07 -21.84 34.63
CA ALA J 77 -60.27 -21.94 33.43
C ALA J 77 -60.75 -20.94 32.39
N ASP J 78 -59.93 -20.71 31.35
CA ASP J 78 -60.31 -19.82 30.26
C ASP J 78 -60.95 -20.57 29.12
N VAL J 79 -60.54 -21.83 28.95
CA VAL J 79 -60.91 -22.55 27.75
C VAL J 79 -61.26 -23.99 28.08
N LEU J 80 -62.35 -24.48 27.47
CA LEU J 80 -62.63 -25.90 27.49
C LEU J 80 -62.57 -26.45 26.05
N ILE J 81 -61.88 -27.58 25.91
CA ILE J 81 -61.79 -28.30 24.65
C ILE J 81 -62.45 -29.66 24.84
N GLU J 82 -63.39 -29.98 23.95
CA GLU J 82 -64.01 -31.30 23.92
C GLU J 82 -64.17 -31.75 22.46
N GLY J 83 -63.86 -33.03 22.19
CA GLY J 83 -64.03 -33.55 20.82
C GLY J 83 -64.80 -34.87 20.76
N TYR J 84 -65.93 -34.93 21.48
CA TYR J 84 -66.87 -36.05 21.46
C TYR J 84 -67.94 -35.74 20.42
N ARG J 85 -68.81 -36.71 20.11
CA ARG J 85 -69.90 -36.40 19.22
C ARG J 85 -70.79 -35.38 19.90
N PRO J 86 -71.56 -34.60 19.15
CA PRO J 86 -72.54 -33.70 19.75
C PRO J 86 -73.45 -34.49 20.71
N GLY J 87 -73.90 -33.81 21.78
CA GLY J 87 -74.80 -34.40 22.76
C GLY J 87 -74.05 -35.04 23.93
N VAL J 88 -72.77 -35.31 23.78
CA VAL J 88 -72.06 -36.08 24.78
C VAL J 88 -71.70 -35.26 26.03
N THR J 89 -71.37 -33.99 25.87
CA THR J 89 -71.05 -33.19 27.05
C THR J 89 -72.37 -32.81 27.71
N GLU J 90 -73.38 -32.45 26.90
CA GLU J 90 -74.73 -32.26 27.39
C GLU J 90 -75.06 -33.34 28.43
N ARG J 91 -74.97 -34.63 28.02
CA ARG J 91 -75.45 -35.75 28.81
C ARG J 91 -74.55 -36.00 30.01
N LEU J 92 -73.30 -35.59 29.97
CA LEU J 92 -72.49 -35.69 31.17
C LEU J 92 -72.80 -34.54 32.14
N GLY J 93 -73.62 -33.57 31.70
CA GLY J 93 -73.85 -32.33 32.44
C GLY J 93 -72.70 -31.33 32.34
N LEU J 94 -71.84 -31.48 31.30
CA LEU J 94 -70.74 -30.56 31.02
C LEU J 94 -71.03 -29.79 29.72
N GLY J 95 -72.30 -29.68 29.36
CA GLY J 95 -72.66 -28.92 28.17
C GLY J 95 -72.31 -27.44 28.31
N PRO J 96 -72.38 -26.65 27.21
CA PRO J 96 -72.10 -25.22 27.25
C PRO J 96 -73.04 -24.49 28.22
N GLU J 97 -74.34 -24.81 28.19
CA GLU J 97 -75.29 -24.25 29.13
C GLU J 97 -74.89 -24.52 30.59
N GLU J 98 -74.40 -25.72 30.90
CA GLU J 98 -74.02 -26.01 32.28
C GLU J 98 -72.71 -25.32 32.62
N CYS J 99 -71.79 -25.20 31.66
CA CYS J 99 -70.51 -24.54 31.93
C CYS J 99 -70.71 -23.02 32.04
N ALA J 100 -71.59 -22.45 31.23
CA ALA J 100 -71.94 -21.05 31.32
C ALA J 100 -72.53 -20.68 32.68
N LYS J 101 -73.05 -21.67 33.41
CA LYS J 101 -73.63 -21.39 34.70
C LYS J 101 -72.54 -21.21 35.75
N VAL J 102 -71.39 -21.87 35.61
CA VAL J 102 -70.35 -21.66 36.62
C VAL J 102 -69.26 -20.71 36.12
N ASN J 103 -69.38 -20.16 34.89
CA ASN J 103 -68.27 -19.41 34.32
C ASN J 103 -68.66 -18.86 32.94
N ASP J 104 -69.23 -17.65 32.89
CA ASP J 104 -69.63 -17.10 31.60
C ASP J 104 -68.46 -16.47 30.85
N ARG J 105 -67.22 -16.66 31.34
CA ARG J 105 -66.04 -16.16 30.64
C ARG J 105 -65.39 -17.29 29.81
N LEU J 106 -65.87 -18.54 29.99
CA LEU J 106 -65.23 -19.71 29.41
C LEU J 106 -65.33 -19.67 27.88
N ILE J 107 -64.23 -20.06 27.22
CA ILE J 107 -64.35 -20.30 25.79
C ILE J 107 -64.63 -21.77 25.60
N TYR J 108 -65.80 -22.08 25.02
CA TYR J 108 -66.25 -23.47 24.93
C TYR J 108 -65.96 -23.99 23.52
N ALA J 109 -64.93 -24.84 23.43
CA ALA J 109 -64.38 -25.21 22.13
C ALA J 109 -64.78 -26.65 21.72
N ARG J 110 -65.62 -26.73 20.69
CA ARG J 110 -66.17 -28.00 20.25
C ARG J 110 -65.55 -28.45 18.91
N MET J 111 -64.76 -29.53 18.98
CA MET J 111 -63.98 -30.10 17.88
C MET J 111 -64.66 -31.36 17.33
N THR J 112 -65.32 -31.24 16.17
CA THR J 112 -65.90 -32.40 15.49
C THR J 112 -65.46 -32.43 14.03
N GLY J 113 -65.88 -33.50 13.35
CA GLY J 113 -65.64 -33.60 11.92
C GLY J 113 -66.81 -33.06 11.15
N TRP J 114 -68.01 -33.48 11.55
CA TRP J 114 -69.21 -33.22 10.78
C TRP J 114 -69.93 -31.94 11.26
N GLY J 115 -69.59 -31.43 12.43
CA GLY J 115 -70.33 -30.28 12.95
C GLY J 115 -71.37 -30.68 14.02
N GLN J 116 -72.16 -29.69 14.47
CA GLN J 116 -72.96 -29.89 15.66
C GLN J 116 -74.32 -30.42 15.26
N THR J 117 -74.72 -30.18 14.02
CA THR J 117 -76.03 -30.62 13.57
C THR J 117 -75.98 -31.12 12.14
N GLY J 118 -77.08 -31.71 11.70
CA GLY J 118 -77.26 -32.11 10.31
C GLY J 118 -77.15 -33.63 10.19
N PRO J 119 -77.44 -34.16 8.99
CA PRO J 119 -77.64 -35.60 8.80
C PRO J 119 -76.47 -36.50 9.22
N ARG J 120 -75.21 -36.03 9.11
CA ARG J 120 -74.09 -36.89 9.46
C ARG J 120 -73.54 -36.61 10.85
N SER J 121 -74.20 -35.75 11.66
CA SER J 121 -73.61 -35.25 12.90
C SER J 121 -73.37 -36.31 13.95
N GLN J 122 -74.00 -37.50 13.81
CA GLN J 122 -73.76 -38.58 14.77
C GLN J 122 -72.93 -39.73 14.19
N GLN J 123 -72.55 -39.66 12.92
CA GLN J 123 -71.74 -40.72 12.32
C GLN J 123 -70.31 -40.66 12.80
N ALA J 124 -69.77 -41.81 13.22
CA ALA J 124 -68.35 -41.92 13.47
C ALA J 124 -67.60 -41.60 12.18
N GLY J 125 -66.36 -41.14 12.34
CA GLY J 125 -65.54 -40.80 11.18
C GLY J 125 -64.10 -40.53 11.57
N HIS J 126 -63.25 -40.52 10.53
CA HIS J 126 -61.87 -40.12 10.65
C HIS J 126 -61.55 -39.11 9.55
N ASP J 127 -60.32 -38.59 9.55
CA ASP J 127 -59.88 -37.53 8.63
C ASP J 127 -60.35 -37.84 7.22
N ILE J 128 -60.01 -39.05 6.72
CA ILE J 128 -60.29 -39.44 5.35
C ILE J 128 -61.76 -39.27 4.98
N ASN J 129 -62.67 -39.52 5.93
CA ASN J 129 -64.10 -39.34 5.68
C ASN J 129 -64.47 -37.85 5.54
N TYR J 130 -63.99 -37.00 6.46
CA TYR J 130 -64.37 -35.60 6.46
C TYR J 130 -63.92 -34.96 5.14
N ILE J 131 -62.74 -35.33 4.66
CA ILE J 131 -62.23 -34.71 3.43
C ILE J 131 -62.73 -35.41 2.17
N SER J 132 -63.38 -36.56 2.28
CA SER J 132 -64.00 -37.17 1.11
C SER J 132 -65.25 -36.39 0.68
N LEU J 133 -65.90 -35.69 1.61
CA LEU J 133 -67.22 -35.12 1.32
C LEU J 133 -67.15 -33.71 0.72
N ASN J 134 -66.02 -33.02 0.90
CA ASN J 134 -65.98 -31.62 0.51
C ASN J 134 -65.13 -31.40 -0.73
N GLY J 135 -64.73 -32.51 -1.40
CA GLY J 135 -64.07 -32.46 -2.70
C GLY J 135 -62.55 -32.61 -2.63
N ILE J 136 -62.02 -32.59 -1.41
CA ILE J 136 -60.59 -32.48 -1.19
C ILE J 136 -59.90 -33.77 -1.59
N LEU J 137 -60.31 -34.90 -0.98
CA LEU J 137 -59.66 -36.19 -1.22
C LEU J 137 -59.69 -36.53 -2.71
N HIS J 138 -60.77 -36.23 -3.41
CA HIS J 138 -60.85 -36.57 -4.81
C HIS J 138 -59.76 -35.85 -5.58
N ALA J 139 -59.28 -34.70 -5.08
CA ALA J 139 -58.33 -33.90 -5.82
C ALA J 139 -56.90 -34.39 -5.64
N ILE J 140 -56.67 -35.43 -4.82
CA ILE J 140 -55.32 -35.80 -4.43
C ILE J 140 -54.90 -37.13 -5.03
N GLY J 141 -53.74 -37.12 -5.72
CA GLY J 141 -53.08 -38.32 -6.24
C GLY J 141 -52.89 -38.26 -7.76
N ARG J 142 -52.33 -39.32 -8.33
CA ARG J 142 -52.20 -39.43 -9.77
C ARG J 142 -53.57 -39.66 -10.41
N GLY J 143 -53.74 -39.14 -11.63
CA GLY J 143 -54.97 -39.23 -12.40
C GLY J 143 -55.34 -40.65 -12.81
N ASP J 144 -54.39 -41.56 -12.89
CA ASP J 144 -54.74 -42.89 -13.37
C ASP J 144 -55.15 -43.81 -12.21
N GLU J 145 -55.11 -43.33 -10.96
CA GLU J 145 -55.26 -44.23 -9.85
C GLU J 145 -56.25 -43.66 -8.86
N ARG J 146 -56.52 -44.41 -7.81
CA ARG J 146 -57.52 -43.99 -6.87
C ARG J 146 -56.91 -42.96 -5.91
N PRO J 147 -57.73 -42.06 -5.34
CA PRO J 147 -57.19 -40.95 -4.55
C PRO J 147 -56.39 -41.52 -3.39
N VAL J 148 -55.38 -40.76 -2.99
CA VAL J 148 -54.54 -41.19 -1.88
C VAL J 148 -54.73 -40.20 -0.72
N PRO J 149 -54.83 -40.72 0.52
CA PRO J 149 -54.97 -39.86 1.67
C PRO J 149 -53.66 -39.14 1.96
N PRO J 150 -53.73 -37.81 2.13
CA PRO J 150 -52.55 -37.02 2.50
C PRO J 150 -52.32 -37.15 4.00
N LEU J 151 -51.99 -38.37 4.42
CA LEU J 151 -52.00 -38.76 5.82
C LEU J 151 -53.28 -38.20 6.45
N ASN J 152 -53.21 -37.78 7.71
CA ASN J 152 -54.36 -37.12 8.34
C ASN J 152 -54.07 -35.63 8.55
N LEU J 153 -53.39 -35.01 7.60
CA LEU J 153 -52.83 -33.69 7.84
C LEU J 153 -53.87 -32.62 7.53
N VAL J 154 -54.84 -32.92 6.67
CA VAL J 154 -55.68 -31.90 6.08
C VAL J 154 -57.00 -31.80 6.83
N GLY J 155 -57.54 -32.93 7.30
CA GLY J 155 -58.80 -32.96 8.02
C GLY J 155 -58.59 -32.71 9.51
N ASP J 156 -57.75 -33.53 10.14
CA ASP J 156 -57.47 -33.49 11.57
C ASP J 156 -56.75 -32.23 11.96
N PHE J 157 -55.64 -31.92 11.29
CA PHE J 157 -54.73 -30.91 11.82
C PHE J 157 -54.98 -29.59 11.08
N GLY J 158 -54.67 -29.57 9.79
CA GLY J 158 -54.79 -28.38 8.97
C GLY J 158 -56.16 -27.72 9.06
N GLY J 159 -57.23 -28.49 8.84
CA GLY J 159 -58.59 -27.96 8.82
C GLY J 159 -59.39 -28.29 10.09
N GLY J 160 -58.71 -28.82 11.08
CA GLY J 160 -59.32 -29.31 12.30
C GLY J 160 -58.79 -28.53 13.48
N SER J 161 -57.69 -29.01 14.07
CA SER J 161 -57.11 -28.41 15.26
C SER J 161 -56.70 -26.95 15.02
N MET J 162 -56.32 -26.58 13.78
CA MET J 162 -55.76 -25.26 13.55
C MET J 162 -56.90 -24.23 13.57
N PHE J 163 -58.05 -24.59 13.01
CA PHE J 163 -59.21 -23.73 13.07
C PHE J 163 -59.81 -23.66 14.50
N LEU J 164 -59.71 -24.73 15.29
CA LEU J 164 -60.12 -24.71 16.69
C LEU J 164 -59.26 -23.65 17.37
N LEU J 165 -57.94 -23.72 17.15
CA LEU J 165 -56.99 -22.76 17.73
C LEU J 165 -57.34 -21.33 17.34
N VAL J 166 -57.59 -21.08 16.06
CA VAL J 166 -57.90 -19.74 15.60
C VAL J 166 -59.19 -19.25 16.27
N GLY J 167 -60.16 -20.15 16.38
CA GLY J 167 -61.42 -19.81 17.00
C GLY J 167 -61.25 -19.52 18.48
N ILE J 168 -60.53 -20.37 19.18
CA ILE J 168 -60.27 -20.15 20.58
C ILE J 168 -59.65 -18.76 20.77
N LEU J 169 -58.59 -18.42 19.99
CA LEU J 169 -57.83 -17.22 20.31
C LEU J 169 -58.60 -16.01 19.81
N ALA J 170 -59.40 -16.19 18.77
CA ALA J 170 -60.24 -15.12 18.30
C ALA J 170 -61.31 -14.77 19.34
N ALA J 171 -61.84 -15.78 20.02
CA ALA J 171 -62.89 -15.60 21.01
C ALA J 171 -62.34 -14.93 22.27
N LEU J 172 -61.11 -15.30 22.67
CA LEU J 172 -60.36 -14.60 23.70
C LEU J 172 -60.10 -13.13 23.37
N TRP J 173 -59.78 -12.80 22.12
CA TRP J 173 -59.70 -11.40 21.74
C TRP J 173 -61.03 -10.71 22.04
N GLU J 174 -62.13 -11.29 21.53
CA GLU J 174 -63.47 -10.71 21.63
C GLU J 174 -63.89 -10.58 23.09
N ARG J 175 -63.53 -11.57 23.91
CA ARG J 175 -63.81 -11.55 25.34
C ARG J 175 -63.22 -10.31 26.01
N GLN J 176 -62.13 -9.78 25.44
CA GLN J 176 -61.42 -8.68 26.07
C GLN J 176 -62.35 -7.47 26.11
N SER J 177 -63.21 -7.30 25.12
CA SER J 177 -64.04 -6.13 25.16
C SER J 177 -65.48 -6.44 25.60
N SER J 178 -65.92 -7.71 25.63
CA SER J 178 -67.29 -8.09 25.98
C SER J 178 -67.40 -8.58 27.42
N GLY J 179 -66.30 -9.06 28.01
CA GLY J 179 -66.31 -9.73 29.30
C GLY J 179 -66.88 -11.15 29.27
N LYS J 180 -67.22 -11.63 28.05
CA LYS J 180 -68.05 -12.82 27.85
C LYS J 180 -67.34 -13.88 26.99
N GLY J 181 -67.48 -15.14 27.43
CA GLY J 181 -67.10 -16.31 26.67
C GLY J 181 -68.09 -16.56 25.54
N GLN J 182 -67.98 -17.71 24.87
CA GLN J 182 -68.93 -18.12 23.86
C GLN J 182 -68.52 -19.52 23.37
N VAL J 183 -69.32 -20.08 22.47
CA VAL J 183 -69.05 -21.42 21.97
C VAL J 183 -68.39 -21.29 20.60
N VAL J 184 -67.28 -22.02 20.46
CA VAL J 184 -66.54 -22.18 19.22
C VAL J 184 -66.81 -23.57 18.61
N ASP J 185 -67.42 -23.58 17.41
CA ASP J 185 -67.83 -24.80 16.72
C ASP J 185 -66.89 -25.03 15.53
N ALA J 186 -65.93 -25.95 15.70
CA ALA J 186 -64.94 -26.26 14.69
C ALA J 186 -65.21 -27.62 14.09
N ALA J 187 -65.69 -27.60 12.84
CA ALA J 187 -65.90 -28.84 12.13
C ALA J 187 -64.86 -29.00 11.02
N MET J 188 -64.24 -30.18 10.98
CA MET J 188 -63.17 -30.49 10.04
C MET J 188 -63.64 -30.38 8.60
N VAL J 189 -64.94 -30.61 8.32
CA VAL J 189 -65.46 -30.46 6.98
C VAL J 189 -65.55 -28.99 6.52
N ASP J 190 -65.65 -28.08 7.51
CA ASP J 190 -65.70 -26.65 7.23
C ASP J 190 -64.28 -26.08 7.13
N GLY J 191 -63.48 -26.36 8.15
CA GLY J 191 -62.10 -25.93 8.25
C GLY J 191 -61.30 -26.31 7.00
N SER J 192 -61.37 -27.58 6.63
CA SER J 192 -60.64 -28.09 5.48
C SER J 192 -61.17 -27.42 4.22
N SER J 193 -62.45 -27.04 4.20
CA SER J 193 -62.99 -26.30 3.05
C SER J 193 -62.37 -24.90 2.94
N VAL J 194 -62.10 -24.25 4.08
CA VAL J 194 -61.53 -22.90 4.03
C VAL J 194 -60.03 -23.04 3.75
N LEU J 195 -59.42 -24.13 4.23
CA LEU J 195 -58.02 -24.41 3.96
C LEU J 195 -57.80 -24.51 2.45
N ILE J 196 -58.80 -24.99 1.70
CA ILE J 196 -58.64 -25.23 0.28
C ILE J 196 -59.37 -24.16 -0.53
N GLN J 197 -59.58 -22.99 0.07
CA GLN J 197 -60.34 -21.96 -0.61
C GLN J 197 -59.70 -21.58 -1.96
N MET J 198 -58.35 -21.61 -2.01
CA MET J 198 -57.65 -21.25 -3.24
C MET J 198 -58.16 -22.09 -4.40
N MET J 199 -58.38 -23.41 -4.18
CA MET J 199 -58.89 -24.25 -5.25
C MET J 199 -60.29 -23.82 -5.63
N TRP J 200 -61.13 -23.46 -4.65
CA TRP J 200 -62.48 -23.04 -5.01
C TRP J 200 -62.43 -21.70 -5.78
N ALA J 201 -61.43 -20.86 -5.48
CA ALA J 201 -61.26 -19.60 -6.20
C ALA J 201 -60.78 -19.85 -7.64
N MET J 202 -59.75 -20.68 -7.80
CA MET J 202 -59.29 -21.01 -9.14
C MET J 202 -60.39 -21.70 -9.93
N ARG J 203 -61.16 -22.58 -9.29
CA ARG J 203 -62.20 -23.29 -10.00
C ARG J 203 -63.15 -22.29 -10.63
N ALA J 204 -63.49 -21.24 -9.88
CA ALA J 204 -64.47 -20.25 -10.32
C ALA J 204 -63.99 -19.48 -11.55
N THR J 205 -62.66 -19.31 -11.71
CA THR J 205 -62.09 -18.54 -12.79
C THR J 205 -61.55 -19.43 -13.90
N GLY J 206 -61.97 -20.70 -13.98
CA GLY J 206 -61.51 -21.58 -15.04
C GLY J 206 -60.06 -22.09 -14.86
N MET J 207 -59.45 -21.94 -13.69
CA MET J 207 -58.04 -22.22 -13.55
C MET J 207 -57.80 -23.53 -12.79
N TRP J 208 -58.87 -24.27 -12.50
CA TRP J 208 -58.78 -25.50 -11.74
C TRP J 208 -59.90 -26.40 -12.22
N THR J 209 -59.54 -27.67 -12.44
CA THR J 209 -60.44 -28.69 -12.95
C THR J 209 -60.57 -29.85 -11.95
N ASP J 210 -61.76 -30.46 -11.99
CA ASP J 210 -62.07 -31.62 -11.17
C ASP J 210 -61.33 -32.89 -11.61
N THR J 211 -60.70 -32.88 -12.79
CA THR J 211 -59.88 -34.00 -13.20
C THR J 211 -58.61 -34.05 -12.36
N ARG J 212 -58.41 -35.19 -11.68
CA ARG J 212 -57.27 -35.37 -10.81
C ARG J 212 -56.01 -35.56 -11.66
N GLY J 213 -54.89 -34.97 -11.24
CA GLY J 213 -53.61 -35.09 -11.94
C GLY J 213 -53.51 -34.18 -13.17
N ALA J 214 -54.35 -33.13 -13.31
CA ALA J 214 -54.34 -32.27 -14.49
C ALA J 214 -54.36 -30.77 -14.13
N ASN J 215 -53.77 -30.41 -13.00
CA ASN J 215 -53.82 -29.03 -12.53
C ASN J 215 -52.40 -28.57 -12.22
N MET J 216 -52.25 -27.26 -11.95
CA MET J 216 -50.95 -26.67 -11.70
C MET J 216 -50.34 -27.19 -10.40
N LEU J 217 -51.17 -27.60 -9.41
CA LEU J 217 -50.64 -27.84 -8.09
C LEU J 217 -50.89 -29.25 -7.57
N ASP J 218 -51.46 -30.14 -8.38
CA ASP J 218 -51.79 -31.49 -7.93
C ASP J 218 -50.76 -32.51 -8.41
N GLY J 219 -49.70 -32.03 -9.10
CA GLY J 219 -48.71 -32.93 -9.66
C GLY J 219 -48.86 -33.14 -11.16
N GLY J 220 -49.94 -32.60 -11.76
CA GLY J 220 -50.11 -32.55 -13.20
C GLY J 220 -49.10 -31.66 -13.96
N ALA J 221 -48.60 -30.57 -13.35
CA ALA J 221 -47.62 -29.68 -14.00
C ALA J 221 -46.24 -30.30 -13.90
N PRO J 222 -45.50 -30.46 -15.02
CA PRO J 222 -44.14 -30.99 -14.94
C PRO J 222 -43.17 -30.16 -14.09
N TYR J 223 -43.50 -28.87 -13.90
CA TYR J 223 -42.69 -27.97 -13.08
C TYR J 223 -43.11 -27.92 -11.61
N TYR J 224 -44.13 -28.72 -11.20
CA TYR J 224 -44.63 -28.76 -9.82
C TYR J 224 -44.95 -30.22 -9.50
N ASP J 225 -43.90 -30.98 -9.17
CA ASP J 225 -43.96 -32.42 -9.06
C ASP J 225 -42.62 -32.93 -8.54
N THR J 226 -42.59 -34.20 -8.15
CA THR J 226 -41.36 -34.90 -7.85
C THR J 226 -40.85 -35.68 -9.08
N TYR J 227 -39.56 -35.98 -9.02
CA TYR J 227 -38.86 -36.75 -10.04
C TYR J 227 -37.91 -37.70 -9.32
N GLU J 228 -37.79 -38.89 -9.88
CA GLU J 228 -36.86 -39.90 -9.41
C GLU J 228 -35.50 -39.62 -10.03
N CYS J 229 -34.47 -39.80 -9.21
CA CYS J 229 -33.08 -39.57 -9.60
C CYS J 229 -32.37 -40.90 -9.88
N ALA J 230 -31.09 -40.84 -10.25
CA ALA J 230 -30.31 -42.02 -10.64
C ALA J 230 -30.22 -43.00 -9.50
N ASP J 231 -30.22 -42.50 -8.25
CA ASP J 231 -30.03 -43.34 -7.08
C ASP J 231 -31.37 -43.90 -6.60
N GLY J 232 -32.50 -43.62 -7.28
CA GLY J 232 -33.80 -44.07 -6.78
C GLY J 232 -34.39 -43.18 -5.68
N ARG J 233 -33.74 -42.07 -5.32
CA ARG J 233 -34.30 -41.07 -4.40
C ARG J 233 -34.95 -39.96 -5.22
N TYR J 234 -35.59 -38.99 -4.55
CA TYR J 234 -36.39 -38.01 -5.30
C TYR J 234 -35.94 -36.57 -5.06
N VAL J 235 -36.28 -35.74 -6.04
CA VAL J 235 -36.28 -34.31 -5.86
C VAL J 235 -37.70 -33.80 -6.07
N ALA J 236 -37.93 -32.60 -5.52
CA ALA J 236 -39.15 -31.87 -5.76
C ALA J 236 -38.82 -30.63 -6.55
N VAL J 237 -39.71 -30.35 -7.50
CA VAL J 237 -39.59 -29.19 -8.35
C VAL J 237 -40.83 -28.37 -8.11
N GLY J 238 -40.65 -27.07 -7.85
CA GLY J 238 -41.75 -26.17 -7.56
C GLY J 238 -41.64 -24.84 -8.29
N ALA J 239 -41.06 -24.87 -9.51
CA ALA J 239 -40.73 -23.70 -10.30
C ALA J 239 -41.93 -23.17 -11.09
N ILE J 240 -42.86 -22.52 -10.38
CA ILE J 240 -44.03 -21.93 -10.99
C ILE J 240 -43.66 -20.71 -11.82
N GLU J 241 -42.92 -19.77 -11.21
CA GLU J 241 -42.67 -18.49 -11.86
C GLU J 241 -41.73 -18.73 -13.04
N PRO J 242 -41.97 -18.09 -14.18
CA PRO J 242 -41.18 -18.39 -15.38
C PRO J 242 -39.66 -18.23 -15.19
N GLN J 243 -39.25 -17.22 -14.39
CA GLN J 243 -37.81 -17.00 -14.21
C GLN J 243 -37.18 -18.17 -13.47
N PHE J 244 -37.92 -18.72 -12.51
CA PHE J 244 -37.41 -19.80 -11.67
C PHE J 244 -37.34 -21.08 -12.50
N TYR J 245 -38.38 -21.29 -13.34
CA TYR J 245 -38.42 -22.40 -14.27
C TYR J 245 -37.24 -22.35 -15.25
N ALA J 246 -37.00 -21.16 -15.81
CA ALA J 246 -35.88 -21.00 -16.75
C ALA J 246 -34.57 -21.36 -16.07
N ALA J 247 -34.41 -21.00 -14.77
CA ALA J 247 -33.17 -21.30 -14.09
C ALA J 247 -33.05 -22.82 -13.90
N MET J 248 -34.19 -23.46 -13.59
CA MET J 248 -34.17 -24.90 -13.36
C MET J 248 -33.79 -25.64 -14.66
N LEU J 249 -34.34 -25.19 -15.80
CA LEU J 249 -34.02 -25.82 -17.09
C LEU J 249 -32.52 -25.74 -17.40
N ALA J 250 -31.91 -24.55 -17.26
CA ALA J 250 -30.49 -24.41 -17.53
C ALA J 250 -29.68 -25.29 -16.59
N GLY J 251 -30.08 -25.41 -15.33
CA GLY J 251 -29.32 -26.28 -14.44
C GLY J 251 -29.40 -27.75 -14.88
N LEU J 252 -30.50 -28.15 -15.51
CA LEU J 252 -30.62 -29.52 -15.98
C LEU J 252 -29.82 -29.73 -17.26
N GLY J 253 -29.28 -28.65 -17.80
CA GLY J 253 -28.59 -28.67 -19.08
C GLY J 253 -29.57 -28.61 -20.26
N LEU J 254 -30.79 -28.12 -20.09
CA LEU J 254 -31.76 -28.15 -21.17
C LEU J 254 -31.89 -26.75 -21.74
N ASP J 255 -31.99 -26.67 -23.06
CA ASP J 255 -32.11 -25.42 -23.78
C ASP J 255 -33.58 -25.16 -24.02
N ALA J 256 -34.12 -24.09 -23.41
CA ALA J 256 -35.54 -23.75 -23.45
C ALA J 256 -36.06 -23.64 -24.88
N ALA J 257 -35.21 -23.19 -25.79
CA ALA J 257 -35.62 -23.00 -27.17
C ALA J 257 -35.92 -24.34 -27.84
N GLU J 258 -35.48 -25.49 -27.27
CA GLU J 258 -35.77 -26.80 -27.87
C GLU J 258 -36.96 -27.48 -27.18
N LEU J 259 -37.59 -26.82 -26.20
CA LEU J 259 -38.63 -27.42 -25.37
C LEU J 259 -39.96 -26.73 -25.66
N PRO J 260 -41.11 -27.43 -25.45
CA PRO J 260 -42.41 -26.77 -25.52
C PRO J 260 -42.57 -25.71 -24.43
N PRO J 261 -43.53 -24.78 -24.60
CA PRO J 261 -43.80 -23.76 -23.58
C PRO J 261 -44.19 -24.33 -22.21
N GLN J 262 -43.76 -23.62 -21.16
CA GLN J 262 -43.91 -24.08 -19.79
C GLN J 262 -45.36 -24.47 -19.52
N ASN J 263 -46.32 -23.67 -20.02
CA ASN J 263 -47.72 -23.81 -19.71
C ASN J 263 -48.55 -24.20 -20.94
N ASP J 264 -47.93 -24.86 -21.92
CA ASP J 264 -48.72 -25.48 -22.97
C ASP J 264 -49.08 -26.90 -22.52
N ARG J 265 -50.30 -27.04 -21.97
CA ARG J 265 -50.71 -28.25 -21.26
C ARG J 265 -50.82 -29.45 -22.20
N ALA J 266 -51.19 -29.23 -23.46
CA ALA J 266 -51.22 -30.35 -24.41
C ALA J 266 -49.85 -31.03 -24.53
N ARG J 267 -48.76 -30.31 -24.26
CA ARG J 267 -47.43 -30.86 -24.46
C ARG J 267 -46.71 -31.16 -23.15
N TRP J 268 -47.44 -31.08 -22.04
CA TRP J 268 -46.87 -31.42 -20.74
C TRP J 268 -46.28 -32.82 -20.70
N PRO J 269 -46.89 -33.86 -21.31
CA PRO J 269 -46.26 -35.19 -21.29
C PRO J 269 -44.88 -35.19 -21.94
N GLU J 270 -44.73 -34.42 -23.02
CA GLU J 270 -43.47 -34.29 -23.73
C GLU J 270 -42.44 -33.58 -22.86
N LEU J 271 -42.90 -32.52 -22.18
CA LEU J 271 -42.01 -31.78 -21.28
C LEU J 271 -41.59 -32.65 -20.10
N ARG J 272 -42.55 -33.38 -19.53
CA ARG J 272 -42.29 -34.27 -18.42
C ARG J 272 -41.27 -35.34 -18.81
N ALA J 273 -41.40 -35.93 -20.00
CA ALA J 273 -40.42 -36.93 -20.41
C ALA J 273 -38.99 -36.36 -20.41
N LEU J 274 -38.83 -35.15 -20.93
CA LEU J 274 -37.50 -34.55 -21.04
C LEU J 274 -36.95 -34.25 -19.66
N LEU J 275 -37.76 -33.66 -18.76
CA LEU J 275 -37.31 -33.44 -17.39
C LEU J 275 -37.06 -34.77 -16.69
N THR J 276 -37.90 -35.80 -16.92
CA THR J 276 -37.69 -37.08 -16.27
C THR J 276 -36.30 -37.63 -16.61
N GLU J 277 -35.99 -37.60 -17.91
CA GLU J 277 -34.71 -38.07 -18.38
C GLU J 277 -33.56 -37.28 -17.73
N ALA J 278 -33.68 -35.95 -17.62
CA ALA J 278 -32.59 -35.14 -17.07
C ALA J 278 -32.38 -35.46 -15.60
N PHE J 279 -33.44 -35.52 -14.80
CA PHE J 279 -33.24 -35.73 -13.37
C PHE J 279 -32.72 -37.13 -13.10
N ALA J 280 -33.04 -38.09 -13.96
CA ALA J 280 -32.64 -39.48 -13.71
C ALA J 280 -31.15 -39.69 -14.04
N SER J 281 -30.52 -38.68 -14.66
CA SER J 281 -29.12 -38.82 -15.08
C SER J 281 -28.15 -38.61 -13.92
N HIS J 282 -28.60 -38.07 -12.78
CA HIS J 282 -27.72 -37.93 -11.63
C HIS J 282 -28.51 -38.20 -10.36
N ASP J 283 -27.77 -38.46 -9.27
CA ASP J 283 -28.34 -38.79 -7.98
C ASP J 283 -28.95 -37.57 -7.25
N ARG J 284 -29.79 -37.80 -6.23
CA ARG J 284 -30.48 -36.72 -5.54
C ARG J 284 -29.47 -35.68 -4.99
N ASP J 285 -28.39 -36.13 -4.36
CA ASP J 285 -27.48 -35.21 -3.69
C ASP J 285 -26.72 -34.34 -4.71
N HIS J 286 -26.47 -34.85 -5.92
CA HIS J 286 -25.97 -34.04 -7.01
C HIS J 286 -26.92 -32.86 -7.26
N TRP J 287 -28.21 -33.11 -7.39
CA TRP J 287 -29.09 -32.01 -7.71
C TRP J 287 -29.15 -31.00 -6.56
N GLY J 288 -29.02 -31.48 -5.32
CA GLY J 288 -28.97 -30.61 -4.14
C GLY J 288 -27.80 -29.62 -4.19
N ALA J 289 -26.64 -30.10 -4.63
CA ALA J 289 -25.46 -29.26 -4.77
C ALA J 289 -25.62 -28.26 -5.93
N VAL J 290 -26.02 -28.78 -7.09
CA VAL J 290 -26.22 -28.02 -8.31
C VAL J 290 -27.19 -26.87 -8.06
N PHE J 291 -28.26 -27.09 -7.27
CA PHE J 291 -29.23 -26.01 -7.13
C PHE J 291 -29.18 -25.32 -5.78
N ALA J 292 -28.17 -25.61 -4.95
CA ALA J 292 -27.91 -24.78 -3.77
C ALA J 292 -27.77 -23.31 -4.20
N ASN J 293 -28.44 -22.44 -3.43
CA ASN J 293 -28.40 -21.00 -3.56
C ASN J 293 -29.10 -20.51 -4.83
N SER J 294 -29.89 -21.37 -5.51
CA SER J 294 -30.60 -20.95 -6.72
C SER J 294 -32.08 -20.74 -6.43
N ASP J 295 -32.75 -19.98 -7.31
CA ASP J 295 -34.19 -19.81 -7.33
C ASP J 295 -34.88 -20.83 -8.23
N ALA J 296 -34.21 -21.93 -8.59
CA ALA J 296 -34.78 -22.98 -9.41
C ALA J 296 -35.91 -23.76 -8.72
N CYS J 297 -36.07 -23.62 -7.39
CA CYS J 297 -37.10 -24.32 -6.65
C CYS J 297 -36.94 -25.84 -6.80
N VAL J 298 -35.75 -26.35 -6.54
CA VAL J 298 -35.50 -27.79 -6.61
C VAL J 298 -34.91 -28.18 -5.27
N THR J 299 -35.54 -29.14 -4.60
CA THR J 299 -35.10 -29.54 -3.28
C THR J 299 -35.11 -31.05 -3.20
N PRO J 300 -34.19 -31.61 -2.40
CA PRO J 300 -34.17 -33.03 -2.11
C PRO J 300 -35.38 -33.40 -1.26
N VAL J 301 -35.98 -34.55 -1.57
CA VAL J 301 -37.12 -35.05 -0.84
C VAL J 301 -36.55 -35.96 0.23
N LEU J 302 -36.51 -35.47 1.46
CA LEU J 302 -35.87 -36.25 2.51
C LEU J 302 -36.92 -37.11 3.20
N ALA J 303 -36.50 -38.31 3.60
CA ALA J 303 -37.29 -39.12 4.51
C ALA J 303 -37.06 -38.62 5.94
N PHE J 304 -38.06 -38.84 6.81
CA PHE J 304 -37.98 -38.47 8.22
C PHE J 304 -36.60 -38.78 8.80
N GLY J 305 -36.11 -39.99 8.56
CA GLY J 305 -34.85 -40.43 9.18
C GLY J 305 -33.63 -39.64 8.70
N GLU J 306 -33.75 -38.87 7.60
CA GLU J 306 -32.60 -38.12 7.10
C GLU J 306 -32.65 -36.67 7.56
N VAL J 307 -33.79 -36.23 8.11
CA VAL J 307 -34.05 -34.81 8.30
C VAL J 307 -33.06 -34.21 9.30
N HIS J 308 -32.68 -34.98 10.32
CA HIS J 308 -31.72 -34.50 11.30
C HIS J 308 -30.33 -34.21 10.69
N ASN J 309 -30.04 -34.55 9.42
CA ASN J 309 -28.74 -34.26 8.84
C ASN J 309 -28.76 -33.11 7.85
N GLU J 310 -29.92 -32.49 7.63
CA GLU J 310 -30.00 -31.38 6.73
C GLU J 310 -29.54 -30.13 7.46
N PRO J 311 -28.53 -29.39 6.91
CA PRO J 311 -28.04 -28.17 7.55
C PRO J 311 -29.08 -27.10 7.89
N HIS J 312 -30.02 -26.82 7.00
CA HIS J 312 -30.99 -25.75 7.29
C HIS J 312 -31.95 -26.11 8.45
N ILE J 313 -32.23 -27.40 8.60
CA ILE J 313 -33.05 -27.92 9.69
C ILE J 313 -32.29 -27.79 11.00
N ILE J 314 -31.01 -28.22 10.99
CA ILE J 314 -30.14 -28.21 12.16
C ILE J 314 -29.94 -26.79 12.65
N GLU J 315 -29.66 -25.87 11.73
CA GLU J 315 -29.16 -24.56 12.12
C GLU J 315 -30.30 -23.67 12.60
N ARG J 316 -31.56 -23.98 12.27
CA ARG J 316 -32.69 -23.25 12.84
C ARG J 316 -33.36 -23.96 14.04
N ASN J 317 -32.80 -25.07 14.51
CA ASN J 317 -33.39 -25.80 15.62
C ASN J 317 -34.90 -26.00 15.44
N THR J 318 -35.30 -26.47 14.27
CA THR J 318 -36.67 -26.85 13.99
C THR J 318 -37.12 -28.04 14.88
N PHE J 319 -36.19 -28.90 15.28
CA PHE J 319 -36.42 -30.10 16.05
C PHE J 319 -35.58 -30.09 17.31
N TYR J 320 -35.99 -30.89 18.30
CA TYR J 320 -35.21 -31.18 19.50
C TYR J 320 -35.27 -32.69 19.72
N GLU J 321 -34.31 -33.20 20.50
CA GLU J 321 -34.19 -34.61 20.78
C GLU J 321 -34.88 -34.91 22.09
N ALA J 322 -36.00 -35.62 22.04
CA ALA J 322 -36.77 -36.00 23.22
C ALA J 322 -36.64 -37.51 23.41
N ASN J 323 -36.26 -37.93 24.63
CA ASN J 323 -36.71 -39.22 25.12
C ASN J 323 -36.22 -40.32 24.19
N GLY J 324 -36.92 -40.56 23.07
CA GLY J 324 -36.52 -41.59 22.12
C GLY J 324 -36.72 -41.20 20.66
N GLY J 325 -36.26 -39.98 20.29
CA GLY J 325 -36.24 -39.53 18.91
C GLY J 325 -36.61 -38.05 18.78
N TRP J 326 -36.44 -37.54 17.56
CA TRP J 326 -36.58 -36.11 17.30
C TRP J 326 -38.04 -35.70 17.35
N GLN J 327 -38.29 -34.46 17.81
CA GLN J 327 -39.62 -33.89 17.82
C GLN J 327 -39.54 -32.43 17.39
N PRO J 328 -40.59 -31.92 16.72
CA PRO J 328 -40.61 -30.54 16.26
C PRO J 328 -40.78 -29.58 17.42
N MET J 329 -39.96 -28.52 17.39
CA MET J 329 -40.08 -27.45 18.35
C MET J 329 -41.36 -26.71 18.07
N PRO J 330 -41.86 -25.98 19.07
CA PRO J 330 -43.07 -25.19 18.90
C PRO J 330 -42.98 -24.23 17.74
N ALA J 331 -44.14 -23.95 17.14
CA ALA J 331 -44.25 -23.02 16.04
C ALA J 331 -45.51 -22.21 16.26
N PRO J 332 -45.63 -20.97 15.76
CA PRO J 332 -44.50 -20.23 15.18
C PRO J 332 -43.58 -19.74 16.29
N ARG J 333 -42.66 -18.82 15.93
CA ARG J 333 -41.71 -18.24 16.88
C ARG J 333 -42.03 -16.78 17.19
N PHE J 334 -41.63 -16.37 18.41
CA PHE J 334 -42.00 -15.09 19.00
C PHE J 334 -40.72 -14.38 19.43
N SER J 335 -40.56 -13.10 19.06
CA SER J 335 -39.32 -12.37 19.33
C SER J 335 -39.11 -12.09 20.82
N ARG J 336 -40.17 -11.74 21.57
CA ARG J 336 -39.97 -11.28 22.94
C ARG J 336 -40.30 -12.38 23.94
N THR J 337 -41.48 -13.01 23.77
CA THR J 337 -41.90 -14.08 24.65
C THR J 337 -41.77 -15.42 23.93
N ALA J 338 -40.54 -15.91 23.81
CA ALA J 338 -40.27 -17.15 23.09
C ALA J 338 -40.80 -18.33 23.87
N SER J 339 -41.29 -19.33 23.13
CA SER J 339 -41.60 -20.60 23.73
C SER J 339 -40.32 -21.26 24.20
N SER J 340 -40.45 -22.21 25.12
CA SER J 340 -39.33 -23.07 25.46
C SER J 340 -39.56 -24.50 24.96
N GLN J 341 -38.53 -25.30 25.15
CA GLN J 341 -38.57 -26.71 24.83
C GLN J 341 -39.75 -27.35 25.56
N PRO J 342 -40.56 -28.17 24.88
CA PRO J 342 -41.67 -28.85 25.54
C PRO J 342 -41.26 -29.72 26.73
N ARG J 343 -42.19 -29.83 27.67
CA ARG J 343 -42.01 -30.70 28.82
C ARG J 343 -42.58 -32.06 28.42
N PRO J 344 -41.83 -33.15 28.68
CA PRO J 344 -42.25 -34.49 28.28
C PRO J 344 -43.55 -34.87 28.97
N PRO J 345 -44.31 -35.84 28.44
CA PRO J 345 -45.50 -36.33 29.14
C PRO J 345 -45.15 -36.70 30.59
N ALA J 346 -45.95 -36.16 31.53
CA ALA J 346 -45.67 -36.22 32.96
C ALA J 346 -46.42 -37.40 33.58
N ALA J 347 -46.27 -37.58 34.90
CA ALA J 347 -47.07 -38.56 35.64
C ALA J 347 -48.45 -37.97 35.95
N THR J 348 -49.45 -38.87 36.07
CA THR J 348 -50.81 -38.48 36.44
C THR J 348 -50.73 -37.73 37.77
N ILE J 349 -51.65 -36.80 37.99
CA ILE J 349 -51.68 -36.13 39.28
C ILE J 349 -53.13 -36.08 39.77
N ASP J 350 -53.28 -35.79 41.08
CA ASP J 350 -54.60 -35.71 41.71
C ASP J 350 -55.22 -34.39 41.32
N ILE J 351 -56.49 -34.45 40.93
CA ILE J 351 -57.19 -33.29 40.46
C ILE J 351 -57.30 -32.25 41.58
N GLU J 352 -57.20 -32.68 42.85
CA GLU J 352 -57.31 -31.76 43.98
C GLU J 352 -56.05 -30.90 44.05
N ALA J 353 -54.89 -31.53 43.83
CA ALA J 353 -53.63 -30.82 43.78
C ALA J 353 -53.70 -29.61 42.82
N VAL J 354 -54.42 -29.77 41.71
CA VAL J 354 -54.50 -28.76 40.67
C VAL J 354 -55.42 -27.62 41.11
N LEU J 355 -56.55 -27.99 41.70
CA LEU J 355 -57.51 -27.01 42.18
C LEU J 355 -56.89 -26.13 43.25
N THR J 356 -55.98 -26.69 44.05
CA THR J 356 -55.17 -25.95 45.00
C THR J 356 -54.35 -24.89 44.25
N ASP J 357 -53.40 -25.39 43.44
CA ASP J 357 -52.46 -24.60 42.66
C ASP J 357 -53.17 -23.49 41.87
N TRP J 358 -54.38 -23.73 41.36
CA TRP J 358 -55.14 -22.71 40.65
C TRP J 358 -55.91 -21.79 41.61
N ASP J 359 -55.35 -21.53 42.80
CA ASP J 359 -55.96 -20.70 43.84
C ASP J 359 -57.07 -21.48 44.57
N GLY J 360 -58.13 -21.87 43.84
CA GLY J 360 -59.35 -22.37 44.46
C GLY J 360 -59.22 -23.82 44.91
N MET K 1 -17.81 -16.10 -49.40
CA MET K 1 -17.35 -15.68 -48.05
C MET K 1 -18.55 -15.50 -47.10
N ALA K 2 -18.57 -16.33 -46.03
CA ALA K 2 -19.62 -16.36 -45.03
C ALA K 2 -19.67 -15.09 -44.19
N GLY K 3 -20.88 -14.64 -43.84
CA GLY K 3 -21.07 -13.58 -42.87
C GLY K 3 -21.89 -12.44 -43.45
N PRO K 4 -22.41 -11.54 -42.61
CA PRO K 4 -23.26 -10.45 -43.08
C PRO K 4 -22.59 -9.38 -43.96
N LEU K 5 -21.25 -9.32 -43.91
CA LEU K 5 -20.54 -8.31 -44.70
C LEU K 5 -19.93 -8.96 -45.94
N SER K 6 -20.37 -10.16 -46.29
CA SER K 6 -20.08 -10.77 -47.58
C SER K 6 -20.27 -9.72 -48.68
N GLY K 7 -19.22 -9.54 -49.49
CA GLY K 7 -19.28 -8.67 -50.66
C GLY K 7 -18.75 -7.27 -50.40
N LEU K 8 -18.51 -6.89 -49.14
CA LEU K 8 -17.93 -5.58 -48.87
C LEU K 8 -16.42 -5.66 -49.07
N ARG K 9 -15.87 -4.63 -49.70
CA ARG K 9 -14.46 -4.64 -50.06
C ARG K 9 -13.71 -3.59 -49.25
N VAL K 10 -12.63 -4.03 -48.60
CA VAL K 10 -11.91 -3.10 -47.73
C VAL K 10 -10.42 -3.09 -48.10
N VAL K 11 -9.91 -1.86 -48.14
CA VAL K 11 -8.48 -1.62 -48.27
C VAL K 11 -7.97 -0.96 -46.98
N GLU K 12 -7.01 -1.68 -46.39
CA GLU K 12 -6.36 -1.33 -45.12
C GLU K 12 -4.90 -0.93 -45.38
N LEU K 13 -4.58 0.34 -45.07
CA LEU K 13 -3.19 0.81 -45.01
C LEU K 13 -2.57 0.38 -43.69
N ALA K 14 -1.74 -0.68 -43.76
CA ALA K 14 -1.12 -1.32 -42.61
C ALA K 14 -0.64 -0.31 -41.60
N GLY K 15 -1.13 -0.45 -40.35
CA GLY K 15 -0.74 0.33 -39.19
C GLY K 15 -0.64 -0.56 -37.97
N ILE K 16 -0.84 0.02 -36.78
CA ILE K 16 -0.80 -0.78 -35.56
C ILE K 16 -2.02 -0.45 -34.69
N GLY K 17 -2.42 -1.41 -33.86
CA GLY K 17 -3.47 -1.13 -32.87
C GLY K 17 -4.87 -1.20 -33.47
N PRO K 18 -5.63 -0.09 -33.43
CA PRO K 18 -7.05 -0.15 -33.73
C PRO K 18 -7.39 -0.43 -35.20
N GLY K 19 -6.67 0.25 -36.10
CA GLY K 19 -6.86 0.02 -37.52
C GLY K 19 -6.91 -1.47 -37.81
N PRO K 20 -5.85 -2.24 -37.55
CA PRO K 20 -5.87 -3.68 -37.83
C PRO K 20 -6.92 -4.48 -37.07
N HIS K 21 -7.40 -3.95 -35.94
CA HIS K 21 -8.41 -4.66 -35.18
C HIS K 21 -9.77 -4.44 -35.87
N ALA K 22 -10.06 -3.20 -36.24
CA ALA K 22 -11.25 -2.93 -37.03
C ALA K 22 -11.25 -3.77 -38.32
N ALA K 23 -10.18 -3.63 -39.11
CA ALA K 23 -10.08 -4.43 -40.31
C ALA K 23 -10.31 -5.90 -40.00
N MET K 24 -9.74 -6.39 -38.88
CA MET K 24 -9.86 -7.81 -38.56
C MET K 24 -11.36 -8.18 -38.45
N ILE K 25 -12.13 -7.32 -37.79
CA ILE K 25 -13.53 -7.61 -37.48
C ILE K 25 -14.38 -7.58 -38.76
N LEU K 26 -14.09 -6.65 -39.68
CA LEU K 26 -14.77 -6.59 -40.96
C LEU K 26 -14.56 -7.93 -41.67
N GLY K 27 -13.32 -8.38 -41.69
CA GLY K 27 -12.99 -9.66 -42.28
C GLY K 27 -13.65 -10.84 -41.58
N ASP K 28 -13.70 -10.77 -40.23
CA ASP K 28 -14.39 -11.73 -39.41
C ASP K 28 -15.83 -11.89 -39.92
N LEU K 29 -16.51 -10.79 -40.19
CA LEU K 29 -17.91 -10.82 -40.59
C LEU K 29 -18.10 -10.95 -42.10
N GLY K 30 -17.01 -11.26 -42.84
CA GLY K 30 -17.11 -11.76 -44.21
C GLY K 30 -16.67 -10.75 -45.28
N ALA K 31 -16.29 -9.54 -44.86
CA ALA K 31 -15.72 -8.57 -45.78
C ALA K 31 -14.44 -9.11 -46.41
N ASP K 32 -14.16 -8.63 -47.63
CA ASP K 32 -12.96 -8.98 -48.39
C ASP K 32 -11.95 -7.86 -48.13
N VAL K 33 -10.97 -8.16 -47.26
CA VAL K 33 -10.07 -7.14 -46.75
C VAL K 33 -8.71 -7.36 -47.39
N VAL K 34 -8.22 -6.27 -47.99
CA VAL K 34 -6.93 -6.30 -48.66
C VAL K 34 -6.06 -5.28 -47.94
N ARG K 35 -4.94 -5.80 -47.45
CA ARG K 35 -4.10 -5.01 -46.57
C ARG K 35 -2.80 -4.65 -47.30
N ILE K 36 -2.54 -3.35 -47.44
CA ILE K 36 -1.32 -2.90 -48.09
C ILE K 36 -0.23 -2.59 -47.05
N ASP K 37 0.85 -3.40 -47.05
CA ASP K 37 2.02 -3.24 -46.19
C ASP K 37 3.27 -2.89 -47.00
N ARG K 38 4.35 -2.37 -46.35
CA ARG K 38 5.62 -2.13 -47.04
C ARG K 38 6.21 -3.48 -47.49
N PRO K 39 7.12 -3.50 -48.49
CA PRO K 39 7.94 -4.68 -48.74
C PRO K 39 8.92 -4.88 -47.57
N SER K 40 9.47 -3.74 -47.07
CA SER K 40 10.31 -3.63 -45.87
C SER K 40 9.92 -4.65 -44.79
N SER K 41 8.70 -4.58 -44.26
CA SER K 41 8.22 -5.57 -43.30
C SER K 41 7.29 -6.58 -44.01
N VAL K 42 7.77 -7.84 -44.14
CA VAL K 42 6.99 -9.02 -44.51
C VAL K 42 7.97 -10.18 -44.78
N ASP K 43 7.99 -11.17 -43.86
CA ASP K 43 8.83 -12.36 -43.96
C ASP K 43 7.98 -13.62 -43.86
N GLY K 44 7.63 -14.23 -45.00
CA GLY K 44 6.80 -15.42 -45.02
C GLY K 44 5.44 -15.17 -44.38
N ILE K 45 4.80 -16.22 -43.84
CA ILE K 45 3.45 -16.14 -43.29
C ILE K 45 3.53 -15.51 -41.89
N SER K 46 2.75 -14.44 -41.66
CA SER K 46 2.63 -13.74 -40.38
C SER K 46 2.11 -14.70 -39.30
N ARG K 47 2.69 -14.63 -38.10
CA ARG K 47 2.19 -15.40 -36.98
C ARG K 47 1.44 -14.48 -36.01
N ASP K 48 1.05 -13.28 -36.48
CA ASP K 48 0.15 -12.41 -35.73
C ASP K 48 -1.30 -12.76 -36.11
N ALA K 49 -2.04 -13.48 -35.22
CA ALA K 49 -3.39 -13.92 -35.52
C ALA K 49 -4.35 -12.72 -35.68
N MET K 50 -3.92 -11.47 -35.35
CA MET K 50 -4.75 -10.31 -35.64
C MET K 50 -4.85 -10.03 -37.16
N LEU K 51 -3.96 -10.62 -37.98
CA LEU K 51 -4.00 -10.44 -39.43
C LEU K 51 -4.77 -11.57 -40.11
N ARG K 52 -5.66 -12.24 -39.37
CA ARG K 52 -6.54 -13.26 -39.94
C ARG K 52 -7.56 -12.59 -40.86
N ASN K 53 -8.17 -13.40 -41.74
CA ASN K 53 -9.19 -12.95 -42.69
C ASN K 53 -8.70 -11.75 -43.54
N ARG K 54 -7.48 -11.87 -44.09
CA ARG K 54 -6.87 -10.83 -44.89
C ARG K 54 -6.30 -11.41 -46.20
N ARG K 55 -6.13 -10.55 -47.21
CA ARG K 55 -5.08 -10.78 -48.19
C ARG K 55 -4.03 -9.68 -48.03
N ILE K 56 -2.75 -10.08 -47.89
CA ILE K 56 -1.67 -9.11 -47.71
C ILE K 56 -1.04 -8.80 -49.06
N VAL K 57 -0.90 -7.51 -49.40
CA VAL K 57 -0.07 -7.14 -50.53
C VAL K 57 0.99 -6.12 -50.10
N THR K 58 2.21 -6.43 -50.54
CA THR K 58 3.37 -5.56 -50.50
C THR K 58 3.21 -4.50 -51.58
N ALA K 59 3.47 -3.24 -51.21
CA ALA K 59 3.56 -2.16 -52.16
C ALA K 59 4.21 -0.97 -51.46
N ASP K 60 5.29 -0.47 -52.07
CA ASP K 60 5.93 0.76 -51.64
C ASP K 60 5.11 1.93 -52.15
N LEU K 61 4.40 2.63 -51.25
CA LEU K 61 3.51 3.73 -51.64
C LEU K 61 4.27 5.02 -51.85
N LYS K 62 5.59 4.99 -51.64
CA LYS K 62 6.36 6.22 -51.76
C LYS K 62 6.63 6.45 -53.24
N SER K 63 6.68 5.35 -54.01
CA SER K 63 6.92 5.39 -55.44
C SER K 63 5.67 5.84 -56.21
N ASP K 64 5.68 5.56 -57.52
CA ASP K 64 4.61 5.94 -58.42
C ASP K 64 3.85 4.69 -58.86
N GLN K 65 4.61 3.60 -59.08
CA GLN K 65 4.05 2.30 -59.38
C GLN K 65 3.30 1.74 -58.15
N GLY K 66 3.89 1.95 -56.97
CA GLY K 66 3.20 1.69 -55.72
C GLY K 66 1.92 2.51 -55.58
N LEU K 67 2.00 3.85 -55.71
CA LEU K 67 0.83 4.69 -55.53
C LEU K 67 -0.25 4.32 -56.56
N GLU K 68 0.15 4.03 -57.80
CA GLU K 68 -0.83 3.82 -58.85
C GLU K 68 -1.64 2.55 -58.57
N LEU K 69 -0.91 1.45 -58.31
CA LEU K 69 -1.47 0.19 -57.89
C LEU K 69 -2.42 0.34 -56.70
N ALA K 70 -2.15 1.27 -55.79
CA ALA K 70 -2.95 1.46 -54.61
C ALA K 70 -4.27 2.12 -55.01
N LEU K 71 -4.16 3.27 -55.68
CA LEU K 71 -5.30 4.06 -56.13
C LEU K 71 -6.28 3.23 -56.96
N LYS K 72 -5.80 2.11 -57.50
CA LYS K 72 -6.58 1.24 -58.35
C LYS K 72 -7.36 0.21 -57.53
N LEU K 73 -6.75 -0.33 -56.46
CA LEU K 73 -7.46 -1.14 -55.46
C LEU K 73 -8.61 -0.34 -54.85
N ILE K 74 -8.35 0.95 -54.60
CA ILE K 74 -9.26 1.81 -53.87
C ILE K 74 -10.46 2.17 -54.72
N ALA K 75 -10.22 2.27 -56.03
CA ALA K 75 -11.27 2.65 -56.98
C ALA K 75 -12.39 1.60 -56.97
N LYS K 76 -12.00 0.33 -56.81
CA LYS K 76 -12.85 -0.86 -56.83
C LYS K 76 -13.28 -1.31 -55.42
N ALA K 77 -13.32 -0.41 -54.43
CA ALA K 77 -13.53 -0.81 -53.04
C ALA K 77 -14.50 0.14 -52.35
N ASP K 78 -15.07 -0.33 -51.23
CA ASP K 78 -16.10 0.38 -50.49
C ASP K 78 -15.52 1.21 -49.36
N VAL K 79 -14.50 0.62 -48.70
CA VAL K 79 -13.95 1.23 -47.50
C VAL K 79 -12.43 1.30 -47.61
N LEU K 80 -11.89 2.45 -47.16
CA LEU K 80 -10.46 2.54 -46.85
C LEU K 80 -10.26 2.90 -45.38
N ILE K 81 -9.31 2.15 -44.81
CA ILE K 81 -8.84 2.30 -43.44
C ILE K 81 -7.38 2.74 -43.44
N GLU K 82 -7.14 3.90 -42.82
CA GLU K 82 -5.80 4.41 -42.56
C GLU K 82 -5.72 4.84 -41.10
N GLY K 83 -4.59 4.48 -40.47
CA GLY K 83 -4.35 4.88 -39.08
C GLY K 83 -2.99 5.53 -38.89
N TYR K 84 -2.65 6.50 -39.75
CA TYR K 84 -1.40 7.23 -39.66
C TYR K 84 -1.68 8.57 -39.02
N ARG K 85 -0.62 9.33 -38.68
CA ARG K 85 -0.87 10.69 -38.22
C ARG K 85 -1.57 11.43 -39.34
N PRO K 86 -2.31 12.51 -39.02
CA PRO K 86 -2.91 13.37 -40.05
C PRO K 86 -1.84 13.90 -41.00
N GLY K 87 -2.14 14.00 -42.31
CA GLY K 87 -1.22 14.49 -43.32
C GLY K 87 -0.56 13.35 -44.07
N VAL K 88 -0.45 12.19 -43.46
CA VAL K 88 0.39 11.17 -44.06
C VAL K 88 -0.21 10.67 -45.38
N THR K 89 -1.54 10.56 -45.43
CA THR K 89 -2.16 9.99 -46.61
C THR K 89 -2.18 11.07 -47.69
N GLU K 90 -2.51 12.31 -47.30
CA GLU K 90 -2.46 13.42 -48.22
C GLU K 90 -1.16 13.36 -49.01
N ARG K 91 -0.04 13.38 -48.29
CA ARG K 91 1.28 13.54 -48.85
C ARG K 91 1.65 12.29 -49.64
N LEU K 92 1.10 11.12 -49.30
CA LEU K 92 1.31 9.96 -50.16
C LEU K 92 0.61 10.11 -51.54
N GLY K 93 -0.31 11.07 -51.67
CA GLY K 93 -1.27 11.11 -52.77
C GLY K 93 -2.52 10.27 -52.55
N LEU K 94 -2.72 9.72 -51.32
CA LEU K 94 -3.84 8.86 -50.99
C LEU K 94 -4.82 9.55 -50.04
N GLY K 95 -4.85 10.89 -50.00
CA GLY K 95 -5.73 11.62 -49.10
C GLY K 95 -7.21 11.46 -49.46
N PRO K 96 -8.16 11.99 -48.66
CA PRO K 96 -9.58 11.87 -48.98
C PRO K 96 -9.84 12.26 -50.44
N GLU K 97 -9.44 13.48 -50.83
CA GLU K 97 -9.84 14.09 -52.10
C GLU K 97 -9.28 13.37 -53.32
N GLU K 98 -8.02 12.96 -53.25
CA GLU K 98 -7.45 12.10 -54.27
C GLU K 98 -8.26 10.80 -54.43
N CYS K 99 -8.72 10.26 -53.31
CA CYS K 99 -9.49 9.02 -53.34
C CYS K 99 -10.90 9.37 -53.87
N ALA K 100 -11.45 10.52 -53.51
CA ALA K 100 -12.74 10.95 -54.01
C ALA K 100 -12.74 10.94 -55.54
N LYS K 101 -11.75 11.61 -56.14
CA LYS K 101 -11.57 11.64 -57.58
C LYS K 101 -11.67 10.26 -58.22
N VAL K 102 -11.18 9.17 -57.63
CA VAL K 102 -11.31 7.89 -58.32
C VAL K 102 -12.53 7.09 -57.84
N ASN K 103 -13.36 7.65 -56.96
CA ASN K 103 -14.33 6.83 -56.24
C ASN K 103 -15.10 7.67 -55.23
N ASP K 104 -16.20 8.31 -55.65
CA ASP K 104 -16.92 9.22 -54.77
C ASP K 104 -17.85 8.42 -53.85
N ARG K 105 -17.76 7.08 -53.90
CA ARG K 105 -18.57 6.22 -53.05
C ARG K 105 -17.77 5.67 -51.86
N LEU K 106 -16.50 6.10 -51.71
CA LEU K 106 -15.61 5.48 -50.74
C LEU K 106 -15.98 5.96 -49.35
N ILE K 107 -16.05 5.01 -48.41
CA ILE K 107 -15.99 5.41 -47.00
C ILE K 107 -14.52 5.52 -46.63
N TYR K 108 -14.10 6.73 -46.27
CA TYR K 108 -12.71 7.02 -45.96
C TYR K 108 -12.53 7.07 -44.43
N ALA K 109 -11.92 6.01 -43.87
CA ALA K 109 -11.92 5.83 -42.42
C ALA K 109 -10.55 6.16 -41.81
N ARG K 110 -10.53 7.23 -41.00
CA ARG K 110 -9.31 7.74 -40.38
C ARG K 110 -9.29 7.48 -38.88
N MET K 111 -8.43 6.50 -38.51
CA MET K 111 -8.29 6.01 -37.13
C MET K 111 -7.12 6.72 -36.44
N THR K 112 -7.41 7.70 -35.57
CA THR K 112 -6.32 8.31 -34.83
C THR K 112 -6.60 8.24 -33.32
N GLY K 113 -5.64 8.75 -32.55
CA GLY K 113 -5.81 8.92 -31.12
C GLY K 113 -6.30 10.30 -30.76
N TRP K 114 -5.63 11.34 -31.27
CA TRP K 114 -5.91 12.70 -30.86
C TRP K 114 -6.91 13.39 -31.79
N GLY K 115 -7.14 12.81 -32.97
CA GLY K 115 -7.97 13.42 -34.00
C GLY K 115 -7.14 14.08 -35.11
N GLN K 116 -7.85 14.80 -35.99
CA GLN K 116 -7.29 15.23 -37.27
C GLN K 116 -6.69 16.61 -37.10
N THR K 117 -7.15 17.35 -36.09
CA THR K 117 -6.65 18.69 -35.85
C THR K 117 -6.44 18.94 -34.36
N GLY K 118 -5.93 20.14 -34.04
CA GLY K 118 -5.80 20.63 -32.69
C GLY K 118 -4.39 20.40 -32.18
N PRO K 119 -4.07 20.94 -30.99
CA PRO K 119 -2.69 21.02 -30.51
C PRO K 119 -1.89 19.71 -30.38
N ARG K 120 -2.58 18.55 -30.23
CA ARG K 120 -1.87 17.32 -29.95
C ARG K 120 -1.91 16.41 -31.15
N SER K 121 -2.44 16.93 -32.27
CA SER K 121 -2.74 16.09 -33.42
C SER K 121 -1.50 15.51 -34.07
N GLN K 122 -0.29 16.05 -33.81
CA GLN K 122 0.89 15.42 -34.39
C GLN K 122 1.73 14.63 -33.36
N GLN K 123 1.32 14.66 -32.07
CA GLN K 123 1.97 13.86 -31.03
C GLN K 123 1.76 12.35 -31.22
N ALA K 124 2.87 11.62 -31.20
CA ALA K 124 2.84 10.19 -30.97
C ALA K 124 2.12 9.92 -29.64
N GLY K 125 1.68 8.66 -29.55
CA GLY K 125 0.76 8.27 -28.50
C GLY K 125 0.43 6.80 -28.58
N HIS K 126 0.05 6.27 -27.43
CA HIS K 126 -0.53 4.95 -27.33
C HIS K 126 -1.77 5.03 -26.44
N ASP K 127 -2.48 3.91 -26.33
CA ASP K 127 -3.70 3.83 -25.53
C ASP K 127 -3.58 4.59 -24.21
N ILE K 128 -2.55 4.33 -23.40
CA ILE K 128 -2.45 4.88 -22.06
C ILE K 128 -2.49 6.40 -22.10
N ASN K 129 -1.97 6.99 -23.19
CA ASN K 129 -1.92 8.43 -23.34
C ASN K 129 -3.30 9.04 -23.63
N TYR K 130 -3.99 8.45 -24.60
CA TYR K 130 -5.32 8.94 -25.00
C TYR K 130 -6.29 8.87 -23.81
N ILE K 131 -6.26 7.77 -23.03
CA ILE K 131 -7.18 7.68 -21.89
C ILE K 131 -6.71 8.49 -20.68
N SER K 132 -5.48 9.01 -20.71
CA SER K 132 -5.03 9.76 -19.55
C SER K 132 -5.61 11.18 -19.61
N LEU K 133 -5.93 11.66 -20.81
CA LEU K 133 -6.29 13.05 -20.99
C LEU K 133 -7.78 13.29 -20.76
N ASN K 134 -8.60 12.22 -20.83
CA ASN K 134 -10.05 12.39 -20.72
C ASN K 134 -10.64 11.84 -19.42
N GLY K 135 -9.80 11.65 -18.39
CA GLY K 135 -10.26 11.29 -17.05
C GLY K 135 -10.41 9.79 -16.78
N ILE K 136 -10.28 8.96 -17.81
CA ILE K 136 -10.53 7.54 -17.68
C ILE K 136 -9.44 6.87 -16.84
N LEU K 137 -8.18 7.06 -17.19
CA LEU K 137 -7.10 6.33 -16.54
C LEU K 137 -7.08 6.65 -15.05
N HIS K 138 -7.35 7.92 -14.73
CA HIS K 138 -7.30 8.38 -13.37
C HIS K 138 -8.27 7.63 -12.49
N ALA K 139 -9.36 7.12 -13.10
CA ALA K 139 -10.44 6.49 -12.40
C ALA K 139 -10.20 4.99 -12.13
N ILE K 140 -9.11 4.42 -12.65
CA ILE K 140 -8.94 2.98 -12.68
C ILE K 140 -7.81 2.60 -11.70
N GLY K 141 -8.14 1.70 -10.77
CA GLY K 141 -7.17 1.14 -9.84
C GLY K 141 -7.57 1.43 -8.40
N ARG K 142 -6.77 0.94 -7.47
CA ARG K 142 -7.00 1.16 -6.05
C ARG K 142 -6.69 2.59 -5.66
N GLY K 143 -7.45 3.08 -4.67
CA GLY K 143 -7.36 4.45 -4.19
C GLY K 143 -5.98 4.78 -3.61
N ASP K 144 -5.32 3.79 -3.01
CA ASP K 144 -4.09 4.08 -2.29
C ASP K 144 -2.87 3.92 -3.21
N GLU K 145 -3.07 3.89 -4.53
CA GLU K 145 -1.99 3.52 -5.44
C GLU K 145 -2.11 4.28 -6.76
N ARG K 146 -1.08 4.17 -7.59
CA ARG K 146 -1.10 4.91 -8.83
C ARG K 146 -2.01 4.18 -9.81
N PRO K 147 -2.66 4.90 -10.73
CA PRO K 147 -3.64 4.31 -11.63
C PRO K 147 -3.03 3.21 -12.48
N VAL K 148 -3.86 2.25 -12.83
CA VAL K 148 -3.37 1.08 -13.51
C VAL K 148 -4.01 1.02 -14.90
N PRO K 149 -3.21 0.77 -15.95
CA PRO K 149 -3.75 0.69 -17.30
C PRO K 149 -4.58 -0.57 -17.45
N PRO K 150 -5.80 -0.45 -17.98
CA PRO K 150 -6.64 -1.59 -18.28
C PRO K 150 -6.25 -2.22 -19.61
N LEU K 151 -5.02 -2.72 -19.63
CA LEU K 151 -4.35 -3.10 -20.85
C LEU K 151 -4.56 -1.97 -21.86
N ASN K 152 -4.67 -2.33 -23.14
CA ASN K 152 -4.97 -1.34 -24.17
C ASN K 152 -6.40 -1.56 -24.66
N LEU K 153 -7.31 -1.92 -23.75
CA LEU K 153 -8.64 -2.32 -24.16
C LEU K 153 -9.56 -1.13 -24.31
N VAL K 154 -9.28 -0.01 -23.63
CA VAL K 154 -10.29 1.03 -23.59
C VAL K 154 -10.06 2.08 -24.67
N GLY K 155 -8.80 2.44 -24.94
CA GLY K 155 -8.48 3.48 -25.90
C GLY K 155 -8.38 2.93 -27.32
N ASP K 156 -7.54 1.90 -27.50
CA ASP K 156 -7.33 1.24 -28.78
C ASP K 156 -8.58 0.53 -29.28
N PHE K 157 -9.14 -0.39 -28.50
CA PHE K 157 -10.16 -1.27 -29.04
C PHE K 157 -11.54 -0.73 -28.71
N GLY K 158 -11.93 -0.77 -27.43
CA GLY K 158 -13.22 -0.28 -27.00
C GLY K 158 -13.56 1.11 -27.57
N GLY K 159 -12.65 2.05 -27.42
CA GLY K 159 -12.91 3.43 -27.73
C GLY K 159 -12.31 3.84 -29.10
N GLY K 160 -11.70 2.87 -29.78
CA GLY K 160 -10.93 3.10 -30.98
C GLY K 160 -11.48 2.34 -32.18
N SER K 161 -11.01 1.10 -32.36
CA SER K 161 -11.47 0.22 -33.40
C SER K 161 -13.00 0.13 -33.42
N MET K 162 -13.66 0.00 -32.25
CA MET K 162 -15.09 -0.24 -32.27
C MET K 162 -15.84 0.98 -32.78
N PHE K 163 -15.36 2.20 -32.49
CA PHE K 163 -16.01 3.38 -33.00
C PHE K 163 -15.68 3.58 -34.49
N LEU K 164 -14.49 3.17 -34.92
CA LEU K 164 -14.21 3.23 -36.35
C LEU K 164 -15.24 2.36 -37.06
N LEU K 165 -15.46 1.13 -36.56
CA LEU K 165 -16.37 0.17 -37.16
C LEU K 165 -17.78 0.76 -37.23
N VAL K 166 -18.23 1.38 -36.14
CA VAL K 166 -19.57 1.95 -36.07
C VAL K 166 -19.70 3.05 -37.13
N GLY K 167 -18.67 3.89 -37.28
CA GLY K 167 -18.69 4.96 -38.28
C GLY K 167 -18.76 4.44 -39.71
N ILE K 168 -17.93 3.46 -40.04
CA ILE K 168 -17.89 2.84 -41.35
C ILE K 168 -19.28 2.29 -41.71
N LEU K 169 -19.85 1.45 -40.82
CA LEU K 169 -21.09 0.76 -41.10
C LEU K 169 -22.23 1.78 -41.07
N ALA K 170 -22.16 2.80 -40.20
CA ALA K 170 -23.16 3.86 -40.27
C ALA K 170 -23.09 4.59 -41.61
N ALA K 171 -21.89 4.81 -42.16
CA ALA K 171 -21.75 5.61 -43.36
C ALA K 171 -22.12 4.78 -44.59
N LEU K 172 -21.95 3.46 -44.52
CA LEU K 172 -22.49 2.54 -45.50
C LEU K 172 -24.03 2.54 -45.52
N TRP K 173 -24.68 2.90 -44.41
CA TRP K 173 -26.12 3.04 -44.40
C TRP K 173 -26.52 4.38 -45.02
N GLU K 174 -25.76 5.43 -44.71
CA GLU K 174 -26.11 6.77 -45.19
C GLU K 174 -25.97 6.79 -46.71
N ARG K 175 -24.95 6.05 -47.20
CA ARG K 175 -24.64 5.85 -48.60
C ARG K 175 -25.82 5.25 -49.37
N GLN K 176 -26.51 4.22 -48.82
CA GLN K 176 -27.53 3.51 -49.57
C GLN K 176 -28.58 4.51 -50.03
N SER K 177 -28.75 5.59 -49.25
CA SER K 177 -29.73 6.63 -49.49
C SER K 177 -29.17 7.85 -50.24
N SER K 178 -27.84 8.08 -50.27
CA SER K 178 -27.32 9.32 -50.83
C SER K 178 -26.48 9.10 -52.10
N GLY K 179 -26.10 7.85 -52.37
CA GLY K 179 -25.19 7.54 -53.46
C GLY K 179 -23.70 7.81 -53.18
N LYS K 180 -23.36 8.51 -52.08
CA LYS K 180 -22.03 9.07 -51.85
C LYS K 180 -21.37 8.59 -50.53
N GLY K 181 -20.05 8.28 -50.63
CA GLY K 181 -19.19 8.04 -49.48
C GLY K 181 -18.90 9.31 -48.67
N GLN K 182 -17.88 9.25 -47.80
CA GLN K 182 -17.50 10.36 -46.91
C GLN K 182 -16.39 9.92 -45.94
N VAL K 183 -15.95 10.85 -45.07
CA VAL K 183 -14.80 10.60 -44.20
C VAL K 183 -15.31 10.33 -42.79
N VAL K 184 -14.85 9.20 -42.24
CA VAL K 184 -15.04 8.89 -40.83
C VAL K 184 -13.74 9.25 -40.07
N ASP K 185 -13.90 10.21 -39.16
CA ASP K 185 -12.88 10.68 -38.23
C ASP K 185 -13.12 10.06 -36.84
N ALA K 186 -12.49 8.89 -36.60
CA ALA K 186 -12.51 8.20 -35.32
C ALA K 186 -11.26 8.54 -34.49
N ALA K 187 -11.45 9.36 -33.43
CA ALA K 187 -10.41 9.67 -32.47
C ALA K 187 -10.61 8.89 -31.16
N MET K 188 -9.57 8.15 -30.72
CA MET K 188 -9.66 7.34 -29.50
C MET K 188 -10.04 8.20 -28.30
N VAL K 189 -9.62 9.46 -28.28
CA VAL K 189 -9.97 10.32 -27.17
C VAL K 189 -11.46 10.66 -27.18
N ASP K 190 -12.10 10.57 -28.35
CA ASP K 190 -13.54 10.80 -28.41
C ASP K 190 -14.30 9.51 -28.09
N GLY K 191 -13.97 8.44 -28.83
CA GLY K 191 -14.60 7.15 -28.68
C GLY K 191 -14.61 6.72 -27.20
N SER K 192 -13.45 6.78 -26.57
CA SER K 192 -13.34 6.32 -25.19
C SER K 192 -14.16 7.19 -24.26
N SER K 193 -14.32 8.49 -24.53
CA SER K 193 -15.18 9.33 -23.72
C SER K 193 -16.67 8.95 -23.84
N VAL K 194 -17.11 8.51 -25.04
CA VAL K 194 -18.50 8.08 -25.22
C VAL K 194 -18.68 6.72 -24.53
N LEU K 195 -17.62 5.90 -24.61
CA LEU K 195 -17.57 4.58 -23.97
C LEU K 195 -17.83 4.73 -22.47
N ILE K 196 -17.39 5.83 -21.85
CA ILE K 196 -17.50 6.04 -20.41
C ILE K 196 -18.59 7.06 -20.14
N GLN K 197 -19.58 7.15 -21.05
CA GLN K 197 -20.61 8.17 -20.90
C GLN K 197 -21.41 7.98 -19.61
N MET K 198 -21.54 6.72 -19.13
CA MET K 198 -22.26 6.44 -17.90
C MET K 198 -21.66 7.21 -16.72
N MET K 199 -20.32 7.25 -16.65
CA MET K 199 -19.67 7.89 -15.51
C MET K 199 -19.88 9.40 -15.58
N TRP K 200 -19.87 9.97 -16.78
CA TRP K 200 -20.17 11.40 -16.90
C TRP K 200 -21.62 11.67 -16.51
N ALA K 201 -22.54 10.75 -16.83
CA ALA K 201 -23.96 10.84 -16.40
C ALA K 201 -24.07 10.82 -14.88
N MET K 202 -23.43 9.83 -14.26
CA MET K 202 -23.47 9.65 -12.82
C MET K 202 -22.79 10.82 -12.09
N ARG K 203 -21.72 11.35 -12.68
CA ARG K 203 -21.02 12.47 -12.09
C ARG K 203 -21.94 13.67 -11.93
N ALA K 204 -22.82 13.87 -12.92
CA ALA K 204 -23.72 15.02 -12.97
C ALA K 204 -24.76 14.95 -11.86
N THR K 205 -25.17 13.74 -11.47
CA THR K 205 -26.18 13.58 -10.45
C THR K 205 -25.55 13.21 -9.10
N GLY K 206 -24.28 13.54 -8.89
CA GLY K 206 -23.62 13.28 -7.63
C GLY K 206 -23.46 11.79 -7.28
N MET K 207 -23.52 10.91 -8.28
CA MET K 207 -23.46 9.48 -8.05
C MET K 207 -22.10 8.94 -8.50
N TRP K 208 -21.12 9.81 -8.76
CA TRP K 208 -19.79 9.34 -9.06
C TRP K 208 -18.79 10.44 -8.73
N THR K 209 -17.73 10.10 -7.95
CA THR K 209 -16.74 11.09 -7.57
C THR K 209 -15.41 10.77 -8.22
N ASP K 210 -14.54 11.79 -8.27
CA ASP K 210 -13.23 11.72 -8.89
C ASP K 210 -12.23 10.97 -7.99
N THR K 211 -12.63 10.60 -6.78
CA THR K 211 -11.79 9.81 -5.90
C THR K 211 -11.72 8.37 -6.37
N ARG K 212 -10.50 7.90 -6.68
CA ARG K 212 -10.27 6.59 -7.23
C ARG K 212 -10.52 5.56 -6.14
N GLY K 213 -11.21 4.47 -6.46
CA GLY K 213 -11.43 3.39 -5.51
C GLY K 213 -12.53 3.66 -4.49
N ALA K 214 -13.44 4.59 -4.77
CA ALA K 214 -14.50 4.94 -3.84
C ALA K 214 -15.85 5.03 -4.58
N ASN K 215 -16.07 4.22 -5.61
CA ASN K 215 -17.33 4.28 -6.30
C ASN K 215 -17.89 2.86 -6.37
N MET K 216 -19.11 2.77 -6.89
CA MET K 216 -19.84 1.53 -6.94
C MET K 216 -19.16 0.54 -7.90
N LEU K 217 -18.55 1.05 -8.98
CA LEU K 217 -18.06 0.19 -10.04
C LEU K 217 -16.53 0.22 -10.22
N ASP K 218 -15.76 0.84 -9.32
CA ASP K 218 -14.31 0.93 -9.53
C ASP K 218 -13.55 0.00 -8.60
N GLY K 219 -14.30 -0.82 -7.82
CA GLY K 219 -13.68 -1.66 -6.81
C GLY K 219 -13.90 -1.15 -5.38
N GLY K 220 -14.45 0.04 -5.24
CA GLY K 220 -14.75 0.58 -3.92
C GLY K 220 -15.90 -0.15 -3.22
N ALA K 221 -16.88 -0.66 -3.96
CA ALA K 221 -18.00 -1.32 -3.31
C ALA K 221 -17.58 -2.75 -2.98
N PRO K 222 -17.78 -3.20 -1.72
CA PRO K 222 -17.48 -4.57 -1.35
C PRO K 222 -18.28 -5.59 -2.13
N TYR K 223 -19.44 -5.20 -2.69
CA TYR K 223 -20.22 -6.11 -3.53
C TYR K 223 -19.86 -6.05 -5.03
N TYR K 224 -18.89 -5.23 -5.43
CA TYR K 224 -18.44 -5.18 -6.81
C TYR K 224 -16.91 -5.09 -6.82
N ASP K 225 -16.29 -6.26 -6.76
CA ASP K 225 -14.85 -6.35 -6.52
C ASP K 225 -14.43 -7.82 -6.52
N THR K 226 -13.11 -8.08 -6.53
CA THR K 226 -12.61 -9.42 -6.48
C THR K 226 -12.23 -9.76 -5.05
N TYR K 227 -12.20 -11.06 -4.75
CA TYR K 227 -11.82 -11.51 -3.43
C TYR K 227 -10.88 -12.69 -3.58
N GLU K 228 -9.87 -12.74 -2.73
CA GLU K 228 -8.93 -13.85 -2.74
C GLU K 228 -9.52 -15.01 -1.95
N CYS K 229 -9.34 -16.24 -2.45
CA CYS K 229 -9.89 -17.43 -1.85
C CYS K 229 -8.79 -18.16 -1.09
N ALA K 230 -9.12 -19.30 -0.50
CA ALA K 230 -8.18 -20.04 0.34
C ALA K 230 -6.98 -20.52 -0.47
N ASP K 231 -7.17 -20.75 -1.79
CA ASP K 231 -6.12 -21.32 -2.61
C ASP K 231 -5.26 -20.22 -3.24
N GLY K 232 -5.45 -18.95 -2.84
CA GLY K 232 -4.74 -17.87 -3.49
C GLY K 232 -5.31 -17.53 -4.89
N ARG K 233 -6.39 -18.18 -5.36
CA ARG K 233 -7.09 -17.74 -6.56
C ARG K 233 -8.24 -16.79 -6.21
N TYR K 234 -9.01 -16.33 -7.20
CA TYR K 234 -9.91 -15.21 -6.98
C TYR K 234 -11.31 -15.53 -7.48
N VAL K 235 -12.28 -14.88 -6.85
CA VAL K 235 -13.62 -14.78 -7.38
C VAL K 235 -13.94 -13.31 -7.58
N ALA K 236 -14.98 -13.09 -8.38
CA ALA K 236 -15.50 -11.78 -8.64
C ALA K 236 -16.96 -11.78 -8.20
N VAL K 237 -17.28 -10.68 -7.53
CA VAL K 237 -18.59 -10.41 -6.99
C VAL K 237 -19.08 -9.17 -7.68
N GLY K 238 -20.34 -9.25 -8.15
CA GLY K 238 -20.98 -8.19 -8.91
C GLY K 238 -22.43 -7.99 -8.50
N ALA K 239 -22.72 -8.19 -7.20
CA ALA K 239 -24.09 -8.28 -6.75
C ALA K 239 -24.62 -6.90 -6.37
N ILE K 240 -24.92 -6.11 -7.40
CA ILE K 240 -25.41 -4.75 -7.25
C ILE K 240 -26.85 -4.77 -6.70
N GLU K 241 -27.72 -5.54 -7.34
CA GLU K 241 -29.14 -5.57 -6.96
C GLU K 241 -29.32 -6.15 -5.57
N PRO K 242 -30.20 -5.56 -4.75
CA PRO K 242 -30.40 -6.07 -3.38
C PRO K 242 -30.68 -7.57 -3.25
N GLN K 243 -31.47 -8.16 -4.17
CA GLN K 243 -31.88 -9.55 -4.07
CA GLN K 243 -31.87 -9.55 -4.03
C GLN K 243 -30.69 -10.46 -4.34
N PHE K 244 -29.83 -10.05 -5.28
CA PHE K 244 -28.68 -10.83 -5.68
C PHE K 244 -27.64 -10.76 -4.55
N TYR K 245 -27.51 -9.57 -3.99
CA TYR K 245 -26.61 -9.35 -2.85
C TYR K 245 -27.05 -10.23 -1.68
N ALA K 246 -28.35 -10.24 -1.39
CA ALA K 246 -28.87 -11.09 -0.31
C ALA K 246 -28.57 -12.57 -0.55
N ALA K 247 -28.73 -13.06 -1.79
CA ALA K 247 -28.44 -14.45 -2.08
C ALA K 247 -26.97 -14.74 -1.86
N MET K 248 -26.10 -13.78 -2.20
CA MET K 248 -24.66 -13.96 -2.02
C MET K 248 -24.30 -14.09 -0.54
N LEU K 249 -24.79 -13.17 0.31
CA LEU K 249 -24.53 -13.27 1.76
C LEU K 249 -24.92 -14.66 2.30
N ALA K 250 -26.11 -15.17 1.89
CA ALA K 250 -26.57 -16.44 2.44
C ALA K 250 -25.67 -17.58 1.98
N GLY K 251 -25.18 -17.51 0.74
CA GLY K 251 -24.30 -18.54 0.24
C GLY K 251 -22.96 -18.59 0.98
N LEU K 252 -22.55 -17.44 1.50
CA LEU K 252 -21.34 -17.35 2.29
C LEU K 252 -21.61 -17.73 3.74
N GLY K 253 -22.86 -17.96 4.11
CA GLY K 253 -23.17 -18.28 5.50
C GLY K 253 -23.26 -17.04 6.39
N LEU K 254 -23.53 -15.85 5.84
CA LEU K 254 -23.57 -14.63 6.63
C LEU K 254 -25.01 -14.20 6.79
N ASP K 255 -25.36 -13.79 8.02
CA ASP K 255 -26.71 -13.38 8.33
C ASP K 255 -26.74 -11.87 8.11
N ALA K 256 -27.55 -11.44 7.15
CA ALA K 256 -27.64 -10.03 6.81
C ALA K 256 -27.97 -9.20 8.05
N ALA K 257 -28.70 -9.79 9.01
CA ALA K 257 -29.13 -9.06 10.19
C ALA K 257 -27.93 -8.58 11.02
N GLU K 258 -26.79 -9.27 10.88
CA GLU K 258 -25.60 -8.98 11.67
C GLU K 258 -24.59 -8.12 10.90
N LEU K 259 -24.97 -7.63 9.71
CA LEU K 259 -24.07 -6.89 8.83
C LEU K 259 -24.58 -5.47 8.71
N PRO K 260 -23.67 -4.53 8.40
CA PRO K 260 -24.11 -3.19 8.02
C PRO K 260 -24.89 -3.24 6.70
N PRO K 261 -25.69 -2.19 6.42
CA PRO K 261 -26.39 -2.07 5.14
C PRO K 261 -25.45 -2.06 3.93
N GLN K 262 -25.94 -2.67 2.85
CA GLN K 262 -25.22 -2.87 1.61
C GLN K 262 -24.57 -1.58 1.15
N ASN K 263 -25.32 -0.45 1.22
CA ASN K 263 -24.87 0.79 0.61
C ASN K 263 -24.64 1.88 1.64
N ASP K 264 -24.40 1.51 2.89
CA ASP K 264 -23.87 2.46 3.87
C ASP K 264 -22.35 2.55 3.71
N ARG K 265 -21.87 3.57 3.00
CA ARG K 265 -20.48 3.61 2.55
C ARG K 265 -19.54 3.85 3.73
N ALA K 266 -19.98 4.55 4.75
CA ALA K 266 -19.18 4.69 5.96
C ALA K 266 -18.75 3.33 6.51
N ARG K 267 -19.54 2.27 6.29
CA ARG K 267 -19.23 0.99 6.91
C ARG K 267 -18.78 -0.04 5.90
N TRP K 268 -18.44 0.44 4.69
CA TRP K 268 -17.93 -0.45 3.65
C TRP K 268 -16.66 -1.17 4.10
N PRO K 269 -15.67 -0.52 4.74
CA PRO K 269 -14.48 -1.23 5.23
C PRO K 269 -14.85 -2.42 6.11
N GLU K 270 -15.80 -2.22 7.02
CA GLU K 270 -16.25 -3.25 7.94
C GLU K 270 -16.91 -4.40 7.16
N LEU K 271 -17.73 -4.03 6.18
CA LEU K 271 -18.39 -5.01 5.34
C LEU K 271 -17.37 -5.79 4.52
N ARG K 272 -16.43 -5.09 3.88
CA ARG K 272 -15.43 -5.76 3.06
C ARG K 272 -14.66 -6.80 3.89
N ALA K 273 -14.44 -6.47 5.17
CA ALA K 273 -13.61 -7.30 6.04
C ALA K 273 -14.33 -8.61 6.29
N LEU K 274 -15.64 -8.57 6.47
CA LEU K 274 -16.43 -9.79 6.70
C LEU K 274 -16.51 -10.66 5.46
N LEU K 275 -16.69 -10.03 4.30
CA LEU K 275 -16.68 -10.74 3.03
C LEU K 275 -15.29 -11.33 2.77
N THR K 276 -14.24 -10.57 3.05
CA THR K 276 -12.90 -11.08 2.87
C THR K 276 -12.66 -12.38 3.64
N GLU K 277 -13.03 -12.36 4.92
CA GLU K 277 -12.87 -13.51 5.76
C GLU K 277 -13.70 -14.68 5.22
N ALA K 278 -14.93 -14.41 4.78
CA ALA K 278 -15.76 -15.51 4.30
C ALA K 278 -15.16 -16.16 3.04
N PHE K 279 -14.81 -15.36 2.01
CA PHE K 279 -14.28 -15.89 0.77
C PHE K 279 -12.95 -16.59 0.98
N ALA K 280 -12.14 -16.13 1.96
CA ALA K 280 -10.84 -16.76 2.23
C ALA K 280 -11.00 -18.13 2.91
N SER K 281 -12.20 -18.50 3.33
CA SER K 281 -12.33 -19.75 4.08
C SER K 281 -12.41 -20.96 3.14
N HIS K 282 -12.55 -20.75 1.83
CA HIS K 282 -12.67 -21.88 0.92
C HIS K 282 -12.00 -21.51 -0.40
N ASP K 283 -11.83 -22.47 -1.30
CA ASP K 283 -11.09 -22.20 -2.52
C ASP K 283 -12.03 -21.78 -3.63
N ARG K 284 -11.43 -21.31 -4.74
CA ARG K 284 -12.18 -20.75 -5.84
C ARG K 284 -13.20 -21.78 -6.36
N ASP K 285 -12.79 -23.04 -6.51
CA ASP K 285 -13.70 -24.01 -7.11
C ASP K 285 -14.89 -24.29 -6.17
N HIS K 286 -14.70 -24.17 -4.86
CA HIS K 286 -15.79 -24.29 -3.93
C HIS K 286 -16.85 -23.24 -4.20
N TRP K 287 -16.42 -21.97 -4.30
CA TRP K 287 -17.37 -20.90 -4.54
C TRP K 287 -18.04 -21.06 -5.90
N GLY K 288 -17.31 -21.59 -6.90
CA GLY K 288 -17.88 -21.81 -8.21
C GLY K 288 -19.04 -22.80 -8.15
N ALA K 289 -18.82 -23.90 -7.42
CA ALA K 289 -19.85 -24.91 -7.21
C ALA K 289 -21.05 -24.36 -6.41
N VAL K 290 -20.79 -23.68 -5.29
CA VAL K 290 -21.84 -23.20 -4.38
C VAL K 290 -22.76 -22.19 -5.08
N PHE K 291 -22.21 -21.43 -6.01
CA PHE K 291 -23.02 -20.39 -6.59
C PHE K 291 -23.45 -20.72 -8.01
N ALA K 292 -23.14 -21.93 -8.49
CA ALA K 292 -23.66 -22.35 -9.78
C ALA K 292 -25.19 -22.30 -9.73
N ASN K 293 -25.76 -21.81 -10.85
CA ASN K 293 -27.19 -21.61 -11.05
C ASN K 293 -27.79 -20.57 -10.14
N SER K 294 -26.97 -19.76 -9.44
CA SER K 294 -27.54 -18.76 -8.56
C SER K 294 -27.49 -17.39 -9.21
N ASP K 295 -28.26 -16.45 -8.64
CA ASP K 295 -28.19 -15.05 -9.00
C ASP K 295 -27.31 -14.23 -8.05
N ALA K 296 -26.39 -14.87 -7.34
CA ALA K 296 -25.50 -14.19 -6.40
C ALA K 296 -24.41 -13.36 -7.08
N CYS K 297 -24.23 -13.50 -8.40
CA CYS K 297 -23.24 -12.72 -9.15
C CYS K 297 -21.83 -12.96 -8.61
N VAL K 298 -21.50 -14.23 -8.41
CA VAL K 298 -20.16 -14.65 -8.03
C VAL K 298 -19.63 -15.56 -9.13
N THR K 299 -18.43 -15.25 -9.65
CA THR K 299 -17.82 -16.08 -10.70
C THR K 299 -16.35 -16.28 -10.37
N PRO K 300 -15.78 -17.41 -10.82
CA PRO K 300 -14.35 -17.67 -10.68
C PRO K 300 -13.62 -16.78 -11.67
N VAL K 301 -12.53 -16.19 -11.19
CA VAL K 301 -11.70 -15.35 -12.02
C VAL K 301 -10.68 -16.26 -12.70
N LEU K 302 -10.92 -16.55 -13.98
CA LEU K 302 -10.07 -17.50 -14.69
C LEU K 302 -8.92 -16.76 -15.41
N ALA K 303 -7.74 -17.37 -15.36
CA ALA K 303 -6.62 -16.96 -16.18
C ALA K 303 -6.79 -17.53 -17.59
N PHE K 304 -6.27 -16.81 -18.60
CA PHE K 304 -6.32 -17.22 -19.99
C PHE K 304 -6.14 -18.74 -20.15
N GLY K 305 -5.08 -19.30 -19.55
CA GLY K 305 -4.73 -20.70 -19.71
C GLY K 305 -5.77 -21.70 -19.16
N GLU K 306 -6.70 -21.23 -18.32
CA GLU K 306 -7.77 -22.07 -17.79
C GLU K 306 -9.07 -21.92 -18.59
N VAL K 307 -9.20 -20.87 -19.39
CA VAL K 307 -10.49 -20.54 -20.01
C VAL K 307 -11.00 -21.73 -20.85
N HIS K 308 -10.06 -22.45 -21.50
CA HIS K 308 -10.35 -23.57 -22.40
C HIS K 308 -11.04 -24.72 -21.64
N ASN K 309 -10.94 -24.76 -20.31
CA ASN K 309 -11.53 -25.83 -19.52
C ASN K 309 -12.89 -25.46 -18.94
N GLU K 310 -13.43 -24.26 -19.20
CA GLU K 310 -14.67 -23.86 -18.56
C GLU K 310 -15.85 -24.27 -19.45
N PRO K 311 -16.82 -25.02 -18.90
CA PRO K 311 -17.95 -25.51 -19.69
C PRO K 311 -18.69 -24.44 -20.48
N HIS K 312 -18.98 -23.31 -19.84
CA HIS K 312 -19.77 -22.32 -20.54
C HIS K 312 -19.01 -21.79 -21.76
N ILE K 313 -17.68 -21.81 -21.69
CA ILE K 313 -16.86 -21.34 -22.80
C ILE K 313 -16.83 -22.43 -23.88
N ILE K 314 -16.68 -23.69 -23.47
CA ILE K 314 -16.53 -24.78 -24.42
C ILE K 314 -17.80 -24.91 -25.25
N GLU K 315 -18.94 -24.97 -24.55
CA GLU K 315 -20.20 -25.35 -25.17
C GLU K 315 -20.77 -24.25 -26.03
N ARG K 316 -20.40 -22.99 -25.83
CA ARG K 316 -20.84 -21.98 -26.77
C ARG K 316 -19.80 -21.74 -27.88
N ASN K 317 -18.67 -22.46 -27.87
CA ASN K 317 -17.67 -22.31 -28.92
C ASN K 317 -17.27 -20.84 -29.07
N THR K 318 -16.96 -20.18 -27.94
CA THR K 318 -16.46 -18.82 -27.96
C THR K 318 -15.07 -18.79 -28.61
N PHE K 319 -14.29 -19.87 -28.48
CA PHE K 319 -12.94 -19.98 -29.02
C PHE K 319 -12.79 -21.14 -30.02
N TYR K 320 -11.79 -21.05 -30.90
CA TYR K 320 -11.35 -22.13 -31.78
C TYR K 320 -9.82 -22.27 -31.65
N GLU K 321 -9.27 -23.44 -31.95
CA GLU K 321 -7.82 -23.63 -31.91
C GLU K 321 -7.15 -23.11 -33.19
N ALA K 322 -6.07 -22.33 -33.05
CA ALA K 322 -5.29 -21.85 -34.18
C ALA K 322 -3.81 -21.92 -33.86
N ASN K 323 -3.13 -22.95 -34.39
CA ASN K 323 -1.67 -22.95 -34.51
C ASN K 323 -1.06 -22.54 -33.16
N GLY K 324 -1.00 -23.49 -32.22
CA GLY K 324 -0.41 -23.27 -30.90
C GLY K 324 -1.10 -22.18 -30.10
N GLY K 325 -2.44 -22.26 -29.97
CA GLY K 325 -3.20 -21.35 -29.14
C GLY K 325 -4.66 -21.18 -29.58
N TRP K 326 -5.53 -21.03 -28.58
CA TRP K 326 -6.94 -20.68 -28.79
C TRP K 326 -7.05 -19.23 -29.25
N GLN K 327 -8.13 -18.94 -29.99
CA GLN K 327 -8.39 -17.61 -30.44
C GLN K 327 -9.89 -17.41 -30.39
N PRO K 328 -10.41 -16.18 -30.24
CA PRO K 328 -11.85 -15.99 -30.16
C PRO K 328 -12.47 -16.07 -31.55
N MET K 329 -13.65 -16.67 -31.61
CA MET K 329 -14.45 -16.71 -32.80
C MET K 329 -15.07 -15.33 -32.97
N PRO K 330 -15.52 -15.00 -34.19
CA PRO K 330 -16.13 -13.70 -34.45
C PRO K 330 -17.30 -13.42 -33.54
N ALA K 331 -17.53 -12.11 -33.34
CA ALA K 331 -18.62 -11.60 -32.57
C ALA K 331 -19.09 -10.34 -33.26
N PRO K 332 -20.40 -9.98 -33.20
CA PRO K 332 -21.40 -10.83 -32.55
C PRO K 332 -21.78 -12.01 -33.43
N ARG K 333 -22.84 -12.77 -33.05
CA ARG K 333 -23.30 -13.90 -33.84
C ARG K 333 -24.57 -13.51 -34.61
N PHE K 334 -24.76 -14.18 -35.76
CA PHE K 334 -25.88 -13.85 -36.65
C PHE K 334 -26.68 -15.12 -36.95
N SER K 335 -28.03 -15.05 -36.98
CA SER K 335 -28.85 -16.25 -37.15
C SER K 335 -28.81 -16.74 -38.60
N ARG K 336 -28.89 -15.81 -39.58
CA ARG K 336 -29.06 -16.23 -40.97
C ARG K 336 -27.71 -16.23 -41.69
N THR K 337 -26.97 -15.11 -41.64
CA THR K 337 -25.67 -15.05 -42.29
C THR K 337 -24.53 -15.18 -41.28
N ALA K 338 -24.28 -16.42 -40.87
CA ALA K 338 -23.34 -16.73 -39.80
C ALA K 338 -21.92 -16.68 -40.32
N SER K 339 -21.04 -16.12 -39.49
CA SER K 339 -19.63 -16.00 -39.80
C SER K 339 -19.03 -17.39 -39.79
N SER K 340 -17.90 -17.58 -40.46
CA SER K 340 -17.19 -18.83 -40.30
C SER K 340 -15.92 -18.62 -39.48
N GLN K 341 -15.29 -19.75 -39.15
CA GLN K 341 -13.97 -19.79 -38.53
C GLN K 341 -12.99 -18.94 -39.34
N PRO K 342 -12.28 -17.97 -38.72
CA PRO K 342 -11.32 -17.15 -39.48
C PRO K 342 -10.30 -17.96 -40.27
N ARG K 343 -9.89 -17.39 -41.40
CA ARG K 343 -8.78 -17.94 -42.16
C ARG K 343 -7.48 -17.38 -41.55
N PRO K 344 -6.48 -18.25 -41.29
CA PRO K 344 -5.21 -17.80 -40.73
C PRO K 344 -4.55 -16.85 -41.72
N PRO K 345 -3.73 -15.87 -41.28
CA PRO K 345 -3.17 -14.89 -42.21
C PRO K 345 -2.40 -15.55 -43.37
N ALA K 346 -2.67 -15.07 -44.59
CA ALA K 346 -2.23 -15.78 -45.78
C ALA K 346 -0.83 -15.30 -46.17
N ALA K 347 -0.15 -16.10 -47.00
CA ALA K 347 1.10 -15.69 -47.65
C ALA K 347 0.87 -14.46 -48.53
N THR K 348 1.93 -13.64 -48.68
CA THR K 348 1.84 -12.39 -49.43
C THR K 348 1.32 -12.68 -50.84
N ILE K 349 0.17 -12.13 -51.16
CA ILE K 349 -0.43 -12.21 -52.48
C ILE K 349 0.12 -11.04 -53.31
N ASP K 350 0.02 -11.14 -54.64
CA ASP K 350 0.43 -10.08 -55.56
C ASP K 350 -0.77 -9.19 -55.87
N ILE K 351 -0.53 -7.88 -55.90
CA ILE K 351 -1.58 -6.88 -56.03
C ILE K 351 -2.26 -6.95 -57.41
N GLU K 352 -1.51 -7.37 -58.44
CA GLU K 352 -2.07 -7.56 -59.76
C GLU K 352 -3.17 -8.61 -59.70
N ALA K 353 -2.86 -9.78 -59.10
CA ALA K 353 -3.79 -10.89 -58.97
C ALA K 353 -5.11 -10.50 -58.29
N VAL K 354 -5.06 -9.50 -57.39
CA VAL K 354 -6.23 -9.02 -56.67
C VAL K 354 -7.08 -8.17 -57.61
N LEU K 355 -6.46 -7.23 -58.33
CA LEU K 355 -7.15 -6.37 -59.30
C LEU K 355 -7.84 -7.18 -60.39
N THR K 356 -7.14 -8.19 -60.91
CA THR K 356 -7.76 -9.25 -61.71
C THR K 356 -9.12 -9.59 -61.08
N ASP K 357 -9.06 -10.25 -59.93
CA ASP K 357 -10.20 -10.90 -59.29
C ASP K 357 -11.26 -9.88 -58.87
N TRP K 358 -10.88 -8.63 -58.60
CA TRP K 358 -11.84 -7.54 -58.44
C TRP K 358 -12.18 -6.92 -59.80
N ASP K 359 -13.10 -7.57 -60.53
CA ASP K 359 -13.75 -7.04 -61.73
C ASP K 359 -12.79 -7.00 -62.93
N GLY K 360 -11.83 -6.07 -62.91
CA GLY K 360 -10.92 -5.90 -64.03
C GLY K 360 -9.46 -5.90 -63.59
N MET L 1 -33.48 14.99 -38.70
CA MET L 1 -32.55 14.46 -37.65
C MET L 1 -31.14 14.31 -38.23
N ALA L 2 -30.16 15.03 -37.66
CA ALA L 2 -28.78 15.07 -38.19
C ALA L 2 -28.07 13.74 -37.94
N GLY L 3 -27.16 13.38 -38.85
CA GLY L 3 -26.20 12.32 -38.64
C GLY L 3 -26.40 11.26 -39.69
N PRO L 4 -25.47 10.30 -39.86
CA PRO L 4 -25.60 9.29 -40.92
C PRO L 4 -26.71 8.24 -40.76
N LEU L 5 -27.28 8.16 -39.56
CA LEU L 5 -28.26 7.12 -39.31
C LEU L 5 -29.66 7.69 -39.45
N SER L 6 -29.76 8.98 -39.82
CA SER L 6 -31.04 9.61 -40.08
C SER L 6 -32.01 8.67 -40.83
N GLY L 7 -33.25 8.56 -40.35
CA GLY L 7 -34.20 7.66 -40.98
C GLY L 7 -34.20 6.23 -40.44
N LEU L 8 -33.18 5.82 -39.66
CA LEU L 8 -33.20 4.50 -39.04
C LEU L 8 -34.16 4.57 -37.84
N ARG L 9 -35.04 3.56 -37.76
CA ARG L 9 -36.03 3.45 -36.71
C ARG L 9 -35.71 2.28 -35.78
N VAL L 10 -35.65 2.62 -34.48
CA VAL L 10 -35.17 1.67 -33.49
C VAL L 10 -36.16 1.64 -32.33
N VAL L 11 -36.48 0.40 -31.94
CA VAL L 11 -37.24 0.16 -30.74
C VAL L 11 -36.33 -0.49 -29.71
N GLU L 12 -36.27 0.15 -28.55
CA GLU L 12 -35.44 -0.32 -27.45
C GLU L 12 -36.35 -0.79 -26.30
N LEU L 13 -36.26 -2.08 -25.93
CA LEU L 13 -36.89 -2.54 -24.68
C LEU L 13 -35.98 -2.20 -23.48
N ALA L 14 -36.43 -1.25 -22.66
CA ALA L 14 -35.66 -0.72 -21.54
C ALA L 14 -35.04 -1.84 -20.71
N GLY L 15 -33.70 -1.80 -20.65
CA GLY L 15 -32.89 -2.67 -19.80
C GLY L 15 -31.80 -1.86 -19.09
N ILE L 16 -30.71 -2.52 -18.70
CA ILE L 16 -29.62 -1.76 -18.11
C ILE L 16 -28.32 -2.11 -18.82
N GLY L 17 -27.38 -1.16 -18.80
CA GLY L 17 -26.02 -1.44 -19.23
C GLY L 17 -25.84 -1.30 -20.74
N PRO L 18 -25.45 -2.37 -21.43
CA PRO L 18 -25.08 -2.26 -22.84
C PRO L 18 -26.22 -1.85 -23.77
N GLY L 19 -27.42 -2.41 -23.54
CA GLY L 19 -28.58 -2.14 -24.38
C GLY L 19 -28.83 -0.65 -24.51
N PRO L 20 -29.00 0.09 -23.41
CA PRO L 20 -29.19 1.54 -23.48
C PRO L 20 -28.00 2.31 -24.07
N HIS L 21 -26.80 1.79 -23.90
CA HIS L 21 -25.64 2.50 -24.40
C HIS L 21 -25.64 2.40 -25.93
N ALA L 22 -25.87 1.18 -26.45
CA ALA L 22 -26.07 0.99 -27.89
C ALA L 22 -27.18 1.91 -28.40
N ALA L 23 -28.33 1.93 -27.73
CA ALA L 23 -29.45 2.72 -28.22
C ALA L 23 -29.05 4.19 -28.27
N MET L 24 -28.28 4.62 -27.27
CA MET L 24 -27.86 6.02 -27.16
C MET L 24 -26.99 6.41 -28.36
N ILE L 25 -26.05 5.54 -28.73
CA ILE L 25 -25.15 5.80 -29.84
C ILE L 25 -25.92 5.82 -31.16
N LEU L 26 -26.86 4.90 -31.35
CA LEU L 26 -27.73 4.95 -32.52
C LEU L 26 -28.43 6.29 -32.59
N GLY L 27 -29.05 6.71 -31.50
CA GLY L 27 -29.74 7.99 -31.51
C GLY L 27 -28.78 9.17 -31.72
N ASP L 28 -27.55 9.05 -31.20
CA ASP L 28 -26.55 10.12 -31.25
C ASP L 28 -26.27 10.44 -32.71
N LEU L 29 -26.19 9.36 -33.52
CA LEU L 29 -25.85 9.35 -34.93
C LEU L 29 -27.03 9.56 -35.90
N GLY L 30 -28.18 10.01 -35.37
CA GLY L 30 -29.30 10.36 -36.23
C GLY L 30 -30.54 9.46 -36.13
N ALA L 31 -30.40 8.19 -35.71
CA ALA L 31 -31.52 7.27 -35.64
C ALA L 31 -32.67 7.79 -34.77
N ASP L 32 -33.86 7.26 -35.13
CA ASP L 32 -35.12 7.52 -34.45
C ASP L 32 -35.39 6.41 -33.45
N VAL L 33 -35.12 6.69 -32.17
CA VAL L 33 -35.05 5.63 -31.19
C VAL L 33 -36.24 5.78 -30.26
N VAL L 34 -37.04 4.71 -30.15
CA VAL L 34 -38.18 4.74 -29.25
C VAL L 34 -37.97 3.66 -28.19
N ARG L 35 -38.02 4.12 -26.94
CA ARG L 35 -37.65 3.30 -25.81
C ARG L 35 -38.93 2.95 -25.04
N ILE L 36 -39.25 1.66 -24.99
CA ILE L 36 -40.43 1.20 -24.27
C ILE L 36 -39.98 0.81 -22.86
N ASP L 37 -40.48 1.53 -21.83
CA ASP L 37 -40.24 1.19 -20.43
C ASP L 37 -41.55 0.69 -19.79
N ARG L 38 -41.50 0.33 -18.50
CA ARG L 38 -42.69 0.01 -17.70
C ARG L 38 -43.31 1.28 -17.13
N PRO L 39 -44.65 1.36 -16.99
CA PRO L 39 -45.30 2.41 -16.19
C PRO L 39 -44.64 2.52 -14.81
N SER L 40 -44.50 1.39 -14.10
CA SER L 40 -43.83 1.31 -12.80
C SER L 40 -42.64 2.28 -12.74
N SER L 41 -41.68 2.12 -13.65
CA SER L 41 -40.32 2.59 -13.37
C SER L 41 -40.03 3.98 -13.95
N VAL L 42 -40.99 4.61 -14.64
CA VAL L 42 -40.79 5.96 -15.18
C VAL L 42 -41.62 6.97 -14.38
N ASP L 43 -40.98 8.06 -13.94
CA ASP L 43 -41.60 8.97 -13.00
C ASP L 43 -41.09 10.40 -13.21
N GLY L 44 -41.48 11.02 -14.34
CA GLY L 44 -41.09 12.38 -14.70
C GLY L 44 -40.05 12.41 -15.83
N ILE L 45 -39.33 13.52 -15.95
CA ILE L 45 -38.21 13.61 -16.89
C ILE L 45 -36.99 12.91 -16.26
N SER L 46 -36.33 12.01 -17.00
CA SER L 46 -35.24 11.19 -16.47
C SER L 46 -33.92 11.95 -16.47
N ARG L 47 -33.20 11.94 -15.33
CA ARG L 47 -31.93 12.65 -15.22
C ARG L 47 -30.73 11.76 -15.58
N ASP L 48 -30.96 10.56 -16.16
CA ASP L 48 -29.87 9.76 -16.71
C ASP L 48 -29.55 10.22 -18.14
N ALA L 49 -28.36 10.86 -18.29
CA ALA L 49 -27.95 11.45 -19.56
C ALA L 49 -27.70 10.37 -20.60
N MET L 50 -27.62 9.09 -20.16
CA MET L 50 -27.53 8.00 -21.11
C MET L 50 -28.84 7.86 -21.89
N LEU L 51 -29.93 8.48 -21.42
CA LEU L 51 -31.21 8.35 -22.10
C LEU L 51 -31.44 9.52 -23.06
N ARG L 52 -30.35 10.15 -23.49
CA ARG L 52 -30.42 11.23 -24.45
C ARG L 52 -30.78 10.66 -25.82
N ASN L 53 -31.34 11.50 -26.70
CA ASN L 53 -31.62 11.17 -28.09
C ASN L 53 -32.67 10.05 -28.17
N ARG L 54 -33.74 10.18 -27.37
CA ARG L 54 -34.78 9.17 -27.29
C ARG L 54 -36.16 9.81 -27.35
N ARG L 55 -37.15 9.01 -27.76
CA ARG L 55 -38.51 9.16 -27.24
C ARG L 55 -38.84 8.00 -26.31
N ILE L 56 -39.33 8.33 -25.11
CA ILE L 56 -39.68 7.36 -24.09
C ILE L 56 -41.19 7.12 -24.11
N VAL L 57 -41.61 5.85 -24.16
CA VAL L 57 -43.00 5.47 -23.99
C VAL L 57 -43.10 4.36 -22.94
N THR L 58 -44.32 4.11 -22.45
CA THR L 58 -44.55 3.10 -21.42
C THR L 58 -45.64 2.13 -21.88
N ALA L 59 -45.54 0.90 -21.41
CA ALA L 59 -46.38 -0.19 -21.87
C ALA L 59 -46.17 -1.37 -20.93
N ASP L 60 -47.30 -1.87 -20.39
CA ASP L 60 -47.26 -3.12 -19.67
C ASP L 60 -47.31 -4.26 -20.68
N LEU L 61 -46.16 -4.86 -20.96
CA LEU L 61 -46.06 -5.84 -22.02
C LEU L 61 -46.66 -7.19 -21.61
N LYS L 62 -47.07 -7.33 -20.34
CA LYS L 62 -47.85 -8.49 -19.93
C LYS L 62 -49.35 -8.31 -20.16
N SER L 63 -49.84 -7.07 -20.30
CA SER L 63 -51.23 -6.84 -20.70
C SER L 63 -51.35 -7.07 -22.20
N ASP L 64 -52.57 -7.38 -22.66
CA ASP L 64 -52.83 -7.62 -24.06
C ASP L 64 -52.66 -6.34 -24.88
N GLN L 65 -53.05 -5.19 -24.31
CA GLN L 65 -52.95 -3.92 -25.00
C GLN L 65 -51.47 -3.54 -25.18
N GLY L 66 -50.70 -3.65 -24.10
CA GLY L 66 -49.28 -3.40 -24.13
C GLY L 66 -48.60 -4.16 -25.25
N LEU L 67 -48.82 -5.48 -25.30
CA LEU L 67 -48.16 -6.32 -26.28
C LEU L 67 -48.51 -5.91 -27.71
N GLU L 68 -49.81 -5.66 -27.95
CA GLU L 68 -50.29 -5.31 -29.28
C GLU L 68 -49.64 -4.00 -29.73
N LEU L 69 -49.66 -2.97 -28.87
CA LEU L 69 -49.04 -1.67 -29.15
C LEU L 69 -47.56 -1.82 -29.49
N ALA L 70 -46.80 -2.59 -28.69
CA ALA L 70 -45.39 -2.81 -28.95
C ALA L 70 -45.20 -3.52 -30.30
N LEU L 71 -46.07 -4.49 -30.64
CA LEU L 71 -45.92 -5.24 -31.88
C LEU L 71 -46.20 -4.31 -33.07
N LYS L 72 -46.99 -3.26 -32.84
CA LYS L 72 -47.26 -2.30 -33.90
C LYS L 72 -46.04 -1.41 -34.16
N LEU L 73 -45.38 -0.94 -33.09
CA LEU L 73 -44.15 -0.18 -33.22
C LEU L 73 -43.12 -1.01 -33.95
N ILE L 74 -42.93 -2.25 -33.48
CA ILE L 74 -41.95 -3.15 -34.07
C ILE L 74 -42.19 -3.42 -35.55
N ALA L 75 -43.46 -3.46 -35.98
CA ALA L 75 -43.84 -3.67 -37.38
C ALA L 75 -43.30 -2.55 -38.26
N LYS L 76 -43.31 -1.32 -37.74
CA LYS L 76 -42.80 -0.17 -38.46
C LYS L 76 -41.31 0.11 -38.21
N ALA L 77 -40.55 -0.73 -37.45
CA ALA L 77 -39.19 -0.37 -37.07
C ALA L 77 -38.17 -1.13 -37.90
N ASP L 78 -36.91 -0.66 -37.92
CA ASP L 78 -35.83 -1.40 -38.56
C ASP L 78 -35.12 -2.32 -37.59
N VAL L 79 -35.09 -1.90 -36.32
CA VAL L 79 -34.27 -2.57 -35.32
C VAL L 79 -35.04 -2.65 -34.00
N LEU L 80 -34.93 -3.84 -33.40
CA LEU L 80 -35.33 -4.05 -32.01
C LEU L 80 -34.10 -4.41 -31.15
N ILE L 81 -33.96 -3.69 -30.01
CA ILE L 81 -32.99 -3.98 -28.95
C ILE L 81 -33.68 -4.48 -27.68
N GLU L 82 -33.26 -5.67 -27.21
CA GLU L 82 -33.69 -6.20 -25.92
C GLU L 82 -32.46 -6.76 -25.18
N GLY L 83 -32.42 -6.56 -23.84
CA GLY L 83 -31.30 -7.04 -23.06
C GLY L 83 -31.73 -7.82 -21.80
N TYR L 84 -32.85 -8.55 -21.89
CA TYR L 84 -33.33 -9.37 -20.80
C TYR L 84 -32.62 -10.71 -20.87
N ARG L 85 -32.87 -11.56 -19.88
CA ARG L 85 -32.39 -12.92 -19.97
C ARG L 85 -32.99 -13.59 -21.20
N PRO L 86 -32.29 -14.60 -21.77
CA PRO L 86 -32.84 -15.40 -22.85
C PRO L 86 -34.14 -16.03 -22.35
N GLY L 87 -35.15 -16.04 -23.22
CA GLY L 87 -36.46 -16.61 -22.90
C GLY L 87 -37.46 -15.52 -22.60
N VAL L 88 -37.00 -14.36 -22.14
CA VAL L 88 -37.95 -13.39 -21.62
C VAL L 88 -38.83 -12.86 -22.73
N THR L 89 -38.24 -12.38 -23.84
CA THR L 89 -39.06 -11.82 -24.91
C THR L 89 -39.98 -12.90 -25.46
N GLU L 90 -39.50 -14.14 -25.54
CA GLU L 90 -40.32 -15.25 -26.01
C GLU L 90 -41.60 -15.36 -25.18
N ARG L 91 -41.47 -15.53 -23.86
CA ARG L 91 -42.60 -15.62 -22.95
C ARG L 91 -43.54 -14.44 -23.14
N LEU L 92 -43.02 -13.22 -23.28
CA LEU L 92 -43.89 -12.05 -23.43
C LEU L 92 -44.60 -12.04 -24.78
N GLY L 93 -44.20 -12.87 -25.75
CA GLY L 93 -44.80 -12.78 -27.09
C GLY L 93 -44.12 -11.76 -28.02
N LEU L 94 -42.87 -11.40 -27.67
CA LEU L 94 -42.08 -10.44 -28.46
C LEU L 94 -40.79 -11.11 -28.90
N GLY L 95 -40.77 -12.45 -28.92
CA GLY L 95 -39.64 -13.24 -29.36
C GLY L 95 -39.32 -12.96 -30.83
N PRO L 96 -38.15 -13.40 -31.33
CA PRO L 96 -37.78 -13.17 -32.72
C PRO L 96 -38.86 -13.75 -33.64
N GLU L 97 -39.41 -14.92 -33.31
CA GLU L 97 -40.34 -15.55 -34.24
C GLU L 97 -41.67 -14.79 -34.34
N GLU L 98 -42.14 -14.21 -33.24
CA GLU L 98 -43.36 -13.42 -33.28
C GLU L 98 -43.14 -12.13 -34.04
N CYS L 99 -41.93 -11.57 -33.88
CA CYS L 99 -41.59 -10.31 -34.55
C CYS L 99 -41.43 -10.53 -36.07
N ALA L 100 -40.85 -11.67 -36.46
CA ALA L 100 -40.69 -12.04 -37.86
C ALA L 100 -42.04 -12.14 -38.56
N LYS L 101 -43.10 -12.46 -37.79
CA LYS L 101 -44.42 -12.55 -38.39
C LYS L 101 -44.92 -11.17 -38.73
N VAL L 102 -44.53 -10.12 -38.00
CA VAL L 102 -45.09 -8.82 -38.36
C VAL L 102 -44.09 -7.97 -39.16
N ASN L 103 -42.86 -8.44 -39.35
CA ASN L 103 -41.82 -7.59 -39.97
C ASN L 103 -40.56 -8.39 -40.25
N ASP L 104 -40.46 -8.97 -41.46
CA ASP L 104 -39.36 -9.87 -41.74
C ASP L 104 -38.10 -9.07 -42.15
N ARG L 105 -38.17 -7.73 -42.08
CA ARG L 105 -37.02 -6.87 -42.33
C ARG L 105 -36.32 -6.46 -41.02
N LEU L 106 -36.87 -6.88 -39.87
CA LEU L 106 -36.42 -6.41 -38.57
C LEU L 106 -35.04 -6.97 -38.26
N ILE L 107 -34.17 -6.09 -37.74
CA ILE L 107 -32.95 -6.57 -37.09
C ILE L 107 -33.26 -6.75 -35.60
N TYR L 108 -33.16 -8.00 -35.16
CA TYR L 108 -33.57 -8.39 -33.81
C TYR L 108 -32.28 -8.55 -32.99
N ALA L 109 -31.99 -7.53 -32.18
CA ALA L 109 -30.68 -7.43 -31.51
C ALA L 109 -30.77 -7.83 -30.03
N ARG L 110 -30.16 -8.97 -29.71
CA ARG L 110 -30.21 -9.58 -28.40
C ARG L 110 -28.88 -9.37 -27.64
N MET L 111 -28.94 -8.50 -26.62
CA MET L 111 -27.81 -8.10 -25.79
C MET L 111 -27.80 -8.89 -24.48
N THR L 112 -26.86 -9.83 -24.30
CA THR L 112 -26.73 -10.50 -23.01
C THR L 112 -25.27 -10.50 -22.59
N GLY L 113 -25.01 -11.10 -21.43
CA GLY L 113 -23.65 -11.30 -20.96
C GLY L 113 -23.14 -12.66 -21.39
N TRP L 114 -23.94 -13.67 -21.06
CA TRP L 114 -23.51 -15.05 -21.15
C TRP L 114 -23.86 -15.68 -22.50
N GLY L 115 -24.79 -15.07 -23.21
CA GLY L 115 -25.26 -15.67 -24.46
C GLY L 115 -26.66 -16.27 -24.32
N GLN L 116 -27.12 -16.89 -25.41
CA GLN L 116 -28.50 -17.34 -25.53
C GLN L 116 -28.64 -18.76 -25.00
N THR L 117 -27.54 -19.51 -25.00
CA THR L 117 -27.53 -20.89 -24.54
C THR L 117 -26.33 -21.06 -23.61
N GLY L 118 -26.24 -22.23 -23.00
CA GLY L 118 -25.09 -22.61 -22.20
C GLY L 118 -25.45 -22.65 -20.73
N PRO L 119 -24.60 -23.29 -19.90
CA PRO L 119 -24.93 -23.56 -18.50
C PRO L 119 -25.03 -22.31 -17.63
N ARG L 120 -24.40 -21.20 -18.04
CA ARG L 120 -24.58 -19.98 -17.27
C ARG L 120 -25.62 -19.05 -17.87
N SER L 121 -26.39 -19.50 -18.86
CA SER L 121 -27.21 -18.57 -19.62
C SER L 121 -28.34 -17.90 -18.82
N GLN L 122 -28.76 -18.48 -17.68
CA GLN L 122 -29.87 -17.89 -16.93
C GLN L 122 -29.40 -17.20 -15.64
N GLN L 123 -28.09 -17.18 -15.42
CA GLN L 123 -27.50 -16.57 -14.25
C GLN L 123 -27.41 -15.04 -14.40
N ALA L 124 -27.92 -14.31 -13.41
CA ALA L 124 -27.74 -12.87 -13.36
C ALA L 124 -26.26 -12.55 -13.35
N GLY L 125 -25.93 -11.31 -13.68
CA GLY L 125 -24.54 -10.92 -13.72
C GLY L 125 -24.37 -9.46 -14.06
N HIS L 126 -23.13 -8.99 -13.82
CA HIS L 126 -22.68 -7.69 -14.30
C HIS L 126 -21.35 -7.85 -15.02
N ASP L 127 -20.86 -6.72 -15.51
CA ASP L 127 -19.61 -6.62 -16.25
C ASP L 127 -18.50 -7.46 -15.62
N ILE L 128 -18.27 -7.26 -14.33
CA ILE L 128 -17.16 -7.91 -13.64
C ILE L 128 -17.26 -9.44 -13.74
N ASN L 129 -18.49 -9.96 -13.81
CA ASN L 129 -18.71 -11.41 -13.93
C ASN L 129 -18.32 -11.94 -15.32
N TYR L 130 -18.76 -11.22 -16.35
CA TYR L 130 -18.57 -11.71 -17.71
C TYR L 130 -17.10 -11.64 -18.09
N ILE L 131 -16.36 -10.62 -17.60
CA ILE L 131 -14.92 -10.55 -17.90
C ILE L 131 -14.08 -11.45 -16.98
N SER L 132 -14.67 -12.03 -15.92
CA SER L 132 -13.92 -12.90 -15.05
C SER L 132 -13.73 -14.25 -15.71
N LEU L 133 -14.64 -14.63 -16.61
CA LEU L 133 -14.62 -16.01 -17.11
C LEU L 133 -13.72 -16.16 -18.34
N ASN L 134 -13.35 -15.07 -19.01
CA ASN L 134 -12.69 -15.21 -20.29
C ASN L 134 -11.23 -14.77 -20.19
N GLY L 135 -10.72 -14.59 -18.95
CA GLY L 135 -9.31 -14.34 -18.69
C GLY L 135 -8.95 -12.87 -18.58
N ILE L 136 -9.90 -11.96 -18.85
CA ILE L 136 -9.63 -10.52 -18.94
C ILE L 136 -9.36 -9.92 -17.56
N LEU L 137 -10.27 -10.16 -16.61
CA LEU L 137 -10.17 -9.52 -15.31
C LEU L 137 -8.89 -10.01 -14.61
N HIS L 138 -8.56 -11.29 -14.78
CA HIS L 138 -7.34 -11.83 -14.18
C HIS L 138 -6.09 -11.04 -14.64
N ALA L 139 -6.19 -10.44 -15.83
CA ALA L 139 -5.04 -9.79 -16.44
C ALA L 139 -4.87 -8.34 -16.00
N ILE L 140 -5.84 -7.80 -15.25
CA ILE L 140 -5.85 -6.40 -14.96
C ILE L 140 -5.48 -6.14 -13.49
N GLY L 141 -4.44 -5.30 -13.30
CA GLY L 141 -4.05 -4.84 -11.98
C GLY L 141 -2.58 -5.09 -11.73
N ARG L 142 -2.09 -4.65 -10.57
CA ARG L 142 -0.70 -4.93 -10.20
C ARG L 142 -0.54 -6.41 -9.85
N GLY L 143 0.70 -6.88 -9.94
CA GLY L 143 1.04 -8.27 -9.68
C GLY L 143 0.98 -8.69 -8.22
N ASP L 144 1.18 -7.77 -7.27
CA ASP L 144 1.17 -8.11 -5.85
C ASP L 144 -0.22 -7.94 -5.21
N GLU L 145 -1.29 -7.83 -6.03
CA GLU L 145 -2.61 -7.44 -5.57
C GLU L 145 -3.67 -8.24 -6.31
N ARG L 146 -4.89 -8.20 -5.81
CA ARG L 146 -5.94 -8.99 -6.44
C ARG L 146 -6.46 -8.20 -7.65
N PRO L 147 -7.05 -8.85 -8.66
CA PRO L 147 -7.40 -8.12 -9.89
C PRO L 147 -8.30 -6.95 -9.57
N VAL L 148 -8.26 -5.92 -10.42
CA VAL L 148 -9.10 -4.74 -10.20
C VAL L 148 -10.00 -4.56 -11.41
N PRO L 149 -11.29 -4.25 -11.20
CA PRO L 149 -12.20 -4.06 -12.32
C PRO L 149 -11.85 -2.77 -13.02
N PRO L 150 -11.79 -2.83 -14.37
CA PRO L 150 -11.58 -1.65 -15.20
C PRO L 150 -12.91 -0.94 -15.42
N LEU L 151 -13.45 -0.40 -14.32
CA LEU L 151 -14.85 0.02 -14.28
C LEU L 151 -15.69 -1.06 -14.97
N ASN L 152 -16.78 -0.64 -15.60
CA ASN L 152 -17.56 -1.53 -16.46
C ASN L 152 -17.32 -1.21 -17.94
N LEU L 153 -16.08 -0.96 -18.33
CA LEU L 153 -15.79 -0.44 -19.65
C LEU L 153 -15.63 -1.57 -20.65
N VAL L 154 -15.10 -2.69 -20.19
CA VAL L 154 -14.65 -3.73 -21.09
C VAL L 154 -15.78 -4.70 -21.39
N GLY L 155 -16.64 -5.00 -20.40
CA GLY L 155 -17.70 -5.97 -20.63
C GLY L 155 -18.99 -5.34 -21.18
N ASP L 156 -19.56 -4.40 -20.45
CA ASP L 156 -20.75 -3.68 -20.85
C ASP L 156 -20.57 -2.95 -22.18
N PHE L 157 -19.48 -2.19 -22.33
CA PHE L 157 -19.50 -1.18 -23.38
C PHE L 157 -18.58 -1.58 -24.51
N GLY L 158 -17.27 -1.66 -24.26
CA GLY L 158 -16.37 -2.06 -25.30
C GLY L 158 -16.73 -3.41 -25.90
N GLY L 159 -17.01 -4.39 -25.02
CA GLY L 159 -17.18 -5.77 -25.44
C GLY L 159 -18.66 -6.17 -25.57
N GLY L 160 -19.56 -5.19 -25.43
CA GLY L 160 -20.98 -5.43 -25.22
C GLY L 160 -21.80 -4.59 -26.17
N SER L 161 -22.12 -3.35 -25.76
CA SER L 161 -22.86 -2.42 -26.58
C SER L 161 -22.22 -2.26 -27.96
N MET L 162 -20.88 -2.21 -28.02
CA MET L 162 -20.20 -1.84 -29.24
C MET L 162 -20.31 -2.95 -30.27
N PHE L 163 -20.30 -4.21 -29.80
CA PHE L 163 -20.51 -5.35 -30.67
C PHE L 163 -21.98 -5.46 -31.11
N LEU L 164 -22.92 -5.11 -30.23
CA LEU L 164 -24.31 -5.03 -30.63
C LEU L 164 -24.43 -4.07 -31.79
N LEU L 165 -23.82 -2.88 -31.67
CA LEU L 165 -23.85 -1.87 -32.71
C LEU L 165 -23.28 -2.37 -34.03
N VAL L 166 -22.14 -3.07 -33.97
CA VAL L 166 -21.49 -3.54 -35.18
C VAL L 166 -22.38 -4.60 -35.83
N GLY L 167 -23.02 -5.43 -34.99
CA GLY L 167 -23.95 -6.45 -35.45
C GLY L 167 -25.19 -5.84 -36.11
N ILE L 168 -25.83 -4.89 -35.43
CA ILE L 168 -26.96 -4.18 -35.98
C ILE L 168 -26.58 -3.62 -37.35
N LEU L 169 -25.47 -2.89 -37.41
CA LEU L 169 -25.15 -2.12 -38.60
C LEU L 169 -24.70 -3.08 -39.68
N ALA L 170 -24.03 -4.17 -39.34
CA ALA L 170 -23.64 -5.15 -40.34
C ALA L 170 -24.88 -5.84 -40.93
N ALA L 171 -25.85 -6.19 -40.09
CA ALA L 171 -27.06 -6.86 -40.54
C ALA L 171 -27.88 -5.92 -41.44
N LEU L 172 -27.84 -4.61 -41.16
CA LEU L 172 -28.50 -3.64 -42.01
C LEU L 172 -27.82 -3.60 -43.39
N TRP L 173 -26.49 -3.68 -43.42
CA TRP L 173 -25.80 -3.71 -44.70
C TRP L 173 -26.29 -4.89 -45.49
N GLU L 174 -26.32 -6.06 -44.83
CA GLU L 174 -26.73 -7.31 -45.43
C GLU L 174 -28.17 -7.20 -45.92
N ARG L 175 -29.05 -6.56 -45.14
CA ARG L 175 -30.46 -6.44 -45.49
C ARG L 175 -30.61 -5.64 -46.78
N GLN L 176 -29.60 -4.83 -47.14
CA GLN L 176 -29.70 -3.96 -48.30
C GLN L 176 -29.80 -4.79 -49.57
N SER L 177 -29.20 -5.97 -49.60
CA SER L 177 -29.30 -6.79 -50.78
C SER L 177 -30.28 -7.97 -50.60
N SER L 178 -30.52 -8.47 -49.37
CA SER L 178 -31.25 -9.72 -49.18
C SER L 178 -32.75 -9.48 -49.04
N GLY L 179 -33.13 -8.23 -48.70
CA GLY L 179 -34.49 -7.86 -48.35
C GLY L 179 -34.89 -8.26 -46.92
N LYS L 180 -34.05 -9.08 -46.26
CA LYS L 180 -34.37 -9.70 -44.97
C LYS L 180 -33.52 -9.18 -43.81
N GLY L 181 -34.17 -9.02 -42.63
CA GLY L 181 -33.52 -8.91 -41.35
C GLY L 181 -33.05 -10.28 -40.84
N GLN L 182 -32.70 -10.32 -39.53
CA GLN L 182 -32.22 -11.52 -38.86
C GLN L 182 -31.96 -11.18 -37.37
N VAL L 183 -31.52 -12.21 -36.64
CA VAL L 183 -31.20 -12.07 -35.23
C VAL L 183 -29.69 -11.83 -35.05
N VAL L 184 -29.36 -10.83 -34.23
CA VAL L 184 -28.01 -10.56 -33.77
C VAL L 184 -27.87 -10.98 -32.31
N ASP L 185 -26.96 -11.91 -32.03
CA ASP L 185 -26.73 -12.36 -30.65
C ASP L 185 -25.37 -11.85 -30.17
N ALA L 186 -25.41 -10.73 -29.40
CA ALA L 186 -24.22 -10.10 -28.84
C ALA L 186 -24.12 -10.42 -27.35
N ALA L 187 -23.14 -11.28 -27.02
CA ALA L 187 -22.82 -11.69 -25.66
C ALA L 187 -21.50 -11.03 -25.22
N MET L 188 -21.50 -10.42 -24.02
CA MET L 188 -20.35 -9.69 -23.51
C MET L 188 -19.14 -10.61 -23.33
N VAL L 189 -19.37 -11.87 -23.02
CA VAL L 189 -18.27 -12.80 -22.87
C VAL L 189 -17.60 -13.10 -24.21
N ASP L 190 -18.35 -13.01 -25.32
CA ASP L 190 -17.81 -13.21 -26.67
C ASP L 190 -17.11 -11.93 -27.17
N GLY L 191 -17.83 -10.80 -27.17
CA GLY L 191 -17.34 -9.51 -27.64
C GLY L 191 -16.06 -9.04 -26.95
N SER L 192 -16.00 -9.19 -25.61
CA SER L 192 -14.86 -8.76 -24.83
C SER L 192 -13.68 -9.67 -25.14
N SER L 193 -13.95 -10.92 -25.53
CA SER L 193 -12.92 -11.83 -26.00
C SER L 193 -12.31 -11.34 -27.32
N VAL L 194 -13.12 -10.80 -28.23
CA VAL L 194 -12.62 -10.34 -29.52
C VAL L 194 -11.91 -9.01 -29.28
N LEU L 195 -12.41 -8.29 -28.27
CA LEU L 195 -11.80 -7.03 -27.90
C LEU L 195 -10.34 -7.26 -27.51
N ILE L 196 -10.05 -8.39 -26.83
CA ILE L 196 -8.71 -8.72 -26.32
C ILE L 196 -8.01 -9.73 -27.23
N GLN L 197 -8.38 -9.77 -28.52
CA GLN L 197 -7.80 -10.71 -29.46
C GLN L 197 -6.27 -10.59 -29.48
N MET L 198 -5.76 -9.38 -29.33
CA MET L 198 -4.32 -9.12 -29.40
C MET L 198 -3.57 -9.96 -28.37
N MET L 199 -4.10 -10.02 -27.15
CA MET L 199 -3.46 -10.78 -26.09
C MET L 199 -3.50 -12.27 -26.40
N TRP L 200 -4.65 -12.79 -26.91
CA TRP L 200 -4.69 -14.18 -27.34
C TRP L 200 -3.64 -14.46 -28.44
N ALA L 201 -3.46 -13.50 -29.36
CA ALA L 201 -2.47 -13.64 -30.43
C ALA L 201 -1.06 -13.71 -29.86
N MET L 202 -0.72 -12.72 -29.02
CA MET L 202 0.59 -12.63 -28.38
C MET L 202 0.87 -13.85 -27.49
N ARG L 203 -0.19 -14.36 -26.84
CA ARG L 203 -0.03 -15.50 -25.95
C ARG L 203 0.43 -16.70 -26.77
N ALA L 204 -0.08 -16.77 -28.01
CA ALA L 204 0.28 -17.83 -28.94
C ALA L 204 1.77 -17.76 -29.31
N THR L 205 2.35 -16.56 -29.41
CA THR L 205 3.71 -16.43 -29.89
C THR L 205 4.71 -16.25 -28.75
N GLY L 206 4.34 -16.62 -27.52
CA GLY L 206 5.21 -16.42 -26.37
C GLY L 206 5.37 -14.97 -25.91
N MET L 207 4.54 -14.03 -26.37
CA MET L 207 4.76 -12.60 -26.13
C MET L 207 3.81 -12.03 -25.07
N TRP L 208 3.07 -12.90 -24.37
CA TRP L 208 2.18 -12.49 -23.29
C TRP L 208 2.02 -13.69 -22.36
N THR L 209 2.22 -13.50 -21.06
CA THR L 209 2.08 -14.56 -20.08
C THR L 209 0.88 -14.23 -19.18
N ASP L 210 0.39 -15.26 -18.50
CA ASP L 210 -0.80 -15.16 -17.67
C ASP L 210 -0.50 -14.46 -16.34
N THR L 211 0.79 -14.22 -16.04
CA THR L 211 1.18 -13.49 -14.84
C THR L 211 0.72 -12.03 -14.91
N ARG L 212 -0.04 -11.62 -13.91
CA ARG L 212 -0.58 -10.27 -13.89
C ARG L 212 0.57 -9.30 -13.61
N GLY L 213 0.60 -8.15 -14.28
CA GLY L 213 1.58 -7.12 -13.99
C GLY L 213 2.99 -7.38 -14.55
N ALA L 214 3.16 -8.32 -15.51
CA ALA L 214 4.49 -8.72 -15.99
C ALA L 214 4.56 -8.70 -17.51
N ASN L 215 3.80 -7.81 -18.17
CA ASN L 215 3.71 -7.80 -19.61
C ASN L 215 3.92 -6.38 -20.10
N MET L 216 3.96 -6.25 -21.43
CA MET L 216 4.32 -4.97 -22.01
C MET L 216 3.22 -3.94 -21.81
N LEU L 217 1.94 -4.37 -21.79
CA LEU L 217 0.85 -3.42 -21.79
C LEU L 217 -0.03 -3.50 -20.54
N ASP L 218 0.40 -4.21 -19.48
CA ASP L 218 -0.41 -4.33 -18.27
C ASP L 218 0.12 -3.48 -17.12
N GLY L 219 1.16 -2.67 -17.36
CA GLY L 219 1.80 -1.94 -16.28
C GLY L 219 3.14 -2.52 -15.83
N GLY L 220 3.49 -3.71 -16.29
CA GLY L 220 4.78 -4.28 -15.96
C GLY L 220 5.99 -3.70 -16.72
N ALA L 221 5.80 -3.12 -17.91
CA ALA L 221 6.92 -2.43 -18.57
C ALA L 221 7.10 -1.04 -17.96
N PRO L 222 8.32 -0.66 -17.51
CA PRO L 222 8.53 0.70 -17.00
C PRO L 222 8.22 1.85 -17.96
N TYR L 223 8.20 1.58 -19.28
CA TYR L 223 7.91 2.59 -20.30
C TYR L 223 6.44 2.56 -20.74
N TYR L 224 5.63 1.72 -20.09
CA TYR L 224 4.18 1.76 -20.30
C TYR L 224 3.47 1.65 -18.94
N ASP L 225 3.31 2.80 -18.26
CA ASP L 225 2.75 2.80 -16.91
C ASP L 225 2.52 4.23 -16.45
N THR L 226 1.87 4.39 -15.30
CA THR L 226 1.77 5.69 -14.68
C THR L 226 2.91 5.87 -13.69
N TYR L 227 3.22 7.14 -13.36
CA TYR L 227 4.29 7.46 -12.44
C TYR L 227 3.79 8.57 -11.54
N GLU L 228 4.09 8.47 -10.24
CA GLU L 228 3.76 9.56 -9.32
C GLU L 228 4.80 10.69 -9.43
N CYS L 229 4.31 11.93 -9.43
CA CYS L 229 5.11 13.14 -9.56
C CYS L 229 5.26 13.80 -8.19
N ALA L 230 6.03 14.89 -8.12
CA ALA L 230 6.38 15.54 -6.87
C ALA L 230 5.16 16.01 -6.08
N ASP L 231 4.09 16.40 -6.78
CA ASP L 231 2.88 16.94 -6.15
C ASP L 231 1.90 15.81 -5.79
N GLY L 232 2.26 14.54 -6.00
CA GLY L 232 1.34 13.42 -5.80
C GLY L 232 0.32 13.23 -6.93
N ARG L 233 0.34 14.02 -7.99
CA ARG L 233 -0.44 13.69 -9.19
C ARG L 233 0.38 12.75 -10.09
N TYR L 234 -0.19 12.34 -11.25
CA TYR L 234 0.44 11.29 -12.06
C TYR L 234 0.62 11.69 -13.51
N VAL L 235 1.64 11.08 -14.15
CA VAL L 235 1.77 11.07 -15.59
C VAL L 235 1.64 9.64 -16.09
N ALA L 236 1.23 9.56 -17.35
CA ALA L 236 1.24 8.33 -18.11
C ALA L 236 2.37 8.37 -19.12
N VAL L 237 3.03 7.23 -19.22
CA VAL L 237 4.10 6.99 -20.15
C VAL L 237 3.70 5.83 -21.03
N GLY L 238 3.77 6.02 -22.35
CA GLY L 238 3.52 4.95 -23.30
C GLY L 238 4.59 4.85 -24.39
N ALA L 239 5.83 5.07 -23.99
CA ALA L 239 6.92 5.15 -24.94
C ALA L 239 7.39 3.77 -25.36
N ILE L 240 6.58 3.11 -26.20
CA ILE L 240 6.90 1.76 -26.65
C ILE L 240 8.06 1.78 -27.66
N GLU L 241 7.94 2.62 -28.69
CA GLU L 241 8.90 2.63 -29.80
C GLU L 241 10.23 3.23 -29.32
N PRO L 242 11.36 2.60 -29.68
CA PRO L 242 12.66 3.06 -29.22
C PRO L 242 12.89 4.55 -29.32
N GLN L 243 12.50 5.16 -30.46
CA GLN L 243 12.74 6.59 -30.69
C GLN L 243 11.93 7.45 -29.74
N PHE L 244 10.73 7.00 -29.36
CA PHE L 244 9.88 7.78 -28.47
C PHE L 244 10.47 7.70 -27.05
N TYR L 245 10.86 6.49 -26.69
CA TYR L 245 11.50 6.23 -25.41
C TYR L 245 12.74 7.12 -25.25
N ALA L 246 13.60 7.16 -26.29
CA ALA L 246 14.83 7.94 -26.21
C ALA L 246 14.50 9.41 -26.00
N ALA L 247 13.45 9.88 -26.67
CA ALA L 247 13.00 11.25 -26.46
C ALA L 247 12.53 11.45 -25.02
N MET L 248 11.89 10.43 -24.47
CA MET L 248 11.37 10.51 -23.11
C MET L 248 12.57 10.64 -22.15
N LEU L 249 13.57 9.75 -22.30
CA LEU L 249 14.75 9.80 -21.43
C LEU L 249 15.43 11.16 -21.47
N ALA L 250 15.54 11.74 -22.67
CA ALA L 250 16.22 13.03 -22.79
C ALA L 250 15.46 14.12 -22.04
N GLY L 251 14.12 14.08 -22.01
CA GLY L 251 13.39 15.13 -21.32
C GLY L 251 13.40 14.94 -19.81
N LEU L 252 13.64 13.68 -19.39
CA LEU L 252 13.75 13.35 -17.98
C LEU L 252 15.11 13.76 -17.44
N GLY L 253 16.07 13.84 -18.36
CA GLY L 253 17.45 14.18 -18.01
C GLY L 253 18.29 12.95 -17.67
N LEU L 254 17.96 11.76 -18.19
CA LEU L 254 18.74 10.57 -17.90
C LEU L 254 19.50 10.15 -19.16
N ASP L 255 20.75 9.69 -19.03
CA ASP L 255 21.47 9.26 -20.22
C ASP L 255 21.26 7.78 -20.43
N ALA L 256 21.01 7.39 -21.68
CA ALA L 256 20.79 5.99 -22.00
C ALA L 256 21.95 5.17 -21.45
N ALA L 257 23.16 5.76 -21.45
CA ALA L 257 24.37 5.03 -21.09
C ALA L 257 24.36 4.58 -19.64
N GLU L 258 23.65 5.29 -18.76
CA GLU L 258 23.60 4.96 -17.33
C GLU L 258 22.46 3.99 -17.00
N LEU L 259 21.65 3.58 -18.01
CA LEU L 259 20.38 2.91 -17.77
C LEU L 259 20.47 1.52 -18.36
N PRO L 260 19.77 0.53 -17.83
CA PRO L 260 19.69 -0.73 -18.55
C PRO L 260 18.97 -0.60 -19.89
N PRO L 261 19.11 -1.58 -20.81
CA PRO L 261 18.37 -1.55 -22.07
C PRO L 261 16.86 -1.49 -21.84
N GLN L 262 16.15 -0.71 -22.67
CA GLN L 262 14.70 -0.55 -22.60
C GLN L 262 13.95 -1.86 -22.40
N ASN L 263 14.34 -2.93 -23.10
CA ASN L 263 13.62 -4.19 -23.11
C ASN L 263 14.44 -5.37 -22.57
N ASP L 264 15.45 -5.10 -21.73
CA ASP L 264 16.02 -6.14 -20.89
C ASP L 264 15.16 -6.28 -19.63
N ARG L 265 14.21 -7.23 -19.68
CA ARG L 265 13.18 -7.42 -18.67
C ARG L 265 13.77 -7.82 -17.32
N ALA L 266 14.89 -8.55 -17.32
CA ALA L 266 15.52 -8.93 -16.08
C ALA L 266 15.98 -7.70 -15.29
N ARG L 267 16.10 -6.55 -15.96
CA ARG L 267 16.60 -5.35 -15.31
C ARG L 267 15.54 -4.25 -15.24
N TRP L 268 14.30 -4.59 -15.54
CA TRP L 268 13.19 -3.65 -15.43
C TRP L 268 13.09 -3.08 -14.00
N PRO L 269 13.31 -3.87 -12.92
CA PRO L 269 13.32 -3.32 -11.57
C PRO L 269 14.26 -2.12 -11.39
N GLU L 270 15.51 -2.24 -11.87
CA GLU L 270 16.42 -1.10 -11.84
C GLU L 270 15.86 0.03 -12.71
N LEU L 271 15.46 -0.31 -13.94
CA LEU L 271 14.94 0.69 -14.85
C LEU L 271 13.79 1.46 -14.21
N ARG L 272 12.86 0.73 -13.60
CA ARG L 272 11.70 1.37 -12.99
C ARG L 272 12.11 2.26 -11.82
N ALA L 273 13.08 1.85 -11.02
CA ALA L 273 13.59 2.71 -9.95
C ALA L 273 14.15 4.02 -10.50
N LEU L 274 14.85 3.98 -11.64
CA LEU L 274 15.45 5.19 -12.16
C LEU L 274 14.40 6.15 -12.70
N LEU L 275 13.42 5.60 -13.42
CA LEU L 275 12.35 6.42 -13.97
C LEU L 275 11.50 6.98 -12.86
N THR L 276 11.26 6.17 -11.80
CA THR L 276 10.43 6.57 -10.68
C THR L 276 11.00 7.84 -10.05
N GLU L 277 12.32 7.80 -9.78
CA GLU L 277 12.99 8.91 -9.12
C GLU L 277 12.94 10.16 -10.00
N ALA L 278 13.22 10.02 -11.30
CA ALA L 278 13.17 11.18 -12.18
C ALA L 278 11.78 11.82 -12.22
N PHE L 279 10.69 11.03 -12.42
CA PHE L 279 9.36 11.61 -12.48
C PHE L 279 8.95 12.24 -11.16
N ALA L 280 9.41 11.65 -10.05
CA ALA L 280 9.06 12.13 -8.72
C ALA L 280 9.71 13.48 -8.41
N SER L 281 10.72 13.89 -9.17
CA SER L 281 11.46 15.09 -8.85
C SER L 281 10.79 16.36 -9.40
N HIS L 282 9.69 16.29 -10.15
CA HIS L 282 8.96 17.50 -10.57
C HIS L 282 7.48 17.18 -10.57
N ASP L 283 6.64 18.22 -10.63
CA ASP L 283 5.21 18.03 -10.51
C ASP L 283 4.63 17.73 -11.89
N ARG L 284 3.39 17.27 -11.90
CA ARG L 284 2.77 16.78 -13.12
C ARG L 284 2.78 17.88 -14.17
N ASP L 285 2.47 19.12 -13.78
CA ASP L 285 2.27 20.18 -14.75
C ASP L 285 3.62 20.57 -15.35
N HIS L 286 4.70 20.39 -14.60
CA HIS L 286 6.01 20.56 -15.20
C HIS L 286 6.18 19.57 -16.35
N TRP L 287 5.94 18.28 -16.09
CA TRP L 287 6.17 17.31 -17.16
C TRP L 287 5.29 17.60 -18.37
N GLY L 288 4.08 18.12 -18.15
CA GLY L 288 3.12 18.33 -19.22
C GLY L 288 3.60 19.39 -20.20
N ALA L 289 4.25 20.42 -19.65
CA ALA L 289 4.87 21.49 -20.43
C ALA L 289 6.12 20.95 -21.12
N VAL L 290 7.04 20.36 -20.36
CA VAL L 290 8.27 19.78 -20.90
C VAL L 290 7.98 18.89 -22.12
N PHE L 291 6.89 18.13 -22.09
CA PHE L 291 6.67 17.16 -23.15
C PHE L 291 5.57 17.60 -24.13
N ALA L 292 5.03 18.82 -23.97
CA ALA L 292 4.11 19.31 -25.00
C ALA L 292 4.80 19.24 -26.36
N ASN L 293 4.10 18.70 -27.35
CA ASN L 293 4.53 18.69 -28.73
C ASN L 293 5.60 17.64 -28.97
N SER L 294 5.77 16.70 -28.04
CA SER L 294 6.86 15.76 -28.15
C SER L 294 6.33 14.38 -28.54
N ASP L 295 7.16 13.52 -29.12
CA ASP L 295 6.80 12.14 -29.38
C ASP L 295 7.20 11.22 -28.21
N ALA L 296 7.39 11.80 -27.02
CA ALA L 296 7.89 11.07 -25.85
C ALA L 296 6.81 10.16 -25.24
N CYS L 297 5.54 10.40 -25.59
CA CYS L 297 4.41 9.58 -25.15
C CYS L 297 4.26 9.74 -23.64
N VAL L 298 4.38 10.98 -23.13
CA VAL L 298 4.18 11.29 -21.73
C VAL L 298 3.04 12.28 -21.66
N THR L 299 2.01 11.98 -20.87
CA THR L 299 0.82 12.82 -20.77
C THR L 299 0.39 12.90 -19.33
N PRO L 300 -0.19 14.03 -18.90
CA PRO L 300 -0.79 14.15 -17.58
C PRO L 300 -2.05 13.28 -17.49
N VAL L 301 -2.18 12.62 -16.34
CA VAL L 301 -3.35 11.85 -15.95
C VAL L 301 -4.32 12.81 -15.28
N LEU L 302 -5.30 13.29 -16.06
CA LEU L 302 -6.26 14.25 -15.59
C LEU L 302 -7.43 13.53 -14.90
N ALA L 303 -7.94 14.18 -13.86
CA ALA L 303 -9.19 13.75 -13.25
C ALA L 303 -10.33 14.32 -14.09
N PHE L 304 -11.51 13.67 -14.01
CA PHE L 304 -12.70 14.11 -14.73
C PHE L 304 -12.88 15.62 -14.59
N GLY L 305 -12.73 16.12 -13.35
CA GLY L 305 -13.03 17.51 -13.05
C GLY L 305 -12.06 18.51 -13.68
N GLU L 306 -10.89 18.07 -14.15
CA GLU L 306 -9.90 18.94 -14.78
C GLU L 306 -9.97 18.91 -16.31
N VAL L 307 -10.72 17.93 -16.87
CA VAL L 307 -10.69 17.62 -18.29
C VAL L 307 -11.18 18.84 -19.12
N HIS L 308 -12.09 19.65 -18.56
CA HIS L 308 -12.66 20.80 -19.25
C HIS L 308 -11.65 21.94 -19.40
N ASN L 309 -10.46 21.81 -18.79
CA ASN L 309 -9.43 22.84 -18.91
C ASN L 309 -8.32 22.42 -19.86
N GLU L 310 -8.40 21.23 -20.43
CA GLU L 310 -7.31 20.78 -21.26
C GLU L 310 -7.53 21.32 -22.67
N PRO L 311 -6.60 22.13 -23.24
CA PRO L 311 -6.87 22.81 -24.51
C PRO L 311 -7.28 21.88 -25.62
N HIS L 312 -6.62 20.71 -25.76
CA HIS L 312 -6.91 19.82 -26.87
C HIS L 312 -8.36 19.32 -26.76
N ILE L 313 -8.90 19.21 -25.55
CA ILE L 313 -10.27 18.79 -25.33
C ILE L 313 -11.22 19.92 -25.73
N ILE L 314 -10.90 21.15 -25.31
CA ILE L 314 -11.78 22.27 -25.56
C ILE L 314 -11.89 22.50 -27.07
N GLU L 315 -10.75 22.39 -27.76
CA GLU L 315 -10.71 22.87 -29.12
C GLU L 315 -11.37 21.89 -30.05
N ARG L 316 -11.43 20.59 -29.71
CA ARG L 316 -12.04 19.64 -30.64
C ARG L 316 -13.53 19.43 -30.31
N ASN L 317 -14.03 20.14 -29.29
CA ASN L 317 -15.38 19.98 -28.74
C ASN L 317 -15.69 18.51 -28.48
N THR L 318 -14.82 17.86 -27.70
CA THR L 318 -15.04 16.48 -27.31
C THR L 318 -16.30 16.40 -26.43
N PHE L 319 -16.48 17.40 -25.57
CA PHE L 319 -17.56 17.48 -24.61
C PHE L 319 -18.48 18.65 -24.96
N TYR L 320 -19.76 18.57 -24.54
CA TYR L 320 -20.67 19.72 -24.54
C TYR L 320 -21.20 19.82 -23.12
N GLU L 321 -21.64 21.01 -22.73
CA GLU L 321 -22.23 21.24 -21.42
C GLU L 321 -23.72 20.99 -21.50
N ALA L 322 -24.23 20.16 -20.58
CA ALA L 322 -25.66 19.94 -20.48
C ALA L 322 -26.07 20.26 -19.05
N ASN L 323 -27.39 20.26 -18.83
CA ASN L 323 -27.92 19.59 -17.66
C ASN L 323 -27.23 20.17 -16.42
N GLY L 324 -26.35 19.39 -15.79
CA GLY L 324 -25.53 19.87 -14.69
C GLY L 324 -24.11 19.31 -14.79
N GLY L 325 -23.51 19.42 -15.99
CA GLY L 325 -22.13 19.03 -16.20
C GLY L 325 -21.88 18.51 -17.62
N TRP L 326 -20.61 18.26 -17.90
CA TRP L 326 -20.17 17.94 -19.25
C TRP L 326 -20.55 16.52 -19.61
N GLN L 327 -20.73 16.33 -20.91
CA GLN L 327 -21.09 15.06 -21.47
C GLN L 327 -20.35 14.94 -22.78
N PRO L 328 -19.95 13.73 -23.18
CA PRO L 328 -19.27 13.55 -24.44
C PRO L 328 -20.17 13.75 -25.66
N MET L 329 -19.64 14.47 -26.65
CA MET L 329 -20.29 14.61 -27.93
C MET L 329 -20.25 13.25 -28.63
N PRO L 330 -21.16 13.03 -29.59
CA PRO L 330 -21.15 11.79 -30.36
C PRO L 330 -19.79 11.48 -30.94
N ALA L 331 -19.53 10.19 -31.10
CA ALA L 331 -18.36 9.71 -31.78
C ALA L 331 -18.78 8.52 -32.63
N PRO L 332 -18.10 8.21 -33.77
CA PRO L 332 -17.03 9.03 -34.32
C PRO L 332 -17.65 10.21 -35.07
N ARG L 333 -16.84 10.93 -35.87
CA ARG L 333 -17.32 12.11 -36.58
C ARG L 333 -17.36 11.84 -38.08
N PHE L 334 -18.25 12.61 -38.75
CA PHE L 334 -18.58 12.39 -40.16
C PHE L 334 -18.39 13.69 -40.97
N SER L 335 -17.73 13.57 -42.14
CA SER L 335 -17.43 14.75 -42.99
C SER L 335 -18.71 15.43 -43.52
N ARG L 336 -19.58 14.67 -44.20
CA ARG L 336 -20.80 15.23 -44.79
C ARG L 336 -21.98 15.27 -43.82
N THR L 337 -22.48 14.10 -43.37
CA THR L 337 -23.65 14.07 -42.50
C THR L 337 -23.23 14.01 -41.05
N ALA L 338 -23.09 15.19 -40.43
CA ALA L 338 -22.49 15.29 -39.11
C ALA L 338 -23.58 15.24 -38.04
N SER L 339 -23.29 14.51 -36.96
CA SER L 339 -24.19 14.42 -35.83
C SER L 339 -24.38 15.80 -35.26
N SER L 340 -25.42 15.95 -34.47
CA SER L 340 -25.69 17.21 -33.82
C SER L 340 -25.56 17.00 -32.32
N GLN L 341 -25.66 18.09 -31.58
CA GLN L 341 -25.61 18.02 -30.14
C GLN L 341 -26.79 17.18 -29.66
N PRO L 342 -26.62 16.22 -28.73
CA PRO L 342 -27.75 15.39 -28.29
C PRO L 342 -28.90 16.15 -27.63
N ARG L 343 -30.11 15.63 -27.86
CA ARG L 343 -31.32 16.16 -27.22
C ARG L 343 -31.40 15.52 -25.85
N PRO L 344 -31.67 16.30 -24.78
CA PRO L 344 -31.79 15.71 -23.45
C PRO L 344 -33.01 14.80 -23.36
N PRO L 345 -33.10 13.97 -22.30
CA PRO L 345 -34.32 13.21 -22.04
C PRO L 345 -35.51 14.17 -21.90
N ALA L 346 -36.62 13.84 -22.59
CA ALA L 346 -37.86 14.59 -22.49
C ALA L 346 -38.90 13.78 -21.73
N ALA L 347 -40.07 14.38 -21.46
CA ALA L 347 -41.13 13.64 -20.77
C ALA L 347 -41.60 12.49 -21.65
N THR L 348 -42.18 11.49 -20.97
CA THR L 348 -42.88 10.37 -21.58
C THR L 348 -43.78 10.91 -22.69
N ILE L 349 -44.05 10.06 -23.68
CA ILE L 349 -45.08 10.41 -24.63
C ILE L 349 -45.93 9.17 -24.89
N ASP L 350 -47.01 9.42 -25.64
CA ASP L 350 -48.04 8.43 -25.93
C ASP L 350 -47.61 7.54 -27.11
N ILE L 351 -47.76 6.22 -26.96
CA ILE L 351 -47.28 5.25 -27.93
C ILE L 351 -48.11 5.33 -29.23
N GLU L 352 -49.38 5.75 -29.13
CA GLU L 352 -50.23 6.01 -30.28
C GLU L 352 -49.72 7.23 -31.06
N ALA L 353 -49.38 8.32 -30.35
CA ALA L 353 -48.78 9.51 -30.95
C ALA L 353 -47.53 9.13 -31.76
N VAL L 354 -46.75 8.16 -31.27
CA VAL L 354 -45.59 7.74 -32.03
C VAL L 354 -46.06 6.98 -33.27
N LEU L 355 -47.03 6.08 -33.11
CA LEU L 355 -47.53 5.27 -34.21
C LEU L 355 -48.07 6.15 -35.34
N THR L 356 -48.74 7.26 -35.00
CA THR L 356 -49.18 8.26 -35.96
C THR L 356 -48.01 8.83 -36.76
N ASP L 357 -47.01 9.36 -36.03
CA ASP L 357 -45.79 9.89 -36.64
C ASP L 357 -45.22 8.86 -37.63
N TRP L 358 -45.06 7.59 -37.23
CA TRP L 358 -44.53 6.58 -38.14
C TRP L 358 -45.60 6.16 -39.16
N ASP L 359 -45.46 6.71 -40.38
CA ASP L 359 -46.27 6.37 -41.55
C ASP L 359 -47.63 7.08 -41.49
N GLY L 360 -48.73 6.32 -41.60
CA GLY L 360 -50.07 6.85 -41.82
C GLY L 360 -50.26 8.28 -41.32
#